data_6INT
#
_entry.id   6INT
#
_cell.length_a   89.282
_cell.length_b   124.039
_cell.length_c   315.001
_cell.angle_alpha   90.00
_cell.angle_beta   90.00
_cell.angle_gamma   90.00
#
_symmetry.space_group_name_H-M   'P 21 21 21'
#
loop_
_entity.id
_entity.type
_entity.pdbx_description
1 polymer 'Xylose isomerase'
2 non-polymer 'CALCIUM ION'
3 water water
#
_entity_poly.entity_id   1
_entity_poly.type   'polypeptide(L)'
_entity_poly.pdbx_seq_one_letter_code
;MGYFDHVGTVKFEGKSSTNPLAFKFYNPDEIILGKTMREHLRFGVAYWHSFTGNGSDPFGAGTALRGWNELSGMELAKAR
VEACFELLNILDVDYFCFHDRDIAPEGDTLQETNRNLDEIVALIKQHMHSSGKKLLWNTANMFTNPRFVHGAATTSNADV
FAYAAAQVKKALDHGKELGAENYVFWGGREGYESLLNTDLGLELDNLARFLQLAVDYAKEIGFDAQFLIEPKPKEPSKHQ
YDFDAATTLQFLQKYDLAKHFKLNLEANHATLAGHTFEHELRVARINGALGSIDANQGDLLLGWDTDEFPTDLYASTLAM
YEILQNEGGIGRGGVNFDAKVRRTSFEPIDVVYAHINGMDAFARGLQVAAKLIEDRAFDNVIEERYASFTKGIGADIVSG
KANFHTLEAYALQNNPITNKSGRVELLRSILNQYIINV
;
_entity_poly.pdbx_strand_id   A,B,C,D,E,F,G,H
#
loop_
_chem_comp.id
_chem_comp.type
_chem_comp.name
_chem_comp.formula
CA non-polymer 'CALCIUM ION' 'Ca 2'
#
# COMPACT_ATOMS: atom_id res chain seq x y z
N TYR A 3 31.89 -19.58 38.25
CA TYR A 3 31.92 -20.82 39.01
C TYR A 3 30.58 -21.05 39.69
N PHE A 4 30.02 -22.25 39.50
CA PHE A 4 28.62 -22.51 39.88
C PHE A 4 28.44 -23.67 40.84
N ASP A 5 29.48 -24.02 41.61
CA ASP A 5 29.37 -25.01 42.67
C ASP A 5 28.96 -26.39 42.15
N HIS A 6 29.03 -26.61 40.84
CA HIS A 6 28.42 -27.80 40.27
C HIS A 6 29.45 -28.83 39.81
N VAL A 7 30.04 -28.57 38.63
CA VAL A 7 30.92 -29.50 37.91
C VAL A 7 30.11 -30.69 37.39
N GLY A 8 30.38 -31.08 36.14
CA GLY A 8 29.57 -32.06 35.46
C GLY A 8 28.38 -31.41 34.79
N THR A 9 27.69 -32.21 33.98
CA THR A 9 26.55 -31.74 33.22
C THR A 9 25.25 -32.20 33.87
N VAL A 10 24.24 -31.34 33.83
CA VAL A 10 22.91 -31.77 34.23
C VAL A 10 22.35 -32.70 33.16
N LYS A 11 21.89 -33.87 33.57
CA LYS A 11 21.36 -34.84 32.63
C LYS A 11 19.93 -35.23 32.98
N PHE A 12 19.24 -35.77 31.99
CA PHE A 12 17.86 -36.21 32.15
C PHE A 12 17.81 -37.48 32.99
N GLU A 13 16.97 -37.48 34.02
CA GLU A 13 16.80 -38.66 34.86
C GLU A 13 15.35 -39.13 34.96
N GLY A 14 14.42 -38.50 34.25
CA GLY A 14 13.04 -38.92 34.27
C GLY A 14 12.27 -38.35 35.45
N LYS A 15 10.94 -38.48 35.35
CA LYS A 15 10.06 -37.75 36.25
C LYS A 15 10.12 -38.23 37.69
N SER A 16 10.67 -39.42 37.94
CA SER A 16 10.68 -39.99 39.28
C SER A 16 11.96 -39.71 40.04
N SER A 17 12.94 -39.08 39.42
CA SER A 17 14.22 -38.82 40.07
C SER A 17 14.04 -37.89 41.25
N THR A 18 14.78 -38.15 42.33
CA THR A 18 14.88 -37.22 43.45
C THR A 18 16.19 -36.44 43.43
N ASN A 19 16.88 -36.44 42.30
CA ASN A 19 18.14 -35.71 42.13
C ASN A 19 17.82 -34.25 41.82
N PRO A 20 18.12 -33.32 42.73
CA PRO A 20 17.83 -31.90 42.46
C PRO A 20 18.61 -31.36 41.28
N LEU A 21 19.72 -31.99 40.93
CA LEU A 21 20.58 -31.53 39.84
C LEU A 21 20.42 -32.44 38.62
N ALA A 22 19.16 -32.74 38.28
CA ALA A 22 18.85 -33.57 37.13
C ALA A 22 17.53 -33.09 36.53
N PHE A 23 17.44 -33.15 35.20
CA PHE A 23 16.20 -32.81 34.52
C PHE A 23 15.16 -33.90 34.75
N LYS A 24 13.95 -33.50 35.14
CA LYS A 24 12.85 -34.44 35.31
C LYS A 24 11.99 -34.58 34.06
N PHE A 25 11.99 -33.59 33.17
CA PHE A 25 11.15 -33.64 31.99
C PHE A 25 11.90 -33.31 30.72
N TYR A 26 12.98 -32.52 30.83
CA TYR A 26 13.74 -32.14 29.64
C TYR A 26 14.67 -33.28 29.26
N ASN A 27 14.24 -34.12 28.32
CA ASN A 27 15.06 -35.12 27.67
C ASN A 27 15.41 -34.57 26.30
N PRO A 28 16.62 -34.02 26.11
CA PRO A 28 16.92 -33.32 24.85
C PRO A 28 16.77 -34.23 23.64
N ASP A 29 16.95 -35.54 23.81
CA ASP A 29 16.91 -36.48 22.71
C ASP A 29 15.52 -37.03 22.42
N GLU A 30 14.53 -36.75 23.27
CA GLU A 30 13.20 -37.31 23.05
C GLU A 30 12.58 -36.71 21.79
N ILE A 31 12.04 -37.57 20.92
CA ILE A 31 11.46 -37.14 19.66
C ILE A 31 9.95 -36.94 19.84
N ILE A 32 9.45 -35.81 19.39
CA ILE A 32 8.07 -35.41 19.58
C ILE A 32 7.62 -34.83 18.25
N LEU A 33 6.63 -35.46 17.63
CA LEU A 33 6.17 -35.04 16.31
C LEU A 33 7.35 -34.86 15.35
N GLY A 34 8.27 -35.81 15.38
CA GLY A 34 9.33 -35.88 14.40
C GLY A 34 10.53 -34.97 14.65
N LYS A 35 10.64 -34.38 15.83
CA LYS A 35 11.72 -33.45 16.12
C LYS A 35 12.13 -33.61 17.58
N THR A 36 13.42 -33.45 17.86
CA THR A 36 13.87 -33.62 19.24
C THR A 36 13.40 -32.45 20.12
N MET A 37 13.27 -32.73 21.41
CA MET A 37 13.04 -31.66 22.38
C MET A 37 14.07 -30.54 22.21
N ARG A 38 15.33 -30.90 22.01
CA ARG A 38 16.39 -29.90 21.87
C ARG A 38 16.09 -28.93 20.73
N GLU A 39 15.69 -29.48 19.58
CA GLU A 39 15.39 -28.67 18.39
C GLU A 39 14.05 -27.93 18.51
N HIS A 40 13.05 -28.54 19.16
CA HIS A 40 11.78 -27.86 19.41
C HIS A 40 11.98 -26.59 20.24
N LEU A 41 12.80 -26.70 21.28
CA LEU A 41 12.87 -25.67 22.31
C LEU A 41 13.98 -24.66 22.06
N ARG A 42 15.12 -25.10 21.51
CA ARG A 42 16.26 -24.22 21.27
C ARG A 42 16.50 -23.28 22.46
N PHE A 43 16.64 -23.89 23.63
CA PHE A 43 16.85 -23.16 24.88
C PHE A 43 18.03 -22.20 24.76
N GLY A 44 17.84 -20.98 25.24
CA GLY A 44 18.92 -20.01 25.34
C GLY A 44 19.13 -19.58 26.79
N VAL A 45 20.39 -19.26 27.11
CA VAL A 45 20.75 -18.81 28.44
C VAL A 45 21.34 -17.39 28.36
N ALA A 46 21.02 -16.56 29.35
CA ALA A 46 21.41 -15.17 29.39
C ALA A 46 22.80 -14.98 30.00
N TYR A 47 23.38 -13.81 29.72
CA TYR A 47 24.75 -13.49 30.06
C TYR A 47 24.82 -12.52 31.24
N LEU A 71 37.68 -8.84 41.61
CA LEU A 71 37.82 -8.55 40.19
C LEU A 71 37.00 -7.32 39.80
N SER A 72 37.58 -6.47 38.95
CA SER A 72 36.84 -5.37 38.34
C SER A 72 37.34 -5.17 36.91
N GLY A 73 36.67 -4.27 36.20
CA GLY A 73 37.12 -3.87 34.87
C GLY A 73 37.20 -5.03 33.92
N MET A 74 38.27 -5.04 33.12
CA MET A 74 38.39 -6.03 32.06
C MET A 74 38.67 -7.42 32.62
N GLU A 75 39.29 -7.52 33.79
CA GLU A 75 39.50 -8.84 34.39
C GLU A 75 38.19 -9.47 34.81
N LEU A 76 37.30 -8.69 35.43
CA LEU A 76 35.97 -9.22 35.74
C LEU A 76 35.21 -9.59 34.48
N ALA A 77 35.34 -8.77 33.42
CA ALA A 77 34.66 -9.07 32.16
C ALA A 77 35.13 -10.40 31.59
N LYS A 78 36.43 -10.68 31.66
CA LYS A 78 36.94 -11.94 31.11
C LYS A 78 36.49 -13.13 31.95
N ALA A 79 36.46 -12.96 33.27
CA ALA A 79 35.91 -14.00 34.13
C ALA A 79 34.46 -14.28 33.81
N ARG A 80 33.69 -13.23 33.46
CA ARG A 80 32.28 -13.43 33.11
C ARG A 80 32.14 -14.29 31.86
N VAL A 81 33.01 -14.07 30.87
CA VAL A 81 33.00 -14.92 29.67
C VAL A 81 33.15 -16.38 30.06
N GLU A 82 34.16 -16.68 30.89
CA GLU A 82 34.39 -18.05 31.35
C GLU A 82 33.17 -18.61 32.06
N ALA A 83 32.54 -17.82 32.92
CA ALA A 83 31.42 -18.32 33.71
C ALA A 83 30.21 -18.58 32.84
N CYS A 84 29.96 -17.69 31.87
CA CYS A 84 28.91 -17.92 30.89
C CYS A 84 29.03 -19.29 30.24
N PHE A 85 30.19 -19.58 29.63
CA PHE A 85 30.32 -20.82 28.89
C PHE A 85 30.38 -22.03 29.79
N GLU A 86 30.87 -21.85 31.03
CA GLU A 86 30.76 -22.91 32.03
C GLU A 86 29.30 -23.28 32.30
N LEU A 87 28.43 -22.27 32.41
CA LEU A 87 27.02 -22.54 32.66
C LEU A 87 26.36 -23.18 31.45
N LEU A 88 26.72 -22.73 30.23
CA LEU A 88 26.17 -23.35 29.04
C LEU A 88 26.51 -24.84 28.98
N ASN A 89 27.71 -25.21 29.43
CA ASN A 89 28.12 -26.60 29.42
C ASN A 89 27.45 -27.39 30.54
N ILE A 90 27.23 -26.74 31.70
CA ILE A 90 26.55 -27.42 32.80
C ILE A 90 25.11 -27.74 32.40
N LEU A 91 24.42 -26.82 31.73
CA LEU A 91 23.03 -27.00 31.40
C LEU A 91 22.81 -27.72 30.07
N ASP A 92 23.88 -27.99 29.32
CA ASP A 92 23.76 -28.57 27.97
C ASP A 92 22.88 -27.69 27.08
N VAL A 93 23.08 -26.37 27.16
CA VAL A 93 22.31 -25.40 26.40
C VAL A 93 23.13 -24.95 25.20
N ASP A 94 22.48 -24.83 24.04
CA ASP A 94 23.18 -24.56 22.80
C ASP A 94 23.23 -23.08 22.42
N TYR A 95 22.39 -22.23 23.01
CA TYR A 95 22.24 -20.86 22.58
C TYR A 95 22.44 -19.90 23.74
N PHE A 96 22.96 -18.71 23.44
CA PHE A 96 23.09 -17.67 24.46
C PHE A 96 22.78 -16.32 23.84
N CYS A 97 22.53 -15.35 24.72
CA CYS A 97 22.34 -13.95 24.36
C CYS A 97 23.19 -13.08 25.28
N PHE A 98 23.45 -11.85 24.83
CA PHE A 98 24.14 -10.87 25.67
C PHE A 98 23.77 -9.46 25.23
N HIS A 99 23.92 -8.53 26.18
CA HIS A 99 23.90 -7.09 25.93
C HIS A 99 25.32 -6.57 25.95
N ASP A 100 25.64 -5.64 25.04
CA ASP A 100 27.02 -5.16 24.92
C ASP A 100 27.56 -4.65 26.25
N ARG A 101 26.81 -3.77 26.93
CA ARG A 101 27.29 -3.16 28.18
C ARG A 101 27.29 -4.14 29.35
N ASP A 102 26.77 -5.35 29.18
CA ASP A 102 26.88 -6.38 30.20
C ASP A 102 28.13 -7.21 30.05
N ILE A 103 28.80 -7.20 28.88
CA ILE A 103 29.98 -8.03 28.71
C ILE A 103 31.29 -7.26 28.82
N ALA A 104 31.26 -5.92 28.76
CA ALA A 104 32.51 -5.17 28.85
C ALA A 104 32.29 -3.80 29.47
N PRO A 105 33.22 -3.30 30.29
CA PRO A 105 33.07 -1.97 30.87
C PRO A 105 33.27 -0.86 29.84
N GLU A 106 32.58 0.26 30.06
CA GLU A 106 32.83 1.44 29.23
C GLU A 106 34.23 1.97 29.50
N GLY A 107 34.80 2.63 28.48
CA GLY A 107 36.07 3.31 28.60
C GLY A 107 35.88 4.81 28.84
N ASP A 108 36.99 5.52 28.76
CA ASP A 108 36.97 6.97 28.95
C ASP A 108 36.56 7.70 27.68
N THR A 109 36.50 7.00 26.56
CA THR A 109 35.98 7.52 25.30
C THR A 109 35.14 6.43 24.65
N LEU A 110 34.35 6.82 23.65
CA LEU A 110 33.62 5.81 22.90
C LEU A 110 34.58 4.86 22.20
N GLN A 111 35.72 5.37 21.70
CA GLN A 111 36.73 4.50 21.11
C GLN A 111 37.16 3.45 22.12
N GLU A 112 37.42 3.87 23.36
CA GLU A 112 37.90 2.92 24.36
C GLU A 112 36.81 1.91 24.72
N THR A 113 35.56 2.38 24.85
CA THR A 113 34.44 1.47 25.08
C THR A 113 34.41 0.38 24.02
N ASN A 114 34.53 0.77 22.75
CA ASN A 114 34.48 -0.20 21.67
C ASN A 114 35.72 -1.09 21.64
N ARG A 115 36.89 -0.57 22.04
CA ARG A 115 38.08 -1.41 22.18
C ARG A 115 37.88 -2.46 23.26
N ASN A 116 37.36 -2.04 24.43
CA ASN A 116 37.03 -3.01 25.49
C ASN A 116 36.05 -4.05 24.97
N LEU A 117 35.00 -3.60 24.27
CA LEU A 117 33.99 -4.52 23.76
C LEU A 117 34.59 -5.50 22.76
N ASP A 118 35.37 -4.99 21.80
CA ASP A 118 36.01 -5.84 20.80
C ASP A 118 36.86 -6.92 21.45
N GLU A 119 37.59 -6.56 22.50
CA GLU A 119 38.46 -7.54 23.15
C GLU A 119 37.65 -8.68 23.75
N ILE A 120 36.53 -8.36 24.40
CA ILE A 120 35.69 -9.40 24.97
C ILE A 120 35.00 -10.20 23.87
N VAL A 121 34.57 -9.52 22.81
CA VAL A 121 33.92 -10.23 21.70
C VAL A 121 34.89 -11.25 21.09
N ALA A 122 36.17 -10.92 21.00
CA ALA A 122 37.14 -11.90 20.51
C ALA A 122 37.18 -13.14 21.40
N LEU A 123 37.13 -12.96 22.71
CA LEU A 123 37.14 -14.11 23.61
C LEU A 123 35.88 -14.95 23.44
N ILE A 124 34.72 -14.30 23.26
CA ILE A 124 33.47 -15.02 23.11
C ILE A 124 33.46 -15.82 21.80
N LYS A 125 33.98 -15.21 20.73
CA LYS A 125 34.04 -15.89 19.44
C LYS A 125 34.80 -17.22 19.55
N GLN A 126 35.95 -17.19 20.22
CA GLN A 126 36.74 -18.40 20.36
C GLN A 126 36.02 -19.44 21.24
N HIS A 127 35.35 -18.97 22.29
CA HIS A 127 34.59 -19.89 23.12
C HIS A 127 33.46 -20.53 22.33
N MET A 128 32.81 -19.75 21.45
CA MET A 128 31.73 -20.28 20.63
C MET A 128 32.24 -21.37 19.70
N HIS A 129 33.39 -21.12 19.07
CA HIS A 129 33.99 -22.09 18.16
C HIS A 129 34.38 -23.36 18.91
N SER A 130 35.11 -23.21 20.01
CA SER A 130 35.60 -24.39 20.73
C SER A 130 34.45 -25.14 21.41
N SER A 131 33.47 -24.41 21.95
CA SER A 131 32.39 -25.08 22.65
C SER A 131 31.23 -25.46 21.73
N GLY A 132 31.18 -24.92 20.51
CA GLY A 132 30.03 -25.17 19.66
C GLY A 132 28.74 -24.58 20.17
N LYS A 133 28.80 -23.40 20.79
CA LYS A 133 27.60 -22.70 21.24
C LYS A 133 27.27 -21.58 20.27
N LYS A 134 25.99 -21.29 20.13
CA LYS A 134 25.54 -20.35 19.12
C LYS A 134 24.87 -19.14 19.74
N LEU A 135 24.99 -18.00 19.06
CA LEU A 135 24.45 -16.73 19.52
C LEU A 135 23.01 -16.61 19.04
N LEU A 136 22.05 -16.74 19.96
CA LEU A 136 20.65 -16.56 19.59
C LEU A 136 20.36 -15.12 19.20
N TRP A 137 20.73 -14.17 20.06
CA TRP A 137 20.70 -12.75 19.69
C TRP A 137 21.63 -11.97 20.60
N ASN A 138 22.09 -10.82 20.10
CA ASN A 138 22.71 -9.81 20.93
C ASN A 138 21.86 -8.56 20.82
N THR A 139 22.25 -7.52 21.55
CA THR A 139 21.47 -6.30 21.61
C THR A 139 22.35 -5.21 22.21
N ALA A 140 21.87 -3.97 22.14
CA ALA A 140 22.51 -2.85 22.81
C ALA A 140 21.77 -2.52 24.10
N ASN A 141 22.50 -2.42 25.20
CA ASN A 141 21.95 -1.90 26.47
C ASN A 141 22.00 -0.38 26.43
N MET A 142 20.87 0.25 26.09
CA MET A 142 20.80 1.70 26.12
C MET A 142 19.86 2.11 27.23
N PHE A 143 20.11 1.59 28.40
CA PHE A 143 19.24 1.73 29.54
C PHE A 143 20.01 2.17 30.78
N THR A 144 21.19 1.59 31.01
CA THR A 144 21.91 1.76 32.27
C THR A 144 22.58 3.12 32.38
N ASN A 145 23.38 3.50 31.39
CA ASN A 145 24.15 4.73 31.46
C ASN A 145 23.22 5.94 31.56
N PRO A 146 23.55 6.92 32.41
CA PRO A 146 22.64 8.06 32.61
C PRO A 146 22.42 8.94 31.37
N ARG A 147 23.22 8.80 30.30
CA ARG A 147 22.96 9.55 29.08
C ARG A 147 21.60 9.19 28.47
N PHE A 148 21.11 7.99 28.75
CA PHE A 148 19.83 7.53 28.20
C PHE A 148 18.66 7.82 29.13
N VAL A 149 18.81 8.78 30.04
CA VAL A 149 17.78 9.06 31.04
C VAL A 149 16.46 9.40 30.37
N HIS A 150 16.51 10.04 29.21
CA HIS A 150 15.32 10.38 28.44
C HIS A 150 14.98 9.37 27.36
N GLY A 151 15.71 8.26 27.30
CA GLY A 151 15.55 7.31 26.22
C GLY A 151 16.76 7.32 25.30
N ALA A 152 16.64 6.58 24.20
CA ALA A 152 17.71 6.43 23.23
C ALA A 152 17.27 7.00 21.89
N ALA A 153 16.53 6.21 21.10
CA ALA A 153 15.96 6.76 19.86
C ALA A 153 14.93 7.85 20.14
N THR A 154 14.19 7.76 21.25
CA THR A 154 13.14 8.73 21.56
C THR A 154 13.61 9.79 22.56
N THR A 155 14.94 9.95 22.70
CA THR A 155 15.49 10.98 23.57
C THR A 155 15.08 12.38 23.11
N SER A 156 15.13 13.33 24.05
CA SER A 156 15.01 14.74 23.74
C SER A 156 16.33 15.37 23.28
N ASN A 157 17.45 14.65 23.37
CA ASN A 157 18.79 15.17 23.11
C ASN A 157 19.39 14.49 21.88
N ALA A 158 19.53 15.24 20.78
CA ALA A 158 20.03 14.64 19.54
C ALA A 158 21.42 14.05 19.72
N ASP A 159 22.23 14.60 20.63
CA ASP A 159 23.54 14.05 20.91
C ASP A 159 23.43 12.62 21.42
N VAL A 160 22.39 12.35 22.22
CA VAL A 160 22.16 11.00 22.71
C VAL A 160 21.73 10.09 21.57
N PHE A 161 20.85 10.59 20.68
CA PHE A 161 20.47 9.81 19.50
C PHE A 161 21.70 9.39 18.70
N ALA A 162 22.68 10.30 18.56
CA ALA A 162 23.89 9.98 17.82
C ALA A 162 24.67 8.88 18.51
N TYR A 163 24.89 9.02 19.83
CA TYR A 163 25.58 7.97 20.57
C TYR A 163 24.82 6.65 20.43
N ALA A 164 23.50 6.68 20.59
CA ALA A 164 22.70 5.47 20.42
C ALA A 164 22.92 4.85 19.06
N ALA A 165 23.01 5.67 18.01
CA ALA A 165 23.27 5.15 16.67
C ALA A 165 24.64 4.47 16.59
N ALA A 166 25.65 5.11 17.18
CA ALA A 166 26.99 4.52 17.18
C ALA A 166 27.01 3.20 17.94
N GLN A 167 26.28 3.13 19.05
CA GLN A 167 26.29 1.91 19.84
C GLN A 167 25.59 0.76 19.11
N VAL A 168 24.44 1.02 18.50
CA VAL A 168 23.77 -0.05 17.78
C VAL A 168 24.59 -0.47 16.56
N LYS A 169 25.18 0.50 15.85
CA LYS A 169 26.06 0.18 14.73
C LYS A 169 27.11 -0.85 15.15
N LYS A 170 27.78 -0.59 16.26
CA LYS A 170 28.78 -1.52 16.77
C LYS A 170 28.17 -2.87 17.12
N ALA A 171 26.97 -2.87 17.73
CA ALA A 171 26.30 -4.12 18.07
C ALA A 171 25.92 -4.91 16.82
N LEU A 172 25.49 -4.23 15.76
CA LEU A 172 25.22 -4.93 14.52
C LEU A 172 26.50 -5.49 13.91
N ASP A 173 27.61 -4.75 14.02
CA ASP A 173 28.91 -5.31 13.62
C ASP A 173 29.22 -6.57 14.41
N HIS A 174 29.08 -6.50 15.74
CA HIS A 174 29.38 -7.67 16.55
C HIS A 174 28.42 -8.81 16.28
N GLY A 175 27.13 -8.51 16.10
CA GLY A 175 26.20 -9.58 15.78
C GLY A 175 26.57 -10.32 14.51
N LYS A 176 26.97 -9.57 13.48
CA LYS A 176 27.41 -10.23 12.25
C LYS A 176 28.66 -11.05 12.48
N GLU A 177 29.61 -10.50 13.25
CA GLU A 177 30.86 -11.22 13.46
C GLU A 177 30.64 -12.53 14.19
N LEU A 178 29.74 -12.55 15.17
CA LEU A 178 29.51 -13.74 15.97
C LEU A 178 28.41 -14.63 15.39
N GLY A 179 27.77 -14.21 14.30
CA GLY A 179 26.76 -15.04 13.67
C GLY A 179 25.46 -15.11 14.44
N ALA A 180 25.04 -13.99 15.03
CA ALA A 180 23.74 -13.93 15.71
C ALA A 180 22.63 -14.35 14.74
N GLU A 181 21.71 -15.19 15.21
CA GLU A 181 20.58 -15.55 14.36
C GLU A 181 19.46 -14.52 14.43
N ASN A 182 19.40 -13.74 15.51
CA ASN A 182 18.46 -12.64 15.64
C ASN A 182 19.19 -11.45 16.25
N TYR A 183 18.57 -10.28 16.15
CA TYR A 183 19.05 -9.08 16.82
C TYR A 183 17.87 -8.37 17.45
N VAL A 184 17.99 -7.98 18.72
CA VAL A 184 16.86 -7.49 19.51
C VAL A 184 16.97 -5.98 19.74
N PHE A 185 15.85 -5.29 19.56
CA PHE A 185 15.62 -3.94 20.08
C PHE A 185 14.60 -4.06 21.22
N TRP A 186 14.91 -3.50 22.39
CA TRP A 186 13.97 -3.68 23.49
C TRP A 186 13.58 -2.32 24.06
N GLY A 187 12.72 -2.37 25.09
CA GLY A 187 11.99 -1.18 25.49
C GLY A 187 12.86 -0.10 26.10
N GLY A 188 13.77 -0.48 27.00
CA GLY A 188 14.62 0.44 27.73
C GLY A 188 13.86 1.62 28.30
N ARG A 189 14.26 2.83 27.91
CA ARG A 189 13.55 4.03 28.30
C ARG A 189 12.89 4.73 27.11
N GLU A 190 12.46 3.97 26.10
CA GLU A 190 11.70 4.57 24.99
C GLU A 190 10.23 4.68 25.40
N GLY A 191 9.87 5.81 25.97
CA GLY A 191 8.49 6.02 26.39
C GLY A 191 8.32 7.41 26.94
N TYR A 192 7.47 7.59 27.94
CA TYR A 192 7.38 8.86 28.62
C TYR A 192 7.15 8.66 30.11
N GLU A 193 7.60 9.65 30.89
CA GLU A 193 7.24 9.81 32.28
C GLU A 193 5.93 10.57 32.42
N SER A 194 5.72 11.55 31.55
CA SER A 194 4.54 12.41 31.54
C SER A 194 4.28 12.91 30.13
N LEU A 195 3.01 12.91 29.71
CA LEU A 195 2.70 13.50 28.40
C LEU A 195 2.78 15.02 28.43
N LEU A 196 2.80 15.63 29.62
CA LEU A 196 2.87 17.08 29.72
C LEU A 196 4.07 17.64 28.98
N ASN A 197 5.21 16.92 29.00
CA ASN A 197 6.44 17.43 28.40
C ASN A 197 6.88 16.61 27.19
N THR A 198 5.99 15.85 26.59
CA THR A 198 6.35 14.91 25.53
C THR A 198 5.87 15.42 24.17
N ASP A 199 6.78 15.46 23.19
CA ASP A 199 6.40 15.62 21.79
C ASP A 199 6.25 14.21 21.25
N LEU A 200 5.01 13.70 21.27
CA LEU A 200 4.79 12.29 20.96
C LEU A 200 5.13 11.99 19.50
N GLY A 201 4.67 12.84 18.58
CA GLY A 201 4.92 12.57 17.17
C GLY A 201 6.39 12.56 16.81
N LEU A 202 7.15 13.49 17.39
CA LEU A 202 8.60 13.53 17.13
C LEU A 202 9.31 12.31 17.69
N GLU A 203 8.96 11.88 18.91
CA GLU A 203 9.58 10.70 19.49
C GLU A 203 9.28 9.46 18.64
N LEU A 204 8.01 9.25 18.26
CA LEU A 204 7.68 8.09 17.44
C LEU A 204 8.30 8.19 16.05
N ASP A 205 8.31 9.37 15.44
CA ASP A 205 8.98 9.52 14.15
C ASP A 205 10.45 9.16 14.27
N ASN A 206 11.10 9.60 15.36
CA ASN A 206 12.51 9.33 15.55
C ASN A 206 12.78 7.87 15.85
N LEU A 207 11.87 7.22 16.58
CA LEU A 207 12.00 5.79 16.78
C LEU A 207 11.99 5.06 15.45
N ALA A 208 11.05 5.42 14.57
CA ALA A 208 10.98 4.78 13.25
C ALA A 208 12.24 5.09 12.42
N ARG A 209 12.72 6.33 12.48
CA ARG A 209 13.96 6.69 11.76
C ARG A 209 15.12 5.82 12.23
N PHE A 210 15.28 5.70 13.54
CA PHE A 210 16.37 4.92 14.11
C PHE A 210 16.29 3.46 13.67
N LEU A 211 15.10 2.86 13.70
CA LEU A 211 15.00 1.45 13.34
C LEU A 211 15.31 1.25 11.86
N GLN A 212 14.90 2.18 11.01
CA GLN A 212 15.19 2.10 9.59
C GLN A 212 16.69 2.30 9.33
N LEU A 213 17.31 3.26 10.02
CA LEU A 213 18.77 3.40 9.96
C LEU A 213 19.45 2.08 10.27
N ALA A 214 18.94 1.36 11.28
CA ALA A 214 19.56 0.10 11.64
C ALA A 214 19.35 -0.94 10.56
N VAL A 215 18.14 -1.01 10.00
CA VAL A 215 17.88 -1.90 8.87
C VAL A 215 18.83 -1.58 7.72
N ASP A 216 18.94 -0.29 7.37
CA ASP A 216 19.88 0.12 6.34
C ASP A 216 21.28 -0.41 6.62
N TYR A 217 21.75 -0.25 7.85
CA TYR A 217 23.13 -0.60 8.14
C TYR A 217 23.34 -2.11 8.12
N ALA A 218 22.38 -2.90 8.64
CA ALA A 218 22.52 -4.36 8.57
C ALA A 218 22.59 -4.86 7.14
N LYS A 219 21.78 -4.30 6.25
CA LYS A 219 21.86 -4.62 4.84
C LYS A 219 23.26 -4.34 4.29
N GLU A 220 23.79 -3.16 4.61
CA GLU A 220 25.08 -2.74 4.07
C GLU A 220 26.22 -3.66 4.48
N ILE A 221 26.16 -4.23 5.70
CA ILE A 221 27.23 -5.11 6.14
C ILE A 221 26.90 -6.58 5.89
N GLY A 222 25.72 -6.90 5.37
CA GLY A 222 25.37 -8.29 5.12
C GLY A 222 24.98 -9.08 6.35
N PHE A 223 24.39 -8.41 7.35
CA PHE A 223 23.98 -9.04 8.61
C PHE A 223 22.59 -9.62 8.39
N ASP A 224 22.48 -10.96 8.37
CA ASP A 224 21.24 -11.60 7.95
C ASP A 224 20.32 -11.97 9.10
N ALA A 225 20.63 -11.52 10.32
CA ALA A 225 19.84 -11.96 11.47
C ALA A 225 18.43 -11.38 11.41
N GLN A 226 17.48 -12.14 11.96
CA GLN A 226 16.12 -11.63 12.06
C GLN A 226 16.07 -10.51 13.10
N PHE A 227 15.74 -9.30 12.65
CA PHE A 227 15.51 -8.20 13.58
C PHE A 227 14.25 -8.49 14.42
N LEU A 228 14.32 -8.17 15.72
CA LEU A 228 13.21 -8.37 16.65
C LEU A 228 13.00 -7.13 17.52
N ILE A 229 11.74 -6.80 17.77
CA ILE A 229 11.36 -5.79 18.76
C ILE A 229 10.68 -6.51 19.93
N GLU A 230 11.11 -6.17 21.15
CA GLU A 230 10.50 -6.74 22.35
C GLU A 230 9.50 -5.75 22.93
N PRO A 231 8.21 -6.05 22.93
CA PRO A 231 7.25 -5.17 23.59
C PRO A 231 7.46 -5.15 25.10
N LYS A 232 7.19 -3.98 25.70
CA LYS A 232 7.13 -3.83 27.15
C LYS A 232 6.22 -2.64 27.42
N PRO A 233 5.20 -2.81 28.26
CA PRO A 233 4.17 -1.75 28.41
C PRO A 233 4.60 -0.59 29.28
N LYS A 234 5.49 -0.86 30.24
CA LYS A 234 5.80 0.09 31.32
C LYS A 234 6.91 -0.52 32.16
N GLU A 235 7.52 0.33 32.98
CA GLU A 235 8.57 0.03 33.95
C GLU A 235 9.92 -0.01 33.25
N PRO A 236 10.82 0.93 33.58
CA PRO A 236 10.63 1.92 34.64
C PRO A 236 9.74 3.12 34.27
N SER A 237 9.42 3.29 32.99
CA SER A 237 8.66 4.47 32.60
C SER A 237 7.16 4.24 32.78
N LYS A 238 6.41 5.35 32.84
CA LYS A 238 4.96 5.27 32.97
C LYS A 238 4.35 4.56 31.77
N HIS A 239 4.85 4.87 30.56
CA HIS A 239 4.38 4.23 29.34
C HIS A 239 5.57 3.97 28.44
N GLN A 240 5.65 2.77 27.89
CA GLN A 240 6.68 2.48 26.89
C GLN A 240 6.00 2.15 25.56
N TYR A 241 6.58 2.64 24.46
CA TYR A 241 5.81 2.79 23.22
C TYR A 241 5.42 1.45 22.61
N ASP A 242 6.31 0.47 22.69
CA ASP A 242 6.01 -0.88 22.20
C ASP A 242 5.23 -1.61 23.30
N PHE A 243 3.98 -1.16 23.51
CA PHE A 243 3.24 -1.53 24.71
C PHE A 243 2.93 -3.02 24.76
N ASP A 244 2.54 -3.60 23.63
CA ASP A 244 2.27 -5.02 23.50
C ASP A 244 2.38 -5.37 22.02
N ALA A 245 2.02 -6.60 21.65
CA ALA A 245 2.20 -7.04 20.27
C ALA A 245 1.38 -6.20 19.31
N ALA A 246 0.08 -6.02 19.59
CA ALA A 246 -0.75 -5.27 18.65
C ALA A 246 -0.32 -3.81 18.55
N THR A 247 0.10 -3.20 19.65
CA THR A 247 0.55 -1.80 19.62
C THR A 247 1.84 -1.66 18.81
N THR A 248 2.79 -2.59 18.99
CA THR A 248 4.02 -2.54 18.22
C THR A 248 3.74 -2.77 16.74
N LEU A 249 2.84 -3.70 16.43
CA LEU A 249 2.43 -3.96 15.06
C LEU A 249 1.75 -2.74 14.43
N GLN A 250 0.96 -1.99 15.20
CA GLN A 250 0.40 -0.75 14.67
C GLN A 250 1.51 0.22 14.24
N PHE A 251 2.56 0.29 15.05
CA PHE A 251 3.70 1.15 14.74
C PHE A 251 4.48 0.63 13.52
N LEU A 252 4.77 -0.66 13.51
CA LEU A 252 5.53 -1.24 12.40
C LEU A 252 4.79 -1.08 11.07
N GLN A 253 3.47 -1.26 11.09
CA GLN A 253 2.69 -1.05 9.87
C GLN A 253 2.67 0.42 9.46
N LYS A 254 2.46 1.33 10.42
CA LYS A 254 2.35 2.75 10.08
C LYS A 254 3.62 3.27 9.41
N TYR A 255 4.78 2.77 9.82
CA TYR A 255 6.05 3.30 9.36
C TYR A 255 6.75 2.41 8.34
N ASP A 256 6.05 1.43 7.78
CA ASP A 256 6.58 0.56 6.74
C ASP A 256 7.78 -0.24 7.21
N LEU A 257 7.73 -0.69 8.47
CA LEU A 257 8.81 -1.48 9.03
C LEU A 257 8.41 -2.92 9.30
N ALA A 258 7.13 -3.28 9.11
CA ALA A 258 6.68 -4.63 9.41
C ALA A 258 7.41 -5.66 8.59
N LYS A 259 7.85 -5.30 7.37
CA LYS A 259 8.56 -6.25 6.53
C LYS A 259 9.92 -6.63 7.11
N HIS A 260 10.43 -5.86 8.07
CA HIS A 260 11.77 -6.07 8.60
C HIS A 260 11.82 -6.68 10.00
N PHE A 261 10.74 -6.62 10.78
CA PHE A 261 10.80 -6.94 12.19
C PHE A 261 9.79 -8.00 12.55
N LYS A 262 10.21 -8.94 13.38
CA LYS A 262 9.29 -9.78 14.13
C LYS A 262 9.37 -9.39 15.60
N LEU A 263 8.63 -10.09 16.45
CA LEU A 263 8.57 -9.72 17.85
C LEU A 263 9.29 -10.75 18.71
N ASN A 264 10.01 -10.24 19.71
CA ASN A 264 10.51 -11.04 20.83
C ASN A 264 9.49 -10.87 21.95
N LEU A 265 8.75 -11.94 22.27
CA LEU A 265 7.66 -11.86 23.25
C LEU A 265 8.16 -12.38 24.59
N GLU A 266 8.12 -11.53 25.60
CA GLU A 266 8.51 -11.90 26.95
C GLU A 266 7.27 -12.13 27.79
N ALA A 267 7.21 -13.28 28.47
CA ALA A 267 5.97 -13.65 29.16
C ALA A 267 5.55 -12.60 30.19
N ASN A 268 6.50 -12.09 30.99
CA ASN A 268 6.13 -11.13 32.02
C ASN A 268 5.61 -9.83 31.40
N HIS A 269 6.10 -9.47 30.22
CA HIS A 269 5.62 -8.25 29.60
C HIS A 269 4.20 -8.40 29.08
N ALA A 270 3.81 -9.61 28.70
CA ALA A 270 2.43 -9.83 28.29
C ALA A 270 1.48 -9.56 29.45
N THR A 271 1.75 -10.14 30.62
CA THR A 271 0.82 -9.97 31.73
C THR A 271 0.88 -8.57 32.30
N LEU A 272 2.06 -7.93 32.30
CA LEU A 272 2.13 -6.53 32.68
C LEU A 272 1.25 -5.65 31.79
N ALA A 273 1.03 -6.04 30.55
CA ALA A 273 0.17 -5.31 29.62
C ALA A 273 -1.29 -5.75 29.71
N GLY A 274 -1.63 -6.64 30.63
CA GLY A 274 -2.99 -7.11 30.81
C GLY A 274 -3.41 -8.27 29.93
N HIS A 275 -2.47 -8.95 29.29
CA HIS A 275 -2.78 -10.08 28.41
C HIS A 275 -2.17 -11.34 28.98
N THR A 276 -2.73 -12.50 28.61
CA THR A 276 -1.97 -13.71 28.86
C THR A 276 -0.79 -13.79 27.89
N PHE A 277 0.22 -14.58 28.27
CA PHE A 277 1.35 -14.84 27.36
C PHE A 277 0.86 -15.48 26.06
N GLU A 278 -0.01 -16.47 26.16
CA GLU A 278 -0.46 -17.14 24.94
C GLU A 278 -1.27 -16.21 24.06
N HIS A 279 -1.92 -15.19 24.63
CA HIS A 279 -2.58 -14.17 23.82
C HIS A 279 -1.55 -13.43 22.95
N GLU A 280 -0.47 -12.94 23.55
CA GLU A 280 0.54 -12.22 22.80
C GLU A 280 1.15 -13.11 21.72
N LEU A 281 1.33 -14.38 22.02
CA LEU A 281 1.91 -15.30 21.06
C LEU A 281 0.96 -15.54 19.89
N ARG A 282 -0.33 -15.72 20.19
CA ARG A 282 -1.27 -15.94 19.10
C ARG A 282 -1.42 -14.70 18.23
N VAL A 283 -1.49 -13.52 18.85
CA VAL A 283 -1.57 -12.29 18.07
C VAL A 283 -0.33 -12.15 17.18
N ALA A 284 0.85 -12.41 17.74
CA ALA A 284 2.08 -12.40 16.94
C ALA A 284 2.01 -13.44 15.82
N ARG A 285 1.56 -14.66 16.16
CA ARG A 285 1.59 -15.76 15.22
C ARG A 285 0.71 -15.49 14.01
N ILE A 286 -0.52 -14.97 14.22
CA ILE A 286 -1.40 -14.77 13.08
C ILE A 286 -1.04 -13.51 12.32
N ASN A 287 -0.07 -12.73 12.79
CA ASN A 287 0.44 -11.59 12.03
C ASN A 287 1.84 -11.84 11.49
N GLY A 288 2.29 -13.10 11.49
CA GLY A 288 3.59 -13.46 10.97
C GLY A 288 4.77 -12.94 11.75
N ALA A 289 4.56 -12.59 13.03
CA ALA A 289 5.56 -11.83 13.76
C ALA A 289 5.97 -12.50 15.07
N LEU A 290 5.76 -13.82 15.20
CA LEU A 290 6.27 -14.55 16.36
C LEU A 290 7.71 -14.92 16.06
N GLY A 291 8.64 -14.10 16.52
CA GLY A 291 10.05 -14.29 16.21
C GLY A 291 10.81 -15.15 17.20
N SER A 292 10.66 -14.87 18.49
CA SER A 292 11.36 -15.61 19.54
C SER A 292 10.65 -15.32 20.84
N ILE A 293 11.02 -16.01 21.92
CA ILE A 293 10.42 -15.68 23.21
C ILE A 293 11.48 -15.57 24.29
N ASP A 294 11.15 -14.79 25.31
CA ASP A 294 11.88 -14.74 26.57
C ASP A 294 11.00 -15.44 27.59
N ALA A 295 11.42 -16.62 28.03
CA ALA A 295 10.64 -17.46 28.92
C ALA A 295 10.91 -17.05 30.36
N ASN A 296 9.92 -16.39 30.98
CA ASN A 296 9.92 -16.09 32.40
C ASN A 296 8.47 -16.06 32.86
N GLN A 297 8.24 -15.61 34.09
CA GLN A 297 6.87 -15.34 34.49
C GLN A 297 6.87 -14.21 35.51
N GLY A 298 5.79 -13.44 35.50
CA GLY A 298 5.57 -12.41 36.48
C GLY A 298 4.77 -12.95 37.64
N ASP A 299 4.37 -12.05 38.50
CA ASP A 299 3.39 -12.33 39.54
C ASP A 299 2.21 -11.42 39.27
N LEU A 300 1.08 -12.01 38.91
CA LEU A 300 -0.04 -11.18 38.46
C LEU A 300 -0.68 -10.39 39.58
N LEU A 301 -0.27 -10.62 40.84
CA LEU A 301 -0.67 -9.78 41.96
C LEU A 301 0.32 -8.65 42.23
N LEU A 302 1.48 -8.63 41.57
CA LEU A 302 2.46 -7.55 41.70
C LEU A 302 2.51 -6.74 40.40
N GLY A 303 2.40 -5.43 40.51
CA GLY A 303 2.30 -4.61 39.31
C GLY A 303 3.61 -4.35 38.59
N TRP A 304 4.68 -5.05 38.94
CA TRP A 304 5.96 -4.80 38.30
C TRP A 304 6.49 -6.10 37.74
N ASP A 305 7.59 -5.94 37.01
CA ASP A 305 8.18 -6.93 36.12
C ASP A 305 9.14 -7.78 36.98
N THR A 306 8.69 -8.94 37.47
CA THR A 306 9.55 -9.72 38.38
C THR A 306 10.51 -10.67 37.67
N ASP A 307 10.24 -11.04 36.43
CA ASP A 307 11.18 -11.85 35.62
C ASP A 307 11.64 -13.10 36.37
N GLU A 308 10.70 -13.79 37.00
CA GLU A 308 10.99 -15.06 37.65
C GLU A 308 11.23 -16.13 36.61
N PHE A 309 12.01 -17.15 36.96
CA PHE A 309 12.15 -18.26 36.04
C PHE A 309 10.78 -18.92 35.85
N PRO A 310 10.46 -19.39 34.65
CA PRO A 310 9.10 -19.87 34.38
C PRO A 310 8.88 -21.22 35.07
N THR A 311 7.78 -21.31 35.80
CA THR A 311 7.42 -22.54 36.48
C THR A 311 5.99 -22.96 36.21
N ASP A 312 5.11 -22.04 35.82
CA ASP A 312 3.69 -22.30 35.63
C ASP A 312 3.49 -23.21 34.42
N LEU A 313 3.00 -24.42 34.67
CA LEU A 313 2.80 -25.40 33.60
C LEU A 313 1.63 -25.04 32.69
N TYR A 314 0.68 -24.22 33.14
CA TYR A 314 -0.34 -23.73 32.23
C TYR A 314 0.27 -22.77 31.22
N ALA A 315 1.09 -21.83 31.70
CA ALA A 315 1.67 -20.84 30.81
C ALA A 315 2.65 -21.48 29.83
N SER A 316 3.46 -22.43 30.30
CA SER A 316 4.42 -23.08 29.41
C SER A 316 3.72 -23.98 28.41
N THR A 317 2.70 -24.74 28.86
CA THR A 317 1.93 -25.58 27.94
C THR A 317 1.28 -24.74 26.85
N LEU A 318 0.59 -23.68 27.23
CA LEU A 318 -0.16 -22.89 26.26
C LEU A 318 0.77 -22.04 25.41
N ALA A 319 1.96 -21.69 25.90
CA ALA A 319 2.92 -21.00 25.07
C ALA A 319 3.52 -21.94 24.01
N MET A 320 3.89 -23.15 24.41
CA MET A 320 4.38 -24.11 23.42
C MET A 320 3.27 -24.52 22.46
N TYR A 321 2.02 -24.47 22.91
CA TYR A 321 0.88 -24.69 22.02
C TYR A 321 0.87 -23.68 20.88
N GLU A 322 1.08 -22.40 21.20
CA GLU A 322 1.09 -21.39 20.14
C GLU A 322 2.35 -21.53 19.27
N ILE A 323 3.48 -21.90 19.88
CA ILE A 323 4.74 -21.96 19.13
C ILE A 323 4.72 -23.12 18.13
N LEU A 324 4.24 -24.29 18.57
CA LEU A 324 4.19 -25.46 17.70
C LEU A 324 3.35 -25.20 16.45
N GLN A 325 2.32 -24.37 16.55
CA GLN A 325 1.53 -24.00 15.38
C GLN A 325 2.15 -22.90 14.53
N ASN A 326 3.22 -22.27 15.01
CA ASN A 326 3.92 -21.26 14.24
C ASN A 326 4.66 -21.91 13.07
N GLU A 327 4.66 -21.21 11.92
CA GLU A 327 5.46 -21.66 10.79
C GLU A 327 6.90 -21.96 11.14
N GLY A 328 7.27 -23.22 11.16
CA GLY A 328 8.59 -23.63 11.59
C GLY A 328 8.77 -23.71 13.09
N GLY A 329 7.69 -23.64 13.86
CA GLY A 329 7.83 -23.62 15.30
C GLY A 329 8.49 -22.33 15.72
N ILE A 330 9.47 -22.40 16.62
CA ILE A 330 10.13 -21.17 17.06
C ILE A 330 11.02 -20.59 15.97
N GLY A 331 11.31 -21.36 14.92
CA GLY A 331 12.00 -20.81 13.76
C GLY A 331 13.45 -20.49 14.09
N ARG A 332 13.85 -19.27 13.76
CA ARG A 332 15.20 -18.83 14.09
C ARG A 332 15.31 -18.29 15.51
N GLY A 333 14.19 -18.14 16.20
CA GLY A 333 14.22 -17.74 17.59
C GLY A 333 14.52 -18.92 18.48
N GLY A 334 14.30 -18.72 19.77
CA GLY A 334 14.42 -19.82 20.71
C GLY A 334 13.66 -19.49 21.98
N VAL A 335 13.73 -20.42 22.94
CA VAL A 335 13.10 -20.26 24.24
C VAL A 335 14.22 -19.79 25.17
N ASN A 336 14.32 -18.49 25.33
CA ASN A 336 15.45 -17.82 25.96
C ASN A 336 15.10 -17.45 27.40
N PHE A 337 15.93 -17.86 28.35
CA PHE A 337 15.64 -17.62 29.76
C PHE A 337 16.15 -16.25 30.19
N ASP A 338 15.42 -15.21 29.76
CA ASP A 338 15.63 -13.87 30.27
C ASP A 338 14.92 -13.76 31.62
N ALA A 339 15.58 -14.28 32.64
CA ALA A 339 14.96 -14.37 33.96
C ALA A 339 16.04 -14.14 35.01
N LYS A 340 15.60 -13.75 36.20
CA LYS A 340 16.49 -13.54 37.33
C LYS A 340 16.14 -14.49 38.44
N VAL A 341 17.18 -15.05 39.08
CA VAL A 341 16.97 -15.79 40.32
C VAL A 341 16.37 -14.84 41.34
N ARG A 342 15.59 -15.39 42.27
CA ARG A 342 15.04 -14.53 43.30
C ARG A 342 16.16 -13.88 44.10
N ARG A 343 15.86 -12.71 44.68
CA ARG A 343 16.84 -12.03 45.52
C ARG A 343 17.34 -12.95 46.62
N THR A 344 16.47 -13.81 47.13
CA THR A 344 16.81 -14.71 48.21
C THR A 344 17.47 -16.00 47.75
N SER A 345 17.59 -16.22 46.43
CA SER A 345 18.32 -17.36 45.89
C SER A 345 19.68 -16.91 45.35
N PHE A 346 20.55 -16.51 46.28
CA PHE A 346 21.78 -15.81 45.94
C PHE A 346 23.00 -16.72 45.84
N GLU A 347 22.87 -18.03 46.10
CA GLU A 347 24.04 -18.88 45.96
C GLU A 347 24.27 -19.21 44.48
N PRO A 348 25.51 -19.42 44.06
CA PRO A 348 25.76 -19.80 42.66
C PRO A 348 24.94 -20.99 42.20
N ILE A 349 24.79 -22.03 43.03
CA ILE A 349 24.05 -23.20 42.61
C ILE A 349 22.59 -22.87 42.30
N ASP A 350 22.05 -21.80 42.88
CA ASP A 350 20.66 -21.44 42.59
C ASP A 350 20.45 -21.10 41.13
N VAL A 351 21.50 -20.58 40.46
CA VAL A 351 21.39 -20.34 39.02
C VAL A 351 21.10 -21.65 38.30
N VAL A 352 21.73 -22.74 38.74
CA VAL A 352 21.48 -24.05 38.12
C VAL A 352 20.09 -24.55 38.48
N TYR A 353 19.73 -24.49 39.76
CA TYR A 353 18.37 -24.87 40.17
C TYR A 353 17.32 -24.09 39.39
N ALA A 354 17.58 -22.79 39.16
CA ALA A 354 16.58 -21.94 38.51
C ALA A 354 16.41 -22.33 37.04
N HIS A 355 17.51 -22.63 36.34
CA HIS A 355 17.36 -23.06 34.96
C HIS A 355 16.72 -24.46 34.88
N ILE A 356 17.04 -25.35 35.81
CA ILE A 356 16.39 -26.67 35.81
C ILE A 356 14.89 -26.50 36.00
N ASN A 357 14.49 -25.58 36.87
CA ASN A 357 13.07 -25.28 37.06
C ASN A 357 12.42 -24.84 35.75
N GLY A 358 13.00 -23.83 35.09
CA GLY A 358 12.40 -23.29 33.87
C GLY A 358 12.52 -24.23 32.67
N MET A 359 13.62 -24.97 32.57
CA MET A 359 13.76 -25.88 31.44
C MET A 359 12.82 -27.07 31.56
N ASP A 360 12.64 -27.59 32.77
CA ASP A 360 11.68 -28.69 32.96
C ASP A 360 10.26 -28.22 32.77
N ALA A 361 9.94 -26.99 33.19
CA ALA A 361 8.58 -26.48 32.99
C ALA A 361 8.25 -26.38 31.51
N PHE A 362 9.18 -25.84 30.70
CA PHE A 362 8.90 -25.68 29.28
C PHE A 362 9.03 -26.99 28.50
N ALA A 363 9.84 -27.92 28.99
CA ALA A 363 9.88 -29.23 28.35
C ALA A 363 8.58 -29.99 28.59
N ARG A 364 8.06 -29.92 29.82
CA ARG A 364 6.75 -30.51 30.08
C ARG A 364 5.67 -29.80 29.27
N GLY A 365 5.75 -28.47 29.19
CA GLY A 365 4.82 -27.74 28.34
C GLY A 365 4.82 -28.23 26.90
N LEU A 366 6.00 -28.52 26.36
CA LEU A 366 6.09 -29.00 24.98
C LEU A 366 5.45 -30.38 24.84
N GLN A 367 5.74 -31.31 25.76
CA GLN A 367 5.14 -32.63 25.75
C GLN A 367 3.62 -32.55 25.73
N VAL A 368 3.05 -31.78 26.67
CA VAL A 368 1.59 -31.64 26.79
C VAL A 368 1.02 -30.94 25.55
N ALA A 369 1.63 -29.83 25.13
CA ALA A 369 1.11 -29.09 23.99
C ALA A 369 1.11 -29.95 22.72
N ALA A 370 2.16 -30.75 22.53
CA ALA A 370 2.25 -31.54 21.31
C ALA A 370 1.17 -32.60 21.27
N LYS A 371 0.90 -33.24 22.41
CA LYS A 371 -0.16 -34.24 22.44
C LYS A 371 -1.53 -33.60 22.29
N LEU A 372 -1.74 -32.42 22.90
CA LEU A 372 -2.97 -31.67 22.64
C LEU A 372 -3.12 -31.36 21.15
N ILE A 373 -2.02 -30.98 20.49
CA ILE A 373 -2.11 -30.67 19.06
C ILE A 373 -2.32 -31.95 18.25
N GLU A 374 -1.56 -33.00 18.59
CA GLU A 374 -1.68 -34.27 17.88
C GLU A 374 -3.08 -34.86 18.01
N ASP A 375 -3.67 -34.77 19.21
CA ASP A 375 -5.00 -35.32 19.42
C ASP A 375 -6.11 -34.38 18.96
N ARG A 376 -5.77 -33.19 18.48
CA ARG A 376 -6.76 -32.16 18.13
C ARG A 376 -7.76 -31.95 19.27
N ALA A 377 -7.26 -32.01 20.50
CA ALA A 377 -8.12 -31.92 21.68
C ALA A 377 -8.87 -30.60 21.72
N PHE A 378 -8.23 -29.50 21.33
CA PHE A 378 -8.95 -28.25 21.19
C PHE A 378 -9.46 -28.03 19.76
N ASP A 379 -8.68 -28.43 18.74
CA ASP A 379 -9.00 -28.10 17.36
C ASP A 379 -10.33 -28.72 16.92
N ASN A 380 -10.63 -29.92 17.39
CA ASN A 380 -11.90 -30.54 17.01
C ASN A 380 -13.08 -29.80 17.62
N VAL A 381 -12.93 -29.33 18.87
CA VAL A 381 -13.98 -28.52 19.50
C VAL A 381 -14.16 -27.20 18.75
N ILE A 382 -13.05 -26.61 18.28
CA ILE A 382 -13.13 -25.37 17.52
C ILE A 382 -13.77 -25.62 16.15
N GLU A 383 -13.39 -26.70 15.49
CA GLU A 383 -13.97 -27.03 14.19
C GLU A 383 -15.49 -27.08 14.25
N GLU A 384 -16.01 -27.76 15.28
CA GLU A 384 -17.46 -27.88 15.44
C GLU A 384 -18.09 -26.55 15.86
N ARG A 385 -17.43 -25.81 16.75
CA ARG A 385 -17.94 -24.52 17.21
C ARG A 385 -18.28 -23.60 16.04
N TYR A 386 -17.39 -23.53 15.05
CA TYR A 386 -17.54 -22.59 13.94
C TYR A 386 -17.97 -23.29 12.66
N ALA A 387 -18.49 -24.52 12.76
CA ALA A 387 -18.91 -25.29 11.60
C ALA A 387 -19.90 -24.51 10.73
N SER A 388 -20.71 -23.63 11.34
CA SER A 388 -21.73 -22.90 10.57
C SER A 388 -21.13 -21.98 9.51
N PHE A 389 -19.86 -21.61 9.62
CA PHE A 389 -19.25 -20.72 8.64
C PHE A 389 -18.65 -21.46 7.45
N THR A 390 -18.76 -22.79 7.43
CA THR A 390 -18.31 -23.62 6.32
C THR A 390 -19.47 -24.23 5.54
N LYS A 391 -20.61 -23.53 5.46
CA LYS A 391 -21.81 -23.98 4.75
C LYS A 391 -22.88 -22.90 4.80
N GLY A 392 -23.88 -23.04 3.94
CA GLY A 392 -25.07 -22.21 4.01
C GLY A 392 -24.74 -20.74 3.99
N ILE A 393 -25.51 -19.97 4.77
CA ILE A 393 -25.33 -18.53 4.78
C ILE A 393 -23.94 -18.17 5.29
N GLY A 394 -23.34 -19.03 6.11
CA GLY A 394 -22.01 -18.75 6.64
C GLY A 394 -20.92 -18.78 5.59
N ALA A 395 -21.05 -19.67 4.60
CA ALA A 395 -20.10 -19.69 3.50
C ALA A 395 -20.22 -18.44 2.64
N ASP A 396 -21.46 -18.00 2.36
CA ASP A 396 -21.65 -16.77 1.61
C ASP A 396 -21.03 -15.58 2.33
N ILE A 397 -21.04 -15.60 3.67
CA ILE A 397 -20.42 -14.54 4.44
C ILE A 397 -18.91 -14.55 4.22
N VAL A 398 -18.29 -15.71 4.37
CA VAL A 398 -16.85 -15.83 4.23
C VAL A 398 -16.42 -15.54 2.79
N SER A 399 -17.20 -16.02 1.82
CA SER A 399 -16.90 -15.84 0.41
C SER A 399 -17.01 -14.39 -0.03
N GLY A 400 -17.69 -13.55 0.73
CA GLY A 400 -17.99 -12.20 0.30
C GLY A 400 -19.31 -12.06 -0.45
N LYS A 401 -19.99 -13.17 -0.75
CA LYS A 401 -21.23 -13.10 -1.51
C LYS A 401 -22.35 -12.47 -0.69
N ALA A 402 -22.42 -12.79 0.60
CA ALA A 402 -23.46 -12.24 1.45
C ALA A 402 -23.18 -10.78 1.78
N ASN A 403 -24.25 -9.98 1.79
CA ASN A 403 -24.19 -8.55 2.08
C ASN A 403 -25.33 -8.19 3.02
N PHE A 404 -25.49 -6.90 3.30
CA PHE A 404 -26.51 -6.47 4.25
C PHE A 404 -27.92 -6.70 3.71
N HIS A 405 -28.15 -6.44 2.42
CA HIS A 405 -29.45 -6.69 1.82
C HIS A 405 -29.84 -8.16 1.97
N THR A 406 -28.92 -9.06 1.61
CA THR A 406 -29.23 -10.48 1.60
C THR A 406 -29.22 -11.10 3.00
N LEU A 407 -28.27 -10.69 3.86
CA LEU A 407 -28.28 -11.20 5.23
C LEU A 407 -29.58 -10.83 5.93
N GLU A 408 -30.10 -9.63 5.67
CA GLU A 408 -31.36 -9.22 6.26
C GLU A 408 -32.51 -10.08 5.74
N ALA A 409 -32.52 -10.38 4.44
CA ALA A 409 -33.54 -11.29 3.92
C ALA A 409 -33.49 -12.64 4.64
N TYR A 410 -32.29 -13.15 4.87
CA TYR A 410 -32.13 -14.41 5.58
C TYR A 410 -32.66 -14.32 7.01
N ALA A 411 -32.28 -13.25 7.72
CA ALA A 411 -32.71 -13.07 9.10
C ALA A 411 -34.21 -12.87 9.18
N LEU A 412 -34.80 -12.25 8.16
CA LEU A 412 -36.23 -11.98 8.14
C LEU A 412 -37.08 -13.24 7.95
N GLN A 413 -36.46 -14.40 7.68
CA GLN A 413 -37.24 -15.63 7.73
C GLN A 413 -37.54 -16.07 9.15
N ASN A 414 -36.90 -15.46 10.16
CA ASN A 414 -37.17 -15.73 11.56
C ASN A 414 -36.98 -17.21 11.90
N ASN A 415 -35.97 -17.83 11.31
CA ASN A 415 -35.66 -19.20 11.68
C ASN A 415 -35.01 -19.21 13.07
N PRO A 416 -35.27 -20.24 13.87
CA PRO A 416 -34.80 -20.25 15.27
C PRO A 416 -33.28 -20.18 15.36
N ILE A 417 -32.78 -19.26 16.17
CA ILE A 417 -31.35 -19.17 16.45
C ILE A 417 -31.06 -20.05 17.67
N THR A 418 -30.23 -21.08 17.46
CA THR A 418 -29.82 -21.99 18.53
C THR A 418 -28.30 -21.94 18.61
N ASN A 419 -27.77 -21.31 19.66
CA ASN A 419 -26.35 -21.32 19.90
C ASN A 419 -25.94 -22.57 20.68
N LYS A 420 -24.65 -22.90 20.58
CA LYS A 420 -24.07 -24.06 21.24
C LYS A 420 -23.09 -23.61 22.32
N SER A 421 -23.02 -24.38 23.39
CA SER A 421 -22.17 -24.04 24.53
C SER A 421 -20.71 -23.89 24.10
N GLY A 422 -20.02 -22.95 24.73
CA GLY A 422 -18.60 -22.78 24.49
C GLY A 422 -17.73 -23.85 25.11
N ARG A 423 -18.27 -24.62 26.06
CA ARG A 423 -17.60 -25.78 26.68
C ARG A 423 -16.29 -25.41 27.39
N VAL A 424 -16.17 -24.19 27.91
CA VAL A 424 -14.91 -23.78 28.52
C VAL A 424 -14.52 -24.69 29.68
N GLU A 425 -15.46 -25.02 30.56
CA GLU A 425 -15.10 -25.87 31.70
C GLU A 425 -14.69 -27.26 31.24
N LEU A 426 -15.40 -27.81 30.26
CA LEU A 426 -14.99 -29.08 29.64
C LEU A 426 -13.55 -29.01 29.16
N LEU A 427 -13.20 -27.94 28.44
CA LEU A 427 -11.85 -27.82 27.88
C LEU A 427 -10.81 -27.66 28.99
N ARG A 428 -11.14 -26.95 30.06
CA ARG A 428 -10.19 -26.82 31.16
C ARG A 428 -9.93 -28.16 31.84
N SER A 429 -10.95 -29.02 31.92
CA SER A 429 -10.73 -30.35 32.48
C SER A 429 -9.74 -31.14 31.63
N ILE A 430 -9.85 -31.01 30.31
CA ILE A 430 -8.95 -31.66 29.37
C ILE A 430 -7.52 -31.15 29.54
N LEU A 431 -7.36 -29.82 29.61
CA LEU A 431 -6.04 -29.24 29.84
C LEU A 431 -5.40 -29.81 31.10
N ASN A 432 -6.18 -29.89 32.20
CA ASN A 432 -5.67 -30.45 33.44
C ASN A 432 -5.28 -31.91 33.28
N GLN A 433 -6.08 -32.66 32.52
CA GLN A 433 -5.83 -34.08 32.35
C GLN A 433 -4.54 -34.33 31.56
N TYR A 434 -4.33 -33.54 30.50
CA TYR A 434 -3.11 -33.73 29.70
C TYR A 434 -1.87 -33.28 30.45
N ILE A 435 -1.98 -32.22 31.26
CA ILE A 435 -0.81 -31.77 32.04
C ILE A 435 -0.35 -32.89 32.96
N ILE A 436 -1.29 -33.60 33.60
CA ILE A 436 -0.96 -34.68 34.51
C ILE A 436 -0.53 -35.93 33.77
N ASN A 437 -1.28 -36.31 32.73
CA ASN A 437 -1.24 -37.68 32.20
C ASN A 437 -0.31 -37.88 31.01
N VAL A 438 0.05 -36.84 30.28
CA VAL A 438 0.77 -37.01 29.02
C VAL A 438 2.09 -37.71 29.29
N PHE B 4 -38.58 14.66 36.23
CA PHE B 4 -37.34 14.54 37.00
C PHE B 4 -37.44 15.27 38.33
N ASP B 5 -38.67 15.56 38.75
CA ASP B 5 -38.93 16.30 39.99
C ASP B 5 -38.22 17.65 39.98
N HIS B 6 -38.00 18.19 38.78
CA HIS B 6 -37.37 19.48 38.57
C HIS B 6 -37.93 20.03 37.27
N VAL B 7 -38.75 21.07 37.35
CA VAL B 7 -39.52 21.48 36.19
C VAL B 7 -38.72 22.43 35.31
N GLY B 8 -37.94 23.33 35.91
CA GLY B 8 -37.30 24.40 35.18
C GLY B 8 -36.09 23.97 34.37
N THR B 9 -35.35 24.96 33.91
CA THR B 9 -34.10 24.76 33.19
C THR B 9 -32.92 25.08 34.09
N VAL B 10 -31.85 24.31 33.94
CA VAL B 10 -30.62 24.58 34.67
C VAL B 10 -29.86 25.68 33.93
N LYS B 11 -29.47 26.71 34.66
CA LYS B 11 -28.76 27.84 34.07
C LYS B 11 -27.45 28.07 34.82
N PHE B 12 -26.58 28.86 34.20
CA PHE B 12 -25.27 29.19 34.75
C PHE B 12 -25.42 30.26 35.83
N GLU B 13 -24.86 29.99 37.02
CA GLU B 13 -24.90 30.97 38.10
C GLU B 13 -23.53 31.30 38.66
N GLY B 14 -22.45 30.86 38.01
CA GLY B 14 -21.12 31.22 38.42
C GLY B 14 -20.60 30.40 39.59
N LYS B 15 -19.30 30.57 39.85
CA LYS B 15 -18.55 29.68 40.73
C LYS B 15 -18.88 29.85 42.20
N SER B 16 -19.49 30.97 42.60
CA SER B 16 -19.81 31.21 43.99
C SER B 16 -21.19 30.71 44.37
N SER B 17 -22.02 30.37 43.38
CA SER B 17 -23.41 30.03 43.63
C SER B 17 -23.52 28.83 44.57
N THR B 18 -24.53 28.85 45.44
CA THR B 18 -24.84 27.69 46.27
C THR B 18 -26.09 26.97 45.80
N ASN B 19 -26.59 27.29 44.63
CA ASN B 19 -27.74 26.60 44.07
C ASN B 19 -27.31 25.23 43.57
N PRO B 20 -27.80 24.13 44.14
CA PRO B 20 -27.40 22.80 43.66
C PRO B 20 -27.90 22.50 42.26
N LEU B 21 -28.94 23.17 41.81
CA LEU B 21 -29.49 23.01 40.46
C LEU B 21 -29.07 24.15 39.54
N ALA B 22 -27.78 24.52 39.55
CA ALA B 22 -27.26 25.57 38.69
C ALA B 22 -25.84 25.22 38.28
N PHE B 23 -25.47 25.58 37.06
CA PHE B 23 -24.10 25.36 36.60
C PHE B 23 -23.17 26.35 37.29
N LYS B 24 -22.06 25.84 37.82
CA LYS B 24 -21.03 26.69 38.41
C LYS B 24 -19.92 27.04 37.43
N PHE B 25 -19.75 26.28 36.36
CA PHE B 25 -18.66 26.53 35.42
C PHE B 25 -19.13 26.49 33.97
N TYR B 26 -20.17 25.71 33.67
CA TYR B 26 -20.65 25.63 32.30
C TYR B 26 -21.51 26.85 32.02
N ASN B 27 -20.91 27.85 31.38
CA ASN B 27 -21.65 28.97 30.79
C ASN B 27 -21.67 28.74 29.29
N PRO B 28 -22.78 28.25 28.72
CA PRO B 28 -22.79 27.91 27.29
C PRO B 28 -22.40 29.07 26.40
N ASP B 29 -22.63 30.30 26.84
CA ASP B 29 -22.39 31.49 26.03
C ASP B 29 -20.97 32.04 26.15
N GLU B 30 -20.24 31.67 27.21
CA GLU B 30 -18.90 32.21 27.42
C GLU B 30 -18.02 31.90 26.20
N ILE B 31 -17.32 32.93 25.71
CA ILE B 31 -16.45 32.80 24.55
C ILE B 31 -15.05 32.42 25.01
N ILE B 32 -14.49 31.40 24.39
CA ILE B 32 -13.18 30.90 24.76
C ILE B 32 -12.40 30.70 23.46
N LEU B 33 -11.36 31.50 23.26
CA LEU B 33 -10.55 31.44 22.05
C LEU B 33 -11.45 31.47 20.80
N GLY B 34 -12.40 32.40 20.80
CA GLY B 34 -13.21 32.66 19.63
C GLY B 34 -14.35 31.70 19.40
N LYS B 35 -14.67 30.85 20.38
CA LYS B 35 -15.73 29.87 20.22
C LYS B 35 -16.42 29.72 21.58
N THR B 36 -17.76 29.58 21.57
CA THR B 36 -18.46 29.51 22.85
C THR B 36 -18.27 28.13 23.48
N MET B 37 -18.45 28.07 24.81
CA MET B 37 -18.38 26.78 25.51
C MET B 37 -19.30 25.76 24.86
N ARG B 38 -20.50 26.20 24.46
CA ARG B 38 -21.49 25.29 23.88
C ARG B 38 -20.93 24.57 22.66
N GLU B 39 -20.27 25.29 21.75
CA GLU B 39 -19.81 24.67 20.52
C GLU B 39 -18.46 23.96 20.68
N HIS B 40 -17.65 24.38 21.66
CA HIS B 40 -16.44 23.64 22.02
C HIS B 40 -16.79 22.23 22.47
N LEU B 41 -17.74 22.11 23.39
CA LEU B 41 -18.02 20.89 24.13
C LEU B 41 -19.03 19.99 23.43
N ARG B 42 -20.03 20.57 22.77
CA ARG B 42 -21.05 19.81 22.05
C ARG B 42 -21.57 18.66 22.92
N PHE B 43 -21.94 19.01 24.14
CA PHE B 43 -22.41 18.02 25.12
C PHE B 43 -23.51 17.14 24.53
N GLY B 44 -23.40 15.83 24.78
CA GLY B 44 -24.43 14.89 24.39
C GLY B 44 -24.97 14.17 25.63
N VAL B 45 -26.25 13.83 25.58
CA VAL B 45 -26.90 13.09 26.65
C VAL B 45 -27.37 11.74 26.10
N ALA B 46 -27.17 10.68 26.87
CA ALA B 46 -27.37 9.32 26.39
C ALA B 46 -28.62 8.76 27.04
N TYR B 47 -29.73 8.88 26.32
CA TYR B 47 -30.98 8.13 26.53
C TYR B 47 -31.09 7.25 27.77
N LEU B 71 -45.84 0.94 33.65
CA LEU B 71 -45.80 0.93 32.19
C LEU B 71 -44.94 -0.20 31.66
N SER B 72 -45.31 -0.73 30.49
CA SER B 72 -44.55 -1.81 29.85
C SER B 72 -44.59 -1.60 28.34
N GLY B 73 -43.75 -2.37 27.64
CA GLY B 73 -43.82 -2.45 26.19
C GLY B 73 -43.71 -1.10 25.52
N MET B 74 -44.56 -0.89 24.51
CA MET B 74 -44.49 0.33 23.71
C MET B 74 -44.94 1.56 24.49
N GLU B 75 -45.83 1.37 25.45
CA GLU B 75 -46.23 2.49 26.30
C GLU B 75 -45.04 2.99 27.12
N LEU B 76 -44.26 2.08 27.70
CA LEU B 76 -43.05 2.49 28.40
C LEU B 76 -42.03 3.11 27.44
N ALA B 77 -41.94 2.57 26.22
CA ALA B 77 -41.03 3.13 25.23
C ALA B 77 -41.34 4.59 24.94
N LYS B 78 -42.63 4.90 24.70
CA LYS B 78 -43.01 6.28 24.38
C LYS B 78 -42.75 7.21 25.55
N ALA B 79 -43.04 6.74 26.76
CA ALA B 79 -42.75 7.54 27.94
C ALA B 79 -41.27 7.86 28.05
N ARG B 80 -40.40 6.92 27.68
CA ARG B 80 -38.96 7.17 27.79
C ARG B 80 -38.48 8.18 26.77
N VAL B 81 -39.10 8.21 25.58
CA VAL B 81 -38.81 9.30 24.63
C VAL B 81 -39.11 10.64 25.27
N GLU B 82 -40.30 10.77 25.87
CA GLU B 82 -40.70 12.03 26.48
C GLU B 82 -39.75 12.42 27.61
N ALA B 83 -39.32 11.44 28.41
CA ALA B 83 -38.39 11.75 29.49
C ALA B 83 -37.02 12.16 28.97
N CYS B 84 -36.58 11.57 27.87
CA CYS B 84 -35.31 11.94 27.26
C CYS B 84 -35.32 13.42 26.87
N PHE B 85 -36.29 13.81 26.04
CA PHE B 85 -36.29 15.20 25.59
C PHE B 85 -36.63 16.16 26.72
N GLU B 86 -37.38 15.71 27.73
CA GLU B 86 -37.56 16.53 28.92
C GLU B 86 -36.22 16.82 29.59
N LEU B 87 -35.36 15.80 29.66
CA LEU B 87 -34.05 15.99 30.28
C LEU B 87 -33.14 16.86 29.42
N LEU B 88 -33.19 16.69 28.09
CA LEU B 88 -32.42 17.55 27.20
C LEU B 88 -32.79 19.02 27.38
N ASN B 89 -34.07 19.29 27.64
CA ASN B 89 -34.49 20.68 27.84
C ASN B 89 -34.09 21.19 29.21
N ILE B 90 -34.12 20.33 30.23
CA ILE B 90 -33.71 20.73 31.57
C ILE B 90 -32.25 21.15 31.59
N LEU B 91 -31.40 20.42 30.88
CA LEU B 91 -29.96 20.62 30.91
C LEU B 91 -29.47 21.56 29.83
N ASP B 92 -30.34 21.94 28.89
CA ASP B 92 -29.96 22.80 27.77
C ASP B 92 -28.89 22.14 26.91
N VAL B 93 -29.09 20.86 26.64
CA VAL B 93 -28.15 20.05 25.87
C VAL B 93 -28.70 19.89 24.46
N ASP B 94 -27.82 19.98 23.48
CA ASP B 94 -28.22 20.01 22.08
C ASP B 94 -28.12 18.66 21.37
N TYR B 95 -27.37 17.71 21.91
CA TYR B 95 -27.11 16.44 21.22
C TYR B 95 -27.54 15.28 22.10
N PHE B 96 -27.94 14.18 21.44
CA PHE B 96 -28.28 12.96 22.17
C PHE B 96 -27.83 11.75 21.35
N CYS B 97 -27.73 10.62 22.05
CA CYS B 97 -27.39 9.35 21.44
C CYS B 97 -28.45 8.35 21.86
N PHE B 98 -28.62 7.28 21.08
CA PHE B 98 -29.46 6.17 21.52
C PHE B 98 -28.97 4.87 20.89
N HIS B 99 -29.34 3.75 21.54
CA HIS B 99 -29.19 2.41 21.01
C HIS B 99 -30.57 1.90 20.64
N ASP B 100 -30.67 1.19 19.51
CA ASP B 100 -31.98 0.75 19.02
C ASP B 100 -32.77 -0.03 20.08
N ARG B 101 -32.15 -1.05 20.68
CA ARG B 101 -32.86 -1.93 21.61
C ARG B 101 -33.09 -1.28 22.98
N ASP B 102 -32.58 -0.08 23.21
CA ASP B 102 -32.91 0.65 24.43
C ASP B 102 -34.08 1.58 24.24
N ILE B 103 -34.52 1.84 23.01
CA ILE B 103 -35.62 2.76 22.76
C ILE B 103 -36.92 2.06 22.39
N ALA B 104 -36.89 0.78 22.01
CA ALA B 104 -38.09 0.07 21.63
C ALA B 104 -37.97 -1.39 21.97
N PRO B 105 -39.04 -2.02 22.45
CA PRO B 105 -38.99 -3.46 22.76
C PRO B 105 -38.97 -4.30 21.50
N GLU B 106 -38.35 -5.47 21.62
CA GLU B 106 -38.42 -6.43 20.53
C GLU B 106 -39.84 -6.98 20.37
N GLY B 107 -40.12 -7.46 19.17
CA GLY B 107 -41.36 -8.14 18.86
C GLY B 107 -41.16 -9.63 18.75
N ASP B 108 -42.21 -10.30 18.24
CA ASP B 108 -42.17 -11.76 18.10
C ASP B 108 -41.52 -12.21 16.80
N THR B 109 -41.19 -11.27 15.91
CA THR B 109 -40.42 -11.50 14.70
C THR B 109 -39.48 -10.31 14.53
N LEU B 110 -38.46 -10.47 13.68
CA LEU B 110 -37.64 -9.32 13.33
C LEU B 110 -38.50 -8.21 12.72
N GLN B 111 -39.47 -8.58 11.87
CA GLN B 111 -40.36 -7.60 11.28
C GLN B 111 -41.04 -6.76 12.35
N GLU B 112 -41.56 -7.41 13.38
CA GLU B 112 -42.26 -6.68 14.43
C GLU B 112 -41.28 -5.82 15.23
N THR B 113 -40.08 -6.33 15.49
CA THR B 113 -39.07 -5.53 16.17
C THR B 113 -38.80 -4.23 15.42
N ASN B 114 -38.64 -4.32 14.11
CA ASN B 114 -38.42 -3.12 13.31
C ASN B 114 -39.66 -2.23 13.24
N ARG B 115 -40.86 -2.81 13.25
CA ARG B 115 -42.08 -1.99 13.31
C ARG B 115 -42.15 -1.19 14.61
N ASN B 116 -41.87 -1.85 15.75
CA ASN B 116 -41.80 -1.16 17.03
C ASN B 116 -40.73 -0.07 16.98
N LEU B 117 -39.55 -0.42 16.48
CA LEU B 117 -38.46 0.54 16.39
C LEU B 117 -38.84 1.74 15.52
N ASP B 118 -39.37 1.47 14.31
CA ASP B 118 -39.80 2.55 13.42
C ASP B 118 -40.77 3.48 14.11
N GLU B 119 -41.70 2.92 14.88
CA GLU B 119 -42.71 3.76 15.53
C GLU B 119 -42.08 4.70 16.55
N ILE B 120 -41.10 4.21 17.32
CA ILE B 120 -40.44 5.08 18.28
C ILE B 120 -39.53 6.09 17.58
N VAL B 121 -38.88 5.65 16.49
CA VAL B 121 -38.03 6.57 15.73
C VAL B 121 -38.85 7.73 15.17
N ALA B 122 -40.09 7.45 14.74
CA ALA B 122 -40.95 8.52 14.25
C ALA B 122 -41.23 9.55 15.34
N LEU B 123 -41.44 9.08 16.57
CA LEU B 123 -41.69 10.00 17.67
C LEU B 123 -40.44 10.78 18.08
N ILE B 124 -39.26 10.18 17.95
CA ILE B 124 -38.02 10.90 18.25
C ILE B 124 -37.78 12.00 17.22
N LYS B 125 -38.02 11.70 15.94
CA LYS B 125 -37.84 12.69 14.88
C LYS B 125 -38.70 13.93 15.11
N GLN B 126 -39.96 13.74 15.47
CA GLN B 126 -40.81 14.89 15.73
C GLN B 126 -40.30 15.70 16.91
N HIS B 127 -39.81 15.01 17.95
CA HIS B 127 -39.29 15.71 19.11
C HIS B 127 -38.02 16.48 18.75
N MET B 128 -37.22 15.94 17.81
CA MET B 128 -36.01 16.63 17.38
C MET B 128 -36.35 17.93 16.67
N HIS B 129 -37.38 17.89 15.81
CA HIS B 129 -37.81 19.08 15.10
C HIS B 129 -38.33 20.14 16.07
N SER B 130 -39.23 19.75 16.98
CA SER B 130 -39.86 20.72 17.89
C SER B 130 -38.86 21.30 18.88
N SER B 131 -38.01 20.45 19.48
CA SER B 131 -37.09 20.93 20.49
C SER B 131 -35.75 21.39 19.91
N GLY B 132 -35.50 21.15 18.63
CA GLY B 132 -34.25 21.57 18.02
C GLY B 132 -33.04 20.73 18.34
N LYS B 133 -33.23 19.52 18.88
CA LYS B 133 -32.11 18.69 19.29
C LYS B 133 -31.60 17.83 18.14
N LYS B 134 -30.30 17.50 18.18
CA LYS B 134 -29.63 16.81 17.10
C LYS B 134 -29.09 15.46 17.57
N LEU B 135 -29.04 14.48 16.64
CA LEU B 135 -28.54 13.14 16.94
C LEU B 135 -27.02 13.11 16.76
N LEU B 136 -26.28 12.98 17.87
CA LEU B 136 -24.83 12.86 17.76
C LEU B 136 -24.43 11.53 17.12
N TRP B 137 -24.97 10.42 17.65
CA TRP B 137 -24.83 9.12 17.01
C TRP B 137 -25.91 8.18 17.54
N ASN B 138 -26.30 7.22 16.72
CA ASN B 138 -27.02 6.03 17.15
C ASN B 138 -26.13 4.82 16.93
N THR B 139 -26.60 3.66 17.38
CA THR B 139 -25.84 2.43 17.32
C THR B 139 -26.79 1.24 17.45
N ALA B 140 -26.26 0.05 17.21
CA ALA B 140 -26.98 -1.19 17.40
C ALA B 140 -26.51 -1.84 18.70
N ASN B 141 -27.46 -2.11 19.60
CA ASN B 141 -27.17 -2.86 20.82
C ASN B 141 -27.20 -4.34 20.48
N MET B 142 -26.02 -4.94 20.32
CA MET B 142 -25.95 -6.37 20.07
C MET B 142 -25.22 -7.02 21.24
N PHE B 143 -25.75 -6.79 22.40
CA PHE B 143 -25.16 -7.15 23.67
C PHE B 143 -26.16 -7.81 24.60
N THR B 144 -27.38 -7.29 24.68
CA THR B 144 -28.35 -7.70 25.69
C THR B 144 -29.00 -9.04 25.34
N ASN B 145 -29.59 -9.16 24.15
CA ASN B 145 -30.35 -10.36 23.79
C ASN B 145 -29.44 -11.59 23.85
N PRO B 146 -29.93 -12.72 24.37
CA PRO B 146 -29.07 -13.93 24.50
C PRO B 146 -28.51 -14.44 23.19
N ARG B 147 -29.09 -14.06 22.04
CA ARG B 147 -28.55 -14.55 20.77
C ARG B 147 -27.10 -14.12 20.55
N PHE B 148 -26.68 -13.01 21.16
CA PHE B 148 -25.33 -12.48 21.00
C PHE B 148 -24.36 -13.01 22.05
N VAL B 149 -24.68 -14.13 22.68
CA VAL B 149 -23.88 -14.63 23.79
C VAL B 149 -22.44 -14.86 23.35
N HIS B 150 -22.24 -15.30 22.10
CA HIS B 150 -20.91 -15.54 21.56
C HIS B 150 -20.36 -14.35 20.78
N GLY B 151 -21.05 -13.22 20.79
CA GLY B 151 -20.67 -12.07 20.00
C GLY B 151 -21.70 -11.77 18.92
N ALA B 152 -21.37 -10.80 18.06
CA ALA B 152 -22.23 -10.41 16.94
C ALA B 152 -21.49 -10.69 15.63
N ALA B 153 -20.58 -9.80 15.23
CA ALA B 153 -19.75 -10.09 14.05
C ALA B 153 -18.81 -11.25 14.29
N THR B 154 -18.31 -11.41 15.52
CA THR B 154 -17.33 -12.46 15.83
C THR B 154 -17.97 -13.70 16.44
N THR B 155 -19.30 -13.83 16.31
CA THR B 155 -20.03 -15.01 16.76
C THR B 155 -19.50 -16.30 16.11
N SER B 156 -19.76 -17.42 16.78
CA SER B 156 -19.52 -18.74 16.21
C SER B 156 -20.69 -19.23 15.38
N ASN B 157 -21.84 -18.58 15.46
CA ASN B 157 -23.08 -19.00 14.80
C ASN B 157 -23.39 -18.05 13.65
N ALA B 158 -23.28 -18.56 12.41
CA ALA B 158 -23.53 -17.72 11.24
C ALA B 158 -24.94 -17.13 11.24
N ASP B 159 -25.94 -17.84 11.79
CA ASP B 159 -27.28 -17.27 11.90
C ASP B 159 -27.26 -15.97 12.69
N VAL B 160 -26.40 -15.88 13.71
CA VAL B 160 -26.35 -14.67 14.51
C VAL B 160 -25.71 -13.53 13.70
N PHE B 161 -24.66 -13.86 12.93
CA PHE B 161 -24.04 -12.86 12.06
C PHE B 161 -25.07 -12.25 11.13
N ALA B 162 -25.98 -13.07 10.61
CA ALA B 162 -27.01 -12.56 9.70
C ALA B 162 -27.98 -11.62 10.43
N TYR B 163 -28.46 -12.03 11.60
CA TYR B 163 -29.30 -11.14 12.40
C TYR B 163 -28.56 -9.86 12.73
N ALA B 164 -27.27 -9.96 13.09
CA ALA B 164 -26.48 -8.76 13.37
C ALA B 164 -26.43 -7.82 12.17
N ALA B 165 -26.21 -8.37 10.98
CA ALA B 165 -26.18 -7.52 9.78
C ALA B 165 -27.54 -6.86 9.56
N ALA B 166 -28.62 -7.59 9.78
CA ALA B 166 -29.95 -7.01 9.63
C ALA B 166 -30.17 -5.89 10.63
N GLN B 167 -29.69 -6.06 11.88
CA GLN B 167 -29.90 -5.02 12.88
C GLN B 167 -29.11 -3.78 12.54
N VAL B 168 -27.84 -3.93 12.15
CA VAL B 168 -27.05 -2.74 11.80
C VAL B 168 -27.61 -2.08 10.54
N LYS B 169 -28.00 -2.88 9.55
CA LYS B 169 -28.67 -2.33 8.37
C LYS B 169 -29.79 -1.38 8.78
N LYS B 170 -30.70 -1.86 9.63
CA LYS B 170 -31.81 -1.03 10.06
C LYS B 170 -31.33 0.23 10.78
N ALA B 171 -30.28 0.09 11.62
CA ALA B 171 -29.78 1.25 12.35
C ALA B 171 -29.10 2.26 11.44
N LEU B 172 -28.43 1.80 10.39
CA LEU B 172 -27.88 2.73 9.40
C LEU B 172 -29.00 3.51 8.72
N ASP B 173 -30.12 2.84 8.43
CA ASP B 173 -31.27 3.55 7.87
C ASP B 173 -31.80 4.60 8.82
N HIS B 174 -31.94 4.25 10.12
CA HIS B 174 -32.44 5.23 11.07
C HIS B 174 -31.43 6.34 11.29
N GLY B 175 -30.14 6.01 11.27
CA GLY B 175 -29.13 7.06 11.36
C GLY B 175 -29.24 8.05 10.22
N LYS B 176 -29.41 7.53 8.99
CA LYS B 176 -29.65 8.42 7.85
C LYS B 176 -30.90 9.25 8.06
N GLU B 177 -32.00 8.60 8.46
CA GLU B 177 -33.28 9.30 8.54
C GLU B 177 -33.25 10.41 9.59
N LEU B 178 -32.55 10.19 10.71
CA LEU B 178 -32.54 11.17 11.78
C LEU B 178 -31.39 12.15 11.66
N GLY B 179 -30.53 12.00 10.67
CA GLY B 179 -29.44 12.95 10.49
C GLY B 179 -28.32 12.75 11.50
N ALA B 180 -27.96 11.49 11.78
CA ALA B 180 -26.87 11.21 12.71
C ALA B 180 -25.56 11.73 12.13
N GLU B 181 -24.79 12.46 12.95
CA GLU B 181 -23.48 12.94 12.50
C GLU B 181 -22.40 11.88 12.62
N ASN B 182 -22.58 10.89 13.50
CA ASN B 182 -21.68 9.75 13.59
C ASN B 182 -22.50 8.48 13.75
N TYR B 183 -21.85 7.34 13.52
CA TYR B 183 -22.44 6.05 13.81
C TYR B 183 -21.40 5.16 14.49
N VAL B 184 -21.76 4.56 15.61
CA VAL B 184 -20.81 3.88 16.50
C VAL B 184 -20.98 2.37 16.41
N PHE B 185 -19.85 1.66 16.33
CA PHE B 185 -19.74 0.24 16.59
C PHE B 185 -18.97 0.08 17.90
N TRP B 186 -19.53 -0.65 18.87
CA TRP B 186 -18.85 -0.77 20.17
C TRP B 186 -18.54 -2.24 20.50
N GLY B 187 -17.89 -2.42 21.66
CA GLY B 187 -17.23 -3.70 21.93
C GLY B 187 -18.19 -4.85 22.17
N GLY B 188 -19.24 -4.59 22.96
CA GLY B 188 -20.21 -5.60 23.34
C GLY B 188 -19.63 -6.96 23.68
N ARG B 189 -19.91 -7.93 22.82
CA ARG B 189 -19.46 -9.31 23.02
C ARG B 189 -18.42 -9.74 22.01
N GLU B 190 -17.77 -8.80 21.33
CA GLU B 190 -16.75 -9.13 20.33
C GLU B 190 -15.40 -9.31 21.01
N GLY B 191 -15.10 -10.56 21.35
CA GLY B 191 -13.86 -10.87 22.04
C GLY B 191 -13.78 -12.35 22.32
N TYR B 192 -13.18 -12.75 23.44
CA TYR B 192 -13.22 -14.15 23.82
C TYR B 192 -13.33 -14.30 25.32
N GLU B 193 -13.93 -15.42 25.73
CA GLU B 193 -13.85 -15.89 27.11
C GLU B 193 -12.62 -16.75 27.35
N SER B 194 -12.20 -17.50 26.32
CA SER B 194 -11.04 -18.38 26.42
C SER B 194 -10.45 -18.57 25.03
N LEU B 195 -9.11 -18.45 24.91
CA LEU B 195 -8.48 -18.76 23.64
C LEU B 195 -8.56 -20.24 23.30
N LEU B 196 -8.83 -21.10 24.30
CA LEU B 196 -8.83 -22.54 24.07
C LEU B 196 -9.84 -22.95 23.00
N ASN B 197 -10.95 -22.21 22.87
CA ASN B 197 -12.03 -22.56 21.94
C ASN B 197 -12.24 -21.51 20.87
N THR B 198 -11.25 -20.65 20.62
CA THR B 198 -11.41 -19.50 19.76
C THR B 198 -10.64 -19.70 18.45
N ASP B 199 -11.33 -19.51 17.33
CA ASP B 199 -10.67 -19.38 16.03
C ASP B 199 -10.44 -17.89 15.84
N LEU B 200 -9.26 -17.41 16.27
CA LEU B 200 -9.01 -15.98 16.31
C LEU B 200 -9.03 -15.39 14.90
N GLY B 201 -8.35 -16.04 13.95
CA GLY B 201 -8.32 -15.52 12.59
C GLY B 201 -9.70 -15.40 11.97
N LEU B 202 -10.54 -16.42 12.14
CA LEU B 202 -11.89 -16.36 11.58
C LEU B 202 -12.69 -15.22 12.20
N GLU B 203 -12.64 -15.09 13.53
CA GLU B 203 -13.39 -14.02 14.19
C GLU B 203 -12.94 -12.64 13.70
N LEU B 204 -11.62 -12.41 13.66
CA LEU B 204 -11.14 -11.11 13.18
C LEU B 204 -11.46 -10.92 11.68
N ASP B 205 -11.29 -11.96 10.86
CA ASP B 205 -11.70 -11.83 9.47
C ASP B 205 -13.17 -11.46 9.36
N ASN B 206 -14.02 -12.10 10.16
CA ASN B 206 -15.46 -11.82 10.12
C ASN B 206 -15.79 -10.45 10.68
N LEU B 207 -15.08 -10.02 11.73
CA LEU B 207 -15.27 -8.65 12.19
C LEU B 207 -14.99 -7.66 11.07
N ALA B 208 -13.93 -7.90 10.29
CA ALA B 208 -13.59 -7.01 9.18
C ALA B 208 -14.61 -7.13 8.04
N ARG B 209 -15.02 -8.35 7.70
CA ARG B 209 -16.09 -8.52 6.71
C ARG B 209 -17.33 -7.72 7.09
N PHE B 210 -17.75 -7.86 8.35
CA PHE B 210 -18.94 -7.16 8.82
C PHE B 210 -18.79 -5.65 8.72
N LEU B 211 -17.64 -5.11 9.14
CA LEU B 211 -17.49 -3.66 9.09
C LEU B 211 -17.45 -3.14 7.66
N GLN B 212 -16.87 -3.91 6.74
CA GLN B 212 -16.84 -3.50 5.34
C GLN B 212 -18.24 -3.50 4.75
N LEU B 213 -19.01 -4.57 5.00
CA LEU B 213 -20.40 -4.62 4.56
C LEU B 213 -21.16 -3.40 5.04
N ALA B 214 -20.95 -3.01 6.30
CA ALA B 214 -21.60 -1.83 6.82
C ALA B 214 -21.16 -0.59 6.04
N VAL B 215 -19.87 -0.50 5.72
CA VAL B 215 -19.39 0.61 4.90
C VAL B 215 -20.05 0.58 3.52
N ASP B 216 -20.12 -0.60 2.91
CA ASP B 216 -20.78 -0.73 1.61
C ASP B 216 -22.19 -0.18 1.66
N TYR B 217 -22.93 -0.49 2.74
CA TYR B 217 -24.34 -0.12 2.80
C TYR B 217 -24.52 1.38 3.04
N ALA B 218 -23.70 1.96 3.94
CA ALA B 218 -23.81 3.40 4.16
C ALA B 218 -23.61 4.17 2.86
N LYS B 219 -22.77 3.64 1.97
CA LYS B 219 -22.52 4.30 0.68
C LYS B 219 -23.81 4.32 -0.16
N GLU B 220 -24.47 3.17 -0.27
CA GLU B 220 -25.70 3.03 -1.06
C GLU B 220 -26.73 4.11 -0.71
N ILE B 221 -27.08 4.22 0.57
CA ILE B 221 -28.18 5.08 0.97
C ILE B 221 -27.73 6.51 1.20
N GLY B 222 -26.46 6.82 0.93
CA GLY B 222 -25.98 8.16 1.13
C GLY B 222 -25.83 8.52 2.58
N PHE B 223 -25.57 7.54 3.44
CA PHE B 223 -25.36 7.78 4.87
C PHE B 223 -23.96 8.34 5.05
N ASP B 224 -23.87 9.61 5.38
CA ASP B 224 -22.62 10.35 5.38
C ASP B 224 -21.99 10.48 6.77
N ALA B 225 -22.62 9.92 7.80
CA ALA B 225 -22.11 10.11 9.15
C ALA B 225 -20.71 9.50 9.30
N GLN B 226 -19.92 10.08 10.20
CA GLN B 226 -18.61 9.52 10.49
C GLN B 226 -18.77 8.19 11.22
N PHE B 227 -18.30 7.11 10.60
CA PHE B 227 -18.26 5.82 11.28
C PHE B 227 -17.22 5.85 12.40
N LEU B 228 -17.57 5.30 13.56
CA LEU B 228 -16.70 5.30 14.74
C LEU B 228 -16.65 3.92 15.37
N ILE B 229 -15.47 3.51 15.84
CA ILE B 229 -15.31 2.32 16.67
C ILE B 229 -14.94 2.77 18.08
N GLU B 230 -15.62 2.20 19.07
CA GLU B 230 -15.32 2.50 20.47
C GLU B 230 -14.46 1.39 21.05
N PRO B 231 -13.21 1.65 21.41
CA PRO B 231 -12.41 0.60 22.06
C PRO B 231 -12.94 0.28 23.46
N LYS B 232 -12.83 -1.00 23.82
CA LYS B 232 -13.05 -1.46 25.20
C LYS B 232 -12.17 -2.69 25.37
N PRO B 233 -11.34 -2.74 26.41
CA PRO B 233 -10.36 -3.84 26.52
C PRO B 233 -10.94 -5.16 27.03
N LYS B 234 -11.99 -5.10 27.84
CA LYS B 234 -12.52 -6.26 28.54
C LYS B 234 -13.78 -5.82 29.27
N GLU B 235 -14.52 -6.81 29.79
CA GLU B 235 -15.76 -6.67 30.56
C GLU B 235 -16.93 -6.51 29.59
N PRO B 236 -17.83 -7.49 29.54
CA PRO B 236 -17.87 -8.66 30.42
C PRO B 236 -16.88 -9.77 30.05
N SER B 237 -16.35 -9.73 28.83
CA SER B 237 -15.48 -10.81 28.35
C SER B 237 -14.04 -10.62 28.83
N LYS B 238 -13.31 -11.73 28.82
CA LYS B 238 -11.91 -11.70 29.25
C LYS B 238 -11.07 -10.77 28.38
N HIS B 239 -11.28 -10.80 27.07
CA HIS B 239 -10.56 -9.92 26.17
C HIS B 239 -11.53 -9.47 25.10
N GLN B 240 -11.54 -8.18 24.79
CA GLN B 240 -12.32 -7.70 23.67
C GLN B 240 -11.37 -7.11 22.63
N TYR B 241 -11.70 -7.33 21.35
CA TYR B 241 -10.69 -7.23 20.30
C TYR B 241 -10.23 -5.78 20.06
N ASP B 242 -11.14 -4.82 20.17
CA ASP B 242 -10.78 -3.40 20.06
C ASP B 242 -10.29 -2.92 21.42
N PHE B 243 -9.11 -3.40 21.80
CA PHE B 243 -8.64 -3.30 23.18
C PHE B 243 -8.40 -1.84 23.60
N ASP B 244 -7.71 -1.08 22.76
CA ASP B 244 -7.46 0.33 22.98
C ASP B 244 -7.25 0.96 21.61
N ALA B 245 -6.90 2.25 21.61
CA ALA B 245 -6.75 2.96 20.34
C ALA B 245 -5.74 2.28 19.43
N ALA B 246 -4.54 1.98 19.94
CA ALA B 246 -3.50 1.44 19.08
C ALA B 246 -3.87 0.07 18.55
N THR B 247 -4.52 -0.76 19.37
CA THR B 247 -4.90 -2.11 18.95
C THR B 247 -5.99 -2.07 17.88
N THR B 248 -6.97 -1.17 18.04
CA THR B 248 -7.99 -1.01 17.02
C THR B 248 -7.39 -0.46 15.73
N LEU B 249 -6.47 0.50 15.85
CA LEU B 249 -5.77 1.02 14.67
C LEU B 249 -4.97 -0.07 13.95
N GLN B 250 -4.33 -0.98 14.70
CA GLN B 250 -3.65 -2.09 14.04
C GLN B 250 -4.61 -2.92 13.21
N PHE B 251 -5.82 -3.14 13.75
CA PHE B 251 -6.82 -3.94 13.05
C PHE B 251 -7.30 -3.20 11.79
N LEU B 252 -7.69 -1.93 11.95
CA LEU B 252 -8.17 -1.12 10.84
C LEU B 252 -7.14 -1.02 9.73
N GLN B 253 -5.87 -0.80 10.08
CA GLN B 253 -4.83 -0.72 9.05
C GLN B 253 -4.67 -2.06 8.34
N LYS B 254 -4.64 -3.17 9.09
CA LYS B 254 -4.45 -4.48 8.47
C LYS B 254 -5.54 -4.78 7.44
N TYR B 255 -6.78 -4.41 7.73
CA TYR B 255 -7.91 -4.81 6.91
C TYR B 255 -8.38 -3.70 5.97
N ASP B 256 -7.57 -2.65 5.78
CA ASP B 256 -7.87 -1.57 4.83
C ASP B 256 -9.17 -0.85 5.21
N LEU B 257 -9.39 -0.67 6.50
CA LEU B 257 -10.59 0.00 6.98
C LEU B 257 -10.31 1.34 7.65
N ALA B 258 -9.03 1.69 7.82
CA ALA B 258 -8.69 2.92 8.54
C ALA B 258 -9.24 4.16 7.84
N LYS B 259 -9.35 4.13 6.52
CA LYS B 259 -9.87 5.30 5.83
C LYS B 259 -11.36 5.52 6.08
N HIS B 260 -12.08 4.54 6.63
CA HIS B 260 -13.52 4.68 6.87
C HIS B 260 -13.90 4.94 8.33
N PHE B 261 -12.99 4.79 9.29
CA PHE B 261 -13.37 4.81 10.70
C PHE B 261 -12.49 5.77 11.50
N LYS B 262 -13.11 6.46 12.45
CA LYS B 262 -12.39 7.09 13.55
C LYS B 262 -12.78 6.42 14.86
N LEU B 263 -12.28 6.95 15.97
CA LEU B 263 -12.49 6.30 17.26
C LEU B 263 -13.45 7.13 18.12
N ASN B 264 -14.35 6.43 18.80
CA ASN B 264 -15.09 6.97 19.94
C ASN B 264 -14.37 6.53 21.21
N LEU B 265 -13.77 7.47 21.92
CA LEU B 265 -12.91 7.14 23.05
C LEU B 265 -13.68 7.39 24.35
N GLU B 266 -13.84 6.35 25.15
CA GLU B 266 -14.50 6.46 26.44
C GLU B 266 -13.46 6.46 27.54
N ALA B 267 -13.57 7.42 28.46
CA ALA B 267 -12.52 7.60 29.47
C ALA B 267 -12.30 6.34 30.29
N ASN B 268 -13.39 5.72 30.78
CA ASN B 268 -13.24 4.51 31.59
C ASN B 268 -12.53 3.40 30.83
N HIS B 269 -12.75 3.32 29.52
CA HIS B 269 -12.13 2.24 28.79
C HIS B 269 -10.63 2.45 28.63
N ALA B 270 -10.18 3.71 28.66
CA ALA B 270 -8.74 3.97 28.61
C ALA B 270 -8.07 3.41 29.86
N THR B 271 -8.60 3.78 31.04
CA THR B 271 -7.94 3.34 32.27
C THR B 271 -8.10 1.85 32.49
N LEU B 272 -9.21 1.26 32.02
CA LEU B 272 -9.37 -0.18 32.04
C LEU B 272 -8.31 -0.88 31.19
N ALA B 273 -7.84 -0.22 30.14
CA ALA B 273 -6.80 -0.77 29.28
C ALA B 273 -5.39 -0.46 29.78
N GLY B 274 -5.27 0.25 30.90
CA GLY B 274 -3.98 0.60 31.46
C GLY B 274 -3.41 1.92 31.01
N HIS B 275 -4.22 2.77 30.38
CA HIS B 275 -3.76 4.06 29.87
C HIS B 275 -4.52 5.19 30.53
N THR B 276 -3.92 6.38 30.56
CA THR B 276 -4.72 7.55 30.91
C THR B 276 -5.66 7.87 29.75
N PHE B 277 -6.76 8.57 30.06
CA PHE B 277 -7.65 9.01 28.99
C PHE B 277 -6.89 9.89 27.99
N GLU B 278 -6.03 10.78 28.49
CA GLU B 278 -5.35 11.70 27.57
C GLU B 278 -4.36 10.97 26.70
N HIS B 279 -3.83 9.83 27.17
CA HIS B 279 -3.00 8.99 26.30
C HIS B 279 -3.78 8.48 25.10
N GLU B 280 -4.96 7.91 25.34
CA GLU B 280 -5.77 7.41 24.23
C GLU B 280 -6.15 8.54 23.29
N LEU B 281 -6.46 9.71 23.84
CA LEU B 281 -6.85 10.83 23.01
C LEU B 281 -5.70 11.32 22.14
N ARG B 282 -4.49 11.35 22.71
CA ARG B 282 -3.35 11.79 21.91
C ARG B 282 -2.97 10.74 20.87
N VAL B 283 -3.00 9.46 21.23
CA VAL B 283 -2.72 8.41 20.24
C VAL B 283 -3.71 8.53 19.08
N ALA B 284 -5.00 8.68 19.40
CA ALA B 284 -6.00 8.83 18.35
C ALA B 284 -5.75 10.09 17.51
N ARG B 285 -5.42 11.20 18.17
CA ARG B 285 -5.27 12.48 17.51
C ARG B 285 -4.11 12.47 16.50
N ILE B 286 -2.95 11.94 16.88
CA ILE B 286 -1.83 11.94 15.94
C ILE B 286 -1.99 10.87 14.86
N ASN B 287 -3.03 10.04 14.95
CA ASN B 287 -3.34 9.11 13.87
C ASN B 287 -4.61 9.52 13.12
N GLY B 288 -5.05 10.76 13.31
CA GLY B 288 -6.23 11.29 12.63
C GLY B 288 -7.49 10.52 12.95
N ALA B 289 -7.61 9.99 14.18
CA ALA B 289 -8.71 9.09 14.48
C ALA B 289 -9.45 9.48 15.75
N LEU B 290 -9.29 10.70 16.22
CA LEU B 290 -10.05 11.16 17.38
C LEU B 290 -11.40 11.64 16.87
N GLY B 291 -12.40 10.75 16.94
CA GLY B 291 -13.70 11.05 16.35
C GLY B 291 -14.70 11.69 17.29
N SER B 292 -14.74 11.22 18.54
CA SER B 292 -15.73 11.64 19.53
C SER B 292 -15.29 11.02 20.85
N ILE B 293 -15.88 11.51 21.95
CA ILE B 293 -15.58 10.94 23.26
C ILE B 293 -16.85 10.63 24.03
N ASP B 294 -16.76 9.59 24.87
CA ASP B 294 -17.74 9.34 25.93
C ASP B 294 -17.09 9.82 27.23
N ALA B 295 -17.68 10.83 27.84
CA ALA B 295 -17.13 11.45 29.04
C ALA B 295 -17.69 10.74 30.27
N ASN B 296 -16.81 10.04 30.98
CA ASN B 296 -17.13 9.41 32.26
C ASN B 296 -15.81 9.22 33.00
N GLN B 297 -15.84 8.46 34.09
CA GLN B 297 -14.58 8.02 34.68
C GLN B 297 -14.79 6.69 35.39
N GLY B 298 -13.72 5.91 35.45
CA GLY B 298 -13.69 4.71 36.27
C GLY B 298 -13.17 5.02 37.65
N ASP B 299 -12.88 3.95 38.37
CA ASP B 299 -12.18 4.03 39.64
C ASP B 299 -10.94 3.15 39.46
N LEU B 300 -9.77 3.76 39.48
CA LEU B 300 -8.58 3.00 39.15
C LEU B 300 -8.24 1.95 40.21
N LEU B 301 -8.91 1.96 41.35
CA LEU B 301 -8.78 0.91 42.35
C LEU B 301 -9.78 -0.22 42.17
N LEU B 302 -10.72 -0.09 41.22
CA LEU B 302 -11.71 -1.13 40.91
C LEU B 302 -11.49 -1.61 39.48
N GLY B 303 -11.32 -2.92 39.32
CA GLY B 303 -10.96 -3.41 37.99
C GLY B 303 -12.09 -3.44 36.98
N TRP B 304 -13.21 -2.80 37.29
CA TRP B 304 -14.33 -2.91 36.38
C TRP B 304 -14.77 -1.51 35.96
N ASP B 305 -15.52 -1.52 34.87
CA ASP B 305 -15.99 -0.38 34.12
C ASP B 305 -17.14 0.25 34.92
N THR B 306 -16.82 1.23 35.79
CA THR B 306 -17.89 1.78 36.65
C THR B 306 -18.74 2.86 35.96
N ASP B 307 -18.23 3.49 34.91
CA ASP B 307 -18.99 4.48 34.12
C ASP B 307 -19.60 5.59 34.98
N GLU B 308 -18.82 6.12 35.92
CA GLU B 308 -19.29 7.21 36.75
C GLU B 308 -19.30 8.50 35.96
N PHE B 309 -20.17 9.43 36.34
CA PHE B 309 -20.13 10.74 35.70
C PHE B 309 -18.76 11.37 35.98
N PRO B 310 -18.17 12.03 34.98
CA PRO B 310 -16.79 12.53 35.16
C PRO B 310 -16.77 13.67 36.18
N THR B 311 -15.87 13.56 37.15
CA THR B 311 -15.71 14.60 38.14
C THR B 311 -14.26 15.05 38.30
N ASP B 312 -13.30 14.21 37.91
CA ASP B 312 -11.87 14.48 38.09
C ASP B 312 -11.44 15.61 37.15
N LEU B 313 -11.04 16.74 37.73
CA LEU B 313 -10.66 17.93 36.96
C LEU B 313 -9.33 17.77 36.25
N TYR B 314 -8.45 16.88 36.73
CA TYR B 314 -7.24 16.58 35.98
C TYR B 314 -7.57 15.89 34.67
N ALA B 315 -8.39 14.82 34.74
CA ALA B 315 -8.72 14.08 33.54
C ALA B 315 -9.53 14.94 32.56
N SER B 316 -10.44 15.77 33.07
CA SER B 316 -11.23 16.59 32.15
C SER B 316 -10.38 17.71 31.55
N THR B 317 -9.50 18.34 32.36
CA THR B 317 -8.58 19.36 31.82
C THR B 317 -7.70 18.78 30.72
N LEU B 318 -7.06 17.64 30.99
CA LEU B 318 -6.12 17.05 30.05
C LEU B 318 -6.82 16.39 28.86
N ALA B 319 -8.08 15.99 29.01
CA ALA B 319 -8.86 15.55 27.86
C ALA B 319 -9.19 16.71 26.94
N MET B 320 -9.68 17.83 27.50
CA MET B 320 -9.97 18.99 26.65
C MET B 320 -8.70 19.59 26.06
N TYR B 321 -7.57 19.45 26.76
CA TYR B 321 -6.27 19.83 26.20
C TYR B 321 -6.00 19.09 24.90
N GLU B 322 -6.24 17.76 24.88
CA GLU B 322 -6.00 17.02 23.66
C GLU B 322 -7.03 17.37 22.58
N ILE B 323 -8.30 17.52 22.97
CA ILE B 323 -9.36 17.79 22.00
C ILE B 323 -9.15 19.14 21.32
N LEU B 324 -8.78 20.17 22.09
CA LEU B 324 -8.55 21.49 21.51
C LEU B 324 -7.46 21.49 20.45
N GLN B 325 -6.53 20.55 20.50
CA GLN B 325 -5.48 20.43 19.50
C GLN B 325 -5.84 19.51 18.34
N ASN B 326 -6.96 18.81 18.42
CA ASN B 326 -7.45 18.02 17.30
C ASN B 326 -7.91 18.98 16.20
N GLU B 327 -7.79 18.53 14.95
CA GLU B 327 -8.24 19.37 13.83
C GLU B 327 -9.73 19.65 13.92
N GLY B 328 -10.10 20.91 14.15
CA GLY B 328 -11.49 21.25 14.36
C GLY B 328 -12.03 20.91 15.73
N GLY B 329 -11.16 20.72 16.71
CA GLY B 329 -11.63 20.36 18.05
C GLY B 329 -12.27 18.99 18.02
N ILE B 330 -13.40 18.86 18.71
CA ILE B 330 -14.13 17.58 18.67
C ILE B 330 -14.75 17.32 17.30
N GLY B 331 -14.80 18.32 16.43
CA GLY B 331 -15.21 18.06 15.05
C GLY B 331 -16.68 17.67 14.97
N ARG B 332 -16.95 16.58 14.27
CA ARG B 332 -18.31 16.09 14.16
C ARG B 332 -18.77 15.33 15.40
N GLY B 333 -17.85 14.97 16.29
CA GLY B 333 -18.20 14.29 17.52
C GLY B 333 -18.69 15.26 18.58
N GLY B 334 -18.73 14.77 19.82
CA GLY B 334 -19.14 15.59 20.94
C GLY B 334 -18.60 14.99 22.23
N VAL B 335 -18.97 15.65 23.33
CA VAL B 335 -18.61 15.19 24.67
C VAL B 335 -19.89 14.55 25.22
N ASN B 336 -19.98 13.23 25.05
CA ASN B 336 -21.20 12.48 25.29
C ASN B 336 -21.15 11.80 26.65
N PHE B 337 -22.13 12.10 27.50
CA PHE B 337 -22.15 11.56 28.86
C PHE B 337 -22.72 10.15 28.87
N ASP B 338 -21.93 9.21 28.35
CA ASP B 338 -22.20 7.78 28.51
C ASP B 338 -21.78 7.37 29.93
N ALA B 339 -22.62 7.73 30.89
CA ALA B 339 -22.34 7.48 32.29
C ALA B 339 -23.63 7.11 32.99
N LYS B 340 -23.49 6.43 34.12
CA LYS B 340 -24.62 6.00 34.94
C LYS B 340 -24.53 6.67 36.30
N VAL B 341 -25.68 7.06 36.84
CA VAL B 341 -25.72 7.52 38.23
C VAL B 341 -25.30 6.35 39.10
N ARG B 342 -24.76 6.67 40.27
CA ARG B 342 -24.45 5.61 41.22
C ARG B 342 -25.73 4.85 41.55
N ARG B 343 -25.56 3.57 41.93
CA ARG B 343 -26.73 2.77 42.31
C ARG B 343 -27.44 3.38 43.51
N THR B 344 -26.70 4.08 44.37
CA THR B 344 -27.29 4.73 45.54
C THR B 344 -27.84 6.12 45.23
N SER B 345 -27.70 6.58 43.99
CA SER B 345 -28.27 7.85 43.53
C SER B 345 -29.50 7.57 42.67
N PHE B 346 -30.56 7.08 43.32
CA PHE B 346 -31.67 6.46 42.61
C PHE B 346 -32.87 7.38 42.47
N GLU B 347 -32.78 8.62 42.94
CA GLU B 347 -33.93 9.50 42.73
C GLU B 347 -33.83 10.19 41.36
N PRO B 348 -34.96 10.51 40.75
CA PRO B 348 -34.92 11.22 39.46
C PRO B 348 -34.02 12.44 39.47
N ILE B 349 -34.08 13.25 40.53
CA ILE B 349 -33.29 14.48 40.58
C ILE B 349 -31.79 14.19 40.47
N ASP B 350 -31.37 12.99 40.88
CA ASP B 350 -29.95 12.64 40.81
C ASP B 350 -29.44 12.58 39.38
N VAL B 351 -30.30 12.28 38.41
CA VAL B 351 -29.87 12.33 37.02
C VAL B 351 -29.45 13.76 36.68
N VAL B 352 -30.19 14.75 37.19
CA VAL B 352 -29.85 16.15 36.96
C VAL B 352 -28.57 16.51 37.71
N TYR B 353 -28.49 16.19 39.00
CA TYR B 353 -27.26 16.44 39.77
C TYR B 353 -26.04 15.82 39.09
N ALA B 354 -26.18 14.61 38.56
CA ALA B 354 -25.03 13.92 37.97
C ALA B 354 -24.58 14.59 36.69
N HIS B 355 -25.51 15.00 35.84
CA HIS B 355 -25.09 15.72 34.64
C HIS B 355 -24.50 17.07 34.99
N ILE B 356 -24.99 17.73 36.03
CA ILE B 356 -24.38 19.00 36.44
C ILE B 356 -22.95 18.77 36.89
N ASN B 357 -22.72 17.70 37.65
CA ASN B 357 -21.37 17.33 38.07
C ASN B 357 -20.45 17.15 36.86
N GLY B 358 -20.86 16.35 35.88
CA GLY B 358 -20.02 16.08 34.73
C GLY B 358 -19.91 17.23 33.74
N MET B 359 -20.99 18.01 33.57
CA MET B 359 -20.94 19.16 32.66
C MET B 359 -20.06 20.26 33.22
N ASP B 360 -20.13 20.51 34.53
CA ASP B 360 -19.28 21.51 35.15
C ASP B 360 -17.81 21.07 35.16
N ALA B 361 -17.56 19.78 35.37
CA ALA B 361 -16.18 19.27 35.35
C ALA B 361 -15.55 19.45 33.98
N PHE B 362 -16.28 19.17 32.91
CA PHE B 362 -15.69 19.28 31.58
C PHE B 362 -15.66 20.72 31.11
N ALA B 363 -16.59 21.55 31.59
CA ALA B 363 -16.53 22.97 31.26
C ALA B 363 -15.34 23.61 31.96
N ARG B 364 -15.08 23.24 33.22
CA ARG B 364 -13.86 23.71 33.86
C ARG B 364 -12.62 23.19 33.15
N GLY B 365 -12.64 21.91 32.75
CA GLY B 365 -11.56 21.38 31.95
C GLY B 365 -11.26 22.23 30.73
N LEU B 366 -12.30 22.67 30.03
CA LEU B 366 -12.11 23.45 28.83
C LEU B 366 -11.46 24.79 29.15
N GLN B 367 -11.95 25.46 30.20
CA GLN B 367 -11.39 26.75 30.62
C GLN B 367 -9.91 26.65 30.92
N VAL B 368 -9.54 25.67 31.76
CA VAL B 368 -8.14 25.48 32.15
C VAL B 368 -7.29 25.08 30.94
N ALA B 369 -7.76 24.10 30.18
CA ALA B 369 -7.01 23.63 29.02
C ALA B 369 -6.78 24.75 28.00
N ALA B 370 -7.78 25.59 27.79
CA ALA B 370 -7.64 26.63 26.77
C ALA B 370 -6.62 27.67 27.20
N LYS B 371 -6.59 28.01 28.48
CA LYS B 371 -5.62 28.97 28.98
C LYS B 371 -4.21 28.39 28.96
N LEU B 372 -4.08 27.11 29.33
CA LEU B 372 -2.79 26.43 29.18
C LEU B 372 -2.31 26.48 27.73
N ILE B 373 -3.21 26.23 26.79
CA ILE B 373 -2.84 26.26 25.37
C ILE B 373 -2.52 27.68 24.92
N GLU B 374 -3.39 28.64 25.27
CA GLU B 374 -3.14 30.03 24.95
C GLU B 374 -1.79 30.49 25.49
N ASP B 375 -1.52 30.17 26.76
CA ASP B 375 -0.28 30.60 27.40
C ASP B 375 0.94 29.77 26.99
N ARG B 376 0.73 28.70 26.22
CA ARG B 376 1.83 27.80 25.83
C ARG B 376 2.59 27.31 27.05
N ALA B 377 1.84 27.04 28.13
CA ALA B 377 2.46 26.69 29.41
C ALA B 377 3.25 25.39 29.32
N PHE B 378 2.74 24.41 28.56
CA PHE B 378 3.50 23.19 28.29
C PHE B 378 4.26 23.27 26.97
N ASP B 379 3.70 23.94 25.97
CA ASP B 379 4.31 23.94 24.64
C ASP B 379 5.68 24.61 24.66
N ASN B 380 5.85 25.67 25.46
CA ASN B 380 7.16 26.33 25.52
C ASN B 380 8.21 25.41 26.12
N VAL B 381 7.83 24.63 27.14
CA VAL B 381 8.75 23.67 27.75
C VAL B 381 9.10 22.58 26.75
N ILE B 382 8.10 22.07 26.02
CA ILE B 382 8.36 21.05 24.99
C ILE B 382 9.26 21.61 23.90
N GLU B 383 8.99 22.84 23.46
CA GLU B 383 9.82 23.48 22.44
C GLU B 383 11.29 23.50 22.86
N GLU B 384 11.58 23.92 24.09
CA GLU B 384 12.95 23.95 24.58
C GLU B 384 13.52 22.55 24.78
N ARG B 385 12.70 21.63 25.30
CA ARG B 385 13.16 20.26 25.56
C ARG B 385 13.78 19.62 24.33
N TYR B 386 13.10 19.74 23.17
CA TYR B 386 13.49 19.04 21.96
C TYR B 386 14.15 19.97 20.94
N ALA B 387 14.63 21.13 21.37
CA ALA B 387 15.26 22.08 20.45
C ALA B 387 16.44 21.48 19.69
N SER B 388 17.15 20.52 20.30
CA SER B 388 18.30 19.90 19.64
C SER B 388 17.94 19.27 18.28
N PHE B 389 16.68 18.89 18.07
CA PHE B 389 16.30 18.25 16.81
C PHE B 389 15.94 19.24 15.71
N THR B 390 16.08 20.55 15.97
CA THR B 390 15.84 21.56 14.96
C THR B 390 17.13 22.24 14.48
N LYS B 391 18.29 21.61 14.73
CA LYS B 391 19.56 22.22 14.35
C LYS B 391 20.65 21.16 14.39
N GLY B 392 21.77 21.47 13.72
CA GLY B 392 22.94 20.62 13.75
C GLY B 392 22.62 19.17 13.44
N ILE B 393 23.21 18.27 14.22
CA ILE B 393 23.08 16.85 13.95
C ILE B 393 21.63 16.41 14.08
N GLY B 394 20.86 17.09 14.95
CA GLY B 394 19.45 16.73 15.12
C GLY B 394 18.62 17.02 13.88
N ALA B 395 18.88 18.16 13.22
CA ALA B 395 18.20 18.46 11.98
C ALA B 395 18.54 17.46 10.90
N ASP B 396 19.81 17.00 10.85
CA ASP B 396 20.23 15.98 9.90
C ASP B 396 19.61 14.62 10.20
N ILE B 397 19.31 14.34 11.47
CA ILE B 397 18.57 13.12 11.79
C ILE B 397 17.15 13.20 11.24
N VAL B 398 16.47 14.32 11.52
CA VAL B 398 15.07 14.50 11.14
C VAL B 398 14.93 14.49 9.63
N SER B 399 15.85 15.14 8.94
CA SER B 399 15.80 15.27 7.48
C SER B 399 16.04 13.96 6.75
N GLY B 400 16.63 12.97 7.43
CA GLY B 400 17.06 11.77 6.77
C GLY B 400 18.48 11.80 6.26
N LYS B 401 19.18 12.93 6.39
CA LYS B 401 20.54 13.02 5.87
C LYS B 401 21.50 12.16 6.67
N ALA B 402 21.37 12.16 8.00
CA ALA B 402 22.28 11.42 8.86
C ALA B 402 22.00 9.93 8.80
N ASN B 403 23.06 9.14 8.80
CA ASN B 403 22.97 7.68 8.85
C ASN B 403 23.87 7.18 9.97
N PHE B 404 23.97 5.86 10.13
CA PHE B 404 24.79 5.31 11.20
C PHE B 404 26.25 5.73 11.08
N HIS B 405 26.74 5.86 9.84
CA HIS B 405 28.14 6.25 9.64
C HIS B 405 28.40 7.66 10.15
N THR B 406 27.58 8.63 9.72
CA THR B 406 27.84 10.01 10.12
C THR B 406 27.45 10.25 11.59
N LEU B 407 26.46 9.51 12.11
CA LEU B 407 26.16 9.63 13.53
C LEU B 407 27.27 9.03 14.38
N GLU B 408 27.87 7.93 13.92
CA GLU B 408 29.01 7.38 14.67
C GLU B 408 30.19 8.36 14.67
N ALA B 409 30.50 8.97 13.51
CA ALA B 409 31.59 9.93 13.47
C ALA B 409 31.34 11.10 14.42
N TYR B 410 30.10 11.58 14.48
CA TYR B 410 29.75 12.63 15.43
C TYR B 410 29.99 12.18 16.87
N ALA B 411 29.44 11.02 17.24
CA ALA B 411 29.59 10.55 18.61
C ALA B 411 31.05 10.28 18.95
N LEU B 412 31.83 9.80 17.99
CA LEU B 412 33.25 9.53 18.23
C LEU B 412 34.07 10.80 18.51
N GLN B 413 33.47 11.99 18.36
CA GLN B 413 34.09 13.22 18.83
C GLN B 413 34.15 13.33 20.34
N ASN B 414 33.34 12.54 21.05
CA ASN B 414 33.32 12.55 22.51
C ASN B 414 33.04 13.94 23.08
N ASN B 415 32.20 14.72 22.40
CA ASN B 415 31.78 15.97 23.01
C ASN B 415 30.82 15.66 24.17
N PRO B 416 30.91 16.39 25.28
CA PRO B 416 30.12 16.02 26.46
C PRO B 416 28.62 16.05 26.18
N ILE B 417 27.93 15.04 26.70
CA ILE B 417 26.48 14.99 26.59
C ILE B 417 25.90 15.60 27.87
N THR B 418 25.09 16.65 27.71
CA THR B 418 24.43 17.30 28.83
C THR B 418 22.92 17.28 28.60
N ASN B 419 22.25 16.38 29.30
CA ASN B 419 20.79 16.35 29.26
C ASN B 419 20.22 17.42 30.17
N LYS B 420 18.96 17.78 29.90
CA LYS B 420 18.22 18.76 30.67
C LYS B 420 17.06 18.08 31.40
N SER B 421 16.72 18.62 32.56
CA SER B 421 15.63 18.06 33.35
C SER B 421 14.33 18.05 32.57
N GLY B 422 13.50 17.03 32.83
CA GLY B 422 12.18 17.00 32.23
C GLY B 422 11.19 17.94 32.89
N ARG B 423 11.50 18.38 34.11
CA ARG B 423 10.70 19.38 34.85
C ARG B 423 9.28 18.90 35.12
N VAL B 424 9.12 17.60 35.37
CA VAL B 424 7.77 17.08 35.58
C VAL B 424 7.11 17.70 36.80
N GLU B 425 7.85 17.82 37.91
CA GLU B 425 7.25 18.40 39.12
C GLU B 425 6.91 19.88 38.91
N LEU B 426 7.77 20.62 38.21
CA LEU B 426 7.44 21.99 37.84
C LEU B 426 6.13 22.04 37.07
N LEU B 427 6.00 21.21 36.02
CA LEU B 427 4.80 21.26 35.19
C LEU B 427 3.55 20.87 35.96
N ARG B 428 3.66 19.95 36.92
CA ARG B 428 2.51 19.60 37.74
C ARG B 428 2.08 20.75 38.63
N SER B 429 3.03 21.56 39.12
CA SER B 429 2.64 22.75 39.88
C SER B 429 1.85 23.72 39.01
N ILE B 430 2.27 23.89 37.75
CA ILE B 430 1.55 24.74 36.81
C ILE B 430 0.13 24.23 36.58
N LEU B 431 0.01 22.91 36.39
CA LEU B 431 -1.32 22.32 36.23
C LEU B 431 -2.21 22.64 37.44
N ASN B 432 -1.69 22.44 38.65
CA ASN B 432 -2.48 22.75 39.85
C ASN B 432 -2.86 24.22 39.89
N GLN B 433 -1.93 25.09 39.49
CA GLN B 433 -2.16 26.52 39.55
C GLN B 433 -3.26 26.95 38.60
N TYR B 434 -3.27 26.40 37.37
CA TYR B 434 -4.27 26.79 36.40
C TYR B 434 -5.64 26.22 36.76
N ILE B 435 -5.68 24.98 37.23
CA ILE B 435 -6.96 24.39 37.61
C ILE B 435 -7.66 25.26 38.64
N ILE B 436 -6.89 25.84 39.56
CA ILE B 436 -7.46 26.67 40.62
C ILE B 436 -7.69 28.09 40.14
N ASN B 437 -6.77 28.63 39.32
CA ASN B 437 -6.69 30.09 39.12
C ASN B 437 -7.38 30.60 37.85
N VAL B 438 -7.47 29.84 36.76
CA VAL B 438 -7.99 30.44 35.52
C VAL B 438 -9.46 30.80 35.67
N TYR C 3 24.56 22.09 47.75
CA TYR C 3 24.18 23.29 47.02
C TYR C 3 23.07 22.97 46.02
N PHE C 4 21.98 23.74 46.07
CA PHE C 4 20.80 23.46 45.26
C PHE C 4 20.60 24.48 44.14
N ASP C 5 21.66 25.17 43.72
CA ASP C 5 21.60 26.18 42.66
C ASP C 5 20.67 27.33 43.02
N HIS C 6 20.43 27.57 44.32
CA HIS C 6 19.37 28.49 44.74
C HIS C 6 19.83 29.26 45.97
N VAL C 7 20.16 30.54 45.77
CA VAL C 7 20.39 31.43 46.90
C VAL C 7 19.06 31.77 47.56
N GLY C 8 19.05 31.77 48.88
CA GLY C 8 17.94 32.33 49.63
C GLY C 8 16.74 31.40 49.77
N THR C 9 15.74 31.93 50.47
CA THR C 9 14.59 31.18 50.94
C THR C 9 13.43 31.25 49.94
N VAL C 10 12.64 30.18 49.90
CA VAL C 10 11.36 30.20 49.20
C VAL C 10 10.34 30.88 50.09
N LYS C 11 9.59 31.81 49.52
CA LYS C 11 8.63 32.60 50.29
C LYS C 11 7.27 32.52 49.62
N PHE C 12 6.24 32.75 50.44
CA PHE C 12 4.87 32.81 49.95
C PHE C 12 4.68 34.06 49.10
N GLU C 13 4.11 33.90 47.90
CA GLU C 13 3.87 35.02 47.01
C GLU C 13 2.47 35.00 46.40
N GLY C 14 1.54 34.25 47.01
CA GLY C 14 0.15 34.28 46.59
C GLY C 14 -0.12 33.47 45.34
N LYS C 15 -1.41 33.19 45.12
CA LYS C 15 -1.81 32.30 44.05
C LYS C 15 -1.63 32.89 42.66
N SER C 16 -1.33 34.20 42.56
CA SER C 16 -1.16 34.85 41.27
C SER C 16 0.27 34.82 40.76
N SER C 17 1.25 34.58 41.64
CA SER C 17 2.65 34.68 41.27
C SER C 17 3.01 33.72 40.15
N THR C 18 3.87 34.18 39.24
CA THR C 18 4.48 33.32 38.24
C THR C 18 5.93 32.98 38.58
N ASN C 19 6.36 33.29 39.79
CA ASN C 19 7.69 32.92 40.25
C ASN C 19 7.75 31.42 40.51
N PRO C 20 8.50 30.63 39.72
CA PRO C 20 8.56 29.18 39.97
C PRO C 20 9.17 28.82 41.32
N LEU C 21 9.99 29.69 41.91
CA LEU C 21 10.55 29.42 43.23
C LEU C 21 9.87 30.24 44.31
N ALA C 22 8.53 30.19 44.34
CA ALA C 22 7.73 30.85 45.37
C ALA C 22 6.51 29.97 45.67
N PHE C 23 6.06 30.01 46.93
CA PHE C 23 4.86 29.28 47.32
C PHE C 23 3.63 30.01 46.80
N LYS C 24 2.76 29.28 46.12
CA LYS C 24 1.51 29.84 45.62
C LYS C 24 0.37 29.73 46.61
N PHE C 25 0.43 28.77 47.55
CA PHE C 25 -0.61 28.57 48.56
C PHE C 25 -0.08 28.37 49.97
N TYR C 26 1.09 27.78 50.16
CA TYR C 26 1.62 27.60 51.52
C TYR C 26 2.06 28.93 52.06
N ASN C 27 1.19 29.57 52.85
CA ASN C 27 1.53 30.75 53.64
C ASN C 27 1.67 30.30 55.08
N PRO C 28 2.89 30.16 55.60
CA PRO C 28 3.06 29.54 56.92
C PRO C 28 2.31 30.26 58.03
N ASP C 29 2.06 31.56 57.88
CA ASP C 29 1.43 32.31 58.94
C ASP C 29 -0.05 32.52 58.73
N GLU C 30 -0.61 32.16 57.58
CA GLU C 30 -2.05 32.24 57.41
C GLU C 30 -2.73 31.41 58.48
N ILE C 31 -3.74 31.99 59.13
CA ILE C 31 -4.46 31.30 60.19
C ILE C 31 -5.67 30.61 59.59
N ILE C 32 -5.84 29.34 59.95
CA ILE C 32 -6.98 28.55 59.52
C ILE C 32 -7.54 27.88 60.77
N LEU C 33 -8.81 28.18 61.08
CA LEU C 33 -9.50 27.65 62.26
C LEU C 33 -8.63 27.81 63.52
N GLY C 34 -8.07 29.01 63.68
CA GLY C 34 -7.33 29.33 64.89
C GLY C 34 -5.92 28.79 64.97
N LYS C 35 -5.36 28.30 63.86
CA LYS C 35 -4.02 27.74 63.87
C LYS C 35 -3.33 28.09 62.56
N THR C 36 -2.04 28.41 62.63
CA THR C 36 -1.30 28.74 61.42
C THR C 36 -1.15 27.52 60.52
N MET C 37 -1.02 27.77 59.22
CA MET C 37 -0.64 26.70 58.29
C MET C 37 0.61 25.96 58.77
N ARG C 38 1.62 26.70 59.23
CA ARG C 38 2.86 26.06 59.72
C ARG C 38 2.54 25.00 60.76
N GLU C 39 1.70 25.34 61.73
CA GLU C 39 1.39 24.43 62.82
C GLU C 39 0.44 23.32 62.39
N HIS C 40 -0.46 23.59 61.45
CA HIS C 40 -1.36 22.54 60.95
C HIS C 40 -0.56 21.44 60.25
N LEU C 41 0.37 21.85 59.40
CA LEU C 41 1.00 20.93 58.47
C LEU C 41 2.25 20.29 59.03
N ARG C 42 3.01 21.00 59.87
CA ARG C 42 4.24 20.46 60.47
C ARG C 42 5.07 19.70 59.43
N PHE C 43 5.30 20.37 58.31
CA PHE C 43 6.02 19.79 57.18
C PHE C 43 7.38 19.23 57.60
N GLY C 44 7.69 18.04 57.09
CA GLY C 44 8.99 17.43 57.30
C GLY C 44 9.67 17.15 55.98
N VAL C 45 10.99 17.18 55.98
CA VAL C 45 11.81 16.89 54.81
C VAL C 45 12.73 15.72 55.14
N ALA C 46 12.92 14.82 54.19
CA ALA C 46 13.60 13.55 54.45
C ALA C 46 14.91 13.47 53.66
N TYR C 47 16.02 13.45 54.39
CA TYR C 47 17.38 13.18 53.89
C TYR C 47 17.48 12.56 52.49
N LEU C 71 33.99 12.82 46.25
CA LEU C 71 33.72 12.73 47.68
C LEU C 71 33.08 11.38 48.03
N SER C 72 33.63 10.70 49.04
CA SER C 72 33.12 9.40 49.46
C SER C 72 33.18 9.31 50.98
N GLY C 73 32.71 8.17 51.50
CA GLY C 73 32.85 7.86 52.92
C GLY C 73 32.29 8.94 53.82
N MET C 74 33.07 9.29 54.85
CA MET C 74 32.60 10.24 55.84
C MET C 74 32.60 11.68 55.33
N GLU C 75 33.38 12.00 54.31
CA GLU C 75 33.30 13.35 53.75
C GLU C 75 32.03 13.54 52.95
N LEU C 76 31.63 12.52 52.17
CA LEU C 76 30.32 12.55 51.52
C LEU C 76 29.21 12.63 52.56
N ALA C 77 29.39 11.93 53.69
CA ALA C 77 28.38 11.96 54.74
C ALA C 77 28.24 13.35 55.36
N LYS C 78 29.36 14.02 55.63
CA LYS C 78 29.28 15.36 56.19
C LYS C 78 28.68 16.34 55.20
N ALA C 79 29.08 16.24 53.93
CA ALA C 79 28.49 17.10 52.90
C ALA C 79 26.98 16.92 52.82
N ARG C 80 26.49 15.68 52.97
CA ARG C 80 25.06 15.44 52.89
C ARG C 80 24.32 16.10 54.05
N VAL C 81 24.93 16.12 55.23
CA VAL C 81 24.33 16.85 56.36
C VAL C 81 24.19 18.33 56.01
N GLU C 82 25.25 18.92 55.46
CA GLU C 82 25.19 20.33 55.07
C GLU C 82 24.12 20.57 54.03
N ALA C 83 23.97 19.65 53.07
CA ALA C 83 22.96 19.84 52.03
C ALA C 83 21.55 19.72 52.60
N CYS C 84 21.35 18.87 53.60
CA CYS C 84 20.02 18.68 54.16
C CYS C 84 19.55 19.92 54.91
N PHE C 85 20.44 20.52 55.72
CA PHE C 85 20.05 21.71 56.46
C PHE C 85 20.00 22.94 55.58
N GLU C 86 20.79 22.97 54.49
CA GLU C 86 20.62 24.02 53.48
C GLU C 86 19.23 23.97 52.89
N LEU C 87 18.75 22.76 52.56
CA LEU C 87 17.40 22.60 52.01
C LEU C 87 16.33 22.96 53.03
N LEU C 88 16.52 22.58 54.29
CA LEU C 88 15.55 22.95 55.32
C LEU C 88 15.43 24.47 55.39
N ASN C 89 16.55 25.19 55.27
CA ASN C 89 16.50 26.64 55.29
C ASN C 89 15.86 27.20 54.02
N ILE C 90 16.20 26.64 52.85
CA ILE C 90 15.61 27.07 51.58
C ILE C 90 14.09 26.95 51.63
N LEU C 91 13.57 25.85 52.17
CA LEU C 91 12.15 25.59 52.15
C LEU C 91 11.42 26.15 53.35
N ASP C 92 12.14 26.71 54.32
CA ASP C 92 11.54 27.21 55.56
C ASP C 92 10.77 26.08 56.25
N VAL C 93 11.37 24.89 56.28
CA VAL C 93 10.76 23.72 56.90
C VAL C 93 11.38 23.52 58.27
N ASP C 94 10.54 23.20 59.26
CA ASP C 94 10.95 23.09 60.66
C ASP C 94 11.36 21.67 61.07
N TYR C 95 11.03 20.65 60.28
CA TYR C 95 11.19 19.27 60.72
C TYR C 95 11.95 18.46 59.68
N PHE C 96 12.72 17.47 60.16
CA PHE C 96 13.38 16.57 59.24
C PHE C 96 13.35 15.16 59.82
N CYS C 97 13.63 14.18 58.95
CA CYS C 97 13.73 12.78 59.32
C CYS C 97 15.00 12.19 58.73
N PHE C 98 15.48 11.11 59.33
CA PHE C 98 16.61 10.41 58.73
C PHE C 98 16.57 8.94 59.11
N HIS C 99 17.27 8.15 58.29
CA HIS C 99 17.57 6.74 58.51
C HIS C 99 19.06 6.62 58.81
N ASP C 100 19.42 5.77 59.77
CA ASP C 100 20.82 5.68 60.20
C ASP C 100 21.76 5.39 59.03
N ARG C 101 21.47 4.33 58.25
CA ARG C 101 22.41 3.92 57.20
C ARG C 101 22.37 4.83 55.99
N ASP C 102 21.45 5.78 55.95
CA ASP C 102 21.46 6.78 54.89
C ASP C 102 22.31 7.99 55.25
N ILE C 103 22.67 8.18 56.51
CA ILE C 103 23.44 9.35 56.92
C ILE C 103 24.92 9.06 57.20
N ALA C 104 25.32 7.79 57.30
CA ALA C 104 26.73 7.48 57.60
C ALA C 104 27.08 6.11 57.04
N PRO C 105 28.31 5.93 56.54
CA PRO C 105 28.70 4.63 55.98
C PRO C 105 29.02 3.64 57.08
N GLU C 106 28.80 2.36 56.76
CA GLU C 106 29.22 1.30 57.68
C GLU C 106 30.74 1.25 57.75
N GLY C 107 31.23 0.80 58.90
CA GLY C 107 32.64 0.53 59.09
C GLY C 107 32.97 -0.94 58.88
N ASP C 108 34.17 -1.31 59.32
CA ASP C 108 34.64 -2.68 59.19
C ASP C 108 34.18 -3.57 60.32
N THR C 109 33.54 -3.00 61.33
CA THR C 109 32.92 -3.72 62.43
C THR C 109 31.64 -2.96 62.79
N LEU C 110 30.80 -3.57 63.61
CA LEU C 110 29.65 -2.85 64.14
C LEU C 110 30.11 -1.67 64.98
N GLN C 111 31.17 -1.86 65.77
CA GLN C 111 31.73 -0.78 66.56
C GLN C 111 32.08 0.41 65.69
N GLU C 112 32.74 0.15 64.55
CA GLU C 112 33.14 1.27 63.71
C GLU C 112 31.96 1.88 62.97
N THR C 113 30.97 1.05 62.59
CA THR C 113 29.73 1.59 62.04
C THR C 113 29.10 2.57 63.01
N ASN C 114 29.02 2.19 64.28
CA ASN C 114 28.41 3.06 65.27
C ASN C 114 29.28 4.28 65.55
N ARG C 115 30.61 4.15 65.45
CA ARG C 115 31.45 5.34 65.59
C ARG C 115 31.20 6.32 64.45
N ASN C 116 31.12 5.82 63.22
CA ASN C 116 30.81 6.67 62.08
C ASN C 116 29.45 7.33 62.24
N LEU C 117 28.45 6.56 62.68
CA LEU C 117 27.12 7.09 62.87
C LEU C 117 27.10 8.13 63.97
N ASP C 118 27.78 7.85 65.10
CA ASP C 118 27.86 8.81 66.19
C ASP C 118 28.48 10.13 65.72
N GLU C 119 29.51 10.04 64.88
CA GLU C 119 30.17 11.25 64.43
C GLU C 119 29.23 12.11 63.60
N ILE C 120 28.43 11.48 62.74
CA ILE C 120 27.49 12.23 61.92
C ILE C 120 26.33 12.73 62.76
N VAL C 121 25.91 11.93 63.75
CA VAL C 121 24.84 12.38 64.64
C VAL C 121 25.28 13.63 65.40
N ALA C 122 26.56 13.71 65.80
CA ALA C 122 27.03 14.90 66.48
C ALA C 122 27.04 16.11 65.55
N LEU C 123 27.35 15.93 64.27
CA LEU C 123 27.28 17.03 63.33
C LEU C 123 25.83 17.47 63.07
N ILE C 124 24.89 16.52 63.09
CA ILE C 124 23.47 16.85 62.97
C ILE C 124 22.99 17.63 64.18
N LYS C 125 23.37 17.17 65.37
CA LYS C 125 22.99 17.85 66.61
C LYS C 125 23.50 19.30 66.62
N GLN C 126 24.69 19.54 66.06
CA GLN C 126 25.21 20.89 65.91
C GLN C 126 24.28 21.74 65.03
N HIS C 127 23.90 21.21 63.87
CA HIS C 127 23.06 21.98 62.96
C HIS C 127 21.67 22.20 63.54
N MET C 128 21.18 21.27 64.36
CA MET C 128 19.92 21.49 65.05
C MET C 128 20.03 22.66 66.03
N HIS C 129 21.18 22.78 66.70
CA HIS C 129 21.42 23.91 67.60
C HIS C 129 21.38 25.23 66.86
N SER C 130 22.19 25.36 65.81
CA SER C 130 22.34 26.65 65.14
C SER C 130 21.13 26.99 64.27
N SER C 131 20.36 25.99 63.82
CA SER C 131 19.24 26.27 62.94
C SER C 131 17.88 26.14 63.61
N GLY C 132 17.80 25.54 64.80
CA GLY C 132 16.52 25.32 65.46
C GLY C 132 15.64 24.23 64.86
N LYS C 133 16.11 23.52 63.83
CA LYS C 133 15.29 22.49 63.21
C LYS C 133 15.14 21.29 64.15
N LYS C 134 14.00 20.61 64.05
CA LYS C 134 13.66 19.55 64.99
C LYS C 134 13.52 18.20 64.27
N LEU C 135 13.76 17.12 65.02
CA LEU C 135 13.74 15.76 64.48
C LEU C 135 12.32 15.21 64.61
N LEU C 136 11.62 15.07 63.47
CA LEU C 136 10.27 14.51 63.52
C LEU C 136 10.31 13.03 63.85
N TRP C 137 11.12 12.26 63.11
CA TRP C 137 11.45 10.90 63.52
C TRP C 137 12.75 10.45 62.88
N ASN C 138 13.39 9.47 63.51
CA ASN C 138 14.45 8.71 62.90
C ASN C 138 14.05 7.24 62.86
N THR C 139 14.89 6.41 62.23
CA THR C 139 14.55 5.02 62.00
C THR C 139 15.82 4.26 61.68
N ALA C 140 15.73 2.94 61.72
CA ALA C 140 16.82 2.06 61.31
C ALA C 140 16.53 1.56 59.91
N ASN C 141 17.48 1.77 59.00
CA ASN C 141 17.39 1.21 57.64
C ASN C 141 17.89 -0.23 57.69
N MET C 142 16.97 -1.18 57.66
CA MET C 142 17.40 -2.57 57.71
C MET C 142 16.98 -3.24 56.41
N PHE C 143 17.26 -2.56 55.36
CA PHE C 143 16.80 -2.89 54.02
C PHE C 143 17.97 -2.99 53.06
N THR C 144 18.93 -2.07 53.14
CA THR C 144 19.95 -1.98 52.11
C THR C 144 20.99 -3.10 52.22
N ASN C 145 21.57 -3.30 53.41
CA ASN C 145 22.68 -4.24 53.53
C ASN C 145 22.23 -5.67 53.19
N PRO C 146 23.05 -6.45 52.50
CA PRO C 146 22.63 -7.81 52.12
C PRO C 146 22.38 -8.75 53.29
N ARG C 147 22.81 -8.42 54.51
CA ARG C 147 22.49 -9.30 55.63
C ARG C 147 20.98 -9.40 55.86
N PHE C 148 20.21 -8.40 55.43
CA PHE C 148 18.77 -8.35 55.62
C PHE C 148 17.99 -8.93 54.45
N VAL C 149 18.63 -9.74 53.60
CA VAL C 149 17.95 -10.29 52.44
C VAL C 149 16.69 -11.07 52.82
N HIS C 150 16.70 -11.75 53.96
CA HIS C 150 15.53 -12.47 54.45
C HIS C 150 14.67 -11.65 55.41
N GLY C 151 14.98 -10.38 55.60
CA GLY C 151 14.29 -9.57 56.58
C GLY C 151 15.20 -9.23 57.74
N ALA C 152 14.57 -8.66 58.78
CA ALA C 152 15.29 -8.24 59.98
C ALA C 152 14.73 -8.98 61.19
N ALA C 153 13.59 -8.55 61.72
CA ALA C 153 12.98 -9.31 62.81
C ALA C 153 12.41 -10.64 62.30
N THR C 154 11.95 -10.68 61.05
CA THR C 154 11.37 -11.88 60.47
C THR C 154 12.37 -12.69 59.67
N THR C 155 13.66 -12.39 59.82
CA THR C 155 14.72 -13.16 59.18
C THR C 155 14.68 -14.63 59.59
N SER C 156 15.26 -15.48 58.74
CA SER C 156 15.47 -16.89 59.02
C SER C 156 16.76 -17.14 59.82
N ASN C 157 17.63 -16.12 59.91
CA ASN C 157 18.95 -16.22 60.51
C ASN C 157 18.98 -15.45 61.83
N ALA C 158 19.02 -16.18 62.94
CA ALA C 158 19.07 -15.57 64.27
C ALA C 158 20.22 -14.56 64.43
N ASP C 159 21.35 -14.76 63.75
CA ASP C 159 22.43 -13.76 63.83
C ASP C 159 22.00 -12.41 63.28
N VAL C 160 21.15 -12.42 62.26
CA VAL C 160 20.64 -11.18 61.69
C VAL C 160 19.66 -10.51 62.66
N PHE C 161 18.83 -11.31 63.31
CA PHE C 161 17.95 -10.78 64.35
C PHE C 161 18.75 -10.04 65.42
N ALA C 162 19.89 -10.61 65.82
CA ALA C 162 20.72 -9.96 66.83
C ALA C 162 21.33 -8.67 66.31
N TYR C 163 21.83 -8.67 65.07
CA TYR C 163 22.33 -7.43 64.48
C TYR C 163 21.23 -6.39 64.38
N ALA C 164 20.04 -6.81 63.95
CA ALA C 164 18.92 -5.88 63.85
C ALA C 164 18.60 -5.25 65.21
N ALA C 165 18.66 -6.06 66.28
CA ALA C 165 18.43 -5.53 67.63
C ALA C 165 19.48 -4.51 68.00
N ALA C 166 20.76 -4.83 67.77
CA ALA C 166 21.83 -3.88 68.01
C ALA C 166 21.60 -2.57 67.24
N GLN C 167 21.19 -2.67 65.97
CA GLN C 167 21.01 -1.47 65.17
C GLN C 167 19.84 -0.61 65.68
N VAL C 168 18.72 -1.26 66.03
CA VAL C 168 17.59 -0.49 66.54
C VAL C 168 17.90 0.07 67.93
N LYS C 169 18.62 -0.69 68.76
CA LYS C 169 19.03 -0.19 70.07
C LYS C 169 19.79 1.13 69.91
N LYS C 170 20.78 1.15 69.03
CA LYS C 170 21.52 2.36 68.73
C LYS C 170 20.60 3.48 68.23
N ALA C 171 19.62 3.14 67.38
CA ALA C 171 18.75 4.16 66.79
C ALA C 171 17.83 4.76 67.85
N LEU C 172 17.35 3.95 68.78
CA LEU C 172 16.57 4.45 69.91
C LEU C 172 17.41 5.38 70.79
N ASP C 173 18.69 5.04 71.03
CA ASP C 173 19.59 5.96 71.73
C ASP C 173 19.69 7.29 71.00
N HIS C 174 19.94 7.24 69.69
CA HIS C 174 20.07 8.47 68.91
C HIS C 174 18.76 9.25 68.86
N GLY C 175 17.63 8.55 68.72
CA GLY C 175 16.36 9.23 68.81
C GLY C 175 16.18 9.97 70.13
N LYS C 176 16.56 9.32 71.25
CA LYS C 176 16.48 10.00 72.53
C LYS C 176 17.43 11.20 72.57
N GLU C 177 18.66 10.99 72.10
CA GLU C 177 19.67 12.04 72.17
C GLU C 177 19.26 13.28 71.35
N LEU C 178 18.62 13.08 70.21
CA LEU C 178 18.24 14.18 69.33
C LEU C 178 16.80 14.65 69.57
N GLY C 179 16.10 14.08 70.54
CA GLY C 179 14.75 14.53 70.84
C GLY C 179 13.72 14.22 69.75
N ALA C 180 13.86 13.08 69.09
CA ALA C 180 12.85 12.63 68.13
C ALA C 180 11.46 12.66 68.78
N GLU C 181 10.49 13.25 68.07
CA GLU C 181 9.13 13.23 68.58
C GLU C 181 8.43 11.91 68.29
N ASN C 182 8.88 11.17 67.28
CA ASN C 182 8.37 9.86 66.95
C ASN C 182 9.54 8.95 66.57
N TYR C 183 9.28 7.64 66.57
CA TYR C 183 10.25 6.69 66.06
C TYR C 183 9.52 5.68 65.19
N VAL C 184 10.04 5.43 63.98
CA VAL C 184 9.32 4.68 62.94
C VAL C 184 9.96 3.31 62.75
N PHE C 185 9.12 2.26 62.72
CA PHE C 185 9.45 0.94 62.20
C PHE C 185 8.77 0.79 60.84
N TRP C 186 9.53 0.46 59.79
CA TRP C 186 8.89 0.24 58.49
C TRP C 186 9.10 -1.19 58.01
N GLY C 187 8.25 -1.61 57.07
CA GLY C 187 8.23 -3.00 56.66
C GLY C 187 9.09 -3.31 55.47
N GLY C 188 10.40 -3.10 55.62
CA GLY C 188 11.28 -3.15 54.46
C GLY C 188 11.40 -4.54 53.91
N ARG C 189 12.03 -5.42 54.65
CA ARG C 189 12.20 -6.80 54.24
C ARG C 189 11.36 -7.77 55.07
N GLU C 190 10.43 -7.27 55.89
CA GLU C 190 9.59 -8.14 56.74
C GLU C 190 8.37 -8.62 55.99
N GLY C 191 8.44 -9.83 55.46
CA GLY C 191 7.35 -10.39 54.67
C GLY C 191 7.77 -11.73 54.10
N TYR C 192 7.38 -12.04 52.87
CA TYR C 192 7.85 -13.28 52.27
C TYR C 192 7.94 -13.13 50.76
N GLU C 193 8.86 -13.90 50.17
CA GLU C 193 8.88 -14.09 48.72
C GLU C 193 7.95 -15.22 48.30
N SER C 194 7.87 -16.29 49.10
CA SER C 194 7.02 -17.43 48.82
C SER C 194 6.54 -18.01 50.15
N LEU C 195 5.26 -18.39 50.23
CA LEU C 195 4.83 -19.11 51.43
C LEU C 195 5.35 -20.54 51.46
N LEU C 196 5.88 -21.07 50.35
CA LEU C 196 6.35 -22.45 50.32
C LEU C 196 7.45 -22.68 51.34
N ASN C 197 8.31 -21.68 51.58
CA ASN C 197 9.45 -21.84 52.49
C ASN C 197 9.31 -21.00 53.75
N THR C 198 8.10 -20.54 54.06
CA THR C 198 7.88 -19.61 55.14
C THR C 198 7.25 -20.30 56.35
N ASP C 199 7.89 -20.12 57.51
CA ASP C 199 7.29 -20.45 58.81
C ASP C 199 6.62 -19.17 59.28
N LEU C 200 5.32 -19.03 58.93
CA LEU C 200 4.64 -17.77 59.14
C LEU C 200 4.52 -17.46 60.62
N GLY C 201 4.13 -18.45 61.41
CA GLY C 201 3.91 -18.20 62.83
C GLY C 201 5.19 -17.78 63.53
N LEU C 202 6.30 -18.41 63.17
CA LEU C 202 7.57 -18.04 63.80
C LEU C 202 7.98 -16.62 63.40
N GLU C 203 7.82 -16.26 62.13
CA GLU C 203 8.19 -14.91 61.72
C GLU C 203 7.35 -13.87 62.44
N LEU C 204 6.03 -14.05 62.49
CA LEU C 204 5.19 -13.07 63.15
C LEU C 204 5.41 -13.07 64.66
N ASP C 205 5.61 -14.24 65.27
CA ASP C 205 5.97 -14.26 66.68
C ASP C 205 7.26 -13.47 66.93
N ASN C 206 8.26 -13.65 66.04
CA ASN C 206 9.54 -12.98 66.21
C ASN C 206 9.45 -11.49 65.94
N LEU C 207 8.61 -11.07 64.99
CA LEU C 207 8.35 -9.64 64.82
C LEU C 207 7.74 -9.04 66.09
N ALA C 208 6.78 -9.74 66.71
CA ALA C 208 6.20 -9.25 67.95
C ALA C 208 7.23 -9.22 69.07
N ARG C 209 8.11 -10.23 69.15
CA ARG C 209 9.18 -10.22 70.14
C ARG C 209 10.09 -9.03 69.94
N PHE C 210 10.53 -8.80 68.70
CA PHE C 210 11.42 -7.68 68.40
C PHE C 210 10.81 -6.35 68.82
N LEU C 211 9.56 -6.09 68.40
CA LEU C 211 8.91 -4.83 68.75
C LEU C 211 8.73 -4.67 70.26
N GLN C 212 8.40 -5.75 70.96
CA GLN C 212 8.29 -5.67 72.41
C GLN C 212 9.66 -5.44 73.08
N LEU C 213 10.72 -6.03 72.53
CA LEU C 213 12.06 -5.74 73.05
C LEU C 213 12.42 -4.28 72.85
N ALA C 214 12.04 -3.72 71.69
CA ALA C 214 12.27 -2.30 71.43
C ALA C 214 11.49 -1.44 72.43
N VAL C 215 10.22 -1.78 72.64
CA VAL C 215 9.40 -1.08 73.64
C VAL C 215 10.05 -1.14 75.01
N ASP C 216 10.50 -2.34 75.40
CA ASP C 216 11.20 -2.51 76.67
C ASP C 216 12.41 -1.58 76.77
N TYR C 217 13.21 -1.52 75.71
CA TYR C 217 14.43 -0.73 75.77
C TYR C 217 14.14 0.76 75.82
N ALA C 218 13.19 1.25 75.02
CA ALA C 218 12.84 2.66 75.10
C ALA C 218 12.35 3.03 76.49
N LYS C 219 11.61 2.13 77.15
CA LYS C 219 11.18 2.43 78.50
C LYS C 219 12.36 2.48 79.46
N GLU C 220 13.26 1.50 79.36
CA GLU C 220 14.43 1.47 80.24
C GLU C 220 15.26 2.75 80.11
N ILE C 221 15.48 3.25 78.88
CA ILE C 221 16.27 4.47 78.71
C ILE C 221 15.43 5.74 78.79
N GLY C 222 14.12 5.65 79.00
CA GLY C 222 13.29 6.85 79.08
C GLY C 222 13.14 7.60 77.77
N PHE C 223 13.02 6.89 76.65
CA PHE C 223 12.78 7.46 75.33
C PHE C 223 11.27 7.60 75.14
N ASP C 224 10.78 8.84 75.03
CA ASP C 224 9.34 9.06 75.10
C ASP C 224 8.71 9.33 73.75
N ALA C 225 9.44 9.15 72.64
CA ALA C 225 8.87 9.35 71.32
C ALA C 225 7.68 8.44 71.09
N GLN C 226 6.76 8.88 70.24
CA GLN C 226 5.67 8.00 69.84
C GLN C 226 6.22 6.95 68.88
N PHE C 227 6.10 5.67 69.25
CA PHE C 227 6.44 4.61 68.31
C PHE C 227 5.41 4.54 67.20
N LEU C 228 5.89 4.33 65.97
CA LEU C 228 5.04 4.24 64.79
C LEU C 228 5.47 3.07 63.92
N ILE C 229 4.48 2.35 63.42
CA ILE C 229 4.69 1.35 62.38
C ILE C 229 4.15 1.93 61.07
N GLU C 230 4.94 1.80 60.01
CA GLU C 230 4.51 2.24 58.69
C GLU C 230 4.04 1.02 57.90
N PRO C 231 2.75 0.91 57.57
CA PRO C 231 2.33 -0.19 56.70
C PRO C 231 2.89 -0.04 55.29
N LYS C 232 3.15 -1.19 54.66
CA LYS C 232 3.48 -1.27 53.22
C LYS C 232 3.06 -2.67 52.79
N PRO C 233 2.27 -2.80 51.73
CA PRO C 233 1.69 -4.12 51.40
C PRO C 233 2.64 -5.06 50.68
N LYS C 234 3.58 -4.50 49.91
CA LYS C 234 4.42 -5.28 49.00
C LYS C 234 5.44 -4.32 48.40
N GLU C 235 6.44 -4.91 47.71
CA GLU C 235 7.57 -4.25 47.05
C GLU C 235 8.60 -3.85 48.10
N PRO C 236 9.79 -4.43 48.06
CA PRO C 236 10.23 -5.36 47.01
C PRO C 236 9.63 -6.77 47.10
N SER C 237 9.11 -7.16 48.26
CA SER C 237 8.70 -8.54 48.45
C SER C 237 7.28 -8.76 47.94
N LYS C 238 6.92 -10.04 47.78
CA LYS C 238 5.57 -10.39 47.33
C LYS C 238 4.51 -9.94 48.33
N HIS C 239 4.77 -10.15 49.62
CA HIS C 239 3.84 -9.78 50.67
C HIS C 239 4.63 -9.22 51.84
N GLN C 240 4.15 -8.12 52.41
CA GLN C 240 4.77 -7.56 53.59
C GLN C 240 3.73 -7.50 54.69
N TYR C 241 4.16 -7.83 55.90
CA TYR C 241 3.22 -8.26 56.93
C TYR C 241 2.32 -7.13 57.39
N ASP C 242 2.85 -5.92 57.49
CA ASP C 242 2.04 -4.75 57.87
C ASP C 242 1.40 -4.21 56.59
N PHE C 243 0.43 -4.99 56.08
CA PHE C 243 -0.06 -4.81 54.72
C PHE C 243 -0.77 -3.46 54.56
N ASP C 244 -1.62 -3.10 55.52
CA ASP C 244 -2.33 -1.84 55.53
C ASP C 244 -2.68 -1.54 56.98
N ALA C 245 -3.42 -0.45 57.22
CA ALA C 245 -3.74 -0.07 58.60
C ALA C 245 -4.47 -1.19 59.33
N ALA C 246 -5.53 -1.75 58.73
CA ALA C 246 -6.31 -2.78 59.42
C ALA C 246 -5.48 -4.02 59.73
N THR C 247 -4.63 -4.43 58.79
CA THR C 247 -3.82 -5.64 58.98
C THR C 247 -2.79 -5.43 60.08
N THR C 248 -2.17 -4.25 60.13
CA THR C 248 -1.21 -3.94 61.18
C THR C 248 -1.92 -3.87 62.53
N LEU C 249 -3.09 -3.23 62.56
CA LEU C 249 -3.86 -3.19 63.80
C LEU C 249 -4.25 -4.59 64.28
N GLN C 250 -4.54 -5.51 63.36
CA GLN C 250 -4.86 -6.88 63.77
C GLN C 250 -3.67 -7.51 64.48
N PHE C 251 -2.48 -7.29 63.95
CA PHE C 251 -1.26 -7.83 64.53
C PHE C 251 -0.97 -7.17 65.88
N LEU C 252 -1.05 -5.84 65.93
CA LEU C 252 -0.84 -5.10 67.18
C LEU C 252 -1.82 -5.53 68.27
N GLN C 253 -3.10 -5.68 67.93
CA GLN C 253 -4.07 -6.15 68.91
C GLN C 253 -3.77 -7.58 69.35
N LYS C 254 -3.38 -8.44 68.41
CA LYS C 254 -3.15 -9.85 68.73
C LYS C 254 -2.00 -10.02 69.71
N TYR C 255 -0.98 -9.19 69.61
CA TYR C 255 0.24 -9.38 70.40
C TYR C 255 0.37 -8.38 71.53
N ASP C 256 -0.71 -7.69 71.87
CA ASP C 256 -0.73 -6.75 73.00
C ASP C 256 0.25 -5.61 72.81
N LEU C 257 0.39 -5.14 71.58
CA LEU C 257 1.27 -4.03 71.27
C LEU C 257 0.53 -2.79 70.86
N ALA C 258 -0.80 -2.85 70.75
CA ALA C 258 -1.55 -1.72 70.21
C ALA C 258 -1.42 -0.49 71.10
N LYS C 259 -1.26 -0.68 72.41
CA LYS C 259 -1.12 0.47 73.31
C LYS C 259 0.20 1.22 73.10
N HIS C 260 1.18 0.63 72.43
CA HIS C 260 2.50 1.25 72.28
C HIS C 260 2.72 1.92 70.92
N PHE C 261 1.88 1.64 69.92
CA PHE C 261 2.18 2.05 68.54
C PHE C 261 0.99 2.80 67.93
N LYS C 262 1.29 3.85 67.16
CA LYS C 262 0.37 4.37 66.17
C LYS C 262 0.96 4.09 64.79
N LEU C 263 0.28 4.56 63.74
CA LEU C 263 0.72 4.28 62.38
C LEU C 263 1.32 5.52 61.74
N ASN C 264 2.37 5.30 60.95
CA ASN C 264 2.85 6.25 59.96
C ASN C 264 2.25 5.83 58.61
N LEU C 265 1.31 6.60 58.09
CA LEU C 265 0.57 6.25 56.87
C LEU C 265 1.20 6.94 55.66
N GLU C 266 1.64 6.17 54.68
CA GLU C 266 2.21 6.70 53.45
C GLU C 266 1.19 6.58 52.33
N ALA C 267 0.96 7.68 51.61
CA ALA C 267 -0.13 7.70 50.64
C ALA C 267 0.03 6.62 49.57
N ASN C 268 1.24 6.48 49.02
CA ASN C 268 1.47 5.47 47.98
C ASN C 268 1.18 4.06 48.51
N HIS C 269 1.46 3.81 49.79
CA HIS C 269 1.26 2.47 50.31
C HIS C 269 -0.22 2.18 50.50
N ALA C 270 -1.02 3.22 50.73
CA ALA C 270 -2.47 3.05 50.75
C ALA C 270 -2.97 2.53 49.41
N THR C 271 -2.61 3.22 48.32
CA THR C 271 -3.14 2.80 47.03
C THR C 271 -2.52 1.49 46.57
N LEU C 272 -1.24 1.27 46.88
CA LEU C 272 -0.63 -0.01 46.59
C LEU C 272 -1.39 -1.16 47.23
N ALA C 273 -2.02 -0.91 48.38
CA ALA C 273 -2.81 -1.91 49.09
C ALA C 273 -4.25 -1.99 48.58
N GLY C 274 -4.62 -1.17 47.61
CA GLY C 274 -5.98 -1.19 47.10
C GLY C 274 -6.95 -0.26 47.78
N HIS C 275 -6.46 0.68 48.60
CA HIS C 275 -7.30 1.66 49.30
C HIS C 275 -6.93 3.07 48.87
N THR C 276 -7.88 4.01 49.05
CA THR C 276 -7.51 5.41 48.96
C THR C 276 -6.70 5.80 50.19
N PHE C 277 -5.92 6.88 50.06
CA PHE C 277 -5.21 7.43 51.23
C PHE C 277 -6.19 7.81 52.33
N GLU C 278 -7.31 8.47 51.98
CA GLU C 278 -8.21 8.92 53.04
C GLU C 278 -8.87 7.74 53.73
N HIS C 279 -9.03 6.62 53.02
CA HIS C 279 -9.50 5.41 53.69
C HIS C 279 -8.54 4.99 54.79
N GLU C 280 -7.25 4.85 54.46
CA GLU C 280 -6.26 4.46 55.46
C GLU C 280 -6.25 5.45 56.62
N LEU C 281 -6.36 6.75 56.32
CA LEU C 281 -6.33 7.76 57.37
C LEU C 281 -7.56 7.66 58.27
N ARG C 282 -8.74 7.45 57.68
CA ARG C 282 -9.94 7.37 58.50
C ARG C 282 -9.92 6.13 59.37
N VAL C 283 -9.52 4.99 58.78
CA VAL C 283 -9.40 3.75 59.55
C VAL C 283 -8.47 3.95 60.74
N ALA C 284 -7.30 4.54 60.50
CA ALA C 284 -6.37 4.82 61.59
C ALA C 284 -7.01 5.73 62.63
N ARG C 285 -7.63 6.83 62.16
CA ARG C 285 -8.23 7.82 63.04
C ARG C 285 -9.24 7.19 64.00
N ILE C 286 -10.15 6.36 63.50
CA ILE C 286 -11.18 5.84 64.40
C ILE C 286 -10.68 4.69 65.25
N ASN C 287 -9.43 4.26 65.06
CA ASN C 287 -8.78 3.34 65.98
C ASN C 287 -7.71 4.02 66.82
N GLY C 288 -7.70 5.36 66.83
CA GLY C 288 -6.74 6.12 67.63
C GLY C 288 -5.30 5.89 67.21
N ALA C 289 -5.06 5.60 65.93
CA ALA C 289 -3.74 5.19 65.46
C ALA C 289 -3.23 6.01 64.29
N LEU C 290 -3.82 7.19 64.02
CA LEU C 290 -3.26 8.08 63.00
C LEU C 290 -2.13 8.86 63.66
N GLY C 291 -0.89 8.41 63.47
CA GLY C 291 0.23 9.00 64.18
C GLY C 291 0.97 10.07 63.39
N SER C 292 1.18 9.84 62.10
CA SER C 292 1.94 10.75 61.25
C SER C 292 1.67 10.32 59.81
N ILE C 293 2.05 11.16 58.84
CA ILE C 293 1.90 10.74 57.46
C ILE C 293 3.19 11.00 56.69
N ASP C 294 3.40 10.15 55.67
CA ASP C 294 4.37 10.42 54.60
C ASP C 294 3.57 10.88 53.38
N ALA C 295 3.76 12.14 53.00
CA ALA C 295 3.00 12.74 51.90
C ALA C 295 3.71 12.49 50.58
N ASN C 296 3.11 11.63 49.75
CA ASN C 296 3.58 11.38 48.39
C ASN C 296 2.37 10.91 47.58
N GLN C 297 2.61 10.43 46.38
CA GLN C 297 1.52 9.77 45.67
C GLN C 297 2.10 8.74 44.72
N GLY C 298 1.35 7.66 44.49
CA GLY C 298 1.70 6.68 43.50
C GLY C 298 1.05 7.01 42.17
N ASP C 299 1.16 6.08 41.24
CA ASP C 299 0.44 6.12 39.98
C ASP C 299 -0.44 4.88 39.93
N LEU C 300 -1.76 5.06 39.98
CA LEU C 300 -2.60 3.88 40.12
C LEU C 300 -2.58 2.99 38.89
N LEU C 301 -2.02 3.45 37.78
CA LEU C 301 -1.83 2.60 36.61
C LEU C 301 -0.51 1.86 36.64
N LEU C 302 0.33 2.13 37.64
CA LEU C 302 1.60 1.45 37.85
C LEU C 302 1.57 0.79 39.23
N GLY C 303 1.82 -0.50 39.29
CA GLY C 303 1.68 -1.06 40.62
C GLY C 303 2.93 -1.13 41.47
N TRP C 304 3.81 -0.11 41.53
CA TRP C 304 5.11 -0.41 42.15
C TRP C 304 5.70 0.69 43.04
N ASP C 305 4.87 1.53 43.68
CA ASP C 305 5.38 2.45 44.69
C ASP C 305 6.35 3.46 44.06
N THR C 306 5.82 4.44 43.33
CA THR C 306 6.69 5.41 42.66
C THR C 306 7.16 6.54 43.56
N ASP C 307 6.50 6.74 44.71
CA ASP C 307 6.90 7.75 45.70
C ASP C 307 7.08 9.13 45.07
N GLU C 308 6.15 9.51 44.18
CA GLU C 308 6.19 10.84 43.57
C GLU C 308 5.78 11.90 44.58
N PHE C 309 6.29 13.12 44.39
CA PHE C 309 5.87 14.20 45.27
C PHE C 309 4.36 14.44 45.09
N PRO C 310 3.65 14.79 46.14
CA PRO C 310 2.18 14.78 46.06
C PRO C 310 1.70 16.02 45.31
N THR C 311 0.93 15.80 44.25
CA THR C 311 0.38 16.90 43.47
C THR C 311 -1.13 16.87 43.37
N ASP C 312 -1.75 15.70 43.59
CA ASP C 312 -3.19 15.48 43.45
C ASP C 312 -3.93 16.27 44.54
N LEU C 313 -4.71 17.29 44.12
CA LEU C 313 -5.43 18.14 45.05
C LEU C 313 -6.63 17.44 45.68
N TYR C 314 -7.16 16.39 45.05
CA TYR C 314 -8.18 15.60 45.72
C TYR C 314 -7.57 14.84 46.89
N ALA C 315 -6.43 14.19 46.65
CA ALA C 315 -5.81 13.37 47.69
C ALA C 315 -5.35 14.23 48.85
N SER C 316 -4.76 15.40 48.57
CA SER C 316 -4.31 16.25 49.66
C SER C 316 -5.48 16.86 50.42
N THR C 317 -6.53 17.29 49.71
CA THR C 317 -7.71 17.83 50.38
C THR C 317 -8.31 16.80 51.32
N LEU C 318 -8.47 15.57 50.82
CA LEU C 318 -9.17 14.56 51.58
C LEU C 318 -8.29 13.97 52.69
N ALA C 319 -6.97 13.94 52.50
CA ALA C 319 -6.08 13.59 53.59
C ALA C 319 -6.16 14.63 54.71
N MET C 320 -6.09 15.92 54.37
CA MET C 320 -6.17 16.96 55.40
C MET C 320 -7.56 16.98 56.04
N TYR C 321 -8.61 16.64 55.29
CA TYR C 321 -9.94 16.52 55.88
C TYR C 321 -9.94 15.51 57.01
N GLU C 322 -9.28 14.36 56.81
CA GLU C 322 -9.19 13.37 57.88
C GLU C 322 -8.32 13.85 59.03
N ILE C 323 -7.17 14.45 58.71
CA ILE C 323 -6.23 14.84 59.75
C ILE C 323 -6.84 15.90 60.67
N LEU C 324 -7.58 16.86 60.09
CA LEU C 324 -8.20 17.92 60.89
C LEU C 324 -9.20 17.37 61.89
N GLN C 325 -9.82 16.23 61.60
CA GLN C 325 -10.74 15.63 62.55
C GLN C 325 -10.04 14.70 63.53
N ASN C 326 -8.76 14.44 63.35
CA ASN C 326 -8.00 13.64 64.30
C ASN C 326 -7.80 14.44 65.57
N GLU C 327 -7.82 13.76 66.71
CA GLU C 327 -7.54 14.41 67.99
C GLU C 327 -6.17 15.06 67.93
N GLY C 328 -6.13 16.39 68.08
CA GLY C 328 -4.89 17.13 67.99
C GLY C 328 -4.39 17.38 66.57
N GLY C 329 -5.22 17.16 65.56
CA GLY C 329 -4.70 17.26 64.21
C GLY C 329 -3.65 16.19 63.97
N ILE C 330 -2.55 16.57 63.33
CA ILE C 330 -1.45 15.61 63.12
C ILE C 330 -0.74 15.25 64.42
N GLY C 331 -1.00 15.96 65.51
CA GLY C 331 -0.46 15.55 66.81
C GLY C 331 1.05 15.73 66.89
N ARG C 332 1.72 14.71 67.44
CA ARG C 332 3.18 14.67 67.42
C ARG C 332 3.75 14.28 66.06
N GLY C 333 2.90 13.86 65.12
CA GLY C 333 3.35 13.57 63.78
C GLY C 333 3.51 14.82 62.94
N GLY C 334 3.68 14.61 61.64
CA GLY C 334 3.77 15.72 60.71
C GLY C 334 3.42 15.27 59.31
N VAL C 335 3.49 16.21 58.38
CA VAL C 335 3.32 15.93 56.96
C VAL C 335 4.72 15.82 56.36
N ASN C 336 5.21 14.59 56.23
CA ASN C 336 6.61 14.34 55.91
C ASN C 336 6.74 13.94 54.45
N PHE C 337 7.62 14.62 53.71
CA PHE C 337 7.76 14.41 52.28
C PHE C 337 8.73 13.27 52.02
N ASP C 338 8.24 12.05 52.25
CA ASP C 338 8.96 10.84 51.88
C ASP C 338 8.69 10.56 50.40
N ALA C 339 9.40 11.30 49.57
CA ALA C 339 9.12 11.29 48.15
C ALA C 339 10.44 11.48 47.41
N LYS C 340 10.46 11.08 46.16
CA LYS C 340 11.64 11.14 45.33
C LYS C 340 11.33 11.94 44.08
N VAL C 341 12.28 12.78 43.66
CA VAL C 341 12.13 13.47 42.39
C VAL C 341 12.11 12.43 41.29
N ARG C 342 11.47 12.74 40.18
CA ARG C 342 11.45 11.78 39.10
C ARG C 342 12.87 11.55 38.57
N ARG C 343 13.07 10.38 37.96
CA ARG C 343 14.40 10.06 37.45
C ARG C 343 14.86 11.10 36.44
N THR C 344 13.92 11.65 35.68
CA THR C 344 14.21 12.67 34.68
C THR C 344 14.34 14.08 35.25
N SER C 345 14.06 14.29 36.54
CA SER C 345 14.25 15.60 37.18
C SER C 345 15.54 15.57 38.02
N PHE C 346 16.66 15.42 37.32
CA PHE C 346 17.94 15.12 37.96
C PHE C 346 18.75 16.36 38.34
N GLU C 347 18.20 17.60 38.13
CA GLU C 347 19.03 18.73 38.53
C GLU C 347 18.78 19.08 40.00
N PRO C 348 19.79 19.66 40.67
CA PRO C 348 19.59 20.07 42.07
C PRO C 348 18.33 20.90 42.30
N ILE C 349 18.04 21.84 41.40
CA ILE C 349 16.93 22.74 41.61
C ILE C 349 15.60 21.98 41.59
N ASP C 350 15.55 20.83 40.91
CA ASP C 350 14.33 20.04 40.86
C ASP C 350 13.88 19.60 42.25
N VAL C 351 14.82 19.42 43.17
CA VAL C 351 14.45 19.09 44.55
C VAL C 351 13.61 20.20 45.15
N VAL C 352 13.98 21.45 44.87
CA VAL C 352 13.21 22.59 45.37
C VAL C 352 11.86 22.67 44.67
N TYR C 353 11.86 22.57 43.33
CA TYR C 353 10.60 22.56 42.59
C TYR C 353 9.64 21.49 43.12
N ALA C 354 10.16 20.27 43.31
CA ALA C 354 9.33 19.15 43.76
C ALA C 354 8.69 19.42 45.11
N HIS C 355 9.48 19.95 46.06
CA HIS C 355 8.94 20.25 47.39
C HIS C 355 7.91 21.36 47.33
N ILE C 356 8.14 22.38 46.49
CA ILE C 356 7.15 23.43 46.31
C ILE C 356 5.85 22.83 45.79
N ASN C 357 5.96 21.94 44.79
CA ASN C 357 4.81 21.19 44.30
C ASN C 357 4.00 20.57 45.44
N GLY C 358 4.68 19.79 46.31
CA GLY C 358 3.96 19.07 47.35
C GLY C 358 3.51 19.96 48.50
N MET C 359 4.34 20.94 48.87
CA MET C 359 3.95 21.82 49.97
C MET C 359 2.74 22.68 49.58
N ASP C 360 2.70 23.14 48.32
CA ASP C 360 1.54 23.89 47.85
C ASP C 360 0.31 23.00 47.72
N ALA C 361 0.50 21.75 47.29
CA ALA C 361 -0.64 20.83 47.15
C ALA C 361 -1.31 20.59 48.50
N PHE C 362 -0.52 20.40 49.55
CA PHE C 362 -1.09 20.11 50.86
C PHE C 362 -1.58 21.36 51.56
N ALA C 363 -0.96 22.51 51.30
CA ALA C 363 -1.48 23.76 51.83
C ALA C 363 -2.84 24.09 51.22
N ARG C 364 -2.99 23.90 49.90
CA ARG C 364 -4.31 24.07 49.28
C ARG C 364 -5.30 23.07 49.84
N GLY C 365 -4.87 21.81 50.02
CA GLY C 365 -5.76 20.81 50.60
C GLY C 365 -6.23 21.18 51.98
N LEU C 366 -5.34 21.77 52.79
CA LEU C 366 -5.72 22.22 54.13
C LEU C 366 -6.75 23.34 54.05
N GLN C 367 -6.53 24.34 53.20
CA GLN C 367 -7.51 25.41 53.03
C GLN C 367 -8.87 24.85 52.65
N VAL C 368 -8.90 24.00 51.61
CA VAL C 368 -10.16 23.48 51.10
C VAL C 368 -10.84 22.61 52.15
N ALA C 369 -10.09 21.69 52.74
CA ALA C 369 -10.67 20.80 53.75
C ALA C 369 -11.23 21.58 54.93
N ALA C 370 -10.52 22.62 55.37
CA ALA C 370 -10.97 23.38 56.53
C ALA C 370 -12.30 24.07 56.23
N LYS C 371 -12.47 24.57 55.00
CA LYS C 371 -13.72 25.23 54.65
C LYS C 371 -14.84 24.22 54.46
N LEU C 372 -14.52 23.04 53.90
CA LEU C 372 -15.53 21.98 53.81
C LEU C 372 -16.04 21.59 55.20
N ILE C 373 -15.14 21.54 56.17
CA ILE C 373 -15.53 21.21 57.54
C ILE C 373 -16.34 22.36 58.15
N GLU C 374 -15.84 23.58 58.02
CA GLU C 374 -16.52 24.73 58.62
C GLU C 374 -17.93 24.89 58.04
N ASP C 375 -18.06 24.73 56.72
CA ASP C 375 -19.37 24.82 56.09
C ASP C 375 -20.23 23.59 56.30
N ARG C 376 -19.67 22.51 56.85
CA ARG C 376 -20.35 21.21 56.97
C ARG C 376 -20.91 20.75 55.63
N ALA C 377 -20.15 21.01 54.56
CA ALA C 377 -20.57 20.64 53.21
C ALA C 377 -20.89 19.16 53.13
N PHE C 378 -20.09 18.32 53.79
CA PHE C 378 -20.34 16.89 53.84
C PHE C 378 -21.13 16.49 55.09
N ASP C 379 -20.81 17.08 56.24
CA ASP C 379 -21.43 16.68 57.50
C ASP C 379 -22.94 16.88 57.50
N ASN C 380 -23.46 17.88 56.77
CA ASN C 380 -24.91 18.08 56.74
C ASN C 380 -25.61 16.98 55.95
N VAL C 381 -24.98 16.50 54.88
CA VAL C 381 -25.57 15.38 54.16
C VAL C 381 -25.48 14.11 54.99
N ILE C 382 -24.33 13.88 55.65
CA ILE C 382 -24.18 12.69 56.49
C ILE C 382 -25.20 12.72 57.64
N GLU C 383 -25.34 13.87 58.28
CA GLU C 383 -26.31 13.98 59.38
C GLU C 383 -27.71 13.57 58.94
N GLU C 384 -28.14 14.03 57.76
CA GLU C 384 -29.49 13.71 57.29
C GLU C 384 -29.58 12.28 56.81
N ARG C 385 -28.50 11.76 56.21
CA ARG C 385 -28.49 10.37 55.76
C ARG C 385 -28.80 9.40 56.89
N TYR C 386 -28.15 9.59 58.03
CA TYR C 386 -28.23 8.63 59.13
C TYR C 386 -29.16 9.09 60.25
N ALA C 387 -30.06 10.04 59.97
CA ALA C 387 -30.90 10.60 61.02
C ALA C 387 -31.80 9.55 61.66
N SER C 388 -32.18 8.51 60.92
CA SER C 388 -33.06 7.48 61.47
C SER C 388 -32.46 6.77 62.68
N PHE C 389 -31.14 6.83 62.87
CA PHE C 389 -30.53 6.19 64.03
C PHE C 389 -30.52 7.09 65.25
N THR C 390 -31.12 8.29 65.18
CA THR C 390 -31.22 9.18 66.34
C THR C 390 -32.62 9.29 66.89
N LYS C 391 -33.54 8.43 66.45
CA LYS C 391 -34.92 8.48 66.92
C LYS C 391 -35.57 7.15 66.64
N GLY C 392 -36.70 6.91 67.30
CA GLY C 392 -37.50 5.73 67.06
C GLY C 392 -36.72 4.44 67.20
N ILE C 393 -37.03 3.50 66.30
CA ILE C 393 -36.40 2.17 66.34
C ILE C 393 -34.90 2.30 66.15
N GLY C 394 -34.44 3.30 65.40
CA GLY C 394 -33.01 3.48 65.19
C GLY C 394 -32.27 3.80 66.48
N ALA C 395 -32.84 4.67 67.31
CA ALA C 395 -32.19 4.98 68.58
C ALA C 395 -32.17 3.75 69.49
N ASP C 396 -33.24 2.94 69.45
CA ASP C 396 -33.24 1.71 70.24
C ASP C 396 -32.22 0.69 69.72
N ILE C 397 -31.92 0.70 68.42
CA ILE C 397 -30.82 -0.13 67.91
C ILE C 397 -29.50 0.34 68.50
N VAL C 398 -29.21 1.63 68.38
CA VAL C 398 -27.91 2.14 68.84
C VAL C 398 -27.73 1.95 70.33
N SER C 399 -28.81 2.06 71.11
CA SER C 399 -28.68 1.97 72.56
C SER C 399 -28.52 0.55 73.06
N GLY C 400 -28.81 -0.45 72.23
CA GLY C 400 -28.86 -1.81 72.69
C GLY C 400 -30.20 -2.27 73.21
N LYS C 401 -31.21 -1.38 73.28
CA LYS C 401 -32.54 -1.80 73.72
C LYS C 401 -33.15 -2.81 72.76
N ALA C 402 -33.03 -2.57 71.45
CA ALA C 402 -33.67 -3.44 70.46
C ALA C 402 -32.89 -4.74 70.29
N ASN C 403 -33.62 -5.84 70.08
CA ASN C 403 -33.04 -7.15 69.79
C ASN C 403 -33.80 -7.73 68.58
N PHE C 404 -33.46 -8.97 68.21
CA PHE C 404 -34.11 -9.58 67.05
C PHE C 404 -35.62 -9.71 67.22
N HIS C 405 -36.10 -9.94 68.45
CA HIS C 405 -37.53 -10.06 68.65
C HIS C 405 -38.26 -8.75 68.38
N THR C 406 -37.78 -7.64 68.97
CA THR C 406 -38.48 -6.38 68.78
C THR C 406 -38.25 -5.81 67.38
N LEU C 407 -37.09 -6.06 66.79
CA LEU C 407 -36.88 -5.62 65.40
C LEU C 407 -37.78 -6.38 64.44
N GLU C 408 -37.96 -7.69 64.66
CA GLU C 408 -38.86 -8.43 63.78
C GLU C 408 -40.29 -7.91 63.93
N ALA C 409 -40.73 -7.67 65.16
CA ALA C 409 -42.08 -7.17 65.37
C ALA C 409 -42.29 -5.84 64.65
N TYR C 410 -41.28 -4.97 64.71
CA TYR C 410 -41.32 -3.73 63.94
C TYR C 410 -41.44 -4.01 62.44
N ALA C 411 -40.54 -4.86 61.93
CA ALA C 411 -40.56 -5.13 60.50
C ALA C 411 -41.86 -5.80 60.06
N LEU C 412 -42.43 -6.63 60.94
CA LEU C 412 -43.69 -7.29 60.62
C LEU C 412 -44.88 -6.33 60.54
N GLN C 413 -44.71 -5.07 60.93
CA GLN C 413 -45.75 -4.08 60.66
C GLN C 413 -45.86 -3.78 59.17
N ASN C 414 -44.84 -4.13 58.38
CA ASN C 414 -44.86 -3.92 56.93
C ASN C 414 -45.03 -2.45 56.58
N ASN C 415 -44.45 -1.56 57.39
CA ASN C 415 -44.47 -0.16 57.00
C ASN C 415 -43.54 0.03 55.81
N PRO C 416 -43.93 0.85 54.83
CA PRO C 416 -43.10 0.98 53.63
C PRO C 416 -41.72 1.54 53.96
N ILE C 417 -40.72 0.99 53.31
CA ILE C 417 -39.34 1.42 53.49
C ILE C 417 -39.00 2.34 52.34
N THR C 418 -38.58 3.57 52.65
CA THR C 418 -38.15 4.53 51.65
C THR C 418 -36.73 4.97 51.97
N ASN C 419 -35.78 4.53 51.16
CA ASN C 419 -34.42 4.99 51.31
C ASN C 419 -34.22 6.35 50.64
N LYS C 420 -33.21 7.09 51.11
CA LYS C 420 -32.83 8.38 50.55
C LYS C 420 -31.57 8.22 49.72
N SER C 421 -31.47 9.03 48.67
CA SER C 421 -30.29 9.01 47.81
C SER C 421 -29.04 9.29 48.64
N GLY C 422 -27.91 8.73 48.22
CA GLY C 422 -26.64 9.04 48.87
C GLY C 422 -25.98 10.31 48.37
N ARG C 423 -26.45 10.84 47.23
CA ARG C 423 -26.02 12.14 46.68
C ARG C 423 -24.52 12.18 46.38
N VAL C 424 -23.95 11.06 45.93
CA VAL C 424 -22.51 11.03 45.66
C VAL C 424 -22.14 12.09 44.63
N GLU C 425 -22.89 12.15 43.52
CA GLU C 425 -22.49 13.10 42.46
C GLU C 425 -22.65 14.53 42.93
N LEU C 426 -23.70 14.81 43.71
CA LEU C 426 -23.87 16.13 44.30
C LEU C 426 -22.66 16.51 45.15
N LEU C 427 -22.21 15.61 46.04
CA LEU C 427 -21.05 15.91 46.88
C LEU C 427 -19.77 16.05 46.05
N ARG C 428 -19.66 15.32 44.95
CA ARG C 428 -18.49 15.47 44.10
C ARG C 428 -18.48 16.84 43.42
N SER C 429 -19.66 17.37 43.09
CA SER C 429 -19.73 18.74 42.58
C SER C 429 -19.21 19.73 43.61
N ILE C 430 -19.63 19.57 44.88
CA ILE C 430 -19.21 20.47 45.94
C ILE C 430 -17.70 20.39 46.15
N LEU C 431 -17.15 19.18 46.10
CA LEU C 431 -15.71 19.02 46.24
C LEU C 431 -14.97 19.78 45.15
N ASN C 432 -15.45 19.68 43.91
CA ASN C 432 -14.82 20.40 42.81
C ASN C 432 -14.93 21.91 43.02
N GLN C 433 -16.12 22.36 43.41
CA GLN C 433 -16.36 23.78 43.65
C GLN C 433 -15.41 24.34 44.71
N TYR C 434 -15.25 23.63 45.84
CA TYR C 434 -14.42 24.16 46.92
C TYR C 434 -12.94 24.13 46.56
N ILE C 435 -12.47 23.04 45.93
CA ILE C 435 -11.08 22.97 45.48
C ILE C 435 -10.74 24.20 44.64
N ILE C 436 -11.69 24.62 43.80
CA ILE C 436 -11.46 25.74 42.92
C ILE C 436 -11.68 27.07 43.64
N ASN C 437 -12.73 27.18 44.45
CA ASN C 437 -13.20 28.51 44.85
C ASN C 437 -12.80 28.95 46.25
N VAL C 438 -12.24 28.08 47.08
CA VAL C 438 -11.97 28.49 48.46
C VAL C 438 -10.91 29.59 48.51
N TYR D 3 -33.52 -32.52 34.86
CA TYR D 3 -33.32 -31.10 34.64
C TYR D 3 -31.96 -30.81 34.00
N PHE D 4 -31.08 -31.81 33.97
CA PHE D 4 -29.66 -31.59 33.66
C PHE D 4 -29.15 -32.41 32.48
N ASP D 5 -30.04 -32.95 31.63
CA ASP D 5 -29.65 -33.70 30.43
C ASP D 5 -28.81 -34.93 30.75
N HIS D 6 -28.79 -35.37 32.01
CA HIS D 6 -27.84 -36.37 32.48
C HIS D 6 -28.57 -37.42 33.32
N VAL D 7 -28.83 -38.58 32.74
CA VAL D 7 -29.35 -39.70 33.50
C VAL D 7 -28.17 -40.40 34.17
N GLY D 8 -28.40 -40.96 35.33
CA GLY D 8 -27.36 -41.66 36.06
C GLY D 8 -26.50 -40.72 36.89
N THR D 9 -25.46 -41.32 37.47
CA THR D 9 -24.56 -40.62 38.37
C THR D 9 -23.16 -40.62 37.78
N VAL D 10 -22.40 -39.58 38.11
CA VAL D 10 -21.01 -39.48 37.69
C VAL D 10 -20.16 -40.35 38.60
N LYS D 11 -19.29 -41.17 38.01
CA LYS D 11 -18.50 -42.13 38.77
C LYS D 11 -17.02 -41.91 38.49
N PHE D 12 -16.19 -42.39 39.42
CA PHE D 12 -14.75 -42.32 39.23
C PHE D 12 -14.32 -43.37 38.20
N GLU D 13 -13.58 -42.94 37.18
CA GLU D 13 -13.12 -43.82 36.12
C GLU D 13 -11.62 -43.81 35.91
N GLY D 14 -10.87 -43.11 36.76
CA GLY D 14 -9.42 -43.07 36.64
C GLY D 14 -8.93 -41.99 35.70
N LYS D 15 -7.63 -41.71 35.81
CA LYS D 15 -7.08 -40.57 35.09
C LYS D 15 -6.96 -40.81 33.60
N SER D 16 -7.03 -42.06 33.14
CA SER D 16 -6.92 -42.37 31.72
C SER D 16 -8.25 -42.25 30.99
N SER D 17 -9.37 -42.26 31.70
CA SER D 17 -10.68 -42.33 31.05
C SER D 17 -10.87 -41.13 30.12
N THR D 18 -11.51 -41.38 28.99
CA THR D 18 -11.90 -40.33 28.05
C THR D 18 -13.39 -40.02 28.15
N ASN D 19 -14.08 -40.56 29.15
CA ASN D 19 -15.48 -40.25 29.39
C ASN D 19 -15.60 -38.85 29.97
N PRO D 20 -16.21 -37.88 29.26
CA PRO D 20 -16.31 -36.53 29.82
C PRO D 20 -17.24 -36.42 31.01
N LEU D 21 -18.10 -37.43 31.24
CA LEU D 21 -18.98 -37.44 32.39
C LEU D 21 -18.52 -38.45 33.42
N ALA D 22 -17.23 -38.44 33.74
CA ALA D 22 -16.66 -39.29 34.78
C ALA D 22 -15.58 -38.53 35.52
N PHE D 23 -15.39 -38.86 36.78
CA PHE D 23 -14.30 -38.27 37.56
C PHE D 23 -12.99 -38.93 37.16
N LYS D 24 -11.96 -38.10 36.94
CA LYS D 24 -10.62 -38.59 36.65
C LYS D 24 -9.75 -38.68 37.89
N PHE D 25 -10.04 -37.89 38.92
CA PHE D 25 -9.19 -37.86 40.10
C PHE D 25 -9.98 -38.00 41.40
N TYR D 26 -11.24 -37.55 41.40
CA TYR D 26 -12.05 -37.68 42.61
C TYR D 26 -12.53 -39.12 42.70
N ASN D 27 -11.85 -39.91 43.51
CA ASN D 27 -12.33 -41.23 43.91
C ASN D 27 -12.79 -41.09 45.36
N PRO D 28 -14.09 -40.95 45.60
CA PRO D 28 -14.58 -40.69 46.97
C PRO D 28 -14.07 -41.68 47.99
N ASP D 29 -13.80 -42.92 47.60
CA ASP D 29 -13.38 -43.94 48.56
C ASP D 29 -11.87 -44.05 48.70
N GLU D 30 -11.09 -43.35 47.87
CA GLU D 30 -9.65 -43.44 48.02
C GLU D 30 -9.23 -42.97 49.42
N ILE D 31 -8.41 -43.78 50.08
CA ILE D 31 -7.91 -43.47 51.41
C ILE D 31 -6.61 -42.68 51.29
N ILE D 32 -6.59 -41.51 51.92
CA ILE D 32 -5.42 -40.65 51.91
C ILE D 32 -5.13 -40.26 53.36
N LEU D 33 -3.94 -40.63 53.83
CA LEU D 33 -3.55 -40.40 55.22
C LEU D 33 -4.67 -40.80 56.19
N GLY D 34 -5.28 -41.95 55.94
CA GLY D 34 -6.23 -42.52 56.90
C GLY D 34 -7.63 -41.95 56.89
N LYS D 35 -7.99 -41.10 55.92
CA LYS D 35 -9.37 -40.65 55.73
C LYS D 35 -9.69 -40.66 54.24
N THR D 36 -10.96 -40.87 53.90
CA THR D 36 -11.33 -40.95 52.49
C THR D 36 -11.31 -39.56 51.85
N MET D 37 -11.13 -39.53 50.52
CA MET D 37 -11.28 -38.27 49.80
C MET D 37 -12.62 -37.62 50.12
N ARG D 38 -13.69 -38.43 50.20
CA ARG D 38 -15.01 -37.88 50.54
C ARG D 38 -14.97 -37.14 51.87
N GLU D 39 -14.31 -37.69 52.89
CA GLU D 39 -14.26 -37.05 54.19
C GLU D 39 -13.31 -35.86 54.19
N HIS D 40 -12.18 -35.96 53.49
CA HIS D 40 -11.23 -34.84 53.37
C HIS D 40 -11.89 -33.62 52.75
N LEU D 41 -12.65 -33.83 51.68
CA LEU D 41 -13.09 -32.70 50.86
C LEU D 41 -14.46 -32.17 51.27
N ARG D 42 -15.36 -33.04 51.72
CA ARG D 42 -16.71 -32.63 52.13
C ARG D 42 -17.32 -31.64 51.11
N PHE D 43 -17.29 -32.04 49.84
CA PHE D 43 -17.74 -31.20 48.74
C PHE D 43 -19.16 -30.71 48.96
N GLY D 44 -19.40 -29.44 48.67
CA GLY D 44 -20.72 -28.86 48.75
C GLY D 44 -21.09 -28.26 47.41
N VAL D 45 -22.39 -28.27 47.12
CA VAL D 45 -22.93 -27.76 45.88
C VAL D 45 -23.94 -26.65 46.19
N ALA D 46 -23.92 -25.60 45.37
CA ALA D 46 -24.79 -24.44 45.57
C ALA D 46 -26.16 -24.67 44.98
N TYR D 47 -27.14 -23.99 45.58
CA TYR D 47 -28.54 -24.06 45.19
C TYR D 47 -28.85 -23.08 44.05
N LEU D 71 -42.60 -21.66 34.19
CA LEU D 71 -43.07 -21.71 35.57
C LEU D 71 -42.54 -20.50 36.35
N SER D 72 -43.26 -20.09 37.40
CA SER D 72 -42.84 -18.93 38.17
C SER D 72 -43.34 -19.07 39.61
N GLY D 73 -42.91 -18.13 40.45
CA GLY D 73 -43.37 -18.10 41.82
C GLY D 73 -43.05 -19.39 42.54
N MET D 74 -44.04 -19.88 43.29
CA MET D 74 -43.81 -21.03 44.14
C MET D 74 -43.68 -22.33 43.35
N GLU D 75 -44.21 -22.38 42.12
CA GLU D 75 -44.01 -23.58 41.30
C GLU D 75 -42.58 -23.65 40.79
N LEU D 76 -42.02 -22.53 40.35
CA LEU D 76 -40.60 -22.51 40.01
C LEU D 76 -39.76 -22.90 41.21
N ALA D 77 -40.17 -22.48 42.41
CA ALA D 77 -39.41 -22.78 43.61
C ALA D 77 -39.41 -24.27 43.91
N LYS D 78 -40.58 -24.92 43.84
CA LYS D 78 -40.65 -26.36 44.07
C LYS D 78 -39.81 -27.11 43.05
N ALA D 79 -39.81 -26.64 41.80
CA ALA D 79 -38.99 -27.27 40.78
C ALA D 79 -37.51 -27.06 41.03
N ARG D 80 -37.13 -25.91 41.59
CA ARG D 80 -35.73 -25.69 41.96
C ARG D 80 -35.27 -26.68 43.02
N VAL D 81 -36.14 -26.97 43.99
CA VAL D 81 -35.84 -27.99 44.99
C VAL D 81 -35.50 -29.30 44.31
N GLU D 82 -36.43 -29.81 43.48
CA GLU D 82 -36.21 -31.08 42.80
C GLU D 82 -34.91 -31.08 42.00
N ALA D 83 -34.61 -29.96 41.33
CA ALA D 83 -33.41 -29.89 40.51
C ALA D 83 -32.15 -29.86 41.36
N CYS D 84 -32.22 -29.26 42.54
CA CYS D 84 -31.05 -29.22 43.42
C CYS D 84 -30.67 -30.65 43.85
N PHE D 85 -31.66 -31.42 44.30
CA PHE D 85 -31.34 -32.75 44.81
C PHE D 85 -31.06 -33.75 43.69
N GLU D 86 -31.63 -33.53 42.51
CA GLU D 86 -31.19 -34.28 41.32
C GLU D 86 -29.70 -34.09 41.08
N LEU D 87 -29.23 -32.84 41.16
CA LEU D 87 -27.83 -32.56 40.88
C LEU D 87 -26.93 -33.13 41.97
N LEU D 88 -27.35 -33.01 43.23
CA LEU D 88 -26.61 -33.63 44.32
C LEU D 88 -26.46 -35.14 44.09
N ASN D 89 -27.48 -35.78 43.53
CA ASN D 89 -27.38 -37.22 43.29
C ASN D 89 -26.51 -37.52 42.07
N ILE D 90 -26.57 -36.66 41.05
CA ILE D 90 -25.73 -36.83 39.86
C ILE D 90 -24.25 -36.76 40.23
N LEU D 91 -23.89 -35.79 41.06
CA LEU D 91 -22.49 -35.55 41.41
C LEU D 91 -22.02 -36.37 42.61
N ASP D 92 -22.91 -37.14 43.25
CA ASP D 92 -22.55 -37.91 44.44
C ASP D 92 -22.01 -36.98 45.53
N VAL D 93 -22.64 -35.82 45.69
CA VAL D 93 -22.23 -34.81 46.66
C VAL D 93 -23.13 -34.90 47.88
N ASP D 94 -22.52 -34.79 49.07
CA ASP D 94 -23.22 -34.98 50.34
C ASP D 94 -23.73 -33.69 50.97
N TYR D 95 -23.26 -32.54 50.53
CA TYR D 95 -23.50 -31.27 51.20
C TYR D 95 -24.05 -30.24 50.21
N PHE D 96 -24.94 -29.38 50.69
CA PHE D 96 -25.41 -28.25 49.89
C PHE D 96 -25.53 -26.99 50.74
N CYS D 97 -25.65 -25.86 50.05
CA CYS D 97 -25.84 -24.57 50.67
C CYS D 97 -26.95 -23.83 49.93
N PHE D 98 -27.59 -22.89 50.61
CA PHE D 98 -28.57 -22.04 49.95
C PHE D 98 -28.67 -20.68 50.65
N HIS D 99 -29.15 -19.69 49.89
CA HIS D 99 -29.61 -18.40 50.39
C HIS D 99 -31.13 -18.42 50.43
N ASP D 100 -31.72 -17.83 51.47
CA ASP D 100 -33.17 -17.83 51.61
C ASP D 100 -33.86 -17.31 50.34
N ARG D 101 -33.44 -16.15 49.83
CA ARG D 101 -34.16 -15.53 48.73
C ARG D 101 -33.93 -16.22 47.40
N ASP D 102 -33.05 -17.22 47.36
CA ASP D 102 -32.87 -17.99 46.15
C ASP D 102 -33.71 -19.25 46.14
N ILE D 103 -34.29 -19.66 47.27
CA ILE D 103 -35.14 -20.84 47.27
C ILE D 103 -36.64 -20.53 47.27
N ALA D 104 -37.06 -19.28 47.48
CA ALA D 104 -38.49 -18.98 47.45
C ALA D 104 -38.70 -17.51 47.15
N PRO D 105 -39.78 -17.15 46.45
CA PRO D 105 -40.02 -15.73 46.16
C PRO D 105 -40.60 -15.00 47.35
N GLU D 106 -40.34 -13.68 47.38
CA GLU D 106 -40.95 -12.83 48.39
C GLU D 106 -42.46 -12.72 48.16
N GLY D 107 -43.17 -12.51 49.26
CA GLY D 107 -44.60 -12.28 49.23
C GLY D 107 -44.92 -10.79 49.20
N ASP D 108 -46.22 -10.51 49.37
CA ASP D 108 -46.68 -9.12 49.45
C ASP D 108 -46.49 -8.53 50.83
N THR D 109 -46.10 -9.34 51.80
CA THR D 109 -45.78 -8.92 53.16
C THR D 109 -44.59 -9.74 53.61
N LEU D 110 -43.95 -9.30 54.71
CA LEU D 110 -42.94 -10.13 55.34
C LEU D 110 -43.54 -11.46 55.79
N GLN D 111 -44.75 -11.43 56.35
CA GLN D 111 -45.41 -12.67 56.75
C GLN D 111 -45.52 -13.63 55.58
N GLU D 112 -45.93 -13.14 54.41
CA GLU D 112 -46.09 -14.05 53.28
C GLU D 112 -44.73 -14.51 52.75
N THR D 113 -43.74 -13.62 52.75
CA THR D 113 -42.39 -14.03 52.40
C THR D 113 -41.95 -15.22 53.25
N ASN D 114 -42.20 -15.15 54.55
CA ASN D 114 -41.77 -16.21 55.45
C ASN D 114 -42.63 -17.47 55.30
N ARG D 115 -43.91 -17.30 54.95
CA ARG D 115 -44.74 -18.47 54.66
C ARG D 115 -44.24 -19.20 53.42
N ASN D 116 -43.87 -18.45 52.38
CA ASN D 116 -43.31 -19.05 51.17
C ASN D 116 -42.03 -19.80 51.48
N LEU D 117 -41.15 -19.18 52.28
CA LEU D 117 -39.89 -19.82 52.65
C LEU D 117 -40.15 -21.06 53.48
N ASP D 118 -41.06 -20.98 54.47
CA ASP D 118 -41.37 -22.12 55.31
C ASP D 118 -41.81 -23.31 54.48
N GLU D 119 -42.67 -23.08 53.50
CA GLU D 119 -43.17 -24.15 52.65
C GLU D 119 -42.03 -24.83 51.90
N ILE D 120 -41.10 -24.05 51.35
CA ILE D 120 -40.00 -24.63 50.58
C ILE D 120 -39.01 -25.32 51.52
N VAL D 121 -38.76 -24.73 52.69
CA VAL D 121 -37.90 -25.39 53.68
C VAL D 121 -38.47 -26.75 54.05
N ALA D 122 -39.79 -26.86 54.16
CA ALA D 122 -40.38 -28.16 54.49
C ALA D 122 -40.09 -29.19 53.39
N LEU D 123 -40.15 -28.77 52.13
CA LEU D 123 -39.81 -29.69 51.05
C LEU D 123 -38.34 -30.08 51.11
N ILE D 124 -37.46 -29.12 51.40
CA ILE D 124 -36.03 -29.41 51.48
C ILE D 124 -35.73 -30.38 52.61
N LYS D 125 -36.36 -30.17 53.77
CA LYS D 125 -36.13 -31.04 54.93
C LYS D 125 -36.43 -32.51 54.61
N GLN D 126 -37.51 -32.75 53.86
CA GLN D 126 -37.88 -34.11 53.51
C GLN D 126 -36.90 -34.71 52.50
N HIS D 127 -36.46 -33.90 51.53
CA HIS D 127 -35.45 -34.36 50.59
C HIS D 127 -34.16 -34.71 51.30
N MET D 128 -33.76 -33.89 52.28
CA MET D 128 -32.54 -34.17 53.04
C MET D 128 -32.64 -35.51 53.75
N HIS D 129 -33.80 -35.78 54.34
CA HIS D 129 -34.00 -37.06 55.03
C HIS D 129 -33.93 -38.21 54.05
N SER D 130 -34.72 -38.15 52.97
CA SER D 130 -34.76 -39.24 52.01
C SER D 130 -33.40 -39.47 51.36
N SER D 131 -32.75 -38.39 50.94
CA SER D 131 -31.53 -38.51 50.17
C SER D 131 -30.28 -38.58 51.03
N GLY D 132 -30.39 -38.37 52.34
CA GLY D 132 -29.20 -38.36 53.17
C GLY D 132 -28.26 -37.19 52.94
N LYS D 133 -28.74 -36.09 52.36
CA LYS D 133 -27.90 -34.93 52.12
C LYS D 133 -27.97 -34.00 53.34
N LYS D 134 -26.90 -33.23 53.53
CA LYS D 134 -26.74 -32.42 54.72
C LYS D 134 -26.53 -30.96 54.32
N LEU D 135 -26.96 -30.05 55.20
CA LEU D 135 -26.88 -28.61 54.95
C LEU D 135 -25.54 -28.10 55.47
N LEU D 136 -24.63 -27.75 54.56
CA LEU D 136 -23.33 -27.23 55.00
C LEU D 136 -23.50 -25.85 55.64
N TRP D 137 -24.18 -24.94 54.94
CA TRP D 137 -24.61 -23.70 55.57
C TRP D 137 -25.78 -23.12 54.79
N ASN D 138 -26.59 -22.33 55.48
CA ASN D 138 -27.51 -21.40 54.83
C ASN D 138 -27.11 -19.98 55.18
N THR D 139 -27.82 -19.03 54.61
CA THR D 139 -27.49 -17.62 54.77
C THR D 139 -28.71 -16.81 54.36
N ALA D 140 -28.64 -15.51 54.64
CA ALA D 140 -29.64 -14.56 54.19
C ALA D 140 -29.07 -13.75 53.04
N ASN D 141 -29.84 -13.64 51.95
CA ASN D 141 -29.50 -12.79 50.81
C ASN D 141 -30.05 -11.40 51.13
N MET D 142 -29.18 -10.50 51.56
CA MET D 142 -29.59 -9.12 51.81
C MET D 142 -28.85 -8.21 50.84
N PHE D 143 -28.93 -8.57 49.59
CA PHE D 143 -28.18 -7.96 48.49
C PHE D 143 -29.08 -7.63 47.32
N THR D 144 -30.00 -8.53 46.97
CA THR D 144 -30.78 -8.43 45.75
C THR D 144 -31.88 -7.38 45.86
N ASN D 145 -32.69 -7.44 46.91
CA ASN D 145 -33.85 -6.56 47.00
C ASN D 145 -33.41 -5.09 47.13
N PRO D 146 -34.12 -4.17 46.47
CA PRO D 146 -33.71 -2.76 46.51
C PRO D 146 -33.67 -2.13 47.90
N ARG D 147 -34.36 -2.71 48.89
CA ARG D 147 -34.33 -2.11 50.23
C ARG D 147 -32.91 -2.06 50.79
N PHE D 148 -32.03 -2.95 50.31
CA PHE D 148 -30.67 -3.05 50.80
C PHE D 148 -29.68 -2.24 49.97
N VAL D 149 -30.15 -1.25 49.22
CA VAL D 149 -29.25 -0.50 48.34
C VAL D 149 -28.12 0.15 49.12
N HIS D 150 -28.36 0.56 50.37
CA HIS D 150 -27.33 1.12 51.23
C HIS D 150 -26.65 0.07 52.13
N GLY D 151 -26.98 -1.20 51.95
CA GLY D 151 -26.51 -2.26 52.82
C GLY D 151 -27.63 -2.80 53.69
N ALA D 152 -27.23 -3.60 54.69
CA ALA D 152 -28.17 -4.21 55.61
C ALA D 152 -27.88 -3.79 57.04
N ALA D 153 -26.86 -4.38 57.67
CA ALA D 153 -26.48 -3.93 59.00
C ALA D 153 -25.88 -2.52 58.98
N THR D 154 -25.19 -2.16 57.88
CA THR D 154 -24.52 -0.88 57.78
C THR D 154 -25.34 0.13 56.98
N THR D 155 -26.63 -0.15 56.76
CA THR D 155 -27.55 0.77 56.10
C THR D 155 -27.63 2.11 56.81
N SER D 156 -28.03 3.14 56.06
CA SER D 156 -28.34 4.42 56.69
C SER D 156 -29.78 4.48 57.20
N ASN D 157 -30.61 3.48 56.87
CA ASN D 157 -32.04 3.48 57.18
C ASN D 157 -32.34 2.42 58.25
N ALA D 158 -32.60 2.87 59.48
CA ALA D 158 -32.90 1.96 60.57
C ALA D 158 -34.05 1.00 60.24
N ASP D 159 -35.00 1.41 59.41
CA ASP D 159 -36.06 0.48 59.02
C ASP D 159 -35.50 -0.73 58.28
N VAL D 160 -34.49 -0.52 57.46
CA VAL D 160 -33.85 -1.62 56.75
C VAL D 160 -33.10 -2.51 57.73
N PHE D 161 -32.45 -1.90 58.73
CA PHE D 161 -31.77 -2.69 59.76
C PHE D 161 -32.75 -3.62 60.47
N ALA D 162 -33.95 -3.11 60.80
CA ALA D 162 -34.95 -3.97 61.43
C ALA D 162 -35.39 -5.09 60.50
N TYR D 163 -35.63 -4.80 59.22
CA TYR D 163 -35.97 -5.87 58.28
C TYR D 163 -34.83 -6.87 58.18
N ALA D 164 -33.58 -6.39 58.13
CA ALA D 164 -32.44 -7.30 58.03
C ALA D 164 -32.38 -8.23 59.23
N ALA D 165 -32.69 -7.70 60.41
CA ALA D 165 -32.72 -8.52 61.63
C ALA D 165 -33.83 -9.57 61.55
N ALA D 166 -35.02 -9.17 61.10
CA ALA D 166 -36.10 -10.14 60.91
C ALA D 166 -35.69 -11.21 59.92
N GLN D 167 -35.00 -10.83 58.84
CA GLN D 167 -34.63 -11.82 57.84
C GLN D 167 -33.61 -12.81 58.37
N VAL D 168 -32.59 -12.30 59.07
CA VAL D 168 -31.57 -13.19 59.61
C VAL D 168 -32.17 -14.04 60.74
N LYS D 169 -33.07 -13.46 61.55
CA LYS D 169 -33.77 -14.21 62.58
C LYS D 169 -34.42 -15.46 61.98
N LYS D 170 -35.23 -15.25 60.94
CA LYS D 170 -35.86 -16.36 60.24
C LYS D 170 -34.83 -17.34 59.70
N ALA D 171 -33.71 -16.83 59.13
CA ALA D 171 -32.70 -17.74 58.57
C ALA D 171 -32.01 -18.56 59.64
N LEU D 172 -31.79 -18.00 60.83
CA LEU D 172 -31.25 -18.80 61.93
C LEU D 172 -32.26 -19.85 62.38
N ASP D 173 -33.55 -19.50 62.42
CA ASP D 173 -34.58 -20.51 62.67
C ASP D 173 -34.47 -21.65 61.65
N HIS D 174 -34.37 -21.31 60.37
CA HIS D 174 -34.31 -22.36 59.36
C HIS D 174 -33.00 -23.14 59.43
N GLY D 175 -31.89 -22.47 59.72
CA GLY D 175 -30.65 -23.18 59.89
C GLY D 175 -30.73 -24.21 61.01
N LYS D 176 -31.34 -23.84 62.14
CA LYS D 176 -31.54 -24.81 63.22
C LYS D 176 -32.47 -25.93 62.78
N GLU D 177 -33.57 -25.60 62.11
CA GLU D 177 -34.53 -26.61 61.71
C GLU D 177 -33.90 -27.65 60.78
N LEU D 178 -33.04 -27.21 59.86
CA LEU D 178 -32.48 -28.10 58.85
C LEU D 178 -31.15 -28.70 59.28
N GLY D 179 -30.65 -28.35 60.45
CA GLY D 179 -29.40 -28.92 60.92
C GLY D 179 -28.17 -28.36 60.24
N ALA D 180 -28.18 -27.08 59.87
CA ALA D 180 -27.01 -26.47 59.24
C ALA D 180 -25.78 -26.62 60.12
N GLU D 181 -24.66 -27.05 59.52
CA GLU D 181 -23.43 -27.15 60.30
C GLU D 181 -22.71 -25.81 60.46
N ASN D 182 -22.94 -24.86 59.54
CA ASN D 182 -22.40 -23.52 59.65
C ASN D 182 -23.49 -22.54 59.26
N TYR D 183 -23.29 -21.27 59.58
CA TYR D 183 -24.18 -20.21 59.11
C TYR D 183 -23.30 -19.05 58.66
N VAL D 184 -23.58 -18.50 57.47
CA VAL D 184 -22.67 -17.56 56.81
C VAL D 184 -23.28 -16.16 56.80
N PHE D 185 -22.46 -15.17 57.16
CA PHE D 185 -22.69 -13.76 56.89
C PHE D 185 -21.70 -13.37 55.80
N TRP D 186 -22.17 -12.73 54.73
CA TRP D 186 -21.25 -12.36 53.65
C TRP D 186 -21.35 -10.87 53.35
N GLY D 187 -20.47 -10.41 52.45
CA GLY D 187 -20.24 -8.99 52.28
C GLY D 187 -21.45 -8.20 51.80
N GLY D 188 -22.27 -8.82 50.96
CA GLY D 188 -23.39 -8.14 50.33
C GLY D 188 -23.11 -6.70 49.97
N ARG D 189 -23.80 -5.79 50.64
CA ARG D 189 -23.64 -4.35 50.40
C ARG D 189 -23.14 -3.62 51.66
N GLU D 190 -22.45 -4.33 52.55
CA GLU D 190 -21.87 -3.68 53.73
C GLU D 190 -20.51 -3.07 53.38
N GLY D 191 -20.52 -1.79 53.06
CA GLY D 191 -19.29 -1.07 52.79
C GLY D 191 -19.61 0.35 52.43
N TYR D 192 -18.92 0.93 51.46
CA TYR D 192 -19.30 2.26 51.02
C TYR D 192 -19.08 2.42 49.53
N GLU D 193 -19.88 3.33 48.95
CA GLU D 193 -19.61 3.87 47.62
C GLU D 193 -18.64 5.03 47.66
N SER D 194 -18.69 5.84 48.71
CA SER D 194 -17.85 7.01 48.89
C SER D 194 -17.73 7.31 50.37
N LEU D 195 -16.52 7.62 50.84
CA LEU D 195 -16.38 8.07 52.22
C LEU D 195 -16.97 9.46 52.45
N LEU D 196 -17.21 10.22 51.38
CA LEU D 196 -17.72 11.58 51.53
C LEU D 196 -19.03 11.60 52.30
N ASN D 197 -19.89 10.59 52.09
CA ASN D 197 -21.20 10.55 52.73
C ASN D 197 -21.30 9.44 53.77
N THR D 198 -20.18 8.90 54.24
CA THR D 198 -20.21 7.75 55.13
C THR D 198 -19.88 8.16 56.57
N ASP D 199 -20.71 7.72 57.51
CA ASP D 199 -20.37 7.75 58.94
C ASP D 199 -19.76 6.38 59.24
N LEU D 200 -18.44 6.30 59.17
CA LEU D 200 -17.78 5.00 59.22
C LEU D 200 -17.94 4.35 60.59
N GLY D 201 -17.75 5.11 61.67
CA GLY D 201 -17.88 4.54 63.00
C GLY D 201 -19.29 4.02 63.28
N LEU D 202 -20.31 4.75 62.83
CA LEU D 202 -21.68 4.28 63.06
C LEU D 202 -21.96 2.99 62.28
N GLU D 203 -21.51 2.92 61.01
CA GLU D 203 -21.74 1.70 60.24
C GLU D 203 -21.02 0.52 60.87
N LEU D 204 -19.75 0.70 61.24
CA LEU D 204 -19.02 -0.42 61.84
C LEU D 204 -19.60 -0.79 63.20
N ASP D 205 -19.94 0.21 64.01
CA ASP D 205 -20.60 -0.09 65.28
C ASP D 205 -21.88 -0.88 65.04
N ASN D 206 -22.65 -0.49 64.03
CA ASN D 206 -23.94 -1.13 63.78
C ASN D 206 -23.77 -2.55 63.23
N LEU D 207 -22.73 -2.76 62.41
CA LEU D 207 -22.39 -4.11 61.97
C LEU D 207 -22.09 -5.00 63.17
N ALA D 208 -21.31 -4.48 64.11
CA ALA D 208 -20.95 -5.26 65.29
C ALA D 208 -22.17 -5.54 66.17
N ARG D 209 -23.06 -4.55 66.30
CA ARG D 209 -24.31 -4.76 67.02
C ARG D 209 -25.16 -5.85 66.38
N PHE D 210 -25.34 -5.76 65.06
CA PHE D 210 -26.13 -6.73 64.31
C PHE D 210 -25.60 -8.15 64.50
N LEU D 211 -24.28 -8.33 64.35
CA LEU D 211 -23.68 -9.66 64.50
C LEU D 211 -23.84 -10.19 65.92
N GLN D 212 -23.72 -9.32 66.92
CA GLN D 212 -23.91 -9.77 68.31
C GLN D 212 -25.37 -10.14 68.57
N LEU D 213 -26.28 -9.36 68.00
CA LEU D 213 -27.70 -9.70 68.10
C LEU D 213 -27.98 -11.08 67.51
N ALA D 214 -27.34 -11.40 66.38
CA ALA D 214 -27.51 -12.72 65.78
C ALA D 214 -26.91 -13.80 66.67
N VAL D 215 -25.75 -13.53 67.26
CA VAL D 215 -25.17 -14.47 68.22
C VAL D 215 -26.11 -14.69 69.40
N ASP D 216 -26.64 -13.59 69.95
CA ASP D 216 -27.63 -13.70 71.04
C ASP D 216 -28.80 -14.58 70.62
N TYR D 217 -29.34 -14.34 69.43
CA TYR D 217 -30.52 -15.10 69.01
C TYR D 217 -30.20 -16.57 68.78
N ALA D 218 -29.07 -16.89 68.12
CA ALA D 218 -28.70 -18.30 67.93
C ALA D 218 -28.58 -19.03 69.26
N LYS D 219 -28.01 -18.35 70.26
CA LYS D 219 -27.87 -18.96 71.59
C LYS D 219 -29.25 -19.23 72.20
N GLU D 220 -30.17 -18.30 72.04
CA GLU D 220 -31.49 -18.40 72.63
C GLU D 220 -32.32 -19.53 72.01
N ILE D 221 -32.13 -19.82 70.71
CA ILE D 221 -32.85 -20.94 70.11
C ILE D 221 -32.04 -22.22 70.08
N GLY D 222 -30.83 -22.22 70.62
CA GLY D 222 -30.02 -23.44 70.62
C GLY D 222 -29.49 -23.85 69.27
N PHE D 223 -29.19 -22.87 68.41
CA PHE D 223 -28.57 -23.09 67.10
C PHE D 223 -27.07 -23.19 67.28
N ASP D 224 -26.49 -24.38 67.10
CA ASP D 224 -25.09 -24.58 67.44
C ASP D 224 -24.18 -24.63 66.22
N ALA D 225 -24.65 -24.16 65.06
CA ALA D 225 -23.82 -24.11 63.87
C ALA D 225 -22.65 -23.15 64.08
N GLN D 226 -21.56 -23.39 63.38
CA GLN D 226 -20.45 -22.45 63.40
C GLN D 226 -20.81 -21.19 62.62
N PHE D 227 -20.77 -20.04 63.30
CA PHE D 227 -20.95 -18.78 62.58
C PHE D 227 -19.70 -18.47 61.75
N LEU D 228 -19.90 -18.08 60.48
CA LEU D 228 -18.82 -17.71 59.57
C LEU D 228 -19.07 -16.34 58.96
N ILE D 229 -18.00 -15.56 58.84
CA ILE D 229 -18.00 -14.34 58.05
C ILE D 229 -17.15 -14.59 56.81
N GLU D 230 -17.68 -14.21 55.64
CA GLU D 230 -16.96 -14.36 54.39
C GLU D 230 -16.37 -13.03 53.98
N PRO D 231 -15.05 -12.86 54.00
CA PRO D 231 -14.48 -11.61 53.52
C PRO D 231 -14.71 -11.42 52.03
N LYS D 232 -14.84 -10.14 51.64
CA LYS D 232 -14.88 -9.71 50.25
C LYS D 232 -14.41 -8.27 50.23
N PRO D 233 -13.44 -7.93 49.38
CA PRO D 233 -12.83 -6.59 49.48
C PRO D 233 -13.63 -5.50 48.79
N LYS D 234 -14.40 -5.85 47.76
CA LYS D 234 -15.04 -4.87 46.90
C LYS D 234 -15.91 -5.62 45.91
N GLU D 235 -16.78 -4.88 45.19
CA GLU D 235 -17.69 -5.33 44.14
C GLU D 235 -18.95 -5.93 44.76
N PRO D 236 -20.11 -5.30 44.56
CA PRO D 236 -20.29 -4.12 43.71
C PRO D 236 -19.86 -2.78 44.35
N SER D 237 -19.57 -2.79 45.65
CA SER D 237 -19.21 -1.56 46.33
C SER D 237 -17.73 -1.22 46.14
N LYS D 238 -17.40 0.07 46.34
CA LYS D 238 -16.02 0.50 46.24
C LYS D 238 -15.16 -0.17 47.30
N HIS D 239 -15.67 -0.23 48.53
CA HIS D 239 -14.98 -0.90 49.63
C HIS D 239 -16.00 -1.66 50.43
N GLN D 240 -15.69 -2.89 50.78
CA GLN D 240 -16.54 -3.66 51.67
C GLN D 240 -15.75 -4.01 52.92
N TYR D 241 -16.42 -3.93 54.07
CA TYR D 241 -15.71 -3.74 55.33
C TYR D 241 -14.88 -4.96 55.71
N ASP D 242 -15.40 -6.16 55.46
CA ASP D 242 -14.64 -7.40 55.74
C ASP D 242 -13.70 -7.66 54.56
N PHE D 243 -12.68 -6.79 54.46
CA PHE D 243 -11.90 -6.67 53.22
C PHE D 243 -11.16 -7.96 52.88
N ASP D 244 -10.53 -8.57 53.90
CA ASP D 244 -9.81 -9.84 53.77
C ASP D 244 -9.79 -10.48 55.16
N ALA D 245 -9.08 -11.60 55.30
CA ALA D 245 -9.05 -12.29 56.59
C ALA D 245 -8.50 -11.37 57.69
N ALA D 246 -7.35 -10.73 57.46
CA ALA D 246 -6.75 -9.94 58.54
C ALA D 246 -7.64 -8.76 58.92
N THR D 247 -8.29 -8.13 57.93
CA THR D 247 -9.15 -6.99 58.20
C THR D 247 -10.39 -7.42 58.98
N THR D 248 -10.95 -8.57 58.64
CA THR D 248 -12.11 -9.06 59.38
C THR D 248 -11.73 -9.42 60.79
N LEU D 249 -10.57 -10.08 60.96
CA LEU D 249 -10.09 -10.40 62.29
C LEU D 249 -9.83 -9.15 63.13
N GLN D 250 -9.37 -8.06 62.52
CA GLN D 250 -9.19 -6.83 63.30
C GLN D 250 -10.52 -6.34 63.85
N PHE D 251 -11.57 -6.42 63.03
CA PHE D 251 -12.91 -6.00 63.46
C PHE D 251 -13.46 -6.96 64.51
N LEU D 252 -13.32 -8.27 64.27
CA LEU D 252 -13.80 -9.26 65.23
C LEU D 252 -13.12 -9.09 66.58
N GLN D 253 -11.82 -8.84 66.58
CA GLN D 253 -11.11 -8.67 67.85
C GLN D 253 -11.54 -7.38 68.54
N LYS D 254 -11.72 -6.30 67.76
CA LYS D 254 -12.05 -5.01 68.35
C LYS D 254 -13.41 -5.03 69.04
N TYR D 255 -14.35 -5.81 68.52
CA TYR D 255 -15.71 -5.80 69.02
C TYR D 255 -16.05 -7.03 69.84
N ASP D 256 -15.05 -7.78 70.28
CA ASP D 256 -15.25 -8.97 71.12
C ASP D 256 -16.15 -9.99 70.44
N LEU D 257 -15.99 -10.15 69.12
CA LEU D 257 -16.75 -11.12 68.37
C LEU D 257 -15.91 -12.30 67.91
N ALA D 258 -14.59 -12.24 68.11
CA ALA D 258 -13.71 -13.26 67.52
C ALA D 258 -13.99 -14.64 68.09
N LYS D 259 -14.51 -14.71 69.32
CA LYS D 259 -14.78 -16.02 69.90
C LYS D 259 -16.01 -16.69 69.28
N HIS D 260 -16.82 -15.97 68.50
CA HIS D 260 -18.04 -16.52 67.92
C HIS D 260 -17.94 -16.84 66.43
N PHE D 261 -16.91 -16.35 65.73
CA PHE D 261 -16.90 -16.41 64.27
C PHE D 261 -15.59 -17.04 63.78
N LYS D 262 -15.72 -17.91 62.78
CA LYS D 262 -14.59 -18.25 61.92
C LYS D 262 -14.83 -17.65 60.55
N LEU D 263 -13.93 -17.89 59.61
CA LEU D 263 -14.04 -17.30 58.29
C LEU D 263 -14.46 -18.33 57.25
N ASN D 264 -15.33 -17.91 56.33
CA ASN D 264 -15.56 -18.62 55.07
C ASN D 264 -14.69 -17.93 54.03
N LEU D 265 -13.64 -18.59 53.57
CA LEU D 265 -12.69 -18.00 52.64
C LEU D 265 -13.02 -18.42 51.22
N GLU D 266 -13.27 -17.44 50.35
CA GLU D 266 -13.57 -17.69 48.95
C GLU D 266 -12.33 -17.32 48.10
N ALA D 267 -11.90 -18.26 47.26
CA ALA D 267 -10.65 -18.07 46.53
C ALA D 267 -10.64 -16.75 45.76
N ASN D 268 -11.70 -16.48 44.99
CA ASN D 268 -11.70 -15.29 44.14
C ASN D 268 -11.60 -14.02 45.00
N HIS D 269 -12.17 -14.05 46.21
CA HIS D 269 -12.10 -12.86 47.06
C HIS D 269 -10.70 -12.63 47.60
N ALA D 270 -9.94 -13.70 47.81
CA ALA D 270 -8.54 -13.54 48.18
C ALA D 270 -7.79 -12.74 47.11
N THR D 271 -7.88 -13.19 45.85
CA THR D 271 -7.08 -12.52 44.82
C THR D 271 -7.61 -11.15 44.51
N LEU D 272 -8.92 -10.94 44.62
CA LEU D 272 -9.46 -9.59 44.51
C LEU D 272 -8.86 -8.66 45.54
N ALA D 273 -8.47 -9.18 46.70
CA ALA D 273 -7.91 -8.35 47.75
C ALA D 273 -6.40 -8.21 47.65
N GLY D 274 -5.77 -8.79 46.60
CA GLY D 274 -4.35 -8.72 46.40
C GLY D 274 -3.53 -9.81 47.07
N HIS D 275 -4.16 -10.90 47.52
CA HIS D 275 -3.49 -12.04 48.17
C HIS D 275 -3.72 -13.31 47.38
N THR D 276 -2.81 -14.27 47.53
CA THR D 276 -3.14 -15.61 47.04
C THR D 276 -4.20 -16.26 47.94
N PHE D 277 -4.88 -17.27 47.41
CA PHE D 277 -5.82 -18.04 48.22
C PHE D 277 -5.12 -18.66 49.43
N GLU D 278 -3.95 -19.26 49.20
CA GLU D 278 -3.29 -19.94 50.31
C GLU D 278 -2.81 -18.96 51.38
N HIS D 279 -2.55 -17.72 50.99
CA HIS D 279 -2.24 -16.68 52.00
C HIS D 279 -3.42 -16.47 52.95
N GLU D 280 -4.61 -16.26 52.40
CA GLU D 280 -5.79 -16.08 53.24
C GLU D 280 -6.01 -17.32 54.11
N LEU D 281 -5.85 -18.50 53.53
CA LEU D 281 -6.09 -19.72 54.29
C LEU D 281 -5.09 -19.85 55.43
N ARG D 282 -3.82 -19.53 55.17
CA ARG D 282 -2.82 -19.68 56.23
C ARG D 282 -3.03 -18.64 57.33
N VAL D 283 -3.32 -17.39 56.94
CA VAL D 283 -3.68 -16.35 57.93
C VAL D 283 -4.85 -16.82 58.79
N ALA D 284 -5.92 -17.32 58.13
CA ALA D 284 -7.06 -17.85 58.87
C ALA D 284 -6.63 -18.97 59.81
N ARG D 285 -5.92 -19.96 59.26
CA ARG D 285 -5.46 -21.11 60.04
C ARG D 285 -4.71 -20.69 61.32
N ILE D 286 -3.71 -19.81 61.19
CA ILE D 286 -2.90 -19.53 62.38
C ILE D 286 -3.60 -18.59 63.35
N ASN D 287 -4.80 -18.13 63.02
CA ASN D 287 -5.63 -17.39 63.97
C ASN D 287 -6.85 -18.20 64.41
N GLY D 288 -6.82 -19.50 64.18
CA GLY D 288 -7.93 -20.38 64.55
C GLY D 288 -9.23 -20.05 63.87
N ALA D 289 -9.20 -19.52 62.64
CA ALA D 289 -10.40 -19.01 62.01
C ALA D 289 -10.60 -19.52 60.58
N LEU D 290 -9.96 -20.63 60.19
CA LEU D 290 -10.25 -21.26 58.90
C LEU D 290 -11.50 -22.11 59.10
N GLY D 291 -12.66 -21.59 58.72
CA GLY D 291 -13.88 -22.30 59.02
C GLY D 291 -14.41 -23.15 57.88
N SER D 292 -14.44 -22.58 56.69
CA SER D 292 -14.93 -23.27 55.50
C SER D 292 -14.32 -22.56 54.30
N ILE D 293 -14.45 -23.17 53.11
CA ILE D 293 -14.00 -22.47 51.92
C ILE D 293 -15.07 -22.51 50.84
N ASP D 294 -15.10 -21.45 50.04
CA ASP D 294 -15.80 -21.43 48.77
C ASP D 294 -14.75 -21.63 47.68
N ALA D 295 -14.81 -22.78 47.01
CA ALA D 295 -13.80 -23.14 46.01
C ALA D 295 -14.24 -22.62 44.65
N ASN D 296 -13.54 -21.60 44.16
CA ASN D 296 -13.74 -21.06 42.81
C ASN D 296 -12.41 -20.46 42.37
N GLN D 297 -12.40 -19.74 41.25
CA GLN D 297 -11.21 -18.95 40.97
C GLN D 297 -11.57 -17.72 40.16
N GLY D 298 -10.81 -16.67 40.39
CA GLY D 298 -10.92 -15.47 39.59
C GLY D 298 -10.02 -15.52 38.38
N ASP D 299 -9.98 -14.40 37.67
CA ASP D 299 -9.02 -14.19 36.60
C ASP D 299 -8.18 -13.01 37.02
N LEU D 300 -6.90 -13.25 37.28
CA LEU D 300 -6.08 -12.24 37.93
C LEU D 300 -5.83 -11.04 37.03
N LEU D 301 -6.14 -11.14 35.73
CA LEU D 301 -6.05 -10.01 34.81
C LEU D 301 -7.35 -9.24 34.70
N LEU D 302 -8.41 -9.69 35.38
CA LEU D 302 -9.71 -9.02 35.43
C LEU D 302 -9.98 -8.55 36.85
N GLY D 303 -10.21 -7.26 37.03
CA GLY D 303 -10.37 -6.78 38.38
C GLY D 303 -11.72 -7.06 39.02
N TRP D 304 -12.51 -7.96 38.48
CA TRP D 304 -13.77 -8.27 39.11
C TRP D 304 -13.82 -9.76 39.44
N ASP D 305 -14.83 -10.08 40.22
CA ASP D 305 -15.07 -11.38 40.83
C ASP D 305 -15.77 -12.26 39.78
N THR D 306 -15.02 -13.09 39.03
CA THR D 306 -15.65 -13.92 37.99
C THR D 306 -16.22 -15.24 38.50
N ASP D 307 -15.78 -15.70 39.68
CA ASP D 307 -16.34 -16.90 40.32
C ASP D 307 -16.38 -18.11 39.38
N GLU D 308 -15.30 -18.31 38.63
CA GLU D 308 -15.22 -19.49 37.77
C GLU D 308 -15.03 -20.73 38.62
N PHE D 309 -15.51 -21.86 38.11
CA PHE D 309 -15.23 -23.11 38.79
C PHE D 309 -13.71 -23.29 38.86
N PRO D 310 -13.20 -23.85 39.95
CA PRO D 310 -11.75 -23.86 40.18
C PRO D 310 -11.08 -24.94 39.32
N THR D 311 -10.13 -24.52 38.50
CA THR D 311 -9.40 -25.46 37.67
C THR D 311 -7.91 -25.43 37.93
N ASP D 312 -7.37 -24.33 38.47
CA ASP D 312 -5.95 -24.14 38.71
C ASP D 312 -5.45 -25.16 39.73
N LEU D 313 -4.60 -26.10 39.28
CA LEU D 313 -4.03 -27.16 40.12
C LEU D 313 -3.02 -26.63 41.14
N TYR D 314 -2.39 -25.47 40.87
CA TYR D 314 -1.55 -24.86 41.90
C TYR D 314 -2.39 -24.36 43.05
N ALA D 315 -3.47 -23.65 42.72
CA ALA D 315 -4.36 -23.10 43.75
C ALA D 315 -5.01 -24.21 44.56
N SER D 316 -5.47 -25.27 43.90
CA SER D 316 -6.14 -26.32 44.66
C SER D 316 -5.14 -27.12 45.48
N THR D 317 -3.95 -27.40 44.93
CA THR D 317 -2.94 -28.08 45.73
C THR D 317 -2.57 -27.27 46.96
N LEU D 318 -2.31 -25.99 46.79
CA LEU D 318 -1.80 -25.17 47.89
C LEU D 318 -2.91 -24.83 48.88
N ALA D 319 -4.17 -24.76 48.41
CA ALA D 319 -5.30 -24.62 49.32
C ALA D 319 -5.47 -25.88 50.19
N MET D 320 -5.46 -27.07 49.57
CA MET D 320 -5.58 -28.27 50.38
C MET D 320 -4.37 -28.46 51.29
N TYR D 321 -3.20 -27.95 50.88
CA TYR D 321 -2.03 -27.99 51.75
C TYR D 321 -2.30 -27.26 53.05
N GLU D 322 -2.92 -26.07 52.96
CA GLU D 322 -3.27 -25.32 54.16
C GLU D 322 -4.38 -26.02 54.94
N ILE D 323 -5.38 -26.53 54.24
CA ILE D 323 -6.53 -27.15 54.90
C ILE D 323 -6.10 -28.40 55.66
N LEU D 324 -5.23 -29.23 55.05
CA LEU D 324 -4.80 -30.46 55.71
C LEU D 324 -4.02 -30.21 56.99
N GLN D 325 -3.40 -29.05 57.14
CA GLN D 325 -2.72 -28.71 58.38
C GLN D 325 -3.63 -28.02 59.40
N ASN D 326 -4.85 -27.66 59.02
CA ASN D 326 -5.82 -27.08 59.94
C ASN D 326 -6.26 -28.13 60.94
N GLU D 327 -6.57 -27.68 62.15
CA GLU D 327 -7.08 -28.59 63.18
C GLU D 327 -8.38 -29.23 62.69
N GLY D 328 -8.38 -30.56 62.56
CA GLY D 328 -9.53 -31.25 62.02
C GLY D 328 -9.70 -31.13 60.53
N GLY D 329 -8.66 -30.70 59.81
CA GLY D 329 -8.83 -30.47 58.38
C GLY D 329 -9.84 -29.36 58.16
N ILE D 330 -10.75 -29.58 57.21
CA ILE D 330 -11.78 -28.57 56.96
C ILE D 330 -12.77 -28.50 58.11
N GLY D 331 -12.78 -29.47 59.02
CA GLY D 331 -13.59 -29.36 60.22
C GLY D 331 -15.08 -29.46 59.91
N ARG D 332 -15.85 -28.54 60.49
CA ARG D 332 -17.28 -28.49 60.21
C ARG D 332 -17.58 -27.81 58.88
N GLY D 333 -16.58 -27.20 58.25
CA GLY D 333 -16.74 -26.61 56.94
C GLY D 333 -16.69 -27.65 55.84
N GLY D 334 -16.60 -27.14 54.61
CA GLY D 334 -16.43 -28.02 53.47
C GLY D 334 -15.77 -27.27 52.34
N VAL D 335 -15.56 -27.98 51.24
CA VAL D 335 -15.09 -27.39 49.99
C VAL D 335 -16.34 -27.15 49.15
N ASN D 336 -16.85 -25.92 49.21
CA ASN D 336 -18.14 -25.54 48.67
C ASN D 336 -17.99 -24.83 47.33
N PHE D 337 -18.69 -25.33 46.30
CA PHE D 337 -18.54 -24.77 44.95
C PHE D 337 -19.49 -23.59 44.76
N ASP D 338 -19.13 -22.47 45.41
CA ASP D 338 -19.80 -21.19 45.16
C ASP D 338 -19.21 -20.61 43.88
N ALA D 339 -19.68 -21.15 42.76
CA ALA D 339 -19.08 -20.85 41.47
C ALA D 339 -20.17 -20.86 40.41
N LYS D 340 -19.86 -20.20 39.31
CA LYS D 340 -20.80 -19.87 38.27
C LYS D 340 -20.26 -20.46 36.98
N VAL D 341 -21.13 -21.17 36.23
CA VAL D 341 -20.73 -21.58 34.89
C VAL D 341 -20.47 -20.33 34.08
N ARG D 342 -19.59 -20.44 33.09
CA ARG D 342 -19.36 -19.30 32.20
C ARG D 342 -20.66 -18.92 31.51
N ARG D 343 -20.76 -17.64 31.12
CA ARG D 343 -21.95 -17.19 30.41
C ARG D 343 -22.16 -17.98 29.12
N THR D 344 -21.08 -18.42 28.50
CA THR D 344 -21.15 -19.17 27.26
C THR D 344 -21.34 -20.68 27.49
N SER D 345 -21.34 -21.13 28.75
CA SER D 345 -21.64 -22.51 29.08
C SER D 345 -23.06 -22.60 29.63
N PHE D 346 -24.02 -22.29 28.75
CA PHE D 346 -25.41 -22.09 29.16
C PHE D 346 -26.25 -23.36 29.05
N GLU D 347 -25.66 -24.49 28.70
CA GLU D 347 -26.51 -25.66 28.61
C GLU D 347 -26.57 -26.37 29.96
N PRO D 348 -27.72 -27.01 30.27
CA PRO D 348 -27.84 -27.74 31.55
C PRO D 348 -26.68 -28.67 31.84
N ILE D 349 -26.19 -29.41 30.83
CA ILE D 349 -25.10 -30.35 31.06
C ILE D 349 -23.81 -29.64 31.47
N ASP D 350 -23.67 -28.36 31.13
CA ASP D 350 -22.46 -27.62 31.51
C ASP D 350 -22.33 -27.51 33.03
N VAL D 351 -23.44 -27.56 33.75
CA VAL D 351 -23.37 -27.53 35.21
C VAL D 351 -22.66 -28.78 35.71
N VAL D 352 -22.89 -29.92 35.07
CA VAL D 352 -22.21 -31.16 35.45
C VAL D 352 -20.74 -31.12 35.03
N TYR D 353 -20.47 -30.72 33.78
CA TYR D 353 -19.08 -30.55 33.35
C TYR D 353 -18.31 -29.63 34.29
N ALA D 354 -18.93 -28.53 34.71
CA ALA D 354 -18.24 -27.54 35.53
C ALA D 354 -17.87 -28.11 36.90
N HIS D 355 -18.83 -28.78 37.55
CA HIS D 355 -18.52 -29.42 38.84
C HIS D 355 -17.46 -30.50 38.67
N ILE D 356 -17.49 -31.25 37.56
CA ILE D 356 -16.48 -32.27 37.35
C ILE D 356 -15.09 -31.62 37.29
N ASN D 357 -14.99 -30.52 36.54
CA ASN D 357 -13.77 -29.71 36.47
C ASN D 357 -13.27 -29.36 37.87
N GLY D 358 -14.13 -28.75 38.70
CA GLY D 358 -13.72 -28.30 40.02
C GLY D 358 -13.47 -29.43 41.00
N MET D 359 -14.30 -30.48 40.96
CA MET D 359 -14.13 -31.59 41.89
C MET D 359 -12.85 -32.37 41.59
N ASP D 360 -12.55 -32.56 40.30
CA ASP D 360 -11.31 -33.25 39.93
C ASP D 360 -10.09 -32.39 40.25
N ALA D 361 -10.20 -31.06 40.09
CA ALA D 361 -9.08 -30.18 40.40
C ALA D 361 -8.75 -30.21 41.89
N PHE D 362 -9.78 -30.22 42.76
CA PHE D 362 -9.52 -30.24 44.19
C PHE D 362 -9.18 -31.63 44.70
N ALA D 363 -9.67 -32.68 44.03
CA ALA D 363 -9.25 -34.02 44.40
C ALA D 363 -7.78 -34.24 44.06
N ARG D 364 -7.35 -33.78 42.89
CA ARG D 364 -5.93 -33.83 42.56
C ARG D 364 -5.13 -32.98 43.54
N GLY D 365 -5.64 -31.80 43.88
CA GLY D 365 -4.95 -30.97 44.86
C GLY D 365 -4.75 -31.67 46.18
N LEU D 366 -5.78 -32.40 46.62
CA LEU D 366 -5.70 -33.16 47.87
C LEU D 366 -4.61 -34.23 47.78
N GLN D 367 -4.62 -35.03 46.71
CA GLN D 367 -3.58 -36.05 46.50
C GLN D 367 -2.19 -35.45 46.57
N VAL D 368 -1.97 -34.37 45.83
CA VAL D 368 -0.64 -33.78 45.74
C VAL D 368 -0.24 -33.15 47.08
N ALA D 369 -1.16 -32.39 47.69
CA ALA D 369 -0.87 -31.77 48.98
C ALA D 369 -0.54 -32.82 50.05
N ALA D 370 -1.34 -33.88 50.12
CA ALA D 370 -1.12 -34.91 51.14
C ALA D 370 0.25 -35.55 51.00
N LYS D 371 0.68 -35.82 49.76
CA LYS D 371 2.00 -36.41 49.55
C LYS D 371 3.12 -35.41 49.88
N LEU D 372 2.93 -34.14 49.51
CA LEU D 372 3.88 -33.11 49.91
C LEU D 372 4.01 -33.04 51.43
N ILE D 373 2.89 -33.16 52.15
CA ILE D 373 2.92 -33.12 53.60
C ILE D 373 3.56 -34.40 54.15
N GLU D 374 3.16 -35.56 53.62
CA GLU D 374 3.71 -36.83 54.11
C GLU D 374 5.22 -36.89 53.89
N ASP D 375 5.70 -36.45 52.74
CA ASP D 375 7.13 -36.46 52.44
C ASP D 375 7.88 -35.30 53.07
N ARG D 376 7.20 -34.38 53.76
CA ARG D 376 7.83 -33.18 54.33
C ARG D 376 8.65 -32.45 53.27
N ALA D 377 8.13 -32.44 52.03
CA ALA D 377 8.84 -31.87 50.89
C ALA D 377 9.15 -30.39 51.09
N PHE D 378 8.21 -29.64 51.69
CA PHE D 378 8.49 -28.25 52.03
C PHE D 378 8.95 -28.12 53.48
N ASP D 379 8.38 -28.92 54.38
CA ASP D 379 8.67 -28.80 55.80
C ASP D 379 10.14 -29.05 56.12
N ASN D 380 10.81 -29.93 55.38
CA ASN D 380 12.23 -30.18 55.67
C ASN D 380 13.09 -28.98 55.28
N VAL D 381 12.77 -28.34 54.17
CA VAL D 381 13.45 -27.12 53.76
C VAL D 381 13.19 -26.00 54.77
N ILE D 382 11.95 -25.88 55.24
CA ILE D 382 11.62 -24.87 56.25
C ILE D 382 12.35 -25.15 57.56
N GLU D 383 12.35 -26.42 57.99
CA GLU D 383 13.09 -26.78 59.19
C GLU D 383 14.55 -26.33 59.11
N GLU D 384 15.18 -26.54 57.95
CA GLU D 384 16.58 -26.13 57.79
C GLU D 384 16.71 -24.61 57.70
N ARG D 385 15.80 -23.94 56.97
CA ARG D 385 15.85 -22.48 56.86
C ARG D 385 15.95 -21.81 58.22
N TYR D 386 15.10 -22.23 59.15
CA TYR D 386 14.92 -21.56 60.43
C TYR D 386 15.59 -22.31 61.57
N ALA D 387 16.53 -23.21 61.25
CA ALA D 387 17.17 -24.02 62.28
C ALA D 387 17.90 -23.16 63.30
N SER D 388 18.35 -21.96 62.91
CA SER D 388 19.09 -21.13 63.85
C SER D 388 18.26 -20.71 65.05
N PHE D 389 16.93 -20.77 64.95
CA PHE D 389 16.06 -20.42 66.06
C PHE D 389 15.77 -21.59 66.99
N THR D 390 16.46 -22.72 66.80
CA THR D 390 16.33 -23.85 67.72
C THR D 390 17.62 -24.13 68.48
N LYS D 391 18.63 -23.28 68.37
CA LYS D 391 19.91 -23.46 69.05
C LYS D 391 20.49 -22.10 69.41
N GLY D 392 21.43 -22.12 70.36
CA GLY D 392 22.24 -20.94 70.64
C GLY D 392 21.42 -19.67 70.85
N ILE D 393 21.85 -18.57 70.22
CA ILE D 393 21.21 -17.27 70.42
C ILE D 393 19.78 -17.28 69.86
N GLY D 394 19.51 -18.03 68.79
CA GLY D 394 18.15 -18.09 68.27
C GLY D 394 17.18 -18.70 69.26
N ALA D 395 17.59 -19.78 69.94
CA ALA D 395 16.73 -20.38 70.94
C ALA D 395 16.47 -19.39 72.08
N ASP D 396 17.48 -18.59 72.45
CA ASP D 396 17.33 -17.59 73.50
C ASP D 396 16.40 -16.45 73.07
N ILE D 397 16.37 -16.11 71.78
CA ILE D 397 15.37 -15.15 71.30
C ILE D 397 13.97 -15.69 71.51
N VAL D 398 13.73 -16.94 71.07
CA VAL D 398 12.39 -17.52 71.08
C VAL D 398 11.92 -17.73 72.51
N SER D 399 12.82 -18.14 73.40
CA SER D 399 12.46 -18.39 74.79
C SER D 399 12.22 -17.11 75.59
N GLY D 400 12.56 -15.94 75.06
CA GLY D 400 12.46 -14.73 75.83
C GLY D 400 13.67 -14.40 76.67
N LYS D 401 14.71 -15.24 76.64
CA LYS D 401 15.91 -14.93 77.42
C LYS D 401 16.65 -13.74 76.84
N ALA D 402 16.78 -13.68 75.51
CA ALA D 402 17.55 -12.63 74.87
C ALA D 402 16.78 -11.31 74.83
N ASN D 403 17.51 -10.19 75.00
CA ASN D 403 16.96 -8.85 74.95
C ASN D 403 17.93 -7.96 74.16
N PHE D 404 17.60 -6.67 74.03
CA PHE D 404 18.45 -5.80 73.22
C PHE D 404 19.88 -5.72 73.75
N HIS D 405 20.06 -5.79 75.08
CA HIS D 405 21.41 -5.76 75.65
C HIS D 405 22.22 -6.99 75.24
N THR D 406 21.66 -8.19 75.41
CA THR D 406 22.42 -9.40 75.12
C THR D 406 22.56 -9.61 73.61
N LEU D 407 21.53 -9.25 72.84
CA LEU D 407 21.66 -9.33 71.39
C LEU D 407 22.73 -8.37 70.87
N GLU D 408 22.81 -7.16 71.41
CA GLU D 408 23.87 -6.26 70.98
C GLU D 408 25.24 -6.84 71.32
N ALA D 409 25.41 -7.36 72.54
CA ALA D 409 26.70 -7.93 72.91
C ALA D 409 27.09 -9.05 71.96
N TYR D 410 26.12 -9.86 71.56
CA TYR D 410 26.37 -10.92 70.59
C TYR D 410 26.81 -10.34 69.24
N ALA D 411 26.03 -9.39 68.70
CA ALA D 411 26.37 -8.81 67.40
C ALA D 411 27.70 -8.07 67.45
N LEU D 412 28.04 -7.47 68.60
CA LEU D 412 29.32 -6.81 68.74
C LEU D 412 30.51 -7.78 68.72
N GLN D 413 30.25 -9.09 68.74
CA GLN D 413 31.34 -10.04 68.48
C GLN D 413 31.81 -10.00 67.04
N ASN D 414 30.99 -9.47 66.12
CA ASN D 414 31.31 -9.41 64.69
C ASN D 414 31.59 -10.79 64.12
N ASN D 415 30.86 -11.79 64.58
CA ASN D 415 30.93 -13.07 63.91
C ASN D 415 30.32 -12.93 62.52
N PRO D 416 30.94 -13.53 61.51
CA PRO D 416 30.45 -13.35 60.14
C PRO D 416 29.03 -13.87 60.00
N ILE D 417 28.20 -13.13 59.31
CA ILE D 417 26.81 -13.52 59.09
C ILE D 417 26.75 -14.19 57.73
N THR D 418 26.33 -15.45 57.71
CA THR D 418 26.17 -16.21 56.47
C THR D 418 24.73 -16.64 56.35
N ASN D 419 24.00 -16.02 55.45
CA ASN D 419 22.62 -16.41 55.19
C ASN D 419 22.60 -17.61 54.23
N LYS D 420 21.51 -18.36 54.29
CA LYS D 420 21.27 -19.52 53.43
C LYS D 420 20.22 -19.18 52.38
N SER D 421 20.40 -19.75 51.19
CA SER D 421 19.43 -19.56 50.13
C SER D 421 18.03 -19.95 50.57
N GLY D 422 17.03 -19.25 50.05
CA GLY D 422 15.65 -19.66 50.31
C GLY D 422 15.13 -20.77 49.40
N ARG D 423 15.85 -21.06 48.32
CA ARG D 423 15.58 -22.22 47.47
C ARG D 423 14.20 -22.17 46.83
N VAL D 424 13.75 -20.97 46.47
CA VAL D 424 12.39 -20.84 45.93
C VAL D 424 12.25 -21.62 44.63
N GLU D 425 13.22 -21.47 43.71
CA GLU D 425 13.06 -22.16 42.43
C GLU D 425 13.16 -23.67 42.62
N LEU D 426 14.02 -24.12 43.54
CA LEU D 426 14.09 -25.54 43.88
C LEU D 426 12.74 -26.09 44.34
N LEU D 427 12.11 -25.39 45.28
CA LEU D 427 10.79 -25.84 45.75
C LEU D 427 9.74 -25.79 44.65
N ARG D 428 9.83 -24.80 43.75
CA ARG D 428 8.88 -24.72 42.66
C ARG D 428 9.01 -25.92 41.73
N SER D 429 10.23 -26.44 41.56
CA SER D 429 10.41 -27.65 40.75
C SER D 429 9.76 -28.85 41.41
N ILE D 430 9.89 -28.95 42.74
CA ILE D 430 9.26 -30.04 43.50
C ILE D 430 7.74 -29.97 43.36
N LEU D 431 7.17 -28.76 43.51
CA LEU D 431 5.72 -28.61 43.34
C LEU D 431 5.26 -29.11 41.99
N ASN D 432 5.97 -28.72 40.92
CA ASN D 432 5.62 -29.19 39.58
C ASN D 432 5.73 -30.70 39.48
N GLN D 433 6.83 -31.26 40.00
CA GLN D 433 7.04 -32.70 39.98
C GLN D 433 5.93 -33.47 40.69
N TYR D 434 5.51 -32.99 41.86
CA TYR D 434 4.46 -33.70 42.59
C TYR D 434 3.11 -33.56 41.91
N ILE D 435 2.80 -32.37 41.38
CA ILE D 435 1.53 -32.17 40.67
C ILE D 435 1.41 -33.21 39.55
N ILE D 436 2.53 -33.49 38.88
CA ILE D 436 2.51 -34.39 37.73
C ILE D 436 2.58 -35.85 38.17
N ASN D 437 3.45 -36.16 39.14
CA ASN D 437 3.86 -37.54 39.42
C ASN D 437 3.08 -38.23 40.51
N VAL D 438 2.38 -37.51 41.38
CA VAL D 438 1.77 -38.16 42.52
C VAL D 438 0.69 -39.15 42.05
N PHE E 4 38.73 -13.93 -37.42
CA PHE E 4 37.32 -14.13 -37.10
C PHE E 4 37.08 -15.22 -36.05
N ASP E 5 38.13 -15.56 -35.29
CA ASP E 5 38.05 -16.58 -34.25
C ASP E 5 37.69 -17.95 -34.81
N HIS E 6 37.79 -18.15 -36.12
CA HIS E 6 37.29 -19.38 -36.74
C HIS E 6 38.37 -20.03 -37.62
N VAL E 7 38.92 -21.13 -37.12
CA VAL E 7 39.66 -22.06 -37.97
C VAL E 7 38.67 -22.79 -38.87
N GLY E 8 39.08 -23.06 -40.10
CA GLY E 8 38.29 -23.89 -40.98
C GLY E 8 37.18 -23.14 -41.66
N THR E 9 36.42 -23.88 -42.46
CA THR E 9 35.28 -23.37 -43.20
C THR E 9 33.99 -23.91 -42.61
N VAL E 10 32.88 -23.25 -42.95
CA VAL E 10 31.56 -23.68 -42.53
C VAL E 10 31.03 -24.66 -43.57
N LYS E 11 30.51 -25.79 -43.11
CA LYS E 11 30.01 -26.83 -43.99
C LYS E 11 28.55 -27.14 -43.70
N PHE E 12 27.87 -27.68 -44.71
CA PHE E 12 26.51 -28.17 -44.54
C PHE E 12 26.49 -29.46 -43.73
N GLU E 13 25.69 -29.48 -42.67
CA GLU E 13 25.55 -30.65 -41.81
C GLU E 13 24.09 -31.08 -41.63
N GLY E 14 23.15 -30.52 -42.39
CA GLY E 14 21.76 -30.94 -42.34
C GLY E 14 20.97 -30.29 -41.22
N LYS E 15 19.64 -30.40 -41.34
CA LYS E 15 18.76 -29.62 -40.48
C LYS E 15 18.75 -30.07 -39.03
N SER E 16 19.36 -31.21 -38.70
CA SER E 16 19.33 -31.73 -37.35
C SER E 16 20.62 -31.51 -36.58
N SER E 17 21.65 -30.94 -37.22
CA SER E 17 22.92 -30.69 -36.54
C SER E 17 22.74 -29.66 -35.44
N THR E 18 23.44 -29.85 -34.33
CA THR E 18 23.49 -28.84 -33.28
C THR E 18 24.78 -28.03 -33.32
N ASN E 19 25.54 -28.14 -34.41
CA ASN E 19 26.78 -27.40 -34.56
C ASN E 19 26.47 -25.95 -34.92
N PRO E 20 26.76 -24.98 -34.05
CA PRO E 20 26.45 -23.58 -34.38
C PRO E 20 27.26 -23.02 -35.54
N LEU E 21 28.40 -23.65 -35.87
CA LEU E 21 29.22 -23.23 -37.01
C LEU E 21 29.03 -24.17 -38.20
N ALA E 22 27.78 -24.54 -38.47
CA ALA E 22 27.47 -25.39 -39.62
C ALA E 22 26.18 -24.88 -40.26
N PHE E 23 26.07 -25.07 -41.57
CA PHE E 23 24.85 -24.73 -42.28
C PHE E 23 23.82 -25.81 -42.02
N LYS E 24 22.62 -25.40 -41.63
CA LYS E 24 21.51 -26.35 -41.43
C LYS E 24 20.66 -26.53 -42.68
N PHE E 25 20.72 -25.60 -43.63
CA PHE E 25 19.91 -25.69 -44.84
C PHE E 25 20.67 -25.38 -46.12
N TYR E 26 21.67 -24.51 -46.10
CA TYR E 26 22.44 -24.20 -47.30
C TYR E 26 23.38 -25.35 -47.61
N ASN E 27 22.95 -26.25 -48.50
CA ASN E 27 23.81 -27.25 -49.12
C ASN E 27 24.17 -26.73 -50.50
N PRO E 28 25.37 -26.17 -50.70
CA PRO E 28 25.68 -25.56 -52.00
C PRO E 28 25.54 -26.52 -53.17
N ASP E 29 25.66 -27.82 -52.93
CA ASP E 29 25.61 -28.79 -54.00
C ASP E 29 24.22 -29.34 -54.25
N GLU E 30 23.26 -29.08 -53.36
CA GLU E 30 21.94 -29.66 -53.54
C GLU E 30 21.30 -29.14 -54.83
N ILE E 31 20.77 -30.06 -55.64
CA ILE E 31 20.19 -29.71 -56.93
C ILE E 31 18.71 -29.39 -56.75
N ILE E 32 18.30 -28.22 -57.22
CA ILE E 32 16.92 -27.79 -57.13
C ILE E 32 16.51 -27.26 -58.49
N LEU E 33 15.48 -27.89 -59.08
CA LEU E 33 14.98 -27.53 -60.41
C LEU E 33 16.12 -27.44 -61.43
N GLY E 34 17.04 -28.38 -61.36
CA GLY E 34 18.09 -28.45 -62.36
C GLY E 34 19.30 -27.55 -62.15
N LYS E 35 19.39 -26.85 -61.01
CA LYS E 35 20.53 -26.02 -60.70
C LYS E 35 20.89 -26.17 -59.23
N THR E 36 22.16 -25.94 -58.90
CA THR E 36 22.57 -26.09 -57.52
C THR E 36 22.13 -24.89 -56.69
N MET E 37 22.02 -25.11 -55.37
CA MET E 37 21.77 -24.00 -54.45
C MET E 37 22.81 -22.90 -54.62
N ARG E 38 24.08 -23.29 -54.81
CA ARG E 38 25.14 -22.29 -55.01
C ARG E 38 24.80 -21.38 -56.19
N GLU E 39 24.35 -21.96 -57.31
CA GLU E 39 24.08 -21.18 -58.51
C GLU E 39 22.76 -20.43 -58.44
N HIS E 40 21.75 -21.00 -57.76
CA HIS E 40 20.50 -20.27 -57.55
C HIS E 40 20.73 -18.99 -56.76
N LEU E 41 21.56 -19.07 -55.72
CA LEU E 41 21.62 -18.02 -54.72
C LEU E 41 22.70 -17.02 -55.03
N ARG E 42 23.85 -17.48 -55.54
CA ARG E 42 24.95 -16.58 -55.85
C ARG E 42 25.22 -15.62 -54.69
N PHE E 43 25.38 -16.20 -53.49
CA PHE E 43 25.57 -15.40 -52.29
C PHE E 43 26.74 -14.43 -52.45
N GLY E 44 26.56 -13.21 -51.96
CA GLY E 44 27.63 -12.24 -51.91
C GLY E 44 27.84 -11.70 -50.52
N VAL E 45 29.11 -11.42 -50.20
CA VAL E 45 29.48 -10.92 -48.88
C VAL E 45 30.04 -9.51 -48.97
N ALA E 46 29.63 -8.66 -48.04
CA ALA E 46 30.04 -7.26 -48.00
C ALA E 46 31.38 -7.07 -47.31
N TYR E 47 32.22 -6.24 -47.91
CA TYR E 47 33.54 -5.89 -47.42
C TYR E 47 33.53 -5.29 -46.00
N LEU E 71 46.90 -0.44 -35.88
CA LEU E 71 46.85 -0.39 -37.34
C LEU E 71 45.94 0.73 -37.82
N SER E 72 46.44 1.55 -38.75
CA SER E 72 45.69 2.67 -39.29
C SER E 72 46.11 2.89 -40.73
N GLY E 73 45.39 3.78 -41.42
CA GLY E 73 45.77 4.16 -42.77
C GLY E 73 45.85 2.99 -43.72
N MET E 74 46.90 2.96 -44.53
CA MET E 74 47.03 1.94 -45.55
C MET E 74 47.36 0.57 -44.97
N GLU E 75 47.98 0.51 -43.79
CA GLU E 75 48.19 -0.78 -43.14
C GLU E 75 46.86 -1.40 -42.74
N LEU E 76 45.99 -0.62 -42.09
CA LEU E 76 44.66 -1.12 -41.75
C LEU E 76 43.92 -1.54 -43.02
N ALA E 77 44.08 -0.79 -44.11
CA ALA E 77 43.40 -1.14 -45.35
C ALA E 77 43.85 -2.51 -45.84
N LYS E 78 45.16 -2.77 -45.83
CA LYS E 78 45.65 -4.06 -46.28
C LYS E 78 45.12 -5.19 -45.42
N ALA E 79 45.04 -4.95 -44.10
CA ALA E 79 44.55 -5.97 -43.19
C ALA E 79 43.10 -6.31 -43.48
N ARG E 80 42.32 -5.33 -43.92
CA ARG E 80 40.91 -5.61 -44.15
C ARG E 80 40.72 -6.37 -45.45
N VAL E 81 41.61 -6.18 -46.43
CA VAL E 81 41.63 -7.06 -47.60
C VAL E 81 41.79 -8.51 -47.15
N GLU E 82 42.84 -8.78 -46.38
CA GLU E 82 43.07 -10.15 -45.88
C GLU E 82 41.85 -10.68 -45.15
N ALA E 83 41.24 -9.86 -44.29
CA ALA E 83 40.11 -10.33 -43.49
C ALA E 83 38.89 -10.59 -44.35
N CYS E 84 38.68 -9.77 -45.38
CA CYS E 84 37.58 -10.01 -46.30
C CYS E 84 37.69 -11.40 -46.95
N PHE E 85 38.85 -11.70 -47.52
CA PHE E 85 38.96 -12.97 -48.24
C PHE E 85 39.07 -14.15 -47.29
N GLU E 86 39.57 -13.92 -46.07
CA GLU E 86 39.45 -14.94 -45.04
C GLU E 86 38.00 -15.31 -44.78
N LEU E 87 37.13 -14.29 -44.68
CA LEU E 87 35.71 -14.56 -44.44
C LEU E 87 35.06 -15.22 -45.64
N LEU E 88 35.44 -14.84 -46.87
CA LEU E 88 34.84 -15.47 -48.05
C LEU E 88 35.17 -16.96 -48.08
N ASN E 89 36.37 -17.33 -47.64
CA ASN E 89 36.74 -18.74 -47.59
C ASN E 89 36.03 -19.46 -46.45
N ILE E 90 35.84 -18.77 -45.31
CA ILE E 90 35.14 -19.38 -44.18
C ILE E 90 33.70 -19.73 -44.56
N LEU E 91 33.01 -18.81 -45.25
CA LEU E 91 31.62 -19.00 -45.62
C LEU E 91 31.43 -19.75 -46.93
N ASP E 92 32.52 -20.05 -47.65
CA ASP E 92 32.43 -20.73 -48.95
C ASP E 92 31.57 -19.89 -49.91
N VAL E 93 31.78 -18.59 -49.89
CA VAL E 93 31.02 -17.63 -50.69
C VAL E 93 31.86 -17.23 -51.89
N ASP E 94 31.22 -17.15 -53.06
CA ASP E 94 31.89 -16.91 -54.34
C ASP E 94 31.95 -15.45 -54.78
N TYR E 95 31.09 -14.60 -54.24
CA TYR E 95 30.96 -13.22 -54.68
C TYR E 95 31.15 -12.27 -53.52
N PHE E 96 31.67 -11.08 -53.82
CA PHE E 96 31.79 -10.02 -52.82
C PHE E 96 31.50 -8.66 -53.47
N CYS E 97 31.29 -7.67 -52.62
CA CYS E 97 31.03 -6.30 -53.06
C CYS E 97 31.87 -5.36 -52.22
N PHE E 98 32.12 -4.15 -52.73
CA PHE E 98 32.86 -3.17 -51.95
C PHE E 98 32.53 -1.76 -52.40
N HIS E 99 32.68 -0.80 -51.45
CA HIS E 99 32.65 0.63 -51.70
C HIS E 99 34.08 1.15 -51.70
N ASP E 100 34.39 2.06 -52.63
CA ASP E 100 35.76 2.56 -52.76
C ASP E 100 36.29 3.10 -51.43
N ARG E 101 35.51 3.98 -50.78
CA ARG E 101 35.98 4.66 -49.56
C ARG E 101 35.94 3.76 -48.33
N ASP E 102 35.43 2.53 -48.47
CA ASP E 102 35.55 1.57 -47.39
C ASP E 102 36.80 0.72 -47.51
N ILE E 103 37.46 0.68 -48.68
CA ILE E 103 38.64 -0.18 -48.84
C ILE E 103 39.97 0.58 -48.81
N ALA E 104 39.97 1.90 -48.93
CA ALA E 104 41.21 2.66 -48.86
C ALA E 104 40.94 4.01 -48.27
N PRO E 105 41.86 4.59 -47.49
CA PRO E 105 41.66 5.92 -46.93
C PRO E 105 41.97 6.99 -47.95
N GLU E 106 41.32 8.13 -47.77
CA GLU E 106 41.61 9.27 -48.64
C GLU E 106 43.01 9.78 -48.36
N GLY E 107 43.61 10.38 -49.39
CA GLY E 107 44.88 11.07 -49.25
C GLY E 107 44.70 12.57 -49.10
N ASP E 108 45.81 13.28 -49.26
CA ASP E 108 45.80 14.73 -49.07
C ASP E 108 45.41 15.47 -50.33
N THR E 109 45.25 14.74 -51.44
CA THR E 109 44.70 15.24 -52.70
C THR E 109 43.81 14.15 -53.27
N LEU E 110 43.04 14.50 -54.30
CA LEU E 110 42.31 13.46 -55.02
C LEU E 110 43.28 12.48 -55.68
N GLN E 111 44.41 12.99 -56.19
CA GLN E 111 45.41 12.09 -56.77
C GLN E 111 45.89 11.07 -55.77
N GLU E 112 46.18 11.50 -54.53
CA GLU E 112 46.69 10.55 -53.55
C GLU E 112 45.59 9.59 -53.12
N THR E 113 44.37 10.08 -52.99
CA THR E 113 43.23 9.20 -52.76
C THR E 113 43.19 8.08 -53.80
N ASN E 114 43.34 8.43 -55.08
CA ASN E 114 43.24 7.41 -56.12
C ASN E 114 44.47 6.50 -56.15
N ARG E 115 45.65 7.02 -55.77
CA ARG E 115 46.82 6.16 -55.64
C ARG E 115 46.61 5.15 -54.52
N ASN E 116 46.13 5.60 -53.36
CA ASN E 116 45.78 4.69 -52.28
C ASN E 116 44.79 3.64 -52.76
N LEU E 117 43.74 4.08 -53.44
CA LEU E 117 42.72 3.16 -53.92
C LEU E 117 43.30 2.15 -54.89
N ASP E 118 44.08 2.63 -55.87
CA ASP E 118 44.71 1.74 -56.84
C ASP E 118 45.55 0.67 -56.14
N GLU E 119 46.26 1.05 -55.10
CA GLU E 119 47.13 0.10 -54.41
C GLU E 119 46.33 -1.02 -53.75
N ILE E 120 45.21 -0.66 -53.11
CA ILE E 120 44.35 -1.68 -52.52
C ILE E 120 43.65 -2.50 -53.60
N VAL E 121 43.22 -1.85 -54.69
CA VAL E 121 42.61 -2.59 -55.78
C VAL E 121 43.56 -3.66 -56.32
N ALA E 122 44.87 -3.39 -56.34
CA ALA E 122 45.80 -4.39 -56.84
C ALA E 122 45.89 -5.60 -55.91
N LEU E 123 45.85 -5.37 -54.59
CA LEU E 123 45.78 -6.46 -53.63
C LEU E 123 44.52 -7.31 -53.84
N ILE E 124 43.37 -6.65 -54.01
CA ILE E 124 42.11 -7.36 -54.21
C ILE E 124 42.14 -8.18 -55.48
N LYS E 125 42.69 -7.59 -56.56
CA LYS E 125 42.77 -8.29 -57.83
C LYS E 125 43.55 -9.58 -57.71
N GLN E 126 44.69 -9.54 -56.99
CA GLN E 126 45.49 -10.74 -56.79
C GLN E 126 44.72 -11.77 -55.97
N HIS E 127 44.05 -11.32 -54.91
CA HIS E 127 43.27 -12.24 -54.09
C HIS E 127 42.16 -12.89 -54.89
N MET E 128 41.52 -12.12 -55.79
CA MET E 128 40.47 -12.69 -56.64
C MET E 128 41.03 -13.78 -57.53
N HIS E 129 42.20 -13.53 -58.10
CA HIS E 129 42.80 -14.50 -59.02
C HIS E 129 43.12 -15.79 -58.29
N SER E 130 43.81 -15.70 -57.16
CA SER E 130 44.25 -16.92 -56.50
C SER E 130 43.09 -17.62 -55.81
N SER E 131 42.12 -16.87 -55.32
CA SER E 131 40.99 -17.46 -54.61
C SER E 131 39.85 -17.88 -55.52
N GLY E 132 39.79 -17.35 -56.74
CA GLY E 132 38.66 -17.61 -57.61
C GLY E 132 37.38 -16.90 -57.23
N LYS E 133 37.43 -15.87 -56.38
CA LYS E 133 36.23 -15.11 -56.01
C LYS E 133 35.97 -14.01 -57.03
N LYS E 134 34.68 -13.69 -57.20
CA LYS E 134 34.26 -12.74 -58.22
C LYS E 134 33.65 -11.50 -57.59
N LEU E 135 33.75 -10.38 -58.31
CA LEU E 135 33.19 -9.10 -57.87
C LEU E 135 31.74 -9.01 -58.34
N LEU E 136 30.79 -9.07 -57.41
CA LEU E 136 29.40 -8.94 -57.79
C LEU E 136 29.11 -7.49 -58.20
N TRP E 137 29.50 -6.54 -57.36
CA TRP E 137 29.49 -5.15 -57.78
C TRP E 137 30.40 -4.33 -56.87
N ASN E 138 30.90 -3.23 -57.41
CA ASN E 138 31.51 -2.17 -56.62
C ASN E 138 30.68 -0.90 -56.76
N THR E 139 31.05 0.12 -56.00
CA THR E 139 30.26 1.34 -55.97
C THR E 139 31.13 2.45 -55.42
N ALA E 140 30.61 3.67 -55.53
CA ALA E 140 31.25 4.83 -54.92
C ALA E 140 30.47 5.21 -53.66
N ASN E 141 31.18 5.32 -52.54
CA ASN E 141 30.60 5.84 -51.31
C ASN E 141 30.70 7.35 -51.37
N MET E 142 29.60 8.01 -51.73
CA MET E 142 29.55 9.47 -51.74
C MET E 142 28.62 9.92 -50.64
N PHE E 143 28.83 9.34 -49.47
CA PHE E 143 27.96 9.50 -48.32
C PHE E 143 28.72 10.01 -47.11
N THR E 144 29.87 9.39 -46.80
CA THR E 144 30.55 9.64 -45.54
C THR E 144 31.19 11.03 -45.50
N ASN E 145 32.00 11.37 -46.49
CA ASN E 145 32.81 12.58 -46.43
C ASN E 145 31.92 13.81 -46.35
N PRO E 146 32.29 14.83 -45.55
CA PRO E 146 31.41 16.00 -45.39
C PRO E 146 31.19 16.82 -46.66
N ARG E 147 31.97 16.63 -47.72
CA ARG E 147 31.70 17.37 -48.95
C ARG E 147 30.33 17.01 -49.50
N PHE E 148 29.83 15.81 -49.20
CA PHE E 148 28.57 15.34 -49.75
C PHE E 148 27.37 15.66 -48.86
N VAL E 149 27.50 16.68 -48.00
CA VAL E 149 26.44 16.96 -47.03
C VAL E 149 25.13 17.28 -47.72
N HIS E 150 25.18 17.93 -48.90
CA HIS E 150 24.00 18.21 -49.71
C HIS E 150 23.72 17.14 -50.76
N GLY E 151 24.43 16.03 -50.73
CA GLY E 151 24.33 15.03 -51.78
C GLY E 151 25.54 15.04 -52.69
N ALA E 152 25.43 14.27 -53.78
CA ALA E 152 26.48 14.14 -54.78
C ALA E 152 26.00 14.68 -56.11
N ALA E 153 25.25 13.89 -56.87
CA ALA E 153 24.73 14.40 -58.13
C ALA E 153 23.69 15.50 -57.89
N THR E 154 22.97 15.45 -56.76
CA THR E 154 21.90 16.40 -56.49
C THR E 154 22.34 17.48 -55.51
N THR E 155 23.65 17.63 -55.31
CA THR E 155 24.22 18.68 -54.47
C THR E 155 23.85 20.07 -54.97
N SER E 156 23.93 21.05 -54.06
CA SER E 156 23.82 22.46 -54.46
C SER E 156 25.14 23.05 -54.93
N ASN E 157 26.24 22.34 -54.76
CA ASN E 157 27.57 22.88 -55.00
C ASN E 157 28.19 22.17 -56.21
N ALA E 158 28.33 22.92 -57.31
CA ALA E 158 28.86 22.32 -58.54
C ALA E 158 30.25 21.72 -58.35
N ASP E 159 31.06 22.26 -57.43
CA ASP E 159 32.36 21.66 -57.17
C ASP E 159 32.21 20.22 -56.67
N VAL E 160 31.18 19.96 -55.86
CA VAL E 160 30.94 18.60 -55.35
C VAL E 160 30.50 17.68 -56.47
N PHE E 161 29.64 18.17 -57.35
CA PHE E 161 29.26 17.40 -58.53
C PHE E 161 30.49 17.02 -59.34
N ALA E 162 31.46 17.94 -59.43
CA ALA E 162 32.71 17.65 -60.15
C ALA E 162 33.48 16.54 -59.45
N TYR E 163 33.65 16.65 -58.13
CA TYR E 163 34.35 15.61 -57.39
C TYR E 163 33.63 14.27 -57.53
N ALA E 164 32.30 14.28 -57.41
CA ALA E 164 31.53 13.05 -57.54
C ALA E 164 31.75 12.39 -58.90
N ALA E 165 31.74 13.19 -59.97
CA ALA E 165 32.04 12.65 -61.30
C ALA E 165 33.42 11.99 -61.32
N ALA E 166 34.42 12.65 -60.74
CA ALA E 166 35.76 12.08 -60.68
C ALA E 166 35.76 10.77 -59.91
N GLN E 167 35.03 10.72 -58.79
CA GLN E 167 35.02 9.51 -57.97
C GLN E 167 34.30 8.35 -58.67
N VAL E 168 33.17 8.63 -59.31
CA VAL E 168 32.50 7.56 -60.05
C VAL E 168 33.33 7.15 -61.26
N LYS E 169 33.99 8.13 -61.89
CA LYS E 169 34.85 7.81 -63.02
C LYS E 169 35.89 6.78 -62.61
N LYS E 170 36.58 7.02 -61.48
CA LYS E 170 37.56 6.08 -60.96
C LYS E 170 36.92 4.73 -60.65
N ALA E 171 35.73 4.73 -60.05
CA ALA E 171 35.08 3.47 -59.67
C ALA E 171 34.70 2.65 -60.89
N LEU E 172 34.27 3.32 -61.98
CA LEU E 172 33.98 2.59 -63.21
C LEU E 172 35.25 1.97 -63.79
N ASP E 173 36.37 2.70 -63.76
CA ASP E 173 37.64 2.10 -64.16
C ASP E 173 37.93 0.84 -63.33
N HIS E 174 37.74 0.95 -62.01
CA HIS E 174 38.05 -0.19 -61.15
C HIS E 174 37.06 -1.33 -61.34
N GLY E 175 35.78 -1.03 -61.56
CA GLY E 175 34.84 -2.10 -61.89
C GLY E 175 35.27 -2.86 -63.13
N LYS E 176 35.68 -2.13 -64.16
CA LYS E 176 36.16 -2.80 -65.39
C LYS E 176 37.41 -3.61 -65.10
N GLU E 177 38.35 -3.03 -64.35
CA GLU E 177 39.61 -3.73 -64.12
C GLU E 177 39.40 -5.03 -63.36
N LEU E 178 38.48 -5.05 -62.40
CA LEU E 178 38.23 -6.22 -61.58
C LEU E 178 37.12 -7.11 -62.13
N GLY E 179 36.53 -6.77 -63.27
CA GLY E 179 35.48 -7.60 -63.84
C GLY E 179 34.18 -7.60 -63.06
N ALA E 180 33.79 -6.46 -62.50
CA ALA E 180 32.50 -6.34 -61.81
C ALA E 180 31.38 -6.80 -62.74
N GLU E 181 30.47 -7.63 -62.22
CA GLU E 181 29.35 -8.07 -63.04
C GLU E 181 28.24 -7.02 -63.06
N ASN E 182 28.13 -6.24 -61.99
CA ASN E 182 27.21 -5.12 -61.91
C ASN E 182 27.96 -3.91 -61.34
N TYR E 183 27.35 -2.73 -61.48
CA TYR E 183 27.84 -1.52 -60.84
C TYR E 183 26.65 -0.82 -60.21
N VAL E 184 26.78 -0.41 -58.95
CA VAL E 184 25.64 0.09 -58.17
C VAL E 184 25.75 1.60 -58.00
N PHE E 185 24.61 2.29 -58.13
CA PHE E 185 24.43 3.66 -57.67
C PHE E 185 23.40 3.62 -56.54
N TRP E 186 23.74 4.16 -55.38
CA TRP E 186 22.77 4.05 -54.27
C TRP E 186 22.32 5.43 -53.78
N GLY E 187 21.43 5.39 -52.77
CA GLY E 187 20.69 6.58 -52.40
C GLY E 187 21.54 7.65 -51.76
N GLY E 188 22.47 7.26 -50.89
CA GLY E 188 23.28 8.19 -50.13
C GLY E 188 22.54 9.40 -49.60
N ARG E 189 22.93 10.57 -50.10
CA ARG E 189 22.32 11.85 -49.73
C ARG E 189 21.56 12.49 -50.88
N GLU E 190 21.14 11.71 -51.88
CA GLU E 190 20.40 12.27 -53.02
C GLU E 190 18.92 12.36 -52.66
N GLY E 191 18.52 13.52 -52.15
CA GLY E 191 17.16 13.75 -51.74
C GLY E 191 17.02 15.15 -51.17
N TYR E 192 16.24 15.32 -50.10
CA TYR E 192 16.14 16.63 -49.50
C TYR E 192 15.92 16.51 -47.99
N GLU E 193 16.38 17.55 -47.27
CA GLU E 193 15.97 17.73 -45.87
C GLU E 193 14.66 18.50 -45.80
N SER E 194 14.46 19.42 -46.73
CA SER E 194 13.28 20.26 -46.75
C SER E 194 13.00 20.68 -48.18
N LEU E 195 11.72 20.62 -48.58
CA LEU E 195 11.39 21.20 -49.87
C LEU E 195 11.48 22.72 -49.88
N LEU E 196 11.50 23.36 -48.70
CA LEU E 196 11.50 24.82 -48.66
C LEU E 196 12.70 25.41 -49.37
N ASN E 197 13.85 24.73 -49.31
CA ASN E 197 15.08 25.24 -49.89
C ASN E 197 15.55 24.42 -51.07
N THR E 198 14.67 23.63 -51.69
CA THR E 198 15.06 22.68 -52.72
C THR E 198 14.61 23.17 -54.09
N ASP E 199 15.53 23.17 -55.06
CA ASP E 199 15.18 23.30 -56.48
C ASP E 199 15.06 21.86 -57.00
N LEU E 200 13.84 21.32 -56.94
CA LEU E 200 13.64 19.90 -57.24
C LEU E 200 13.97 19.57 -58.69
N GLY E 201 13.48 20.38 -59.63
CA GLY E 201 13.74 20.10 -61.04
C GLY E 201 15.23 20.13 -61.37
N LEU E 202 15.97 21.09 -60.79
CA LEU E 202 17.41 21.13 -61.04
C LEU E 202 18.11 19.91 -60.44
N GLU E 203 17.76 19.52 -59.22
CA GLU E 203 18.39 18.35 -58.63
C GLU E 203 18.12 17.11 -59.47
N LEU E 204 16.87 16.91 -59.90
CA LEU E 204 16.52 15.72 -60.66
C LEU E 204 17.13 15.76 -62.06
N ASP E 205 17.13 16.92 -62.71
CA ASP E 205 17.82 17.00 -64.00
C ASP E 205 19.30 16.67 -63.85
N ASN E 206 19.92 17.17 -62.77
CA ASN E 206 21.35 16.91 -62.54
C ASN E 206 21.61 15.45 -62.19
N LEU E 207 20.69 14.82 -61.45
CA LEU E 207 20.82 13.39 -61.21
C LEU E 207 20.77 12.62 -62.53
N ALA E 208 19.84 13.00 -63.43
CA ALA E 208 19.77 12.37 -64.74
C ALA E 208 21.02 12.64 -65.56
N ARG E 209 21.52 13.89 -65.56
CA ARG E 209 22.77 14.21 -66.25
C ARG E 209 23.91 13.33 -65.76
N PHE E 210 24.05 13.22 -64.44
CA PHE E 210 25.15 12.46 -63.85
C PHE E 210 25.10 11.00 -64.28
N LEU E 211 23.91 10.39 -64.17
CA LEU E 211 23.76 8.98 -64.55
C LEU E 211 24.08 8.76 -66.02
N GLN E 212 23.65 9.70 -66.86
CA GLN E 212 23.95 9.57 -68.30
C GLN E 212 25.43 9.77 -68.58
N LEU E 213 26.07 10.70 -67.85
CA LEU E 213 27.52 10.86 -67.95
C LEU E 213 28.25 9.57 -67.59
N ALA E 214 27.74 8.84 -66.59
CA ALA E 214 28.35 7.56 -66.22
C ALA E 214 28.12 6.51 -67.30
N VAL E 215 26.90 6.45 -67.84
CA VAL E 215 26.65 5.54 -68.95
C VAL E 215 27.59 5.85 -70.11
N ASP E 216 27.75 7.14 -70.44
CA ASP E 216 28.68 7.54 -71.51
C ASP E 216 30.07 7.01 -71.22
N TYR E 217 30.58 7.27 -70.02
CA TYR E 217 31.95 6.89 -69.71
C TYR E 217 32.12 5.37 -69.76
N ALA E 218 31.17 4.63 -69.20
CA ALA E 218 31.26 3.17 -69.25
C ALA E 218 31.34 2.66 -70.68
N LYS E 219 30.60 3.29 -71.60
CA LYS E 219 30.66 2.89 -73.00
C LYS E 219 32.02 3.20 -73.59
N GLU E 220 32.58 4.36 -73.23
CA GLU E 220 33.87 4.78 -73.75
C GLU E 220 34.99 3.80 -73.36
N ILE E 221 34.98 3.31 -72.12
CA ILE E 221 36.01 2.35 -71.70
C ILE E 221 35.59 0.90 -71.91
N GLY E 222 34.42 0.66 -72.49
CA GLY E 222 33.97 -0.70 -72.72
C GLY E 222 33.68 -1.47 -71.45
N PHE E 223 33.14 -0.80 -70.44
CA PHE E 223 32.78 -1.44 -69.18
C PHE E 223 31.37 -2.00 -69.32
N ASP E 224 31.25 -3.33 -69.26
CA ASP E 224 30.03 -4.03 -69.66
C ASP E 224 29.14 -4.43 -68.48
N ALA E 225 29.46 -4.04 -67.25
CA ALA E 225 28.66 -4.46 -66.11
C ALA E 225 27.24 -3.90 -66.20
N GLN E 226 26.29 -4.62 -65.62
CA GLN E 226 24.92 -4.14 -65.55
C GLN E 226 24.84 -2.99 -64.56
N PHE E 227 24.47 -1.80 -65.03
CA PHE E 227 24.25 -0.68 -64.12
C PHE E 227 23.00 -0.93 -63.28
N LEU E 228 23.09 -0.62 -61.99
CA LEU E 228 21.98 -0.80 -61.05
C LEU E 228 21.78 0.46 -60.24
N ILE E 229 20.51 0.81 -60.00
CA ILE E 229 20.12 1.80 -59.01
C ILE E 229 19.47 1.08 -57.85
N GLU E 230 19.92 1.37 -56.62
CA GLU E 230 19.27 0.85 -55.42
C GLU E 230 18.29 1.86 -54.85
N PRO E 231 17.00 1.57 -54.84
CA PRO E 231 16.04 2.48 -54.19
C PRO E 231 16.24 2.53 -52.67
N LYS E 232 15.95 3.70 -52.10
CA LYS E 232 15.86 3.91 -50.65
C LYS E 232 14.93 5.11 -50.44
N PRO E 233 13.93 4.97 -49.59
CA PRO E 233 12.91 6.03 -49.48
C PRO E 233 13.33 7.24 -48.65
N LYS E 234 14.22 7.03 -47.67
CA LYS E 234 14.48 8.02 -46.64
C LYS E 234 15.56 7.46 -45.73
N GLU E 235 16.11 8.33 -44.88
CA GLU E 235 17.15 8.04 -43.88
C GLU E 235 18.51 8.00 -44.58
N PRO E 236 19.43 8.92 -44.25
CA PRO E 236 19.28 9.93 -43.19
C PRO E 236 18.40 11.12 -43.57
N SER E 237 18.08 11.24 -44.86
CA SER E 237 17.32 12.38 -45.34
C SER E 237 15.82 12.16 -45.17
N LYS E 238 15.08 13.28 -45.13
CA LYS E 238 13.62 13.19 -45.07
C LYS E 238 13.06 12.45 -46.27
N HIS E 239 13.57 12.73 -47.47
CA HIS E 239 13.08 12.05 -48.66
C HIS E 239 14.27 11.78 -49.57
N GLN E 240 14.35 10.57 -50.10
CA GLN E 240 15.38 10.25 -51.07
C GLN E 240 14.71 9.90 -52.39
N TYR E 241 15.30 10.38 -53.48
CA TYR E 241 14.54 10.50 -54.72
C TYR E 241 14.20 9.14 -55.31
N ASP E 242 15.08 8.15 -55.18
CA ASP E 242 14.81 6.81 -55.67
C ASP E 242 14.02 6.05 -54.59
N PHE E 243 12.77 6.50 -54.39
CA PHE E 243 11.99 6.14 -53.20
C PHE E 243 11.71 4.64 -53.11
N ASP E 244 11.29 4.05 -54.23
CA ASP E 244 11.00 2.63 -54.34
C ASP E 244 11.12 2.28 -55.82
N ALA E 245 10.79 1.04 -56.16
CA ALA E 245 10.98 0.59 -57.54
C ALA E 245 10.16 1.43 -58.50
N ALA E 246 8.85 1.59 -58.22
CA ALA E 246 8.01 2.32 -59.15
C ALA E 246 8.46 3.78 -59.31
N THR E 247 8.84 4.41 -58.20
CA THR E 247 9.31 5.80 -58.26
C THR E 247 10.59 5.90 -59.07
N THR E 248 11.52 4.98 -58.85
CA THR E 248 12.77 4.98 -59.61
C THR E 248 12.51 4.71 -61.08
N LEU E 249 11.63 3.76 -61.39
CA LEU E 249 11.27 3.48 -62.78
C LEU E 249 10.65 4.70 -63.45
N GLN E 250 9.83 5.46 -62.71
CA GLN E 250 9.24 6.68 -63.26
C GLN E 250 10.31 7.67 -63.70
N PHE E 251 11.34 7.85 -62.86
CA PHE E 251 12.49 8.69 -63.19
C PHE E 251 13.26 8.15 -64.39
N LEU E 252 13.59 6.85 -64.37
CA LEU E 252 14.34 6.28 -65.49
C LEU E 252 13.59 6.43 -66.80
N GLN E 253 12.29 6.15 -66.79
CA GLN E 253 11.49 6.31 -68.01
C GLN E 253 11.48 7.76 -68.49
N LYS E 254 11.35 8.71 -67.56
CA LYS E 254 11.23 10.11 -67.94
C LYS E 254 12.50 10.62 -68.61
N TYR E 255 13.67 10.20 -68.14
CA TYR E 255 14.92 10.69 -68.68
C TYR E 255 15.58 9.70 -69.65
N ASP E 256 14.84 8.70 -70.14
CA ASP E 256 15.34 7.76 -71.13
C ASP E 256 16.60 7.02 -70.62
N LEU E 257 16.58 6.64 -69.36
CA LEU E 257 17.64 5.86 -68.76
C LEU E 257 17.23 4.43 -68.45
N ALA E 258 15.94 4.08 -68.68
CA ALA E 258 15.45 2.75 -68.31
C ALA E 258 16.18 1.65 -69.07
N LYS E 259 16.61 1.94 -70.29
CA LYS E 259 17.34 0.97 -71.12
C LYS E 259 18.73 0.65 -70.56
N HIS E 260 19.26 1.46 -69.64
CA HIS E 260 20.60 1.25 -69.14
C HIS E 260 20.67 0.68 -67.72
N PHE E 261 19.57 0.66 -66.98
CA PHE E 261 19.61 0.41 -65.54
C PHE E 261 18.61 -0.67 -65.15
N LYS E 262 19.02 -1.54 -64.26
CA LYS E 262 18.06 -2.34 -63.51
C LYS E 262 18.15 -1.90 -62.06
N LEU E 263 17.41 -2.55 -61.19
CA LEU E 263 17.37 -2.15 -59.79
C LEU E 263 18.08 -3.16 -58.91
N ASN E 264 18.80 -2.65 -57.92
CA ASN E 264 19.28 -3.41 -56.77
C ASN E 264 18.27 -3.21 -55.64
N LEU E 265 17.51 -4.26 -55.31
CA LEU E 265 16.42 -4.15 -54.34
C LEU E 265 16.91 -4.62 -52.98
N GLU E 266 16.80 -3.75 -51.99
CA GLU E 266 17.23 -4.07 -50.63
C GLU E 266 15.98 -4.28 -49.79
N ALA E 267 15.92 -5.41 -49.09
CA ALA E 267 14.68 -5.77 -48.39
C ALA E 267 14.25 -4.69 -47.41
N ASN E 268 15.18 -4.20 -46.59
CA ASN E 268 14.82 -3.22 -45.57
C ASN E 268 14.29 -1.94 -46.20
N HIS E 269 14.77 -1.59 -47.38
CA HIS E 269 14.31 -0.37 -48.05
C HIS E 269 12.89 -0.54 -48.59
N ALA E 270 12.53 -1.75 -48.97
CA ALA E 270 11.17 -2.02 -49.38
C ALA E 270 10.20 -1.68 -48.25
N THR E 271 10.45 -2.24 -47.06
CA THR E 271 9.52 -2.04 -45.95
C THR E 271 9.58 -0.62 -45.42
N LEU E 272 10.76 0.02 -45.46
CA LEU E 272 10.84 1.43 -45.11
C LEU E 272 9.97 2.30 -46.03
N ALA E 273 9.75 1.87 -47.27
CA ALA E 273 8.88 2.59 -48.19
C ALA E 273 7.43 2.15 -48.11
N GLY E 274 7.07 1.26 -47.19
CA GLY E 274 5.70 0.84 -47.00
C GLY E 274 5.28 -0.36 -47.81
N HIS E 275 6.21 -1.09 -48.41
CA HIS E 275 5.93 -2.26 -49.25
C HIS E 275 6.55 -3.51 -48.66
N THR E 276 5.98 -4.67 -48.96
CA THR E 276 6.73 -5.90 -48.70
C THR E 276 7.91 -6.00 -49.67
N PHE E 277 8.93 -6.77 -49.26
CA PHE E 277 10.06 -7.03 -50.15
C PHE E 277 9.59 -7.72 -51.43
N GLU E 278 8.68 -8.69 -51.31
CA GLU E 278 8.22 -9.40 -52.48
C GLU E 278 7.42 -8.47 -53.40
N HIS E 279 6.81 -7.41 -52.86
CA HIS E 279 6.17 -6.43 -53.72
C HIS E 279 7.20 -5.76 -54.62
N GLU E 280 8.29 -5.26 -54.02
CA GLU E 280 9.33 -4.60 -54.81
C GLU E 280 9.92 -5.55 -55.85
N LEU E 281 10.11 -6.82 -55.48
CA LEU E 281 10.69 -7.76 -56.43
C LEU E 281 9.74 -8.04 -57.59
N ARG E 282 8.44 -8.19 -57.31
CA ARG E 282 7.51 -8.45 -58.40
C ARG E 282 7.36 -7.24 -59.30
N VAL E 283 7.30 -6.03 -58.71
CA VAL E 283 7.21 -4.83 -59.54
C VAL E 283 8.43 -4.70 -60.43
N ALA E 284 9.63 -4.93 -59.88
CA ALA E 284 10.84 -4.92 -60.70
C ALA E 284 10.79 -6.01 -61.76
N ARG E 285 10.38 -7.22 -61.36
CA ARG E 285 10.32 -8.35 -62.28
C ARG E 285 9.49 -8.03 -63.51
N ILE E 286 8.26 -7.53 -63.32
CA ILE E 286 7.39 -7.35 -64.48
C ILE E 286 7.73 -6.10 -65.26
N ASN E 287 8.73 -5.33 -64.80
CA ASN E 287 9.27 -4.22 -65.59
C ASN E 287 10.67 -4.51 -66.11
N GLY E 288 11.13 -5.77 -66.02
CA GLY E 288 12.43 -6.15 -66.54
C GLY E 288 13.58 -5.54 -65.78
N ALA E 289 13.37 -5.21 -64.51
CA ALA E 289 14.36 -4.43 -63.77
C ALA E 289 14.77 -5.09 -62.45
N LEU E 290 14.54 -6.39 -62.27
CA LEU E 290 15.03 -7.06 -61.07
C LEU E 290 16.50 -7.41 -61.32
N GLY E 291 17.40 -6.55 -60.86
CA GLY E 291 18.80 -6.74 -61.23
C GLY E 291 19.60 -7.56 -60.25
N SER E 292 19.41 -7.30 -58.97
CA SER E 292 20.16 -7.95 -57.90
C SER E 292 19.40 -7.62 -56.62
N ILE E 293 19.73 -8.32 -55.52
CA ILE E 293 19.14 -7.97 -54.24
C ILE E 293 20.19 -7.85 -53.15
N ASP E 294 19.87 -7.03 -52.16
CA ASP E 294 20.58 -6.95 -50.90
C ASP E 294 19.67 -7.62 -49.86
N ALA E 295 20.09 -8.77 -49.37
CA ALA E 295 19.28 -9.60 -48.49
C ALA E 295 19.53 -9.17 -47.05
N ASN E 296 18.53 -8.55 -46.43
CA ASN E 296 18.58 -8.19 -45.02
C ASN E 296 17.13 -8.09 -44.55
N GLN E 297 16.90 -7.55 -43.35
CA GLN E 297 15.53 -7.24 -42.99
C GLN E 297 15.50 -6.10 -42.00
N GLY E 298 14.44 -5.29 -42.09
CA GLY E 298 14.17 -4.26 -41.11
C GLY E 298 13.40 -4.80 -39.94
N ASP E 299 13.00 -3.87 -39.08
CA ASP E 299 12.03 -4.12 -38.02
C ASP E 299 10.85 -3.22 -38.34
N LEU E 300 9.71 -3.82 -38.70
CA LEU E 300 8.58 -3.04 -39.16
C LEU E 300 8.00 -2.13 -38.07
N LEU E 301 8.38 -2.32 -36.81
CA LEU E 301 7.95 -1.44 -35.74
C LEU E 301 8.90 -0.27 -35.50
N LEU E 302 10.07 -0.27 -36.14
CA LEU E 302 11.05 0.81 -36.04
C LEU E 302 11.12 1.57 -37.37
N GLY E 303 11.01 2.89 -37.31
CA GLY E 303 11.00 3.64 -38.54
C GLY E 303 12.33 3.83 -39.23
N TRP E 304 13.37 3.12 -38.82
CA TRP E 304 14.67 3.35 -39.40
C TRP E 304 15.24 2.06 -39.94
N ASP E 305 16.26 2.24 -40.76
CA ASP E 305 16.89 1.23 -41.58
C ASP E 305 17.81 0.39 -40.68
N THR E 306 17.34 -0.76 -40.17
CA THR E 306 18.19 -1.49 -39.22
C THR E 306 19.17 -2.46 -39.87
N ASP E 307 18.93 -2.88 -41.12
CA ASP E 307 19.86 -3.72 -41.88
C ASP E 307 20.31 -4.97 -41.12
N GLU E 308 19.36 -5.66 -40.51
CA GLU E 308 19.65 -6.90 -39.81
C GLU E 308 19.84 -8.03 -40.81
N PHE E 309 20.66 -9.01 -40.43
CA PHE E 309 20.80 -10.18 -41.29
C PHE E 309 19.44 -10.85 -41.44
N PRO E 310 19.12 -11.36 -42.63
CA PRO E 310 17.74 -11.81 -42.87
C PRO E 310 17.48 -13.12 -42.16
N THR E 311 16.43 -13.17 -41.34
CA THR E 311 16.09 -14.39 -40.65
C THR E 311 14.65 -14.84 -40.91
N ASP E 312 13.78 -13.91 -41.30
CA ASP E 312 12.36 -14.15 -41.52
C ASP E 312 12.18 -15.12 -42.69
N LEU E 313 11.70 -16.32 -42.39
CA LEU E 313 11.53 -17.36 -43.42
C LEU E 313 10.40 -17.02 -44.39
N TYR E 314 9.42 -16.23 -43.97
CA TYR E 314 8.40 -15.81 -44.92
C TYR E 314 9.03 -14.90 -45.97
N ALA E 315 9.78 -13.90 -45.53
CA ALA E 315 10.39 -12.96 -46.46
C ALA E 315 11.38 -13.66 -47.39
N SER E 316 12.19 -14.58 -46.88
CA SER E 316 13.17 -15.24 -47.74
C SER E 316 12.49 -16.15 -48.74
N THR E 317 11.43 -16.86 -48.31
CA THR E 317 10.67 -17.73 -49.22
C THR E 317 10.03 -16.89 -50.33
N LEU E 318 9.34 -15.83 -49.95
CA LEU E 318 8.59 -15.06 -50.93
C LEU E 318 9.52 -14.24 -51.83
N ALA E 319 10.71 -13.89 -51.33
CA ALA E 319 11.70 -13.25 -52.20
C ALA E 319 12.25 -14.22 -53.23
N MET E 320 12.64 -15.42 -52.80
CA MET E 320 13.11 -16.42 -53.77
C MET E 320 12.01 -16.85 -54.72
N TYR E 321 10.76 -16.85 -54.25
CA TYR E 321 9.63 -17.11 -55.14
C TYR E 321 9.59 -16.13 -56.29
N GLU E 322 9.82 -14.85 -56.03
CA GLU E 322 9.85 -13.87 -57.12
C GLU E 322 11.11 -14.06 -57.96
N ILE E 323 12.25 -14.32 -57.31
CA ILE E 323 13.49 -14.38 -58.06
C ILE E 323 13.48 -15.58 -59.00
N LEU E 324 12.95 -16.72 -58.53
CA LEU E 324 12.93 -17.90 -59.38
C LEU E 324 12.13 -17.66 -60.65
N GLN E 325 11.13 -16.79 -60.60
CA GLN E 325 10.32 -16.48 -61.77
C GLN E 325 10.94 -15.43 -62.68
N ASN E 326 11.99 -14.76 -62.22
CA ASN E 326 12.71 -13.78 -63.02
C ASN E 326 13.43 -14.49 -64.18
N GLU E 327 13.52 -13.79 -65.31
CA GLU E 327 14.31 -14.30 -66.43
C GLU E 327 15.74 -14.59 -65.98
N GLY E 328 16.14 -15.86 -66.08
CA GLY E 328 17.48 -16.21 -65.64
C GLY E 328 17.66 -16.26 -64.13
N GLY E 329 16.58 -16.23 -63.36
CA GLY E 329 16.74 -16.20 -61.91
C GLY E 329 17.27 -14.85 -61.47
N ILE E 330 18.25 -14.85 -60.56
CA ILE E 330 18.91 -13.61 -60.19
C ILE E 330 19.83 -13.09 -61.30
N GLY E 331 20.02 -13.83 -62.38
CA GLY E 331 20.75 -13.31 -63.53
C GLY E 331 22.20 -13.00 -63.20
N ARG E 332 22.66 -11.82 -63.62
CA ARG E 332 24.00 -11.41 -63.26
C ARG E 332 24.07 -10.82 -61.86
N GLY E 333 22.95 -10.63 -61.19
CA GLY E 333 22.94 -10.22 -59.80
C GLY E 333 23.27 -11.36 -58.85
N GLY E 334 23.07 -11.12 -57.56
CA GLY E 334 23.24 -12.16 -56.57
C GLY E 334 22.45 -11.84 -55.32
N VAL E 335 22.55 -12.72 -54.34
CA VAL E 335 21.88 -12.54 -53.06
C VAL E 335 22.95 -12.04 -52.10
N ASN E 336 23.07 -10.71 -52.03
CA ASN E 336 24.19 -10.04 -51.39
C ASN E 336 23.80 -9.62 -49.98
N PHE E 337 24.59 -10.03 -48.98
CA PHE E 337 24.29 -9.71 -47.59
C PHE E 337 24.81 -8.32 -47.24
N ASP E 338 24.07 -7.30 -47.69
CA ASP E 338 24.28 -5.94 -47.23
C ASP E 338 23.56 -5.79 -45.88
N ALA E 339 24.22 -6.28 -44.83
CA ALA E 339 23.62 -6.31 -43.50
C ALA E 339 24.72 -6.07 -42.48
N LYS E 340 24.31 -5.69 -41.29
CA LYS E 340 25.24 -5.40 -40.21
C LYS E 340 24.85 -6.26 -39.02
N VAL E 341 25.87 -6.76 -38.31
CA VAL E 341 25.59 -7.47 -37.06
C VAL E 341 24.94 -6.49 -36.10
N ARG E 342 24.13 -7.02 -35.17
CA ARG E 342 23.59 -6.16 -34.14
C ARG E 342 24.73 -5.50 -33.36
N ARG E 343 24.47 -4.28 -32.88
CA ARG E 343 25.46 -3.54 -32.10
C ARG E 343 25.94 -4.36 -30.90
N THR E 344 25.07 -5.18 -30.32
CA THR E 344 25.39 -6.05 -29.20
C THR E 344 26.04 -7.36 -29.63
N SER E 345 26.18 -7.60 -30.94
CA SER E 345 26.86 -8.79 -31.44
C SER E 345 28.26 -8.44 -31.93
N PHE E 346 29.08 -7.94 -31.01
CA PHE E 346 30.32 -7.27 -31.39
C PHE E 346 31.51 -8.21 -31.49
N GLU E 347 31.34 -9.53 -31.26
CA GLU E 347 32.53 -10.36 -31.37
C GLU E 347 32.79 -10.79 -32.82
N PRO E 348 34.07 -10.94 -33.20
CA PRO E 348 34.37 -11.40 -34.58
C PRO E 348 33.58 -12.62 -34.99
N ILE E 349 33.42 -13.59 -34.09
CA ILE E 349 32.68 -14.79 -34.43
C ILE E 349 31.22 -14.50 -34.75
N ASP E 350 30.66 -13.40 -34.23
CA ASP E 350 29.27 -13.07 -34.57
C ASP E 350 29.09 -12.80 -36.05
N VAL E 351 30.14 -12.30 -36.72
CA VAL E 351 30.02 -12.08 -38.17
C VAL E 351 29.72 -13.39 -38.87
N VAL E 352 30.32 -14.47 -38.38
CA VAL E 352 30.10 -15.79 -38.96
C VAL E 352 28.72 -16.29 -38.61
N TYR E 353 28.35 -16.20 -37.32
CA TYR E 353 27.00 -16.59 -36.92
C TYR E 353 25.94 -15.83 -37.70
N ALA E 354 26.19 -14.55 -37.97
CA ALA E 354 25.16 -13.76 -38.65
C ALA E 354 24.98 -14.22 -40.09
N HIS E 355 26.09 -14.52 -40.78
CA HIS E 355 25.96 -14.95 -42.16
C HIS E 355 25.33 -16.33 -42.23
N ILE E 356 25.64 -17.19 -41.27
CA ILE E 356 24.99 -18.49 -41.20
C ILE E 356 23.49 -18.31 -41.07
N ASN E 357 23.07 -17.42 -40.18
CA ASN E 357 21.66 -17.07 -40.01
C ASN E 357 21.02 -16.73 -41.36
N GLY E 358 21.59 -15.75 -42.06
CA GLY E 358 21.00 -15.30 -43.32
C GLY E 358 21.14 -16.30 -44.45
N MET E 359 22.26 -17.00 -44.52
CA MET E 359 22.45 -17.94 -45.62
C MET E 359 21.49 -19.12 -45.48
N ASP E 360 21.30 -19.59 -44.25
CA ASP E 360 20.35 -20.67 -44.01
C ASP E 360 18.91 -20.19 -44.23
N ALA E 361 18.60 -18.94 -43.86
CA ALA E 361 17.24 -18.44 -44.08
C ALA E 361 16.92 -18.37 -45.56
N PHE E 362 17.89 -17.93 -46.38
CA PHE E 362 17.62 -17.83 -47.81
C PHE E 362 17.76 -19.17 -48.51
N ALA E 363 18.61 -20.06 -48.01
CA ALA E 363 18.63 -21.40 -48.60
C ALA E 363 17.32 -22.13 -48.33
N ARG E 364 16.80 -22.04 -47.11
CA ARG E 364 15.49 -22.63 -46.82
C ARG E 364 14.42 -21.95 -47.66
N GLY E 365 14.49 -20.62 -47.77
CA GLY E 365 13.53 -19.92 -48.62
C GLY E 365 13.53 -20.44 -50.04
N LEU E 366 14.72 -20.74 -50.59
CA LEU E 366 14.81 -21.26 -51.95
C LEU E 366 14.15 -22.63 -52.05
N GLN E 367 14.45 -23.53 -51.11
CA GLN E 367 13.83 -24.85 -51.10
C GLN E 367 12.32 -24.75 -51.13
N VAL E 368 11.76 -23.96 -50.22
CA VAL E 368 10.32 -23.83 -50.10
C VAL E 368 9.74 -23.18 -51.37
N ALA E 369 10.34 -22.08 -51.82
CA ALA E 369 9.83 -21.40 -53.02
C ALA E 369 9.87 -22.33 -54.24
N ALA E 370 10.96 -23.07 -54.41
CA ALA E 370 11.04 -23.95 -55.58
C ALA E 370 9.94 -24.99 -55.55
N LYS E 371 9.64 -25.55 -54.38
CA LYS E 371 8.60 -26.59 -54.31
C LYS E 371 7.21 -25.99 -54.49
N LEU E 372 6.99 -24.77 -53.95
CA LEU E 372 5.74 -24.06 -54.25
C LEU E 372 5.58 -23.82 -55.74
N ILE E 373 6.68 -23.50 -56.43
CA ILE E 373 6.61 -23.29 -57.87
C ILE E 373 6.38 -24.63 -58.59
N GLU E 374 7.16 -25.65 -58.25
CA GLU E 374 7.05 -26.93 -58.93
C GLU E 374 5.67 -27.54 -58.76
N ASP E 375 5.08 -27.39 -57.58
CA ASP E 375 3.75 -27.90 -57.30
C ASP E 375 2.65 -26.97 -57.81
N ARG E 376 3.00 -25.79 -58.30
CA ARG E 376 2.00 -24.78 -58.70
C ARG E 376 0.98 -24.57 -57.58
N ALA E 377 1.47 -24.55 -56.34
CA ALA E 377 0.59 -24.45 -55.18
C ALA E 377 -0.19 -23.13 -55.18
N PHE E 378 0.44 -22.05 -55.64
CA PHE E 378 -0.23 -20.76 -55.81
C PHE E 378 -0.73 -20.56 -57.23
N ASP E 379 0.06 -20.98 -58.24
CA ASP E 379 -0.30 -20.72 -59.64
C ASP E 379 -1.60 -21.38 -60.06
N ASN E 380 -1.93 -22.56 -59.51
CA ASN E 380 -3.20 -23.18 -59.90
C ASN E 380 -4.39 -22.40 -59.35
N VAL E 381 -4.25 -21.84 -58.14
CA VAL E 381 -5.32 -21.01 -57.60
C VAL E 381 -5.47 -19.73 -58.42
N ILE E 382 -4.34 -19.10 -58.79
CA ILE E 382 -4.39 -17.91 -59.64
C ILE E 382 -5.03 -18.24 -60.98
N GLU E 383 -4.62 -19.36 -61.60
CA GLU E 383 -5.17 -19.74 -62.89
C GLU E 383 -6.69 -19.81 -62.84
N GLU E 384 -7.23 -20.47 -61.81
CA GLU E 384 -8.68 -20.59 -61.68
C GLU E 384 -9.32 -19.25 -61.35
N ARG E 385 -8.71 -18.51 -60.43
CA ARG E 385 -9.24 -17.22 -60.00
C ARG E 385 -9.48 -16.27 -61.16
N TYR E 386 -8.56 -16.24 -62.14
CA TYR E 386 -8.65 -15.32 -63.27
C TYR E 386 -9.12 -15.99 -64.55
N ALA E 387 -9.65 -17.21 -64.46
CA ALA E 387 -9.98 -17.98 -65.67
C ALA E 387 -10.97 -17.25 -66.56
N SER E 388 -11.80 -16.36 -65.99
CA SER E 388 -12.79 -15.67 -66.81
C SER E 388 -12.16 -14.85 -67.92
N PHE E 389 -10.89 -14.48 -67.80
CA PHE E 389 -10.26 -13.66 -68.83
C PHE E 389 -9.68 -14.48 -69.97
N THR E 390 -9.82 -15.80 -69.94
CA THR E 390 -9.34 -16.65 -71.02
C THR E 390 -10.48 -17.18 -71.91
N LYS E 391 -11.72 -16.75 -71.67
CA LYS E 391 -12.87 -17.23 -72.42
C LYS E 391 -13.91 -16.12 -72.56
N GLY E 392 -14.80 -16.27 -73.53
CA GLY E 392 -15.96 -15.40 -73.63
C GLY E 392 -15.63 -13.93 -73.58
N ILE E 393 -16.46 -13.16 -72.89
CA ILE E 393 -16.26 -11.71 -72.83
C ILE E 393 -14.88 -11.38 -72.27
N GLY E 394 -14.37 -12.21 -71.37
CA GLY E 394 -13.06 -11.94 -70.79
C GLY E 394 -11.95 -11.99 -71.82
N ALA E 395 -11.96 -13.01 -72.67
CA ALA E 395 -10.97 -13.10 -73.73
C ALA E 395 -11.10 -11.92 -74.70
N ASP E 396 -12.34 -11.47 -74.94
CA ASP E 396 -12.57 -10.29 -75.78
C ASP E 396 -12.03 -9.02 -75.13
N ILE E 397 -12.08 -8.92 -73.81
CA ILE E 397 -11.45 -7.78 -73.14
C ILE E 397 -9.94 -7.78 -73.37
N VAL E 398 -9.32 -8.95 -73.17
CA VAL E 398 -7.87 -9.04 -73.26
C VAL E 398 -7.39 -8.86 -74.69
N SER E 399 -8.14 -9.39 -75.67
CA SER E 399 -7.75 -9.28 -77.07
C SER E 399 -7.93 -7.87 -77.63
N GLY E 400 -8.63 -6.98 -76.94
CA GLY E 400 -8.95 -5.66 -77.46
C GLY E 400 -10.18 -5.60 -78.34
N LYS E 401 -10.90 -6.71 -78.51
CA LYS E 401 -12.14 -6.68 -79.28
C LYS E 401 -13.24 -5.92 -78.55
N ALA E 402 -13.35 -6.12 -77.24
CA ALA E 402 -14.41 -5.48 -76.47
C ALA E 402 -14.11 -4.00 -76.25
N ASN E 403 -15.16 -3.19 -76.25
CA ASN E 403 -15.09 -1.77 -75.95
C ASN E 403 -16.27 -1.43 -75.06
N PHE E 404 -16.38 -0.15 -74.70
CA PHE E 404 -17.46 0.26 -73.81
C PHE E 404 -18.85 -0.06 -74.38
N HIS E 405 -19.03 0.02 -75.71
CA HIS E 405 -20.33 -0.32 -76.29
C HIS E 405 -20.66 -1.79 -76.08
N THR E 406 -19.74 -2.69 -76.43
CA THR E 406 -20.03 -4.12 -76.34
C THR E 406 -20.01 -4.60 -74.89
N LEU E 407 -19.18 -4.00 -74.05
CA LEU E 407 -19.20 -4.31 -72.63
C LEU E 407 -20.51 -3.89 -71.99
N GLU E 408 -21.01 -2.69 -72.31
CA GLU E 408 -22.30 -2.27 -71.77
C GLU E 408 -23.41 -3.21 -72.22
N ALA E 409 -23.45 -3.55 -73.51
CA ALA E 409 -24.46 -4.47 -74.01
C ALA E 409 -24.46 -5.79 -73.24
N TYR E 410 -23.26 -6.33 -72.99
CA TYR E 410 -23.16 -7.56 -72.21
C TYR E 410 -23.70 -7.35 -70.80
N ALA E 411 -23.25 -6.29 -70.13
CA ALA E 411 -23.73 -6.01 -68.78
C ALA E 411 -25.23 -5.79 -68.74
N LEU E 412 -25.81 -5.23 -69.80
CA LEU E 412 -27.25 -4.97 -69.82
C LEU E 412 -28.10 -6.23 -69.93
N GLN E 413 -27.49 -7.40 -70.14
CA GLN E 413 -28.26 -8.64 -70.05
C GLN E 413 -28.62 -8.99 -68.61
N ASN E 414 -27.98 -8.33 -67.65
CA ASN E 414 -28.26 -8.55 -66.22
C ASN E 414 -28.06 -10.00 -65.82
N ASN E 415 -27.11 -10.69 -66.45
CA ASN E 415 -26.79 -12.02 -65.98
C ASN E 415 -26.17 -11.93 -64.58
N PRO E 416 -26.50 -12.86 -63.69
CA PRO E 416 -26.08 -12.71 -62.29
C PRO E 416 -24.55 -12.75 -62.18
N ILE E 417 -24.02 -11.89 -61.32
CA ILE E 417 -22.58 -11.86 -61.08
C ILE E 417 -22.29 -12.65 -59.83
N THR E 418 -21.48 -13.68 -59.95
CA THR E 418 -21.02 -14.48 -58.81
C THR E 418 -19.50 -14.44 -58.81
N ASN E 419 -18.93 -13.82 -57.78
CA ASN E 419 -17.49 -13.82 -57.60
C ASN E 419 -17.10 -15.04 -56.78
N LYS E 420 -15.83 -15.44 -56.90
CA LYS E 420 -15.24 -16.55 -56.15
C LYS E 420 -14.32 -16.02 -55.05
N SER E 421 -14.27 -16.75 -53.93
CA SER E 421 -13.38 -16.41 -52.83
C SER E 421 -11.94 -16.23 -53.29
N GLY E 422 -11.24 -15.30 -52.62
CA GLY E 422 -9.82 -15.13 -52.82
C GLY E 422 -8.97 -16.21 -52.15
N ARG E 423 -9.52 -16.90 -51.15
CA ARG E 423 -8.85 -18.02 -50.49
C ARG E 423 -7.54 -17.62 -49.82
N VAL E 424 -7.44 -16.38 -49.33
CA VAL E 424 -6.19 -15.94 -48.72
C VAL E 424 -5.82 -16.84 -47.55
N GLU E 425 -6.78 -17.10 -46.65
CA GLU E 425 -6.43 -17.90 -45.47
C GLU E 425 -6.01 -19.31 -45.88
N LEU E 426 -6.67 -19.89 -46.88
CA LEU E 426 -6.27 -21.20 -47.37
C LEU E 426 -4.85 -21.18 -47.90
N LEU E 427 -4.49 -20.14 -48.66
CA LEU E 427 -3.13 -20.07 -49.21
C LEU E 427 -2.08 -19.83 -48.13
N ARG E 428 -2.44 -19.13 -47.05
CA ARG E 428 -1.50 -18.96 -45.95
C ARG E 428 -1.26 -20.26 -45.21
N SER E 429 -2.28 -21.12 -45.12
CA SER E 429 -2.07 -22.44 -44.54
C SER E 429 -1.07 -23.23 -45.35
N ILE E 430 -1.19 -23.19 -46.67
CA ILE E 430 -0.27 -23.91 -47.54
C ILE E 430 1.15 -23.39 -47.37
N LEU E 431 1.31 -22.06 -47.35
CA LEU E 431 2.63 -21.48 -47.17
C LEU E 431 3.27 -21.97 -45.87
N ASN E 432 2.50 -21.95 -44.78
CA ASN E 432 3.03 -22.47 -43.51
C ASN E 432 3.40 -23.94 -43.64
N GLN E 433 2.55 -24.73 -44.30
CA GLN E 433 2.84 -26.15 -44.46
C GLN E 433 4.14 -26.38 -45.22
N TYR E 434 4.33 -25.66 -46.32
CA TYR E 434 5.55 -25.85 -47.10
C TYR E 434 6.78 -25.40 -46.33
N ILE E 435 6.70 -24.24 -45.67
CA ILE E 435 7.86 -23.76 -44.91
C ILE E 435 8.33 -24.84 -43.93
N ILE E 436 7.38 -25.54 -43.29
CA ILE E 436 7.73 -26.56 -42.31
C ILE E 436 8.11 -27.88 -42.98
N ASN E 437 7.35 -28.29 -44.00
CA ASN E 437 7.37 -29.68 -44.50
C ASN E 437 8.29 -29.92 -45.69
N VAL E 438 8.75 -28.90 -46.39
CA VAL E 438 9.56 -29.17 -47.55
C VAL E 438 10.89 -29.80 -47.13
N TYR F 3 -32.10 22.39 -44.04
CA TYR F 3 -31.55 21.07 -43.76
C TYR F 3 -30.37 21.15 -42.79
N PHE F 4 -29.65 22.27 -42.79
CA PHE F 4 -28.44 22.41 -41.97
C PHE F 4 -28.63 23.34 -40.79
N ASP F 5 -29.88 23.68 -40.45
CA ASP F 5 -30.19 24.49 -39.27
C ASP F 5 -29.45 25.84 -39.32
N HIS F 6 -29.35 26.40 -40.53
CA HIS F 6 -28.62 27.65 -40.75
C HIS F 6 -29.10 28.22 -42.07
N VAL F 7 -30.02 29.16 -42.00
CA VAL F 7 -30.50 29.84 -43.20
C VAL F 7 -29.56 31.01 -43.50
N GLY F 8 -29.48 31.38 -44.77
CA GLY F 8 -28.65 32.50 -45.18
C GLY F 8 -27.21 32.11 -45.40
N THR F 9 -26.51 32.96 -46.15
CA THR F 9 -25.16 32.65 -46.62
C THR F 9 -24.11 33.13 -45.62
N VAL F 10 -23.09 32.30 -45.42
CA VAL F 10 -21.95 32.66 -44.58
C VAL F 10 -21.16 33.76 -45.27
N LYS F 11 -20.79 34.79 -44.51
CA LYS F 11 -20.10 35.96 -45.05
C LYS F 11 -18.73 36.14 -44.39
N PHE F 12 -17.83 36.79 -45.13
CA PHE F 12 -16.55 37.19 -44.55
C PHE F 12 -16.76 38.35 -43.57
N GLU F 13 -16.22 38.19 -42.35
CA GLU F 13 -16.32 39.20 -41.31
C GLU F 13 -14.97 39.54 -40.67
N GLY F 14 -13.86 39.08 -41.24
CA GLY F 14 -12.57 39.51 -40.76
C GLY F 14 -12.00 38.65 -39.65
N LYS F 15 -10.68 38.72 -39.49
CA LYS F 15 -9.99 37.81 -38.60
C LYS F 15 -10.36 38.02 -37.14
N SER F 16 -10.87 39.19 -36.76
CA SER F 16 -11.22 39.43 -35.36
C SER F 16 -12.66 39.08 -35.01
N SER F 17 -13.46 38.66 -35.99
CA SER F 17 -14.85 38.32 -35.71
C SER F 17 -14.95 37.16 -34.72
N THR F 18 -15.93 37.23 -33.83
CA THR F 18 -16.25 36.11 -32.95
C THR F 18 -17.50 35.35 -33.39
N ASN F 19 -18.06 35.70 -34.54
CA ASN F 19 -19.19 34.96 -35.07
C ASN F 19 -18.70 33.60 -35.54
N PRO F 20 -19.17 32.50 -34.94
CA PRO F 20 -18.74 31.17 -35.40
C PRO F 20 -19.28 30.82 -36.78
N LEU F 21 -20.29 31.54 -37.26
CA LEU F 21 -20.85 31.29 -38.59
C LEU F 21 -20.45 32.37 -39.57
N ALA F 22 -19.16 32.71 -39.60
CA ALA F 22 -18.64 33.71 -40.53
C ALA F 22 -17.22 33.31 -40.92
N PHE F 23 -16.81 33.65 -42.14
CA PHE F 23 -15.43 33.42 -42.54
C PHE F 23 -14.51 34.44 -41.88
N LYS F 24 -13.39 33.95 -41.35
CA LYS F 24 -12.40 34.82 -40.74
C LYS F 24 -11.27 35.19 -41.69
N PHE F 25 -11.06 34.39 -42.74
CA PHE F 25 -9.94 34.61 -43.65
C PHE F 25 -10.36 34.52 -45.10
N TYR F 26 -11.34 33.66 -45.40
CA TYR F 26 -11.87 33.57 -46.75
C TYR F 26 -12.69 34.80 -47.06
N ASN F 27 -12.08 35.76 -47.76
CA ASN F 27 -12.79 36.88 -48.35
C ASN F 27 -12.84 36.64 -49.86
N PRO F 28 -13.94 36.13 -50.40
CA PRO F 28 -13.99 35.78 -51.82
C PRO F 28 -13.53 36.89 -52.75
N ASP F 29 -13.77 38.13 -52.37
CA ASP F 29 -13.51 39.26 -53.23
C ASP F 29 -12.11 39.83 -53.08
N GLU F 30 -11.37 39.45 -52.04
CA GLU F 30 -10.02 39.98 -51.88
C GLU F 30 -9.20 39.61 -53.10
N ILE F 31 -8.45 40.58 -53.63
CA ILE F 31 -7.58 40.38 -54.79
C ILE F 31 -6.19 40.02 -54.28
N ILE F 32 -5.60 38.99 -54.87
CA ILE F 32 -4.28 38.53 -54.50
C ILE F 32 -3.49 38.24 -55.77
N LEU F 33 -2.39 38.95 -55.97
CA LEU F 33 -1.60 38.82 -57.20
C LEU F 33 -2.50 38.86 -58.44
N GLY F 34 -3.46 39.79 -58.43
CA GLY F 34 -4.26 40.01 -59.62
C GLY F 34 -5.46 39.11 -59.81
N LYS F 35 -5.82 38.28 -58.82
CA LYS F 35 -6.93 37.36 -58.95
C LYS F 35 -7.64 37.24 -57.60
N THR F 36 -8.96 37.09 -57.63
CA THR F 36 -9.72 37.02 -56.39
C THR F 36 -9.47 35.69 -55.68
N MET F 37 -9.64 35.70 -54.36
CA MET F 37 -9.57 34.46 -53.60
C MET F 37 -10.53 33.42 -54.15
N ARG F 38 -11.72 33.86 -54.56
CA ARG F 38 -12.69 32.92 -55.13
C ARG F 38 -12.10 32.18 -56.33
N GLU F 39 -11.41 32.89 -57.23
CA GLU F 39 -10.94 32.19 -58.43
C GLU F 39 -9.62 31.47 -58.20
N HIS F 40 -8.80 31.96 -57.27
CA HIS F 40 -7.61 31.22 -56.85
C HIS F 40 -7.97 29.81 -56.35
N LEU F 41 -8.97 29.74 -55.47
CA LEU F 41 -9.25 28.54 -54.70
C LEU F 41 -10.25 27.63 -55.38
N ARG F 42 -11.24 28.19 -56.07
CA ARG F 42 -12.26 27.42 -56.76
C ARG F 42 -12.78 26.28 -55.88
N PHE F 43 -13.21 26.65 -54.66
CA PHE F 43 -13.67 25.71 -53.67
C PHE F 43 -14.76 24.81 -54.23
N GLY F 44 -14.66 23.51 -53.92
CA GLY F 44 -15.70 22.57 -54.29
C GLY F 44 -16.22 21.90 -53.04
N VAL F 45 -17.51 21.57 -53.05
CA VAL F 45 -18.16 20.87 -51.94
C VAL F 45 -18.61 19.50 -52.44
N ALA F 46 -18.48 18.49 -51.58
CA ALA F 46 -18.59 17.09 -51.98
C ALA F 46 -19.90 16.51 -51.46
N TYR F 47 -20.83 16.29 -52.39
CA TYR F 47 -22.09 15.54 -52.19
C TYR F 47 -22.03 14.46 -51.09
N LEU F 71 -37.08 8.77 -44.70
CA LEU F 71 -36.93 8.97 -46.15
C LEU F 71 -36.17 7.78 -46.76
N SER F 72 -36.65 7.28 -47.91
CA SER F 72 -36.06 6.11 -48.53
C SER F 72 -36.00 6.28 -50.05
N GLY F 73 -35.07 5.54 -50.66
CA GLY F 73 -35.07 5.32 -52.09
C GLY F 73 -34.95 6.59 -52.89
N MET F 74 -35.77 6.71 -53.94
CA MET F 74 -35.71 7.88 -54.81
C MET F 74 -36.15 9.15 -54.10
N GLU F 75 -36.95 9.05 -53.04
CA GLU F 75 -37.35 10.27 -52.36
C GLU F 75 -36.28 10.73 -51.36
N LEU F 76 -35.50 9.81 -50.81
CA LEU F 76 -34.27 10.21 -50.15
C LEU F 76 -33.32 10.86 -51.15
N ALA F 77 -33.24 10.30 -52.37
CA ALA F 77 -32.32 10.84 -53.37
C ALA F 77 -32.67 12.28 -53.74
N LYS F 78 -33.98 12.58 -53.90
CA LYS F 78 -34.37 13.93 -54.31
C LYS F 78 -34.13 14.94 -53.19
N ALA F 79 -34.38 14.55 -51.94
CA ALA F 79 -34.09 15.42 -50.81
C ALA F 79 -32.60 15.72 -50.70
N ARG F 80 -31.74 14.79 -51.10
CA ARG F 80 -30.30 15.04 -51.02
C ARG F 80 -29.87 16.06 -52.07
N VAL F 81 -30.49 16.03 -53.25
CA VAL F 81 -30.24 17.06 -54.26
C VAL F 81 -30.53 18.44 -53.67
N GLU F 82 -31.71 18.60 -53.07
CA GLU F 82 -32.07 19.86 -52.43
C GLU F 82 -31.04 20.22 -51.37
N ALA F 83 -30.66 19.25 -50.55
CA ALA F 83 -29.77 19.55 -49.45
C ALA F 83 -28.40 19.98 -49.95
N CYS F 84 -27.91 19.37 -51.03
CA CYS F 84 -26.59 19.72 -51.53
C CYS F 84 -26.57 21.15 -52.06
N PHE F 85 -27.60 21.54 -52.84
CA PHE F 85 -27.61 22.90 -53.35
C PHE F 85 -27.95 23.92 -52.26
N GLU F 86 -28.67 23.50 -51.21
CA GLU F 86 -28.80 24.37 -50.04
C GLU F 86 -27.43 24.64 -49.42
N LEU F 87 -26.59 23.60 -49.31
CA LEU F 87 -25.28 23.79 -48.70
C LEU F 87 -24.39 24.65 -49.58
N LEU F 88 -24.43 24.44 -50.91
CA LEU F 88 -23.66 25.28 -51.81
C LEU F 88 -24.02 26.75 -51.63
N ASN F 89 -25.30 27.05 -51.35
CA ASN F 89 -25.73 28.43 -51.18
C ASN F 89 -25.34 28.99 -49.82
N ILE F 90 -25.40 28.15 -48.77
CA ILE F 90 -24.97 28.58 -47.44
C ILE F 90 -23.49 28.98 -47.43
N LEU F 91 -22.65 28.20 -48.11
CA LEU F 91 -21.21 28.41 -48.07
C LEU F 91 -20.71 29.30 -49.19
N ASP F 92 -21.59 29.69 -50.12
CA ASP F 92 -21.19 30.54 -51.22
C ASP F 92 -20.11 29.87 -52.06
N VAL F 93 -20.27 28.56 -52.27
CA VAL F 93 -19.31 27.78 -53.03
C VAL F 93 -19.85 27.58 -54.44
N ASP F 94 -18.98 27.73 -55.45
CA ASP F 94 -19.36 27.66 -56.84
C ASP F 94 -19.32 26.26 -57.45
N TYR F 95 -18.61 25.32 -56.82
CA TYR F 95 -18.33 24.05 -57.45
C TYR F 95 -18.80 22.90 -56.57
N PHE F 96 -19.20 21.80 -57.21
CA PHE F 96 -19.52 20.60 -56.44
C PHE F 96 -19.02 19.37 -57.19
N CYS F 97 -18.98 18.24 -56.48
CA CYS F 97 -18.59 16.95 -57.03
C CYS F 97 -19.62 15.92 -56.58
N PHE F 98 -19.77 14.84 -57.36
CA PHE F 98 -20.61 13.73 -56.90
C PHE F 98 -20.12 12.42 -57.49
N HIS F 99 -20.47 11.32 -56.80
CA HIS F 99 -20.31 9.95 -57.27
C HIS F 99 -21.68 9.43 -57.69
N ASP F 100 -21.74 8.66 -58.78
CA ASP F 100 -23.04 8.21 -59.29
C ASP F 100 -23.87 7.50 -58.21
N ARG F 101 -23.27 6.48 -57.56
CA ARG F 101 -24.00 5.68 -56.58
C ARG F 101 -24.32 6.44 -55.30
N ASP F 102 -23.79 7.65 -55.12
CA ASP F 102 -24.15 8.43 -53.95
C ASP F 102 -25.34 9.34 -54.21
N ILE F 103 -25.75 9.53 -55.46
CA ILE F 103 -26.87 10.43 -55.77
C ILE F 103 -28.17 9.70 -56.11
N ALA F 104 -28.12 8.41 -56.43
CA ALA F 104 -29.32 7.67 -56.76
C ALA F 104 -29.17 6.25 -56.34
N PRO F 105 -30.24 5.56 -55.91
CA PRO F 105 -30.18 4.16 -55.54
C PRO F 105 -30.12 3.24 -56.75
N GLU F 106 -29.47 2.10 -56.57
CA GLU F 106 -29.52 1.07 -57.60
C GLU F 106 -30.94 0.53 -57.74
N GLY F 107 -31.27 0.08 -58.96
CA GLY F 107 -32.53 -0.55 -59.24
C GLY F 107 -32.37 -2.07 -59.31
N ASP F 108 -33.45 -2.72 -59.72
CA ASP F 108 -33.44 -4.18 -59.80
C ASP F 108 -32.77 -4.70 -61.07
N THR F 109 -32.40 -3.81 -61.98
CA THR F 109 -31.60 -4.13 -63.16
C THR F 109 -30.64 -2.96 -63.40
N LEU F 110 -29.66 -3.18 -64.28
CA LEU F 110 -28.80 -2.07 -64.67
C LEU F 110 -29.60 -0.97 -65.38
N GLN F 111 -30.56 -1.37 -66.22
CA GLN F 111 -31.46 -0.41 -66.84
C GLN F 111 -32.10 0.50 -65.81
N GLU F 112 -32.68 -0.09 -64.75
CA GLU F 112 -33.38 0.71 -63.76
C GLU F 112 -32.41 1.54 -62.93
N THR F 113 -31.22 1.01 -62.65
CA THR F 113 -30.20 1.84 -62.00
C THR F 113 -29.93 3.08 -62.83
N ASN F 114 -29.78 2.91 -64.14
CA ASN F 114 -29.49 4.05 -64.99
C ASN F 114 -30.72 4.96 -65.15
N ARG F 115 -31.93 4.39 -65.11
CA ARG F 115 -33.15 5.21 -65.09
C ARG F 115 -33.18 6.11 -63.84
N ASN F 116 -32.91 5.52 -62.66
CA ASN F 116 -32.89 6.29 -61.42
C ASN F 116 -31.83 7.38 -61.46
N LEU F 117 -30.63 7.05 -61.96
CA LEU F 117 -29.57 8.04 -62.09
C LEU F 117 -29.95 9.15 -63.07
N ASP F 118 -30.56 8.80 -64.21
CA ASP F 118 -30.94 9.83 -65.17
C ASP F 118 -31.94 10.80 -64.55
N GLU F 119 -32.86 10.29 -63.72
CA GLU F 119 -33.88 11.13 -63.13
C GLU F 119 -33.28 12.16 -62.18
N ILE F 120 -32.34 11.72 -61.34
CA ILE F 120 -31.67 12.64 -60.42
C ILE F 120 -30.74 13.60 -61.18
N VAL F 121 -30.03 13.09 -62.19
CA VAL F 121 -29.18 13.97 -63.00
C VAL F 121 -30.01 15.10 -63.61
N ALA F 122 -31.25 14.81 -64.02
CA ALA F 122 -32.11 15.85 -64.57
C ALA F 122 -32.38 16.94 -63.54
N LEU F 123 -32.61 16.56 -62.28
CA LEU F 123 -32.87 17.54 -61.23
C LEU F 123 -31.60 18.35 -60.94
N ILE F 124 -30.46 17.67 -60.86
CA ILE F 124 -29.18 18.38 -60.67
C ILE F 124 -28.97 19.39 -61.80
N LYS F 125 -29.27 18.99 -63.03
CA LYS F 125 -29.02 19.87 -64.18
C LYS F 125 -29.81 21.17 -64.04
N GLN F 126 -31.08 21.08 -63.64
CA GLN F 126 -31.88 22.29 -63.46
C GLN F 126 -31.33 23.11 -62.31
N HIS F 127 -30.98 22.47 -61.20
CA HIS F 127 -30.42 23.18 -60.07
C HIS F 127 -29.14 23.92 -60.46
N MET F 128 -28.31 23.32 -61.33
CA MET F 128 -27.09 24.00 -61.77
C MET F 128 -27.42 25.24 -62.60
N HIS F 129 -28.39 25.11 -63.49
CA HIS F 129 -28.86 26.25 -64.29
C HIS F 129 -29.36 27.38 -63.39
N SER F 130 -30.28 27.07 -62.49
CA SER F 130 -30.92 28.10 -61.67
C SER F 130 -29.93 28.74 -60.71
N SER F 131 -29.01 27.95 -60.16
CA SER F 131 -28.07 28.40 -59.15
C SER F 131 -26.77 28.93 -59.73
N GLY F 132 -26.46 28.64 -60.98
CA GLY F 132 -25.14 28.96 -61.50
C GLY F 132 -24.00 28.13 -60.94
N LYS F 133 -24.28 27.02 -60.26
CA LYS F 133 -23.23 26.15 -59.75
C LYS F 133 -22.69 25.24 -60.85
N LYS F 134 -21.42 24.88 -60.73
CA LYS F 134 -20.73 24.15 -61.78
C LYS F 134 -20.21 22.82 -61.23
N LEU F 135 -20.15 21.83 -62.11
CA LEU F 135 -19.72 20.49 -61.74
C LEU F 135 -18.21 20.41 -61.88
N LEU F 136 -17.49 20.36 -60.76
CA LEU F 136 -16.02 20.28 -60.84
C LEU F 136 -15.61 18.93 -61.41
N TRP F 137 -16.13 17.84 -60.85
CA TRP F 137 -15.96 16.54 -61.48
C TRP F 137 -17.04 15.61 -60.95
N ASN F 138 -17.39 14.61 -61.75
CA ASN F 138 -18.17 13.48 -61.28
C ASN F 138 -17.31 12.22 -61.40
N THR F 139 -17.82 11.12 -60.87
CA THR F 139 -17.06 9.88 -60.89
C THR F 139 -18.03 8.71 -60.76
N ALA F 140 -17.50 7.52 -61.01
CA ALA F 140 -18.22 6.27 -60.76
C ALA F 140 -17.73 5.68 -59.44
N ASN F 141 -18.67 5.40 -58.52
CA ASN F 141 -18.36 4.69 -57.29
C ASN F 141 -18.36 3.20 -57.59
N MET F 142 -17.17 2.62 -57.72
CA MET F 142 -17.08 1.18 -57.95
C MET F 142 -16.42 0.50 -56.76
N PHE F 143 -17.00 0.70 -55.59
CA PHE F 143 -16.37 0.42 -54.31
C PHE F 143 -17.42 -0.16 -53.37
N THR F 144 -18.60 0.44 -53.35
CA THR F 144 -19.60 0.10 -52.34
C THR F 144 -20.24 -1.26 -52.59
N ASN F 145 -20.70 -1.49 -53.83
CA ASN F 145 -21.48 -2.69 -54.10
C ASN F 145 -20.59 -3.93 -54.06
N PRO F 146 -21.06 -5.02 -53.47
CA PRO F 146 -20.19 -6.21 -53.30
C PRO F 146 -19.70 -6.82 -54.61
N ARG F 147 -20.28 -6.48 -55.77
CA ARG F 147 -19.77 -7.04 -57.01
C ARG F 147 -18.31 -6.63 -57.24
N PHE F 148 -17.88 -5.52 -56.65
CA PHE F 148 -16.52 -5.02 -56.79
C PHE F 148 -15.60 -5.51 -55.69
N VAL F 149 -15.98 -6.59 -54.99
CA VAL F 149 -15.16 -7.08 -53.89
C VAL F 149 -13.72 -7.29 -54.31
N HIS F 150 -13.48 -7.71 -55.56
CA HIS F 150 -12.14 -7.93 -56.07
C HIS F 150 -11.58 -6.73 -56.85
N GLY F 151 -12.30 -5.61 -56.89
CA GLY F 151 -11.90 -4.51 -57.74
C GLY F 151 -12.88 -4.31 -58.89
N ALA F 152 -12.53 -3.36 -59.76
CA ALA F 152 -13.38 -3.05 -60.89
C ALA F 152 -12.65 -3.41 -62.17
N ALA F 153 -11.72 -2.55 -62.61
CA ALA F 153 -10.90 -2.91 -63.77
C ALA F 153 -9.92 -4.04 -63.45
N THR F 154 -9.39 -4.09 -62.22
CA THR F 154 -8.45 -5.14 -61.85
C THR F 154 -9.15 -6.32 -61.16
N THR F 155 -10.47 -6.46 -61.35
CA THR F 155 -11.23 -7.59 -60.84
C THR F 155 -10.70 -8.89 -61.41
N SER F 156 -11.01 -9.99 -60.72
CA SER F 156 -10.70 -11.30 -61.28
C SER F 156 -11.83 -11.85 -62.14
N ASN F 157 -13.00 -11.20 -62.13
CA ASN F 157 -14.22 -11.67 -62.79
C ASN F 157 -14.54 -10.73 -63.94
N ALA F 158 -14.36 -11.22 -65.17
CA ALA F 158 -14.60 -10.40 -66.36
C ALA F 158 -16.03 -9.85 -66.41
N ASP F 159 -17.02 -10.57 -65.86
CA ASP F 159 -18.38 -10.03 -65.79
C ASP F 159 -18.40 -8.71 -65.02
N VAL F 160 -17.55 -8.58 -64.00
CA VAL F 160 -17.48 -7.34 -63.23
C VAL F 160 -16.79 -6.25 -64.03
N PHE F 161 -15.70 -6.59 -64.73
CA PHE F 161 -15.09 -5.65 -65.67
C PHE F 161 -16.15 -5.09 -66.62
N ALA F 162 -17.00 -5.97 -67.17
CA ALA F 162 -18.03 -5.53 -68.11
C ALA F 162 -19.04 -4.60 -67.46
N TYR F 163 -19.49 -4.92 -66.24
CA TYR F 163 -20.36 -3.99 -65.51
C TYR F 163 -19.66 -2.67 -65.24
N ALA F 164 -18.40 -2.72 -64.80
CA ALA F 164 -17.66 -1.48 -64.51
C ALA F 164 -17.54 -0.62 -65.75
N ALA F 165 -17.29 -1.22 -66.92
CA ALA F 165 -17.28 -0.46 -68.17
C ALA F 165 -18.62 0.22 -68.41
N ALA F 166 -19.72 -0.51 -68.19
CA ALA F 166 -21.06 0.08 -68.35
C ALA F 166 -21.25 1.26 -67.41
N GLN F 167 -20.84 1.10 -66.16
CA GLN F 167 -21.06 2.17 -65.19
C GLN F 167 -20.26 3.43 -65.55
N VAL F 168 -18.99 3.24 -65.92
CA VAL F 168 -18.16 4.38 -66.30
C VAL F 168 -18.67 5.01 -67.59
N LYS F 169 -19.16 4.17 -68.53
CA LYS F 169 -19.78 4.69 -69.75
C LYS F 169 -20.90 5.67 -69.41
N LYS F 170 -21.82 5.25 -68.55
CA LYS F 170 -22.91 6.13 -68.11
C LYS F 170 -22.37 7.39 -67.44
N ALA F 171 -21.34 7.25 -66.58
CA ALA F 171 -20.81 8.40 -65.87
C ALA F 171 -20.15 9.39 -66.81
N LEU F 172 -19.48 8.89 -67.85
CA LEU F 172 -18.94 9.79 -68.86
C LEU F 172 -20.07 10.52 -69.61
N ASP F 173 -21.16 9.81 -69.91
CA ASP F 173 -22.33 10.47 -70.53
C ASP F 173 -22.84 11.59 -69.65
N HIS F 174 -22.99 11.30 -68.35
CA HIS F 174 -23.54 12.28 -67.42
C HIS F 174 -22.58 13.44 -67.21
N GLY F 175 -21.28 13.15 -67.15
CA GLY F 175 -20.30 14.23 -67.08
C GLY F 175 -20.39 15.15 -68.27
N LYS F 176 -20.53 14.59 -69.47
CA LYS F 176 -20.68 15.46 -70.64
C LYS F 176 -21.96 16.27 -70.54
N GLU F 177 -23.06 15.61 -70.17
CA GLU F 177 -24.36 16.29 -70.14
C GLU F 177 -24.37 17.41 -69.11
N LEU F 178 -23.70 17.22 -67.97
CA LEU F 178 -23.69 18.24 -66.93
C LEU F 178 -22.53 19.22 -67.06
N GLY F 179 -21.68 19.07 -68.07
CA GLY F 179 -20.56 19.98 -68.25
C GLY F 179 -19.47 19.85 -67.21
N ALA F 180 -19.17 18.64 -66.76
CA ALA F 180 -18.09 18.45 -65.79
C ALA F 180 -16.78 18.98 -66.37
N GLU F 181 -16.05 19.71 -65.54
CA GLU F 181 -14.75 20.22 -66.00
C GLU F 181 -13.66 19.17 -65.91
N ASN F 182 -13.83 18.20 -65.01
CA ASN F 182 -12.90 17.09 -64.83
C ASN F 182 -13.69 15.81 -64.67
N TYR F 183 -13.02 14.68 -64.84
CA TYR F 183 -13.62 13.38 -64.52
C TYR F 183 -12.57 12.55 -63.79
N VAL F 184 -12.95 11.99 -62.64
CA VAL F 184 -11.99 11.37 -61.73
C VAL F 184 -12.16 9.85 -61.76
N PHE F 185 -11.03 9.14 -61.80
CA PHE F 185 -10.96 7.71 -61.50
C PHE F 185 -10.21 7.56 -60.18
N TRP F 186 -10.76 6.77 -59.25
CA TRP F 186 -10.05 6.68 -57.99
C TRP F 186 -9.72 5.23 -57.63
N GLY F 187 -8.98 5.08 -56.53
CA GLY F 187 -8.37 3.78 -56.22
C GLY F 187 -9.39 2.72 -55.86
N GLY F 188 -10.38 3.08 -55.05
CA GLY F 188 -11.39 2.17 -54.55
C GLY F 188 -10.87 0.80 -54.18
N ARG F 189 -11.09 -0.16 -55.07
CA ARG F 189 -10.71 -1.55 -54.82
C ARG F 189 -9.65 -2.04 -55.80
N GLU F 190 -8.98 -1.13 -56.52
CA GLU F 190 -7.96 -1.56 -57.49
C GLU F 190 -6.64 -1.78 -56.77
N GLY F 191 -6.35 -3.03 -56.43
CA GLY F 191 -5.14 -3.32 -55.68
C GLY F 191 -5.03 -4.79 -55.37
N TYR F 192 -4.47 -5.14 -54.21
CA TYR F 192 -4.50 -6.52 -53.76
C TYR F 192 -4.65 -6.61 -52.24
N GLU F 193 -5.19 -7.75 -51.79
CA GLU F 193 -5.12 -8.15 -50.38
C GLU F 193 -3.88 -8.99 -50.10
N SER F 194 -3.42 -9.73 -51.09
CA SER F 194 -2.28 -10.64 -50.97
C SER F 194 -1.70 -10.85 -52.34
N LEU F 195 -0.37 -10.75 -52.48
CA LEU F 195 0.24 -11.11 -53.75
C LEU F 195 0.20 -12.62 -53.99
N LEU F 196 -0.08 -13.44 -52.96
CA LEU F 196 -0.13 -14.88 -53.17
C LEU F 196 -1.12 -15.28 -54.24
N ASN F 197 -2.24 -14.56 -54.36
CA ASN F 197 -3.27 -14.91 -55.33
C ASN F 197 -3.45 -13.88 -56.44
N THR F 198 -2.46 -13.04 -56.71
CA THR F 198 -2.64 -11.99 -57.70
C THR F 198 -1.84 -12.28 -58.95
N ASP F 199 -2.48 -12.13 -60.10
CA ASP F 199 -1.79 -12.00 -61.38
C ASP F 199 -1.61 -10.49 -61.55
N LEU F 200 -0.46 -10.00 -61.10
CA LEU F 200 -0.24 -8.56 -61.11
C LEU F 200 -0.22 -8.02 -62.54
N GLY F 201 0.49 -8.71 -63.43
CA GLY F 201 0.58 -8.23 -64.81
C GLY F 201 -0.77 -8.14 -65.49
N LEU F 202 -1.63 -9.16 -65.27
CA LEU F 202 -2.96 -9.13 -65.88
C LEU F 202 -3.79 -7.99 -65.30
N GLU F 203 -3.75 -7.79 -63.99
CA GLU F 203 -4.52 -6.71 -63.38
C GLU F 203 -4.07 -5.35 -63.91
N LEU F 204 -2.76 -5.12 -64.01
CA LEU F 204 -2.28 -3.81 -64.47
C LEU F 204 -2.54 -3.62 -65.96
N ASP F 205 -2.35 -4.68 -66.76
CA ASP F 205 -2.74 -4.61 -68.16
C ASP F 205 -4.23 -4.30 -68.31
N ASN F 206 -5.07 -4.94 -67.48
CA ASN F 206 -6.51 -4.70 -67.57
C ASN F 206 -6.88 -3.31 -67.05
N LEU F 207 -6.16 -2.81 -66.03
CA LEU F 207 -6.37 -1.42 -65.63
C LEU F 207 -6.09 -0.46 -66.79
N ALA F 208 -5.00 -0.70 -67.53
CA ALA F 208 -4.64 0.15 -68.65
C ALA F 208 -5.65 0.03 -69.78
N ARG F 209 -6.11 -1.19 -70.07
CA ARG F 209 -7.14 -1.39 -71.09
C ARG F 209 -8.40 -0.61 -70.75
N PHE F 210 -8.85 -0.74 -69.50
CA PHE F 210 -10.04 -0.04 -69.05
C PHE F 210 -9.89 1.47 -69.20
N LEU F 211 -8.79 2.04 -68.70
CA LEU F 211 -8.56 3.47 -68.83
C LEU F 211 -8.51 3.90 -70.29
N GLN F 212 -7.87 3.11 -71.16
CA GLN F 212 -7.82 3.47 -72.58
C GLN F 212 -9.18 3.34 -73.24
N LEU F 213 -9.99 2.36 -72.82
CA LEU F 213 -11.34 2.25 -73.34
C LEU F 213 -12.18 3.46 -72.94
N ALA F 214 -11.96 3.99 -71.74
CA ALA F 214 -12.73 5.15 -71.31
C ALA F 214 -12.31 6.40 -72.06
N VAL F 215 -10.99 6.55 -72.29
CA VAL F 215 -10.49 7.62 -73.15
C VAL F 215 -11.12 7.54 -74.53
N ASP F 216 -11.12 6.33 -75.13
CA ASP F 216 -11.72 6.12 -76.43
C ASP F 216 -13.17 6.60 -76.44
N TYR F 217 -13.93 6.20 -75.41
CA TYR F 217 -15.35 6.53 -75.38
C TYR F 217 -15.57 8.02 -75.21
N ALA F 218 -14.81 8.65 -74.30
CA ALA F 218 -14.94 10.09 -74.11
C ALA F 218 -14.61 10.85 -75.39
N LYS F 219 -13.63 10.37 -76.15
CA LYS F 219 -13.35 11.01 -77.43
C LYS F 219 -14.53 10.82 -78.39
N GLU F 220 -15.12 9.63 -78.40
CA GLU F 220 -16.23 9.38 -79.33
C GLU F 220 -17.40 10.33 -79.07
N ILE F 221 -17.77 10.54 -77.80
CA ILE F 221 -18.91 11.40 -77.49
C ILE F 221 -18.51 12.87 -77.37
N GLY F 222 -17.24 13.21 -77.59
CA GLY F 222 -16.79 14.57 -77.45
C GLY F 222 -16.87 15.12 -76.04
N PHE F 223 -16.54 14.30 -75.05
CA PHE F 223 -16.48 14.71 -73.65
C PHE F 223 -15.08 15.24 -73.38
N ASP F 224 -14.95 16.54 -73.15
CA ASP F 224 -13.60 17.11 -73.13
C ASP F 224 -13.15 17.55 -71.75
N ALA F 225 -13.75 16.99 -70.69
CA ALA F 225 -13.25 17.25 -69.35
C ALA F 225 -11.84 16.66 -69.19
N GLN F 226 -11.09 17.20 -68.24
CA GLN F 226 -9.78 16.67 -67.91
C GLN F 226 -9.92 15.37 -67.14
N PHE F 227 -9.40 14.27 -67.71
CA PHE F 227 -9.34 13.01 -66.99
C PHE F 227 -8.32 13.08 -65.86
N LEU F 228 -8.71 12.58 -64.68
CA LEU F 228 -7.83 12.60 -63.50
C LEU F 228 -7.78 11.21 -62.87
N ILE F 229 -6.59 10.82 -62.42
CA ILE F 229 -6.43 9.64 -61.57
C ILE F 229 -6.13 10.15 -60.17
N GLU F 230 -6.82 9.60 -59.18
CA GLU F 230 -6.51 9.97 -57.80
C GLU F 230 -5.65 8.90 -57.13
N PRO F 231 -4.41 9.20 -56.76
CA PRO F 231 -3.61 8.21 -56.05
C PRO F 231 -4.13 7.96 -54.64
N LYS F 232 -3.99 6.72 -54.19
CA LYS F 232 -4.22 6.30 -52.81
C LYS F 232 -3.37 5.06 -52.58
N PRO F 233 -2.59 5.01 -51.50
CA PRO F 233 -1.64 3.89 -51.35
C PRO F 233 -2.22 2.60 -50.81
N LYS F 234 -3.30 2.69 -50.04
CA LYS F 234 -3.81 1.56 -49.28
C LYS F 234 -5.07 2.02 -48.57
N GLU F 235 -5.82 1.03 -48.02
CA GLU F 235 -7.04 1.20 -47.24
C GLU F 235 -8.23 1.34 -48.20
N PRO F 236 -9.13 0.35 -48.25
CA PRO F 236 -9.13 -0.82 -47.35
C PRO F 236 -8.13 -1.91 -47.75
N SER F 237 -7.65 -1.88 -48.99
CA SER F 237 -6.74 -2.92 -49.47
C SER F 237 -5.32 -2.72 -48.94
N LYS F 238 -4.60 -3.84 -48.80
CA LYS F 238 -3.19 -3.80 -48.40
C LYS F 238 -2.37 -2.89 -49.30
N HIS F 239 -2.57 -2.99 -50.60
CA HIS F 239 -1.86 -2.16 -51.55
C HIS F 239 -2.83 -1.74 -52.63
N GLN F 240 -2.85 -0.45 -52.96
CA GLN F 240 -3.59 0.02 -54.11
C GLN F 240 -2.62 0.55 -55.15
N TYR F 241 -2.93 0.29 -56.43
CA TYR F 241 -1.90 0.34 -57.46
C TYR F 241 -1.42 1.76 -57.73
N ASP F 242 -2.32 2.74 -57.70
CA ASP F 242 -1.94 4.14 -57.88
C ASP F 242 -1.46 4.66 -56.53
N PHE F 243 -0.29 4.15 -56.12
CA PHE F 243 0.18 4.31 -54.76
C PHE F 243 0.35 5.77 -54.39
N ASP F 244 1.00 6.53 -55.27
CA ASP F 244 1.28 7.93 -55.06
C ASP F 244 1.50 8.55 -56.44
N ALA F 245 1.88 9.83 -56.46
CA ALA F 245 2.02 10.53 -57.74
C ALA F 245 3.01 9.80 -58.66
N ALA F 246 4.22 9.51 -58.15
CA ALA F 246 5.26 8.92 -58.99
C ALA F 246 4.89 7.52 -59.46
N THR F 247 4.32 6.70 -58.56
CA THR F 247 3.89 5.36 -58.96
C THR F 247 2.83 5.43 -60.05
N THR F 248 1.86 6.33 -59.90
CA THR F 248 0.83 6.47 -60.91
C THR F 248 1.43 6.94 -62.22
N LEU F 249 2.35 7.91 -62.16
CA LEU F 249 3.00 8.37 -63.38
C LEU F 249 3.83 7.26 -64.04
N GLN F 250 4.49 6.42 -63.24
CA GLN F 250 5.19 5.29 -63.85
C GLN F 250 4.24 4.43 -64.65
N PHE F 251 3.04 4.18 -64.10
CA PHE F 251 2.03 3.40 -64.80
C PHE F 251 1.56 4.12 -66.05
N LEU F 252 1.21 5.40 -65.91
CA LEU F 252 0.70 6.16 -67.05
C LEU F 252 1.71 6.22 -68.19
N GLN F 253 2.98 6.48 -67.87
CA GLN F 253 4.02 6.50 -68.90
C GLN F 253 4.20 5.11 -69.51
N LYS F 254 4.13 4.06 -68.69
CA LYS F 254 4.35 2.71 -69.23
C LYS F 254 3.31 2.35 -70.27
N TYR F 255 2.06 2.78 -70.06
CA TYR F 255 0.96 2.36 -70.90
C TYR F 255 0.52 3.44 -71.90
N ASP F 256 1.33 4.47 -72.12
CA ASP F 256 1.03 5.51 -73.11
C ASP F 256 -0.27 6.25 -72.78
N LEU F 257 -0.54 6.43 -71.48
CA LEU F 257 -1.74 7.11 -71.02
C LEU F 257 -1.47 8.49 -70.43
N ALA F 258 -0.19 8.87 -70.27
CA ALA F 258 0.13 10.10 -69.55
C ALA F 258 -0.39 11.33 -70.30
N LYS F 259 -0.49 11.25 -71.63
CA LYS F 259 -1.03 12.39 -72.36
C LYS F 259 -2.50 12.65 -72.05
N HIS F 260 -3.21 11.67 -71.48
CA HIS F 260 -4.65 11.82 -71.24
C HIS F 260 -5.01 12.18 -69.80
N PHE F 261 -4.13 11.94 -68.83
CA PHE F 261 -4.50 12.02 -67.42
C PHE F 261 -3.61 13.00 -66.67
N LYS F 262 -4.23 13.78 -65.79
CA LYS F 262 -3.53 14.46 -64.72
C LYS F 262 -3.93 13.81 -63.40
N LEU F 263 -3.40 14.32 -62.29
CA LEU F 263 -3.63 13.72 -60.99
C LEU F 263 -4.59 14.57 -60.15
N ASN F 264 -5.49 13.90 -59.44
CA ASN F 264 -6.27 14.51 -58.36
C ASN F 264 -5.58 14.09 -57.06
N LEU F 265 -4.95 15.04 -56.37
CA LEU F 265 -4.10 14.74 -55.23
C LEU F 265 -4.86 15.02 -53.94
N GLU F 266 -4.99 14.01 -53.08
CA GLU F 266 -5.72 14.17 -51.85
C GLU F 266 -4.72 14.19 -50.71
N ALA F 267 -4.82 15.21 -49.86
CA ALA F 267 -3.80 15.42 -48.83
C ALA F 267 -3.59 14.17 -47.98
N ASN F 268 -4.67 13.59 -47.47
CA ASN F 268 -4.55 12.42 -46.59
C ASN F 268 -3.86 11.27 -47.30
N HIS F 269 -4.02 11.18 -48.63
CA HIS F 269 -3.40 10.07 -49.34
C HIS F 269 -1.90 10.28 -49.49
N ALA F 270 -1.46 11.54 -49.54
CA ALA F 270 -0.03 11.81 -49.57
C ALA F 270 0.63 11.30 -48.31
N THR F 271 0.11 11.70 -47.13
CA THR F 271 0.76 11.32 -45.88
C THR F 271 0.59 9.84 -45.59
N LEU F 272 -0.52 9.25 -46.04
CA LEU F 272 -0.66 7.80 -45.94
C LEU F 272 0.40 7.08 -46.78
N ALA F 273 0.89 7.70 -47.86
CA ALA F 273 1.94 7.11 -48.67
C ALA F 273 3.34 7.42 -48.15
N GLY F 274 3.46 8.15 -47.04
CA GLY F 274 4.75 8.51 -46.51
C GLY F 274 5.34 9.81 -47.03
N HIS F 275 4.56 10.62 -47.75
CA HIS F 275 5.00 11.91 -48.26
C HIS F 275 4.23 13.03 -47.60
N THR F 276 4.79 14.24 -47.59
CA THR F 276 3.98 15.41 -47.30
C THR F 276 3.06 15.72 -48.50
N PHE F 277 1.97 16.45 -48.23
CA PHE F 277 1.09 16.86 -49.32
C PHE F 277 1.83 17.71 -50.34
N GLU F 278 2.67 18.64 -49.88
CA GLU F 278 3.35 19.53 -50.82
C GLU F 278 4.38 18.77 -51.64
N HIS F 279 4.90 17.65 -51.12
CA HIS F 279 5.75 16.80 -51.94
C HIS F 279 4.98 16.25 -53.14
N GLU F 280 3.81 15.66 -52.89
CA GLU F 280 3.00 15.12 -53.98
C GLU F 280 2.63 16.21 -54.97
N LEU F 281 2.28 17.40 -54.46
CA LEU F 281 1.92 18.50 -55.34
C LEU F 281 3.10 18.93 -56.21
N ARG F 282 4.28 19.07 -55.62
CA ARG F 282 5.45 19.46 -56.43
C ARG F 282 5.80 18.41 -57.46
N VAL F 283 5.82 17.13 -57.07
CA VAL F 283 6.11 16.08 -58.04
C VAL F 283 5.11 16.13 -59.19
N ALA F 284 3.84 16.34 -58.87
CA ALA F 284 2.83 16.40 -59.94
C ALA F 284 3.05 17.60 -60.83
N ARG F 285 3.34 18.75 -60.20
CA ARG F 285 3.57 20.00 -60.93
C ARG F 285 4.70 19.88 -61.94
N ILE F 286 5.87 19.40 -61.51
CA ILE F 286 7.00 19.42 -62.43
C ILE F 286 6.88 18.30 -63.45
N ASN F 287 5.83 17.48 -63.33
CA ASN F 287 5.49 16.52 -64.38
C ASN F 287 4.22 16.91 -65.12
N GLY F 288 3.79 18.17 -64.97
CA GLY F 288 2.60 18.66 -65.67
C GLY F 288 1.34 17.90 -65.33
N ALA F 289 1.21 17.40 -64.10
CA ALA F 289 0.11 16.51 -63.77
C ALA F 289 -0.62 16.95 -62.50
N LEU F 290 -0.45 18.20 -62.07
CA LEU F 290 -1.21 18.71 -60.94
C LEU F 290 -2.57 19.16 -61.50
N GLY F 291 -3.55 18.25 -61.43
CA GLY F 291 -4.84 18.52 -62.04
C GLY F 291 -5.85 19.19 -61.12
N SER F 292 -5.95 18.71 -59.89
CA SER F 292 -6.95 19.16 -58.93
C SER F 292 -6.54 18.62 -57.57
N ILE F 293 -7.15 19.12 -56.50
CA ILE F 293 -6.84 18.59 -55.18
C ILE F 293 -8.09 18.33 -54.38
N ASP F 294 -8.00 17.34 -53.50
CA ASP F 294 -8.98 17.09 -52.46
C ASP F 294 -8.36 17.58 -51.17
N ALA F 295 -8.95 18.60 -50.56
CA ALA F 295 -8.38 19.27 -49.40
C ALA F 295 -8.95 18.64 -48.14
N ASN F 296 -8.10 17.95 -47.41
CA ASN F 296 -8.47 17.32 -46.14
C ASN F 296 -7.17 17.15 -45.38
N GLN F 297 -7.22 16.50 -44.22
CA GLN F 297 -5.96 16.09 -43.63
C GLN F 297 -6.16 14.80 -42.86
N GLY F 298 -5.10 14.00 -42.79
CA GLY F 298 -5.08 12.85 -41.93
C GLY F 298 -4.55 13.20 -40.56
N ASP F 299 -4.23 12.15 -39.81
CA ASP F 299 -3.55 12.24 -38.53
C ASP F 299 -2.35 11.34 -38.65
N LEU F 300 -1.16 11.94 -38.70
CA LEU F 300 0.07 11.21 -38.96
C LEU F 300 0.42 10.23 -37.84
N LEU F 301 -0.26 10.31 -36.70
CA LEU F 301 -0.15 9.28 -35.66
C LEU F 301 -1.14 8.13 -35.86
N LEU F 302 -2.06 8.23 -36.83
CA LEU F 302 -3.05 7.21 -37.11
C LEU F 302 -2.82 6.70 -38.54
N GLY F 303 -2.66 5.39 -38.68
CA GLY F 303 -2.28 4.87 -39.98
C GLY F 303 -3.42 4.72 -40.97
N TRP F 304 -4.56 5.32 -40.70
CA TRP F 304 -5.68 5.18 -41.62
C TRP F 304 -6.15 6.55 -42.06
N ASP F 305 -6.86 6.53 -43.18
CA ASP F 305 -7.41 7.65 -43.91
C ASP F 305 -8.54 8.33 -43.14
N THR F 306 -8.25 9.33 -42.29
CA THR F 306 -9.32 9.93 -41.49
C THR F 306 -10.13 10.98 -42.22
N ASP F 307 -9.58 11.56 -43.30
CA ASP F 307 -10.31 12.50 -44.14
C ASP F 307 -10.92 13.65 -43.34
N GLU F 308 -10.13 14.18 -42.39
CA GLU F 308 -10.60 15.31 -41.59
C GLU F 308 -10.64 16.56 -42.44
N PHE F 309 -11.49 17.50 -42.06
CA PHE F 309 -11.45 18.79 -42.74
C PHE F 309 -10.09 19.43 -42.48
N PRO F 310 -9.52 20.14 -43.46
CA PRO F 310 -8.15 20.64 -43.30
C PRO F 310 -8.12 21.83 -42.36
N THR F 311 -7.27 21.74 -41.36
CA THR F 311 -7.06 22.81 -40.41
C THR F 311 -5.60 23.21 -40.28
N ASP F 312 -4.67 22.34 -40.66
CA ASP F 312 -3.23 22.56 -40.51
C ASP F 312 -2.80 23.68 -41.46
N LEU F 313 -2.40 24.83 -40.89
CA LEU F 313 -2.01 25.98 -41.68
C LEU F 313 -0.67 25.78 -42.39
N TYR F 314 0.18 24.90 -41.87
CA TYR F 314 1.40 24.56 -42.60
C TYR F 314 1.06 23.82 -43.88
N ALA F 315 0.21 22.79 -43.77
CA ALA F 315 -0.16 22.04 -44.97
C ALA F 315 -0.86 22.93 -45.99
N SER F 316 -1.77 23.79 -45.54
CA SER F 316 -2.54 24.58 -46.49
C SER F 316 -1.68 25.68 -47.13
N THR F 317 -0.82 26.33 -46.34
CA THR F 317 0.13 27.29 -46.91
C THR F 317 1.03 26.64 -47.96
N LEU F 318 1.61 25.48 -47.62
CA LEU F 318 2.57 24.86 -48.52
C LEU F 318 1.90 24.22 -49.72
N ALA F 319 0.63 23.83 -49.58
CA ALA F 319 -0.09 23.33 -50.74
C ALA F 319 -0.41 24.46 -51.71
N MET F 320 -0.88 25.59 -51.17
CA MET F 320 -1.20 26.72 -52.06
C MET F 320 0.08 27.29 -52.67
N TYR F 321 1.22 27.20 -51.95
CA TYR F 321 2.52 27.57 -52.52
C TYR F 321 2.78 26.81 -53.80
N GLU F 322 2.57 25.48 -53.78
CA GLU F 322 2.78 24.70 -54.99
C GLU F 322 1.74 25.02 -56.05
N ILE F 323 0.48 25.21 -55.64
CA ILE F 323 -0.58 25.43 -56.61
C ILE F 323 -0.39 26.75 -57.33
N LEU F 324 -0.02 27.81 -56.59
CA LEU F 324 0.22 29.11 -57.23
C LEU F 324 1.33 29.04 -58.28
N GLN F 325 2.30 28.12 -58.13
CA GLN F 325 3.37 27.99 -59.11
C GLN F 325 3.01 27.10 -60.28
N ASN F 326 1.94 26.35 -60.17
CA ASN F 326 1.44 25.54 -61.27
C ASN F 326 0.97 26.45 -62.42
N GLU F 327 1.08 25.96 -63.65
CA GLU F 327 0.60 26.73 -64.78
C GLU F 327 -0.91 26.94 -64.68
N GLY F 328 -1.32 28.21 -64.68
CA GLY F 328 -2.73 28.49 -64.46
C GLY F 328 -3.22 28.24 -63.05
N GLY F 329 -2.32 28.12 -62.08
CA GLY F 329 -2.74 27.83 -60.72
C GLY F 329 -3.40 26.46 -60.68
N ILE F 330 -4.55 26.37 -60.01
CA ILE F 330 -5.29 25.10 -60.00
C ILE F 330 -5.88 24.78 -61.36
N GLY F 331 -5.89 25.73 -62.29
CA GLY F 331 -6.31 25.44 -63.66
C GLY F 331 -7.77 25.03 -63.70
N ARG F 332 -8.05 23.94 -64.40
CA ARG F 332 -9.41 23.41 -64.47
C ARG F 332 -9.81 22.63 -63.22
N GLY F 333 -8.87 22.31 -62.34
CA GLY F 333 -9.19 21.71 -61.07
C GLY F 333 -9.75 22.71 -60.08
N GLY F 334 -9.83 22.27 -58.82
CA GLY F 334 -10.29 23.12 -57.75
C GLY F 334 -9.78 22.60 -56.43
N VAL F 335 -10.15 23.30 -55.37
CA VAL F 335 -9.82 22.90 -54.01
C VAL F 335 -11.08 22.26 -53.43
N ASN F 336 -11.16 20.94 -53.51
CA ASN F 336 -12.38 20.20 -53.26
C ASN F 336 -12.35 19.58 -51.87
N PHE F 337 -13.37 19.88 -51.05
CA PHE F 337 -13.40 19.38 -49.68
C PHE F 337 -13.96 17.95 -49.62
N ASP F 338 -13.14 16.99 -50.04
CA ASP F 338 -13.45 15.58 -49.85
C ASP F 338 -13.04 15.22 -48.42
N ALA F 339 -13.91 15.62 -47.50
CA ALA F 339 -13.64 15.52 -46.08
C ALA F 339 -14.91 15.15 -45.34
N LYS F 340 -14.72 14.49 -44.19
CA LYS F 340 -15.80 13.97 -43.37
C LYS F 340 -15.80 14.74 -42.05
N VAL F 341 -16.99 15.15 -41.59
CA VAL F 341 -17.07 15.66 -40.22
C VAL F 341 -16.65 14.55 -39.26
N ARG F 342 -16.18 14.94 -38.08
CA ARG F 342 -15.85 13.94 -37.08
C ARG F 342 -17.08 13.12 -36.69
N ARG F 343 -16.85 11.90 -36.24
CA ARG F 343 -17.96 11.05 -35.80
C ARG F 343 -18.73 11.72 -34.68
N THR F 344 -18.02 12.45 -33.81
CA THR F 344 -18.61 13.16 -32.69
C THR F 344 -19.19 14.51 -33.09
N SER F 345 -19.08 14.92 -34.35
CA SER F 345 -19.62 16.19 -34.85
C SER F 345 -20.87 15.93 -35.69
N PHE F 346 -21.90 15.40 -35.03
CA PHE F 346 -23.02 14.77 -35.73
C PHE F 346 -24.22 15.69 -35.94
N GLU F 347 -24.15 16.95 -35.51
CA GLU F 347 -25.31 17.82 -35.74
C GLU F 347 -25.23 18.47 -37.13
N PRO F 348 -26.38 18.72 -37.77
CA PRO F 348 -26.35 19.34 -39.10
C PRO F 348 -25.45 20.56 -39.19
N ILE F 349 -25.48 21.44 -38.17
CA ILE F 349 -24.70 22.67 -38.22
C ILE F 349 -23.21 22.39 -38.28
N ASP F 350 -22.77 21.19 -37.88
CA ASP F 350 -21.34 20.87 -37.90
C ASP F 350 -20.80 20.78 -39.32
N VAL F 351 -21.65 20.39 -40.28
CA VAL F 351 -21.22 20.47 -41.68
C VAL F 351 -20.78 21.87 -42.00
N VAL F 352 -21.52 22.87 -41.52
CA VAL F 352 -21.18 24.26 -41.83
C VAL F 352 -19.92 24.66 -41.09
N TYR F 353 -19.84 24.36 -39.79
CA TYR F 353 -18.63 24.61 -39.02
C TYR F 353 -17.40 23.98 -39.69
N ALA F 354 -17.54 22.74 -40.16
CA ALA F 354 -16.39 22.04 -40.72
C ALA F 354 -15.92 22.70 -42.02
N HIS F 355 -16.85 23.06 -42.90
CA HIS F 355 -16.44 23.72 -44.14
C HIS F 355 -15.86 25.10 -43.86
N ILE F 356 -16.35 25.80 -42.82
CA ILE F 356 -15.75 27.07 -42.45
C ILE F 356 -14.32 26.86 -41.95
N ASN F 357 -14.11 25.82 -41.13
CA ASN F 357 -12.77 25.47 -40.69
C ASN F 357 -11.83 25.28 -41.87
N GLY F 358 -12.24 24.48 -42.85
CA GLY F 358 -11.34 24.18 -43.96
C GLY F 358 -11.20 25.32 -44.96
N MET F 359 -12.30 25.99 -45.26
CA MET F 359 -12.23 27.14 -46.18
C MET F 359 -11.33 28.24 -45.61
N ASP F 360 -11.49 28.56 -44.33
CA ASP F 360 -10.62 29.55 -43.71
C ASP F 360 -9.16 29.08 -43.66
N ALA F 361 -8.94 27.79 -43.38
CA ALA F 361 -7.56 27.29 -43.36
C ALA F 361 -6.89 27.44 -44.71
N PHE F 362 -7.61 27.09 -45.78
CA PHE F 362 -6.98 27.18 -47.10
C PHE F 362 -6.97 28.60 -47.62
N ALA F 363 -7.91 29.44 -47.20
CA ALA F 363 -7.85 30.84 -47.59
C ALA F 363 -6.66 31.54 -46.94
N ARG F 364 -6.40 31.27 -45.66
CA ARG F 364 -5.20 31.79 -45.03
C ARG F 364 -3.95 31.25 -45.72
N GLY F 365 -3.94 29.94 -46.00
CA GLY F 365 -2.84 29.36 -46.77
C GLY F 365 -2.58 30.09 -48.06
N LEU F 366 -3.64 30.44 -48.79
CA LEU F 366 -3.46 31.21 -50.01
C LEU F 366 -2.78 32.54 -49.71
N GLN F 367 -3.26 33.27 -48.70
CA GLN F 367 -2.71 34.58 -48.34
C GLN F 367 -1.22 34.49 -48.03
N VAL F 368 -0.86 33.51 -47.18
CA VAL F 368 0.53 33.36 -46.76
C VAL F 368 1.39 32.93 -47.94
N ALA F 369 0.93 31.92 -48.69
CA ALA F 369 1.69 31.42 -49.83
C ALA F 369 1.95 32.52 -50.84
N ALA F 370 0.91 33.28 -51.19
CA ALA F 370 1.09 34.34 -52.19
C ALA F 370 2.13 35.36 -51.73
N LYS F 371 2.16 35.66 -50.44
CA LYS F 371 3.11 36.66 -49.94
C LYS F 371 4.53 36.11 -49.89
N LEU F 372 4.68 34.86 -49.46
CA LEU F 372 5.98 34.20 -49.56
C LEU F 372 6.48 34.24 -51.00
N ILE F 373 5.61 33.96 -51.97
CA ILE F 373 5.99 34.00 -53.38
C ILE F 373 6.36 35.43 -53.79
N GLU F 374 5.46 36.37 -53.52
CA GLU F 374 5.68 37.76 -53.90
C GLU F 374 6.99 38.31 -53.34
N ASP F 375 7.28 38.00 -52.07
CA ASP F 375 8.51 38.45 -51.43
C ASP F 375 9.72 37.61 -51.81
N ARG F 376 9.53 36.50 -52.54
CA ARG F 376 10.61 35.57 -52.85
C ARG F 376 11.33 35.15 -51.57
N ALA F 377 10.54 34.88 -50.52
CA ALA F 377 11.11 34.58 -49.22
C ALA F 377 11.91 33.29 -49.24
N PHE F 378 11.43 32.28 -49.98
CA PHE F 378 12.17 31.04 -50.17
C PHE F 378 13.01 31.09 -51.45
N ASP F 379 12.48 31.69 -52.51
CA ASP F 379 13.16 31.69 -53.81
C ASP F 379 14.53 32.36 -53.75
N ASN F 380 14.67 33.45 -52.98
CA ASN F 380 15.98 34.09 -52.88
C ASN F 380 16.99 33.19 -52.17
N VAL F 381 16.55 32.40 -51.19
CA VAL F 381 17.47 31.45 -50.55
C VAL F 381 17.82 30.32 -51.53
N ILE F 382 16.83 29.81 -52.26
CA ILE F 382 17.10 28.78 -53.26
C ILE F 382 18.05 29.32 -54.33
N GLU F 383 17.80 30.55 -54.80
CA GLU F 383 18.65 31.13 -55.85
C GLU F 383 20.11 31.17 -55.42
N GLU F 384 20.36 31.57 -54.18
CA GLU F 384 21.72 31.61 -53.65
C GLU F 384 22.31 30.21 -53.50
N ARG F 385 21.53 29.28 -52.95
CA ARG F 385 22.07 27.95 -52.66
C ARG F 385 22.61 27.27 -53.91
N TYR F 386 21.90 27.38 -55.03
CA TYR F 386 22.27 26.71 -56.27
C TYR F 386 22.95 27.65 -57.26
N ALA F 387 23.44 28.80 -56.79
CA ALA F 387 24.06 29.77 -57.68
C ALA F 387 25.24 29.18 -58.45
N SER F 388 25.94 28.20 -57.87
CA SER F 388 27.11 27.66 -58.55
C SER F 388 26.77 26.99 -59.87
N PHE F 389 25.50 26.63 -60.11
CA PHE F 389 25.13 25.99 -61.36
C PHE F 389 24.74 26.98 -62.46
N THR F 390 24.92 28.29 -62.21
CA THR F 390 24.67 29.30 -63.22
C THR F 390 25.95 29.97 -63.70
N LYS F 391 27.12 29.46 -63.31
CA LYS F 391 28.40 30.03 -63.73
C LYS F 391 29.46 28.93 -63.69
N GLY F 392 30.58 29.18 -64.38
CA GLY F 392 31.74 28.30 -64.29
C GLY F 392 31.42 26.85 -64.57
N ILE F 393 32.04 25.96 -63.79
CA ILE F 393 31.89 24.52 -64.03
C ILE F 393 30.44 24.10 -63.90
N GLY F 394 29.67 24.76 -63.01
CA GLY F 394 28.28 24.39 -62.84
C GLY F 394 27.42 24.67 -64.05
N ALA F 395 27.65 25.81 -64.70
CA ALA F 395 26.95 26.10 -65.96
C ALA F 395 27.31 25.09 -67.02
N ASP F 396 28.57 24.62 -67.03
CA ASP F 396 28.96 23.61 -68.01
C ASP F 396 28.30 22.27 -67.73
N ILE F 397 28.03 21.97 -66.47
CA ILE F 397 27.32 20.75 -66.14
C ILE F 397 25.91 20.81 -66.69
N VAL F 398 25.22 21.94 -66.47
CA VAL F 398 23.82 22.04 -66.85
C VAL F 398 23.67 22.06 -68.36
N SER F 399 24.60 22.72 -69.06
CA SER F 399 24.49 22.83 -70.51
C SER F 399 24.82 21.51 -71.19
N GLY F 400 25.43 20.58 -70.46
CA GLY F 400 25.92 19.37 -71.07
C GLY F 400 27.34 19.48 -71.59
N LYS F 401 27.98 20.65 -71.48
CA LYS F 401 29.35 20.81 -71.95
C LYS F 401 30.30 19.89 -71.19
N ALA F 402 30.17 19.81 -69.86
CA ALA F 402 31.12 19.05 -69.06
C ALA F 402 30.83 17.56 -69.10
N ASN F 403 31.89 16.75 -69.09
CA ASN F 403 31.72 15.30 -69.03
C ASN F 403 32.62 14.77 -67.93
N PHE F 404 32.71 13.43 -67.79
CA PHE F 404 33.53 12.88 -66.71
C PHE F 404 34.98 13.29 -66.85
N HIS F 405 35.48 13.37 -68.09
CA HIS F 405 36.88 13.76 -68.29
C HIS F 405 37.14 15.18 -67.80
N THR F 406 36.29 16.13 -68.20
CA THR F 406 36.59 17.51 -67.83
C THR F 406 36.17 17.79 -66.39
N LEU F 407 35.19 17.05 -65.86
CA LEU F 407 34.88 17.16 -64.44
C LEU F 407 36.02 16.62 -63.59
N GLU F 408 36.57 15.46 -63.95
CA GLU F 408 37.71 14.94 -63.19
C GLU F 408 38.88 15.91 -63.22
N ALA F 409 39.19 16.47 -64.40
CA ALA F 409 40.27 17.44 -64.51
C ALA F 409 40.04 18.62 -63.59
N TYR F 410 38.81 19.14 -63.55
CA TYR F 410 38.48 20.21 -62.63
C TYR F 410 38.72 19.77 -61.19
N ALA F 411 38.20 18.60 -60.82
CA ALA F 411 38.34 18.14 -59.44
C ALA F 411 39.79 17.89 -59.09
N LEU F 412 40.60 17.42 -60.04
CA LEU F 412 42.01 17.16 -59.80
C LEU F 412 42.82 18.42 -59.54
N GLN F 413 42.25 19.61 -59.74
CA GLN F 413 42.92 20.83 -59.28
C GLN F 413 43.00 20.91 -57.76
N ASN F 414 42.19 20.12 -57.05
CA ASN F 414 42.14 20.15 -55.60
C ASN F 414 41.86 21.54 -55.04
N ASN F 415 41.02 22.31 -55.72
CA ASN F 415 40.61 23.56 -55.12
C ASN F 415 39.66 23.26 -53.96
N PRO F 416 39.77 23.99 -52.85
CA PRO F 416 38.98 23.66 -51.66
C PRO F 416 37.49 23.72 -51.93
N ILE F 417 36.77 22.76 -51.41
CA ILE F 417 35.32 22.75 -51.53
C ILE F 417 34.75 23.40 -50.29
N THR F 418 33.90 24.40 -50.49
CA THR F 418 33.22 25.05 -49.39
C THR F 418 31.73 25.00 -49.65
N ASN F 419 31.02 24.21 -48.85
CA ASN F 419 29.58 24.17 -48.97
C ASN F 419 28.97 25.30 -48.14
N LYS F 420 27.73 25.65 -48.48
CA LYS F 420 26.97 26.66 -47.77
C LYS F 420 25.78 26.03 -47.05
N SER F 421 25.41 26.63 -45.94
CA SER F 421 24.29 26.16 -45.13
C SER F 421 23.01 26.11 -45.95
N GLY F 422 22.17 25.12 -45.64
CA GLY F 422 20.85 25.05 -46.23
C GLY F 422 19.83 25.98 -45.59
N ARG F 423 20.19 26.59 -44.46
CA ARG F 423 19.35 27.59 -43.77
C ARG F 423 17.95 27.06 -43.43
N VAL F 424 17.82 25.76 -43.15
CA VAL F 424 16.48 25.20 -42.95
C VAL F 424 15.76 25.86 -41.77
N GLU F 425 16.46 25.99 -40.64
CA GLU F 425 15.81 26.62 -39.48
C GLU F 425 15.45 28.06 -39.78
N LEU F 426 16.35 28.80 -40.43
CA LEU F 426 16.07 30.17 -40.82
C LEU F 426 14.77 30.26 -41.62
N LEU F 427 14.59 29.36 -42.59
CA LEU F 427 13.39 29.40 -43.41
C LEU F 427 12.15 29.03 -42.61
N ARG F 428 12.31 28.16 -41.61
CA ARG F 428 11.17 27.82 -40.77
C ARG F 428 10.71 29.00 -39.93
N SER F 429 11.64 29.84 -39.48
CA SER F 429 11.24 31.06 -38.80
C SER F 429 10.42 31.94 -39.73
N ILE F 430 10.88 32.12 -40.96
CA ILE F 430 10.16 32.92 -41.93
C ILE F 430 8.75 32.38 -42.14
N LEU F 431 8.63 31.06 -42.27
CA LEU F 431 7.31 30.47 -42.44
C LEU F 431 6.41 30.80 -41.25
N ASN F 432 6.92 30.65 -40.02
CA ASN F 432 6.10 30.96 -38.86
C ASN F 432 5.71 32.43 -38.85
N GLN F 433 6.67 33.30 -39.15
CA GLN F 433 6.41 34.74 -39.16
C GLN F 433 5.33 35.11 -40.18
N TYR F 434 5.40 34.54 -41.38
CA TYR F 434 4.40 34.88 -42.40
C TYR F 434 3.03 34.30 -42.05
N ILE F 435 2.98 33.08 -41.51
CA ILE F 435 1.68 32.51 -41.16
C ILE F 435 0.96 33.42 -40.18
N ILE F 436 1.71 34.07 -39.29
CA ILE F 436 1.12 34.94 -38.29
C ILE F 436 0.92 36.36 -38.82
N ASN F 437 1.87 36.90 -39.58
CA ASN F 437 1.91 38.33 -39.85
C ASN F 437 1.29 38.77 -41.16
N VAL F 438 1.10 37.88 -42.12
CA VAL F 438 0.62 38.30 -43.44
C VAL F 438 -0.77 38.94 -43.36
N TYR G 3 33.42 32.38 -31.23
CA TYR G 3 33.16 31.02 -31.66
C TYR G 3 32.01 31.01 -32.67
N PHE G 4 31.08 31.92 -32.47
CA PHE G 4 29.96 32.11 -33.38
C PHE G 4 30.20 33.35 -34.22
N ASP G 5 29.66 33.33 -35.44
CA ASP G 5 29.84 34.43 -36.37
C ASP G 5 29.09 35.67 -35.90
N HIS G 6 28.84 35.79 -34.60
CA HIS G 6 27.85 36.70 -34.07
C HIS G 6 28.45 37.61 -33.01
N VAL G 7 28.26 38.91 -33.20
CA VAL G 7 28.63 39.92 -32.22
C VAL G 7 27.36 40.35 -31.49
N GLY G 8 27.52 40.70 -30.22
CA GLY G 8 26.40 41.22 -29.46
C GLY G 8 25.29 40.20 -29.21
N THR G 9 24.17 40.73 -28.74
CA THR G 9 23.07 39.92 -28.24
C THR G 9 21.89 39.96 -29.22
N VAL G 10 21.15 38.86 -29.26
CA VAL G 10 19.89 38.81 -29.98
C VAL G 10 18.84 39.52 -29.13
N LYS G 11 18.13 40.47 -29.73
CA LYS G 11 17.15 41.28 -29.04
C LYS G 11 15.79 41.18 -29.71
N PHE G 12 14.74 41.43 -28.92
CA PHE G 12 13.39 41.44 -29.45
C PHE G 12 13.17 42.68 -30.31
N GLU G 13 12.60 42.48 -31.50
CA GLU G 13 12.31 43.60 -32.40
C GLU G 13 10.90 43.55 -32.96
N GLY G 14 10.05 42.64 -32.47
CA GLY G 14 8.65 42.61 -32.84
C GLY G 14 8.39 41.79 -34.08
N LYS G 15 7.10 41.49 -34.27
CA LYS G 15 6.70 40.52 -35.27
C LYS G 15 6.97 40.98 -36.69
N SER G 16 7.17 42.27 -36.93
CA SER G 16 7.34 42.76 -38.29
C SER G 16 8.79 42.93 -38.71
N SER G 17 9.75 42.69 -37.80
CA SER G 17 11.15 42.86 -38.13
C SER G 17 11.58 41.88 -39.21
N THR G 18 12.43 42.36 -40.12
CA THR G 18 13.07 41.49 -41.09
C THR G 18 14.49 41.13 -40.68
N ASN G 19 14.91 41.51 -39.48
CA ASN G 19 16.25 41.19 -39.01
C ASN G 19 16.31 39.71 -38.68
N PRO G 20 17.05 38.89 -39.43
CA PRO G 20 17.15 37.47 -39.10
C PRO G 20 17.75 37.20 -37.74
N LEU G 21 18.51 38.14 -37.19
CA LEU G 21 19.14 37.93 -35.90
C LEU G 21 18.44 38.72 -34.82
N ALA G 22 17.11 38.64 -34.78
CA ALA G 22 16.31 39.26 -33.73
C ALA G 22 15.10 38.38 -33.43
N PHE G 23 14.61 38.45 -32.19
CA PHE G 23 13.40 37.73 -31.82
C PHE G 23 12.17 38.41 -32.41
N LYS G 24 11.32 37.63 -33.08
CA LYS G 24 10.05 38.14 -33.58
C LYS G 24 8.91 38.03 -32.56
N PHE G 25 9.02 37.14 -31.58
CA PHE G 25 7.92 36.95 -30.63
C PHE G 25 8.39 36.88 -29.19
N TYR G 26 9.60 36.37 -28.95
CA TYR G 26 10.10 36.27 -27.58
C TYR G 26 10.57 37.64 -27.14
N ASN G 27 9.74 38.30 -26.33
CA ASN G 27 10.14 39.51 -25.62
C ASN G 27 10.27 39.12 -24.16
N PRO G 28 11.48 38.93 -23.65
CA PRO G 28 11.64 38.39 -22.29
C PRO G 28 10.95 39.21 -21.22
N ASP G 29 10.67 40.48 -21.50
CA ASP G 29 10.06 41.36 -20.50
C ASP G 29 8.56 41.50 -20.65
N GLU G 30 7.98 41.11 -21.79
CA GLU G 30 6.55 41.23 -21.96
C GLU G 30 5.83 40.42 -20.89
N ILE G 31 4.84 41.01 -20.25
CA ILE G 31 4.16 40.39 -19.13
C ILE G 31 2.89 39.74 -19.61
N ILE G 32 2.65 38.52 -19.11
CA ILE G 32 1.56 37.67 -19.56
C ILE G 32 1.01 37.03 -18.29
N LEU G 33 -0.23 37.35 -17.95
CA LEU G 33 -0.88 36.86 -16.73
C LEU G 33 -0.01 37.03 -15.49
N GLY G 34 0.58 38.22 -15.35
CA GLY G 34 1.32 38.55 -14.14
C GLY G 34 2.75 38.04 -14.10
N LYS G 35 3.28 37.53 -15.20
CA LYS G 35 4.62 36.97 -15.21
C LYS G 35 5.26 37.28 -16.55
N THR G 36 6.55 37.61 -16.52
CA THR G 36 7.26 37.89 -17.77
C THR G 36 7.46 36.61 -18.59
N MET G 37 7.59 36.77 -19.90
CA MET G 37 7.92 35.63 -20.75
C MET G 37 9.18 34.92 -20.26
N ARG G 38 10.19 35.70 -19.84
CA ARG G 38 11.43 35.09 -19.37
C ARG G 38 11.15 34.06 -18.28
N GLU G 39 10.33 34.44 -17.30
CA GLU G 39 10.04 33.58 -16.15
C GLU G 39 9.06 32.45 -16.50
N HIS G 40 8.11 32.70 -17.41
CA HIS G 40 7.21 31.64 -17.86
C HIS G 40 7.98 30.50 -18.50
N LEU G 41 8.95 30.83 -19.34
CA LEU G 41 9.57 29.88 -20.24
C LEU G 41 10.83 29.27 -19.68
N ARG G 42 11.62 30.04 -18.91
CA ARG G 42 12.85 29.54 -18.31
C ARG G 42 13.67 28.74 -19.32
N PHE G 43 13.95 29.39 -20.46
CA PHE G 43 14.64 28.73 -21.57
C PHE G 43 15.98 28.18 -21.10
N GLY G 44 16.30 26.97 -21.53
CA GLY G 44 17.60 26.36 -21.27
C GLY G 44 18.28 25.99 -22.56
N VAL G 45 19.62 26.08 -22.58
CA VAL G 45 20.42 25.77 -23.75
C VAL G 45 21.34 24.60 -23.41
N ALA G 46 21.51 23.68 -24.36
CA ALA G 46 22.17 22.41 -24.06
C ALA G 46 23.42 22.26 -24.91
N TYR G 47 24.48 22.98 -24.55
CA TYR G 47 25.85 22.75 -25.05
C TYR G 47 26.00 22.58 -26.56
N LEU G 71 42.21 21.24 -32.20
CA LEU G 71 42.18 21.17 -30.74
C LEU G 71 41.70 19.80 -30.27
N SER G 72 42.22 19.34 -29.13
CA SER G 72 41.91 17.99 -28.67
C SER G 72 41.90 17.94 -27.16
N GLY G 73 41.33 16.85 -26.64
CA GLY G 73 41.40 16.58 -25.22
C GLY G 73 40.90 17.72 -24.37
N MET G 74 41.68 18.09 -23.36
CA MET G 74 41.20 19.05 -22.38
C MET G 74 41.15 20.46 -22.94
N GLU G 75 41.97 20.78 -23.94
CA GLU G 75 41.89 22.11 -24.52
C GLU G 75 40.62 22.29 -25.33
N LEU G 76 40.24 21.27 -26.10
CA LEU G 76 38.94 21.30 -26.76
C LEU G 76 37.81 21.44 -25.74
N ALA G 77 37.94 20.73 -24.61
CA ALA G 77 36.92 20.79 -23.56
C ALA G 77 36.75 22.20 -23.02
N LYS G 78 37.87 22.87 -22.72
CA LYS G 78 37.77 24.23 -22.20
C LYS G 78 37.25 25.19 -23.27
N ALA G 79 37.63 24.97 -24.52
CA ALA G 79 37.10 25.79 -25.61
C ALA G 79 35.59 25.66 -25.72
N ARG G 80 35.05 24.44 -25.55
CA ARG G 80 33.60 24.29 -25.67
C ARG G 80 32.87 24.91 -24.50
N VAL G 81 33.51 24.97 -23.33
CA VAL G 81 32.93 25.72 -22.23
C VAL G 81 32.81 27.20 -22.60
N GLU G 82 33.90 27.78 -23.12
CA GLU G 82 33.86 29.18 -23.54
C GLU G 82 32.77 29.40 -24.57
N ALA G 83 32.62 28.47 -25.51
CA ALA G 83 31.63 28.61 -26.56
C ALA G 83 30.21 28.54 -26.00
N CYS G 84 29.99 27.69 -25.01
CA CYS G 84 28.65 27.53 -24.45
C CYS G 84 28.19 28.81 -23.77
N PHE G 85 29.06 29.42 -22.97
CA PHE G 85 28.65 30.64 -22.28
C PHE G 85 28.58 31.83 -23.21
N GLU G 86 29.40 31.86 -24.26
CA GLU G 86 29.23 32.88 -25.29
C GLU G 86 27.84 32.79 -25.91
N LEU G 87 27.40 31.56 -26.23
CA LEU G 87 26.05 31.39 -26.76
C LEU G 87 24.99 31.80 -25.75
N LEU G 88 25.17 31.44 -24.47
CA LEU G 88 24.19 31.83 -23.46
C LEU G 88 24.02 33.35 -23.44
N ASN G 89 25.14 34.07 -23.52
CA ASN G 89 25.10 35.52 -23.60
C ASN G 89 24.45 36.00 -24.89
N ILE G 90 24.75 35.33 -26.01
CA ILE G 90 24.20 35.76 -27.30
C ILE G 90 22.68 35.67 -27.27
N LEU G 91 22.14 34.60 -26.72
CA LEU G 91 20.71 34.34 -26.76
C LEU G 91 19.95 34.94 -25.60
N ASP G 92 20.67 35.54 -24.64
CA ASP G 92 20.05 36.07 -23.42
C ASP G 92 19.31 34.98 -22.67
N VAL G 93 19.94 33.80 -22.56
CA VAL G 93 19.35 32.63 -21.92
C VAL G 93 19.96 32.49 -20.54
N ASP G 94 19.12 32.17 -19.54
CA ASP G 94 19.54 32.15 -18.14
C ASP G 94 19.91 30.76 -17.62
N TYR G 95 19.64 29.70 -18.38
CA TYR G 95 19.80 28.34 -17.90
C TYR G 95 20.53 27.50 -18.93
N PHE G 96 21.31 26.55 -18.45
CA PHE G 96 21.99 25.60 -19.31
C PHE G 96 21.97 24.23 -18.64
N CYS G 97 22.18 23.19 -19.45
CA CYS G 97 22.31 21.81 -18.99
C CYS G 97 23.55 21.18 -19.62
N PHE G 98 24.05 20.11 -19.01
CA PHE G 98 25.20 19.39 -19.58
C PHE G 98 25.18 17.92 -19.17
N HIS G 99 25.84 17.10 -19.98
CA HIS G 99 26.14 15.70 -19.68
C HIS G 99 27.63 15.59 -19.39
N ASP G 100 27.99 14.83 -18.35
CA ASP G 100 29.39 14.74 -17.92
C ASP G 100 30.34 14.39 -19.07
N ARG G 101 30.03 13.33 -19.83
CA ARG G 101 30.95 12.85 -20.85
C ARG G 101 30.95 13.70 -22.11
N ASP G 102 30.07 14.69 -22.21
CA ASP G 102 30.11 15.65 -23.28
C ASP G 102 30.94 16.88 -22.94
N ILE G 103 31.23 17.11 -21.65
CA ILE G 103 32.02 18.27 -21.26
C ILE G 103 33.49 17.96 -20.95
N ALA G 104 33.87 16.69 -20.80
CA ALA G 104 35.27 16.37 -20.51
C ALA G 104 35.65 15.00 -21.05
N PRO G 105 36.87 14.83 -21.55
CA PRO G 105 37.30 13.52 -22.06
C PRO G 105 37.56 12.56 -20.92
N GLU G 106 37.35 11.26 -21.20
CA GLU G 106 37.75 10.24 -20.24
C GLU G 106 39.28 10.12 -20.21
N GLY G 107 39.80 9.66 -19.07
CA GLY G 107 41.21 9.38 -18.90
C GLY G 107 41.51 7.91 -19.01
N ASP G 108 42.70 7.52 -18.57
CA ASP G 108 43.14 6.13 -18.65
C ASP G 108 42.68 5.31 -17.43
N THR G 109 42.07 5.97 -16.45
CA THR G 109 41.43 5.34 -15.30
C THR G 109 40.18 6.14 -14.95
N LEU G 110 39.32 5.55 -14.12
CA LEU G 110 38.17 6.30 -13.63
C LEU G 110 38.64 7.52 -12.82
N GLN G 111 39.70 7.35 -12.03
CA GLN G 111 40.27 8.48 -11.28
C GLN G 111 40.63 9.63 -12.22
N GLU G 112 41.34 9.33 -13.31
CA GLU G 112 41.73 10.40 -14.22
C GLU G 112 40.52 10.98 -14.94
N THR G 113 39.55 10.12 -15.28
CA THR G 113 38.31 10.62 -15.87
C THR G 113 37.65 11.64 -14.95
N ASN G 114 37.57 11.32 -13.66
CA ASN G 114 36.94 12.23 -12.70
C ASN G 114 37.83 13.44 -12.43
N ARG G 115 39.16 13.30 -12.56
CA ARG G 115 40.02 14.46 -12.46
C ARG G 115 39.79 15.42 -13.62
N ASN G 116 39.71 14.90 -14.84
CA ASN G 116 39.42 15.74 -16.00
C ASN G 116 38.08 16.45 -15.85
N LEU G 117 37.05 15.70 -15.43
CA LEU G 117 35.72 16.27 -15.27
C LEU G 117 35.70 17.36 -14.21
N ASP G 118 36.33 17.09 -13.05
CA ASP G 118 36.41 18.09 -12.00
C ASP G 118 37.01 19.40 -12.51
N GLU G 119 38.03 19.30 -13.38
CA GLU G 119 38.70 20.49 -13.88
C GLU G 119 37.80 21.28 -14.81
N ILE G 120 36.99 20.59 -15.61
CA ILE G 120 36.05 21.31 -16.46
C ILE G 120 34.89 21.85 -15.64
N VAL G 121 34.46 21.09 -14.62
CA VAL G 121 33.42 21.60 -13.71
C VAL G 121 33.90 22.88 -13.02
N ALA G 122 35.18 22.95 -12.68
CA ALA G 122 35.68 24.16 -12.03
C ALA G 122 35.65 25.34 -12.97
N LEU G 123 35.96 25.13 -14.26
CA LEU G 123 35.91 26.21 -15.22
C LEU G 123 34.46 26.66 -15.47
N ILE G 124 33.52 25.72 -15.46
CA ILE G 124 32.10 26.05 -15.61
C ILE G 124 31.62 26.88 -14.42
N LYS G 125 32.01 26.47 -13.21
CA LYS G 125 31.66 27.23 -12.00
C LYS G 125 32.16 28.67 -12.10
N GLN G 126 33.41 28.87 -12.53
CA GLN G 126 33.91 30.22 -12.76
C GLN G 126 32.98 31.01 -13.68
N HIS G 127 32.59 30.40 -14.79
CA HIS G 127 31.73 31.09 -15.75
C HIS G 127 30.34 31.34 -15.19
N MET G 128 29.88 30.48 -14.27
CA MET G 128 28.57 30.70 -13.66
C MET G 128 28.59 31.92 -12.75
N HIS G 129 29.67 32.09 -11.99
CA HIS G 129 29.79 33.27 -11.13
C HIS G 129 29.92 34.52 -11.97
N SER G 130 30.82 34.52 -12.93
CA SER G 130 31.03 35.68 -13.79
C SER G 130 29.76 36.07 -14.55
N SER G 131 28.98 35.09 -14.99
CA SER G 131 27.88 35.38 -15.91
C SER G 131 26.51 35.41 -15.24
N GLY G 132 26.35 34.77 -14.09
CA GLY G 132 25.04 34.62 -13.48
C GLY G 132 24.18 33.51 -14.04
N LYS G 133 24.67 32.75 -15.02
CA LYS G 133 23.87 31.67 -15.59
C LYS G 133 23.72 30.51 -14.60
N LYS G 134 22.56 29.85 -14.65
CA LYS G 134 22.20 28.80 -13.69
C LYS G 134 22.08 27.44 -14.37
N LEU G 135 22.28 26.39 -13.58
CA LEU G 135 22.25 25.01 -14.06
C LEU G 135 20.83 24.45 -13.92
N LEU G 136 20.13 24.28 -15.05
CA LEU G 136 18.80 23.68 -15.01
C LEU G 136 18.88 22.22 -14.58
N TRP G 137 19.69 21.42 -15.27
CA TRP G 137 19.99 20.08 -14.81
C TRP G 137 21.28 19.61 -15.44
N ASN G 138 21.91 18.62 -14.79
CA ASN G 138 23.00 17.86 -15.36
C ASN G 138 22.59 16.40 -15.34
N THR G 139 23.44 15.56 -15.91
CA THR G 139 23.11 14.15 -16.09
C THR G 139 24.39 13.40 -16.41
N ALA G 140 24.29 12.08 -16.36
CA ALA G 140 25.38 11.19 -16.75
C ALA G 140 25.10 10.62 -18.13
N ASN G 141 26.08 10.73 -19.02
CA ASN G 141 26.02 10.11 -20.35
C ASN G 141 26.52 8.68 -20.19
N MET G 142 25.60 7.73 -20.16
CA MET G 142 25.98 6.32 -20.09
C MET G 142 25.49 5.63 -21.35
N PHE G 143 25.82 6.24 -22.44
CA PHE G 143 25.34 5.85 -23.75
C PHE G 143 26.46 5.67 -24.73
N THR G 144 27.43 6.59 -24.75
CA THR G 144 28.43 6.62 -25.82
C THR G 144 29.51 5.55 -25.64
N ASN G 145 30.08 5.42 -24.44
CA ASN G 145 31.22 4.53 -24.27
C ASN G 145 30.82 3.08 -24.55
N PRO G 146 31.68 2.29 -25.18
CA PRO G 146 31.33 0.90 -25.49
C PRO G 146 30.98 0.05 -24.28
N ARG G 147 31.37 0.43 -23.06
CA ARG G 147 31.03 -0.39 -21.91
C ARG G 147 29.52 -0.48 -21.71
N PHE G 148 28.75 0.48 -22.23
CA PHE G 148 27.31 0.52 -22.03
C PHE G 148 26.54 -0.12 -23.17
N VAL G 149 27.20 -0.95 -23.97
CA VAL G 149 26.56 -1.55 -25.15
C VAL G 149 25.29 -2.31 -24.76
N HIS G 150 25.26 -2.91 -23.56
CA HIS G 150 24.08 -3.61 -23.08
C HIS G 150 23.20 -2.77 -22.15
N GLY G 151 23.52 -1.49 -21.98
CA GLY G 151 22.82 -0.66 -21.02
C GLY G 151 23.71 -0.31 -19.85
N ALA G 152 23.10 0.37 -18.87
CA ALA G 152 23.83 0.80 -17.68
C ALA G 152 23.26 0.12 -16.44
N ALA G 153 22.14 0.61 -15.92
CA ALA G 153 21.47 -0.11 -14.84
C ALA G 153 20.93 -1.46 -15.29
N THR G 154 20.52 -1.58 -16.56
CA THR G 154 19.91 -2.81 -17.07
C THR G 154 20.91 -3.65 -17.85
N THR G 155 22.21 -3.35 -17.73
CA THR G 155 23.25 -4.16 -18.33
C THR G 155 23.16 -5.61 -17.85
N SER G 156 23.74 -6.50 -18.65
CA SER G 156 23.96 -7.89 -18.26
C SER G 156 25.27 -8.10 -17.49
N ASN G 157 26.12 -7.07 -17.41
CA ASN G 157 27.46 -7.16 -16.81
C ASN G 157 27.49 -6.34 -15.53
N ALA G 158 27.56 -7.03 -14.38
CA ALA G 158 27.55 -6.34 -13.10
C ALA G 158 28.68 -5.32 -12.96
N ASP G 159 29.84 -5.57 -13.59
CA ASP G 159 30.92 -4.58 -13.57
C ASP G 159 30.49 -3.26 -14.20
N VAL G 160 29.62 -3.33 -15.21
CA VAL G 160 29.13 -2.12 -15.84
C VAL G 160 28.18 -1.37 -14.91
N PHE G 161 27.28 -2.11 -14.23
CA PHE G 161 26.41 -1.51 -13.21
C PHE G 161 27.23 -0.74 -12.17
N ALA G 162 28.34 -1.32 -11.73
CA ALA G 162 29.18 -0.65 -10.74
C ALA G 162 29.79 0.63 -11.30
N TYR G 163 30.31 0.58 -12.53
CA TYR G 163 30.82 1.79 -13.16
C TYR G 163 29.73 2.84 -13.28
N ALA G 164 28.53 2.42 -13.71
CA ALA G 164 27.43 3.37 -13.85
C ALA G 164 27.11 4.05 -12.52
N ALA G 165 27.14 3.29 -11.42
CA ALA G 165 26.88 3.90 -10.11
C ALA G 165 27.96 4.90 -9.73
N ALA G 166 29.22 4.58 -10.00
CA ALA G 166 30.30 5.54 -9.78
C ALA G 166 30.08 6.80 -10.59
N GLN G 167 29.67 6.65 -11.85
CA GLN G 167 29.49 7.81 -12.70
C GLN G 167 28.34 8.70 -12.19
N VAL G 168 27.22 8.09 -11.83
CA VAL G 168 26.09 8.88 -11.36
C VAL G 168 26.40 9.48 -9.99
N LYS G 169 27.11 8.74 -9.14
CA LYS G 169 27.55 9.29 -7.86
C LYS G 169 28.31 10.60 -8.07
N LYS G 170 29.33 10.57 -8.94
CA LYS G 170 30.06 11.79 -9.30
C LYS G 170 29.12 12.87 -9.81
N ALA G 171 28.16 12.50 -10.68
CA ALA G 171 27.27 13.48 -11.27
C ALA G 171 26.37 14.12 -10.22
N LEU G 172 25.90 13.33 -9.26
CA LEU G 172 25.14 13.89 -8.15
C LEU G 172 25.99 14.84 -7.29
N ASP G 173 27.25 14.48 -7.06
CA ASP G 173 28.17 15.43 -6.42
C ASP G 173 28.26 16.75 -7.19
N HIS G 174 28.46 16.68 -8.51
CA HIS G 174 28.61 17.89 -9.29
C HIS G 174 27.31 18.68 -9.36
N GLY G 175 26.18 18.01 -9.52
CA GLY G 175 24.91 18.72 -9.51
C GLY G 175 24.70 19.52 -8.24
N LYS G 176 25.04 18.91 -7.10
CA LYS G 176 24.99 19.63 -5.82
C LYS G 176 25.95 20.81 -5.79
N GLU G 177 27.17 20.60 -6.29
CA GLU G 177 28.18 21.64 -6.23
C GLU G 177 27.81 22.85 -7.08
N LEU G 178 27.20 22.60 -8.23
CA LEU G 178 26.81 23.65 -9.18
C LEU G 178 25.39 24.14 -8.95
N GLY G 179 24.70 23.62 -7.95
CA GLY G 179 23.34 24.04 -7.65
C GLY G 179 22.32 23.69 -8.72
N ALA G 180 22.42 22.51 -9.32
CA ALA G 180 21.41 22.09 -10.30
C ALA G 180 20.02 22.12 -9.67
N GLU G 181 19.06 22.69 -10.38
CA GLU G 181 17.69 22.67 -9.87
C GLU G 181 17.00 21.33 -10.12
N ASN G 182 17.45 20.57 -11.13
CA ASN G 182 16.94 19.23 -11.38
C ASN G 182 18.10 18.32 -11.74
N TYR G 183 17.85 17.00 -11.66
CA TYR G 183 18.79 15.98 -12.12
C TYR G 183 18.03 14.96 -12.97
N VAL G 184 18.57 14.63 -14.15
CA VAL G 184 17.85 13.85 -15.16
C VAL G 184 18.48 12.45 -15.30
N PHE G 185 17.61 11.43 -15.40
CA PHE G 185 17.98 10.07 -15.83
C PHE G 185 17.29 9.82 -17.18
N TRP G 186 18.04 9.47 -18.22
CA TRP G 186 17.39 9.29 -19.51
C TRP G 186 17.50 7.85 -20.03
N GLY G 187 16.81 7.60 -21.15
CA GLY G 187 16.66 6.24 -21.65
C GLY G 187 17.96 5.57 -22.07
N GLY G 188 18.87 6.34 -22.66
CA GLY G 188 20.12 5.83 -23.22
C GLY G 188 20.03 4.42 -23.78
N ARG G 189 20.69 3.49 -23.10
CA ARG G 189 20.76 2.09 -23.53
C ARG G 189 19.91 1.16 -22.69
N GLU G 190 19.00 1.66 -21.84
CA GLU G 190 18.18 0.79 -20.99
C GLU G 190 16.94 0.28 -21.74
N GLY G 191 17.02 -0.94 -22.22
CA GLY G 191 15.94 -1.53 -22.98
C GLY G 191 16.34 -2.90 -23.49
N TYR G 192 15.93 -3.26 -24.70
CA TYR G 192 16.40 -4.53 -25.24
C TYR G 192 16.50 -4.46 -26.76
N GLU G 193 17.39 -5.27 -27.31
CA GLU G 193 17.43 -5.53 -28.73
C GLU G 193 16.54 -6.71 -29.10
N SER G 194 16.46 -7.71 -28.22
CA SER G 194 15.64 -8.87 -28.47
C SER G 194 15.17 -9.43 -27.13
N LEU G 195 13.88 -9.78 -27.06
CA LEU G 195 13.37 -10.47 -25.88
C LEU G 195 13.93 -11.88 -25.76
N LEU G 196 14.46 -12.46 -26.86
CA LEU G 196 14.94 -13.84 -26.79
C LEU G 196 16.03 -14.01 -25.75
N ASN G 197 16.85 -12.98 -25.54
CA ASN G 197 18.00 -13.09 -24.66
C ASN G 197 17.87 -12.22 -23.42
N THR G 198 16.66 -11.75 -23.12
CA THR G 198 16.45 -10.75 -22.07
C THR G 198 15.82 -11.40 -20.84
N ASP G 199 16.44 -11.16 -19.68
CA ASP G 199 15.80 -11.40 -18.38
C ASP G 199 15.11 -10.10 -17.99
N LEU G 200 13.84 -9.96 -18.39
CA LEU G 200 13.15 -8.67 -18.23
C LEU G 200 12.98 -8.32 -16.76
N GLY G 201 12.58 -9.29 -15.94
CA GLY G 201 12.38 -8.99 -14.52
C GLY G 201 13.66 -8.54 -13.83
N LEU G 202 14.79 -9.18 -14.15
CA LEU G 202 16.06 -8.77 -13.54
C LEU G 202 16.47 -7.37 -13.97
N GLU G 203 16.31 -7.05 -15.27
CA GLU G 203 16.69 -5.72 -15.72
C GLU G 203 15.82 -4.65 -15.05
N LEU G 204 14.50 -4.86 -14.98
CA LEU G 204 13.65 -3.85 -14.35
C LEU G 204 13.89 -3.76 -12.84
N ASP G 205 14.12 -4.90 -12.18
CA ASP G 205 14.48 -4.85 -10.78
C ASP G 205 15.77 -4.07 -10.56
N ASN G 206 16.75 -4.28 -11.45
CA ASN G 206 18.02 -3.58 -11.30
C ASN G 206 17.90 -2.11 -11.65
N LEU G 207 17.01 -1.75 -12.58
CA LEU G 207 16.77 -0.33 -12.85
C LEU G 207 16.22 0.35 -11.60
N ALA G 208 15.23 -0.28 -10.95
CA ALA G 208 14.66 0.30 -9.74
C ALA G 208 15.68 0.34 -8.60
N ARG G 209 16.51 -0.70 -8.48
CA ARG G 209 17.60 -0.68 -7.51
C ARG G 209 18.52 0.51 -7.73
N PHE G 210 18.94 0.70 -8.98
CA PHE G 210 19.87 1.77 -9.30
C PHE G 210 19.28 3.13 -8.97
N LEU G 211 18.02 3.36 -9.35
CA LEU G 211 17.38 4.66 -9.09
C LEU G 211 17.24 4.92 -7.59
N GLN G 212 16.89 3.89 -6.82
CA GLN G 212 16.80 4.05 -5.36
C GLN G 212 18.17 4.34 -4.76
N LEU G 213 19.21 3.65 -5.23
CA LEU G 213 20.57 3.96 -4.77
C LEU G 213 20.91 5.42 -5.03
N ALA G 214 20.47 5.97 -6.17
CA ALA G 214 20.70 7.39 -6.43
C ALA G 214 19.94 8.25 -5.45
N VAL G 215 18.66 7.91 -5.19
CA VAL G 215 17.87 8.67 -4.22
C VAL G 215 18.53 8.65 -2.85
N ASP G 216 18.94 7.45 -2.39
CA ASP G 216 19.69 7.33 -1.13
C ASP G 216 20.88 8.28 -1.10
N TYR G 217 21.70 8.27 -2.16
CA TYR G 217 22.92 9.06 -2.12
C TYR G 217 22.62 10.55 -2.17
N ALA G 218 21.63 10.96 -2.96
CA ALA G 218 21.27 12.38 -3.00
C ALA G 218 20.89 12.89 -1.62
N LYS G 219 20.15 12.08 -0.86
CA LYS G 219 19.73 12.47 0.48
C LYS G 219 20.92 12.53 1.43
N GLU G 220 21.85 11.58 1.29
CA GLU G 220 23.06 11.57 2.12
C GLU G 220 23.88 12.85 1.95
N ILE G 221 24.02 13.35 0.71
CA ILE G 221 24.80 14.56 0.50
C ILE G 221 23.95 15.83 0.55
N GLY G 222 22.65 15.73 0.79
CA GLY G 222 21.81 16.90 0.83
C GLY G 222 21.63 17.58 -0.52
N PHE G 223 21.57 16.78 -1.59
CA PHE G 223 21.29 17.26 -2.94
C PHE G 223 19.77 17.36 -3.09
N ASP G 224 19.26 18.59 -3.24
CA ASP G 224 17.82 18.82 -3.18
C ASP G 224 17.18 18.99 -4.56
N ALA G 225 17.92 18.73 -5.63
CA ALA G 225 17.38 18.86 -6.98
C ALA G 225 16.21 17.90 -7.20
N GLN G 226 15.27 18.32 -8.04
CA GLN G 226 14.17 17.46 -8.43
C GLN G 226 14.69 16.38 -9.39
N PHE G 227 14.66 15.12 -8.95
CA PHE G 227 15.00 14.01 -9.84
C PHE G 227 13.95 13.86 -10.95
N LEU G 228 14.43 13.68 -12.19
CA LEU G 228 13.56 13.52 -13.36
C LEU G 228 13.97 12.30 -14.17
N ILE G 229 12.96 11.52 -14.61
CA ILE G 229 13.14 10.46 -15.60
C ILE G 229 12.65 11.00 -16.94
N GLU G 230 13.44 10.79 -18.00
CA GLU G 230 13.00 11.18 -19.34
C GLU G 230 12.55 9.95 -20.12
N PRO G 231 11.27 9.81 -20.43
CA PRO G 231 10.83 8.69 -21.27
C PRO G 231 11.42 8.79 -22.66
N LYS G 232 11.69 7.62 -23.25
CA LYS G 232 12.02 7.48 -24.66
C LYS G 232 11.59 6.06 -25.04
N PRO G 233 10.82 5.89 -26.13
CA PRO G 233 10.24 4.56 -26.43
C PRO G 233 11.17 3.58 -27.13
N LYS G 234 12.12 4.08 -27.92
CA LYS G 234 12.99 3.27 -28.77
C LYS G 234 14.02 4.20 -29.38
N GLU G 235 15.04 3.59 -30.03
CA GLU G 235 16.15 4.24 -30.74
C GLU G 235 17.22 4.67 -29.74
N PRO G 236 18.40 4.06 -29.81
CA PRO G 236 18.84 3.06 -30.79
C PRO G 236 18.27 1.65 -30.57
N SER G 237 17.72 1.37 -29.38
CA SER G 237 17.26 0.01 -29.11
C SER G 237 15.85 -0.23 -29.64
N LYS G 238 15.52 -1.52 -29.80
CA LYS G 238 14.19 -1.89 -30.28
C LYS G 238 13.10 -1.40 -29.33
N HIS G 239 13.31 -1.58 -28.02
CA HIS G 239 12.39 -1.10 -27.01
C HIS G 239 13.19 -0.52 -25.86
N GLN G 240 12.75 0.62 -25.35
CA GLN G 240 13.36 1.18 -24.15
C GLN G 240 12.29 1.29 -23.07
N TYR G 241 12.70 1.00 -21.84
CA TYR G 241 11.74 0.62 -20.80
C TYR G 241 10.84 1.77 -20.39
N ASP G 242 11.39 2.97 -20.26
CA ASP G 242 10.57 4.15 -19.95
C ASP G 242 9.92 4.64 -21.23
N PHE G 243 8.99 3.82 -21.73
CA PHE G 243 8.49 3.96 -23.10
C PHE G 243 7.78 5.30 -23.31
N ASP G 244 6.93 5.68 -22.36
CA ASP G 244 6.22 6.95 -22.39
C ASP G 244 5.87 7.33 -20.95
N ALA G 245 5.14 8.43 -20.78
CA ALA G 245 4.81 8.89 -19.43
C ALA G 245 4.09 7.81 -18.65
N ALA G 246 3.04 7.21 -19.24
CA ALA G 246 2.23 6.25 -18.50
C ALA G 246 3.03 5.00 -18.17
N THR G 247 3.86 4.52 -19.11
CA THR G 247 4.67 3.33 -18.85
C THR G 247 5.68 3.61 -17.75
N THR G 248 6.26 4.81 -17.74
CA THR G 248 7.24 5.16 -16.72
C THR G 248 6.55 5.27 -15.36
N LEU G 249 5.36 5.86 -15.33
CA LEU G 249 4.59 5.93 -14.09
C LEU G 249 4.22 4.55 -13.58
N GLN G 250 3.90 3.61 -14.49
CA GLN G 250 3.61 2.25 -14.04
C GLN G 250 4.81 1.66 -13.30
N PHE G 251 6.00 1.83 -13.87
CA PHE G 251 7.23 1.39 -13.24
C PHE G 251 7.45 2.09 -11.90
N LEU G 252 7.36 3.43 -11.88
CA LEU G 252 7.62 4.18 -10.65
C LEU G 252 6.65 3.80 -9.54
N GLN G 253 5.38 3.63 -9.87
CA GLN G 253 4.39 3.21 -8.87
C GLN G 253 4.71 1.81 -8.36
N LYS G 254 5.10 0.90 -9.26
CA LYS G 254 5.35 -0.48 -8.89
C LYS G 254 6.50 -0.59 -7.89
N TYR G 255 7.53 0.24 -8.04
CA TYR G 255 8.76 0.13 -7.25
C TYR G 255 8.86 1.19 -6.17
N ASP G 256 7.75 1.87 -5.88
CA ASP G 256 7.69 2.84 -4.80
C ASP G 256 8.69 3.97 -5.01
N LEU G 257 8.78 4.43 -6.26
CA LEU G 257 9.69 5.51 -6.60
C LEU G 257 8.96 6.76 -7.07
N ALA G 258 7.62 6.73 -7.16
CA ALA G 258 6.93 7.86 -7.75
C ALA G 258 7.05 9.09 -6.86
N LYS G 259 7.31 8.90 -5.57
CA LYS G 259 7.46 10.02 -4.65
C LYS G 259 8.75 10.80 -4.93
N HIS G 260 9.73 10.18 -5.57
CA HIS G 260 11.04 10.80 -5.74
C HIS G 260 11.27 11.38 -7.13
N PHE G 261 10.43 11.07 -8.11
CA PHE G 261 10.68 11.43 -9.51
C PHE G 261 9.49 12.14 -10.12
N LYS G 262 9.78 13.14 -10.93
CA LYS G 262 8.85 13.62 -11.93
C LYS G 262 9.44 13.29 -13.29
N LEU G 263 8.79 13.76 -14.36
CA LEU G 263 9.21 13.40 -15.70
C LEU G 263 9.80 14.60 -16.43
N ASN G 264 10.88 14.35 -17.18
CA ASN G 264 11.36 15.26 -18.22
C ASN G 264 10.77 14.81 -19.56
N LEU G 265 9.83 15.58 -20.11
CA LEU G 265 9.12 15.14 -21.30
C LEU G 265 9.75 15.79 -22.54
N GLU G 266 10.21 14.95 -23.47
CA GLU G 266 10.78 15.43 -24.71
C GLU G 266 9.76 15.28 -25.83
N ALA G 267 9.48 16.37 -26.55
CA ALA G 267 8.44 16.34 -27.57
C ALA G 267 8.64 15.21 -28.59
N ASN G 268 9.86 15.06 -29.09
CA ASN G 268 10.10 14.04 -30.13
C ASN G 268 9.84 12.64 -29.58
N HIS G 269 10.07 12.44 -28.28
CA HIS G 269 9.86 11.12 -27.72
C HIS G 269 8.39 10.82 -27.55
N ALA G 270 7.57 11.85 -27.32
CA ALA G 270 6.13 11.67 -27.32
C ALA G 270 5.66 11.12 -28.66
N THR G 271 6.05 11.78 -29.77
CA THR G 271 5.51 11.35 -31.05
C THR G 271 6.10 10.02 -31.49
N LEU G 272 7.36 9.77 -31.15
CA LEU G 272 7.94 8.46 -31.42
C LEU G 272 7.18 7.34 -30.72
N ALA G 273 6.54 7.65 -29.59
CA ALA G 273 5.76 6.67 -28.85
C ALA G 273 4.32 6.57 -29.34
N GLY G 274 3.96 7.31 -30.38
CA GLY G 274 2.60 7.32 -30.87
C GLY G 274 1.65 8.29 -30.18
N HIS G 275 2.17 9.27 -29.43
CA HIS G 275 1.33 10.27 -28.77
C HIS G 275 1.68 11.68 -29.25
N THR G 276 0.73 12.59 -29.09
CA THR G 276 1.06 14.00 -29.21
C THR G 276 1.88 14.45 -27.99
N PHE G 277 2.70 15.49 -28.17
CA PHE G 277 3.40 16.08 -27.04
C PHE G 277 2.40 16.49 -25.95
N GLU G 278 1.30 17.15 -26.34
CA GLU G 278 0.37 17.61 -25.31
C GLU G 278 -0.28 16.44 -24.57
N HIS G 279 -0.48 15.30 -25.24
CA HIS G 279 -0.94 14.11 -24.52
C HIS G 279 0.01 13.74 -23.39
N GLU G 280 1.30 13.63 -23.69
CA GLU G 280 2.27 13.29 -22.64
C GLU G 280 2.27 14.35 -21.54
N LEU G 281 2.21 15.63 -21.92
CA LEU G 281 2.22 16.68 -20.90
C LEU G 281 0.98 16.61 -20.01
N ARG G 282 -0.19 16.34 -20.60
CA ARG G 282 -1.39 16.28 -19.76
C ARG G 282 -1.38 15.07 -18.85
N VAL G 283 -0.96 13.92 -19.38
CA VAL G 283 -0.86 12.72 -18.55
C VAL G 283 0.08 12.97 -17.38
N ALA G 284 1.23 13.59 -17.64
CA ALA G 284 2.16 13.91 -16.56
C ALA G 284 1.54 14.91 -15.58
N ARG G 285 0.90 15.95 -16.10
CA ARG G 285 0.33 16.98 -15.24
C ARG G 285 -0.73 16.40 -14.28
N ILE G 286 -1.64 15.56 -14.78
CA ILE G 286 -2.69 15.05 -13.89
C ILE G 286 -2.20 13.92 -13.00
N ASN G 287 -0.95 13.49 -13.14
CA ASN G 287 -0.35 12.60 -12.17
C ASN G 287 0.72 13.30 -11.34
N GLY G 288 0.77 14.63 -11.38
CA GLY G 288 1.74 15.38 -10.59
C GLY G 288 3.17 15.15 -10.99
N ALA G 289 3.45 14.94 -12.28
CA ALA G 289 4.77 14.49 -12.71
C ALA G 289 5.30 15.29 -13.91
N LEU G 290 4.74 16.46 -14.19
CA LEU G 290 5.29 17.32 -15.24
C LEU G 290 6.42 18.12 -14.60
N GLY G 291 7.65 17.61 -14.76
CA GLY G 291 8.79 18.22 -14.11
C GLY G 291 9.50 19.25 -14.94
N SER G 292 9.74 18.94 -16.23
CA SER G 292 10.47 19.82 -17.14
C SER G 292 10.20 19.31 -18.54
N ILE G 293 10.60 20.08 -19.54
CA ILE G 293 10.44 19.62 -20.92
C ILE G 293 11.72 19.86 -21.71
N ASP G 294 11.93 19.00 -22.68
CA ASP G 294 12.89 19.20 -23.75
C ASP G 294 12.10 19.62 -24.99
N ALA G 295 12.25 20.87 -25.40
CA ALA G 295 11.54 21.44 -26.54
C ALA G 295 12.27 21.11 -27.84
N ASN G 296 11.67 20.24 -28.63
CA ASN G 296 12.15 19.95 -29.98
C ASN G 296 10.94 19.40 -30.76
N GLN G 297 11.20 18.83 -31.92
CA GLN G 297 10.11 18.15 -32.62
C GLN G 297 10.72 17.12 -33.56
N GLY G 298 9.99 16.02 -33.72
CA GLY G 298 10.35 15.01 -34.68
C GLY G 298 9.71 15.30 -36.02
N ASP G 299 9.84 14.33 -36.92
CA ASP G 299 9.10 14.34 -38.17
C ASP G 299 8.22 13.10 -38.16
N LEU G 300 6.91 13.30 -38.10
CA LEU G 300 5.99 12.17 -37.94
C LEU G 300 6.00 11.23 -39.14
N LEU G 301 6.61 11.63 -40.26
CA LEU G 301 6.80 10.71 -41.38
C LEU G 301 8.12 9.97 -41.31
N LEU G 302 8.99 10.33 -40.35
CA LEU G 302 10.25 9.64 -40.13
C LEU G 302 10.22 8.98 -38.75
N GLY G 303 10.61 7.73 -38.68
CA GLY G 303 10.45 7.10 -37.39
C GLY G 303 11.63 7.12 -36.43
N TRP G 304 12.50 8.14 -36.42
CA TRP G 304 13.78 7.89 -35.76
C TRP G 304 14.34 9.03 -34.91
N ASP G 305 13.51 9.90 -34.33
CA ASP G 305 14.03 10.89 -33.39
C ASP G 305 14.95 11.88 -34.10
N THR G 306 14.40 12.89 -34.78
CA THR G 306 15.25 13.85 -35.49
C THR G 306 15.71 14.99 -34.59
N ASP G 307 15.01 15.26 -33.50
CA ASP G 307 15.45 16.25 -32.51
C ASP G 307 15.66 17.62 -33.16
N GLU G 308 14.78 17.98 -34.09
CA GLU G 308 14.87 19.28 -34.71
C GLU G 308 14.43 20.36 -33.73
N PHE G 309 14.93 21.57 -33.94
CA PHE G 309 14.45 22.69 -33.13
C PHE G 309 12.96 22.88 -33.36
N PRO G 310 12.21 23.21 -32.32
CA PRO G 310 10.74 23.19 -32.44
C PRO G 310 10.25 24.39 -33.24
N THR G 311 9.48 24.12 -34.28
CA THR G 311 8.94 25.21 -35.07
C THR G 311 7.42 25.15 -35.18
N ASP G 312 6.82 23.98 -34.96
CA ASP G 312 5.39 23.76 -35.11
C ASP G 312 4.65 24.59 -34.06
N LEU G 313 3.86 25.56 -34.51
CA LEU G 313 3.14 26.43 -33.58
C LEU G 313 1.96 25.72 -32.92
N TYR G 314 1.43 24.67 -33.55
CA TYR G 314 0.38 23.91 -32.87
C TYR G 314 0.96 23.18 -31.66
N ALA G 315 2.13 22.56 -31.83
CA ALA G 315 2.79 21.86 -30.73
C ALA G 315 3.14 22.82 -29.60
N SER G 316 3.77 23.95 -29.93
CA SER G 316 4.24 24.83 -28.87
C SER G 316 3.07 25.48 -28.14
N THR G 317 2.03 25.91 -28.87
CA THR G 317 0.84 26.43 -28.23
C THR G 317 0.24 25.42 -27.27
N LEU G 318 -0.01 24.21 -27.75
CA LEU G 318 -0.67 23.22 -26.92
C LEU G 318 0.24 22.67 -25.82
N ALA G 319 1.57 22.77 -25.99
CA ALA G 319 2.46 22.41 -24.88
C ALA G 319 2.40 23.46 -23.78
N MET G 320 2.51 24.74 -24.14
CA MET G 320 2.38 25.80 -23.14
C MET G 320 0.99 25.84 -22.53
N TYR G 321 -0.05 25.44 -23.28
CA TYR G 321 -1.39 25.32 -22.70
C TYR G 321 -1.39 24.35 -21.52
N GLU G 322 -0.72 23.21 -21.67
CA GLU G 322 -0.62 22.24 -20.58
C GLU G 322 0.28 22.77 -19.45
N ILE G 323 1.42 23.37 -19.82
CA ILE G 323 2.35 23.88 -18.82
C ILE G 323 1.70 24.97 -17.98
N LEU G 324 0.97 25.90 -18.61
CA LEU G 324 0.37 26.99 -17.86
C LEU G 324 -0.59 26.49 -16.79
N GLN G 325 -1.27 25.36 -17.03
CA GLN G 325 -2.19 24.81 -16.05
C GLN G 325 -1.52 23.95 -15.00
N ASN G 326 -0.23 23.64 -15.17
CA ASN G 326 0.53 22.89 -14.18
C ASN G 326 0.77 23.76 -12.95
N GLU G 327 0.79 23.11 -11.78
CA GLU G 327 1.10 23.78 -10.53
C GLU G 327 2.44 24.51 -10.60
N GLY G 328 2.41 25.83 -10.51
CA GLY G 328 3.62 26.61 -10.68
C GLY G 328 4.14 26.67 -12.09
N GLY G 329 3.32 26.34 -13.08
CA GLY G 329 3.82 26.35 -14.45
C GLY G 329 4.89 25.29 -14.62
N ILE G 330 5.98 25.66 -15.29
CA ILE G 330 7.07 24.71 -15.48
C ILE G 330 7.83 24.42 -14.19
N GLY G 331 7.53 25.14 -13.11
CA GLY G 331 8.09 24.76 -11.80
C GLY G 331 9.59 25.01 -11.72
N ARG G 332 10.31 24.05 -11.16
CA ARG G 332 11.76 24.10 -11.18
C ARG G 332 12.34 23.63 -12.51
N GLY G 333 11.50 23.11 -13.40
CA GLY G 333 11.94 22.77 -14.73
C GLY G 333 12.08 24.00 -15.59
N GLY G 334 12.28 23.75 -16.88
CA GLY G 334 12.35 24.83 -17.85
C GLY G 334 12.01 24.28 -19.22
N VAL G 335 12.01 25.17 -20.20
CA VAL G 335 11.85 24.79 -21.59
C VAL G 335 13.26 24.67 -22.17
N ASN G 336 13.77 23.44 -22.21
CA ASN G 336 15.17 23.16 -22.52
C ASN G 336 15.30 22.72 -23.97
N PHE G 337 16.19 23.39 -24.72
CA PHE G 337 16.37 23.10 -26.15
C PHE G 337 17.36 21.95 -26.33
N ASP G 338 16.88 20.74 -26.01
CA ASP G 338 17.59 19.52 -26.35
C ASP G 338 17.30 19.21 -27.81
N ALA G 339 17.97 19.95 -28.70
CA ALA G 339 17.71 19.87 -30.12
C ALA G 339 19.01 20.11 -30.86
N LYS G 340 19.07 19.61 -32.10
CA LYS G 340 20.28 19.68 -32.89
C LYS G 340 19.98 20.41 -34.18
N VAL G 341 20.95 21.18 -34.67
CA VAL G 341 20.79 21.80 -35.97
C VAL G 341 20.77 20.70 -37.02
N ARG G 342 20.12 20.96 -38.15
CA ARG G 342 20.12 19.97 -39.21
C ARG G 342 21.56 19.72 -39.68
N ARG G 343 21.79 18.54 -40.26
CA ARG G 343 23.12 18.20 -40.78
C ARG G 343 23.59 19.25 -41.77
N THR G 344 22.66 19.82 -42.51
CA THR G 344 22.97 20.78 -43.56
C THR G 344 23.09 22.22 -43.06
N SER G 345 22.76 22.48 -41.79
CA SER G 345 22.94 23.81 -41.17
C SER G 345 24.19 23.79 -40.29
N PHE G 346 25.34 23.65 -40.93
CA PHE G 346 26.60 23.37 -40.25
C PHE G 346 27.42 24.61 -39.93
N GLU G 347 26.97 25.80 -40.31
CA GLU G 347 27.75 26.98 -39.97
C GLU G 347 27.47 27.38 -38.52
N PRO G 348 28.45 28.00 -37.85
CA PRO G 348 28.22 28.43 -36.46
C PRO G 348 26.97 29.28 -36.27
N ILE G 349 26.69 30.19 -37.21
CA ILE G 349 25.58 31.12 -37.04
C ILE G 349 24.24 30.39 -37.10
N ASP G 350 24.19 29.22 -37.76
CA ASP G 350 22.97 28.43 -37.76
C ASP G 350 22.56 28.03 -36.36
N VAL G 351 23.52 27.85 -35.45
CA VAL G 351 23.15 27.53 -34.07
C VAL G 351 22.31 28.66 -33.50
N VAL G 352 22.64 29.90 -33.82
CA VAL G 352 21.85 31.04 -33.37
C VAL G 352 20.51 31.09 -34.10
N TYR G 353 20.53 30.96 -35.43
CA TYR G 353 19.26 30.91 -36.18
C TYR G 353 18.31 29.83 -35.63
N ALA G 354 18.85 28.66 -35.28
CA ALA G 354 17.99 27.56 -34.85
C ALA G 354 17.36 27.86 -33.49
N HIS G 355 18.13 28.42 -32.55
CA HIS G 355 17.54 28.78 -31.26
C HIS G 355 16.52 29.90 -31.40
N ILE G 356 16.73 30.83 -32.34
CA ILE G 356 15.74 31.88 -32.56
C ILE G 356 14.44 31.27 -33.07
N ASN G 357 14.57 30.33 -34.02
CA ASN G 357 13.41 29.57 -34.48
C ASN G 357 12.67 28.95 -33.29
N GLY G 358 13.40 28.25 -32.43
CA GLY G 358 12.74 27.52 -31.35
C GLY G 358 12.23 28.44 -30.23
N MET G 359 12.97 29.49 -29.93
CA MET G 359 12.55 30.38 -28.86
C MET G 359 11.34 31.22 -29.28
N ASP G 360 11.32 31.67 -30.52
CA ASP G 360 10.15 32.42 -31.01
C ASP G 360 8.90 31.53 -31.12
N ALA G 361 9.08 30.27 -31.50
CA ALA G 361 7.93 29.39 -31.62
C ALA G 361 7.30 29.13 -30.26
N PHE G 362 8.13 28.95 -29.24
CA PHE G 362 7.60 28.67 -27.91
C PHE G 362 7.11 29.93 -27.22
N ALA G 363 7.70 31.09 -27.52
CA ALA G 363 7.15 32.34 -26.99
C ALA G 363 5.79 32.65 -27.62
N ARG G 364 5.65 32.43 -28.94
CA ARG G 364 4.33 32.58 -29.56
C ARG G 364 3.34 31.59 -28.99
N GLY G 365 3.75 30.33 -28.84
CA GLY G 365 2.85 29.35 -28.22
C GLY G 365 2.38 29.80 -26.85
N LEU G 366 3.27 30.43 -26.07
CA LEU G 366 2.89 30.93 -24.75
C LEU G 366 1.84 32.03 -24.87
N GLN G 367 2.11 33.03 -25.73
CA GLN G 367 1.13 34.10 -25.98
C GLN G 367 -0.24 33.53 -26.34
N VAL G 368 -0.26 32.60 -27.30
CA VAL G 368 -1.52 32.04 -27.77
C VAL G 368 -2.20 31.25 -26.66
N ALA G 369 -1.45 30.35 -26.00
CA ALA G 369 -2.03 29.51 -24.96
C ALA G 369 -2.58 30.34 -23.82
N ALA G 370 -1.90 31.43 -23.46
CA ALA G 370 -2.37 32.25 -22.36
C ALA G 370 -3.70 32.93 -22.70
N LYS G 371 -3.87 33.35 -23.95
CA LYS G 371 -5.10 34.02 -24.33
C LYS G 371 -6.24 33.03 -24.48
N LEU G 372 -5.94 31.81 -24.97
CA LEU G 372 -6.94 30.75 -25.02
C LEU G 372 -7.44 30.41 -23.62
N ILE G 373 -6.54 30.36 -22.65
CA ILE G 373 -6.93 30.11 -21.28
C ILE G 373 -7.72 31.29 -20.71
N GLU G 374 -7.23 32.50 -20.95
CA GLU G 374 -7.88 33.68 -20.40
C GLU G 374 -9.27 33.86 -20.99
N ASP G 375 -9.43 33.60 -22.28
CA ASP G 375 -10.74 33.69 -22.90
C ASP G 375 -11.60 32.45 -22.64
N ARG G 376 -11.08 31.45 -21.94
CA ARG G 376 -11.80 30.19 -21.70
C ARG G 376 -12.28 29.58 -23.01
N ALA G 377 -11.51 29.78 -24.08
CA ALA G 377 -11.94 29.39 -25.41
C ALA G 377 -12.27 27.90 -25.49
N PHE G 378 -11.47 27.05 -24.84
CA PHE G 378 -11.80 25.63 -24.79
C PHE G 378 -12.57 25.27 -23.52
N ASP G 379 -12.21 25.89 -22.39
CA ASP G 379 -12.81 25.53 -21.10
C ASP G 379 -14.32 25.76 -21.06
N ASN G 380 -14.82 26.75 -21.81
CA ASN G 380 -16.27 26.98 -21.88
C ASN G 380 -16.96 25.85 -22.62
N VAL G 381 -16.35 25.36 -23.68
CA VAL G 381 -16.93 24.22 -24.39
C VAL G 381 -16.87 22.97 -23.51
N ILE G 382 -15.74 22.77 -22.81
CA ILE G 382 -15.60 21.61 -21.94
C ILE G 382 -16.61 21.64 -20.81
N GLU G 383 -16.79 22.81 -20.18
CA GLU G 383 -17.72 22.91 -19.07
C GLU G 383 -19.14 22.56 -19.49
N GLU G 384 -19.57 23.01 -20.68
CA GLU G 384 -20.91 22.69 -21.16
C GLU G 384 -21.00 21.24 -21.62
N ARG G 385 -19.90 20.68 -22.12
CA ARG G 385 -19.89 19.30 -22.60
C ARG G 385 -20.17 18.31 -21.48
N TYR G 386 -19.54 18.51 -20.31
CA TYR G 386 -19.66 17.58 -19.20
C TYR G 386 -20.60 18.08 -18.11
N ALA G 387 -21.46 19.05 -18.42
CA ALA G 387 -22.31 19.65 -17.40
C ALA G 387 -23.24 18.64 -16.76
N SER G 388 -23.55 17.54 -17.46
CA SER G 388 -24.45 16.53 -16.92
C SER G 388 -23.89 15.86 -15.67
N PHE G 389 -22.58 15.91 -15.45
CA PHE G 389 -21.99 15.30 -14.26
C PHE G 389 -21.94 16.24 -13.06
N THR G 390 -22.54 17.42 -13.17
CA THR G 390 -22.65 18.35 -12.06
C THR G 390 -24.07 18.49 -11.54
N LYS G 391 -24.99 17.63 -11.97
CA LYS G 391 -26.39 17.72 -11.57
C LYS G 391 -27.04 16.35 -11.70
N GLY G 392 -28.23 16.21 -11.10
CA GLY G 392 -29.04 15.02 -11.31
C GLY G 392 -28.29 13.73 -11.09
N ILE G 393 -28.53 12.76 -11.96
CA ILE G 393 -27.89 11.45 -11.84
C ILE G 393 -26.37 11.55 -12.03
N GLY G 394 -25.90 12.53 -12.79
CA GLY G 394 -24.46 12.68 -12.97
C GLY G 394 -23.73 13.05 -11.70
N ALA G 395 -24.31 13.96 -10.89
CA ALA G 395 -23.70 14.31 -9.62
C ALA G 395 -23.69 13.12 -8.68
N ASP G 396 -24.76 12.31 -8.71
CA ASP G 396 -24.79 11.11 -7.87
C ASP G 396 -23.77 10.08 -8.32
N ILE G 397 -23.49 10.01 -9.61
CA ILE G 397 -22.37 9.20 -10.09
C ILE G 397 -21.07 9.71 -9.50
N VAL G 398 -20.82 11.01 -9.65
CA VAL G 398 -19.53 11.56 -9.24
C VAL G 398 -19.33 11.43 -7.74
N SER G 399 -20.41 11.52 -6.96
CA SER G 399 -20.28 11.45 -5.51
C SER G 399 -20.17 10.03 -4.96
N GLY G 400 -20.36 9.01 -5.80
CA GLY G 400 -20.41 7.64 -5.33
C GLY G 400 -21.77 7.19 -4.81
N LYS G 401 -22.75 8.07 -4.73
CA LYS G 401 -24.10 7.66 -4.35
C LYS G 401 -24.66 6.63 -5.33
N ALA G 402 -24.52 6.88 -6.63
CA ALA G 402 -25.10 6.00 -7.63
C ALA G 402 -24.34 4.68 -7.72
N ASN G 403 -25.08 3.61 -7.98
CA ASN G 403 -24.53 2.29 -8.19
C ASN G 403 -25.30 1.64 -9.33
N PHE G 404 -24.99 0.36 -9.60
CA PHE G 404 -25.61 -0.32 -10.73
C PHE G 404 -27.11 -0.49 -10.55
N HIS G 405 -27.58 -0.68 -9.31
CA HIS G 405 -29.02 -0.81 -9.08
C HIS G 405 -29.76 0.48 -9.37
N THR G 406 -29.25 1.60 -8.86
CA THR G 406 -29.94 2.86 -9.10
C THR G 406 -29.74 3.34 -10.52
N LEU G 407 -28.60 3.04 -11.13
CA LEU G 407 -28.39 3.46 -12.51
C LEU G 407 -29.28 2.66 -13.46
N GLU G 408 -29.43 1.35 -13.23
CA GLU G 408 -30.33 0.59 -14.07
C GLU G 408 -31.77 1.10 -13.93
N ALA G 409 -32.20 1.39 -12.71
CA ALA G 409 -33.56 1.90 -12.50
C ALA G 409 -33.80 3.19 -13.27
N TYR G 410 -32.84 4.12 -13.19
CA TYR G 410 -32.87 5.33 -14.02
C TYR G 410 -32.94 4.97 -15.50
N ALA G 411 -32.06 4.08 -15.95
CA ALA G 411 -32.01 3.75 -17.37
C ALA G 411 -33.31 3.12 -17.84
N LEU G 412 -33.94 2.33 -16.98
CA LEU G 412 -35.22 1.68 -17.29
C LEU G 412 -36.38 2.66 -17.36
N GLN G 413 -36.18 3.93 -16.99
CA GLN G 413 -37.17 4.95 -17.31
C GLN G 413 -37.30 5.18 -18.80
N ASN G 414 -36.28 4.81 -19.58
CA ASN G 414 -36.31 5.00 -21.03
C ASN G 414 -36.51 6.47 -21.41
N ASN G 415 -35.90 7.37 -20.65
CA ASN G 415 -35.89 8.76 -21.07
C ASN G 415 -34.98 8.93 -22.28
N PRO G 416 -35.34 9.78 -23.23
CA PRO G 416 -34.55 9.90 -24.46
C PRO G 416 -33.15 10.40 -24.18
N ILE G 417 -32.17 9.75 -24.80
CA ILE G 417 -30.78 10.15 -24.67
C ILE G 417 -30.45 11.07 -25.84
N THR G 418 -30.00 12.29 -25.53
CA THR G 418 -29.59 13.26 -26.56
C THR G 418 -28.15 13.69 -26.27
N ASN G 419 -27.24 13.24 -27.11
CA ASN G 419 -25.85 13.67 -26.98
C ASN G 419 -25.64 15.00 -27.70
N LYS G 420 -24.64 15.75 -27.25
CA LYS G 420 -24.25 17.01 -27.85
C LYS G 420 -22.98 16.84 -28.68
N SER G 421 -22.91 17.60 -29.77
CA SER G 421 -21.74 17.54 -30.64
C SER G 421 -20.47 17.84 -29.84
N GLY G 422 -19.35 17.29 -30.30
CA GLY G 422 -18.09 17.60 -29.66
C GLY G 422 -17.42 18.87 -30.15
N ARG G 423 -17.85 19.37 -31.30
CA ARG G 423 -17.41 20.66 -31.85
C ARG G 423 -15.91 20.71 -32.16
N VAL G 424 -15.33 19.58 -32.59
CA VAL G 424 -13.89 19.54 -32.87
C VAL G 424 -13.52 20.55 -33.97
N GLU G 425 -14.23 20.53 -35.10
CA GLU G 425 -13.88 21.46 -36.18
C GLU G 425 -14.06 22.91 -35.75
N LEU G 426 -15.11 23.19 -34.97
CA LEU G 426 -15.29 24.52 -34.40
C LEU G 426 -14.09 24.93 -33.57
N LEU G 427 -13.64 24.05 -32.66
CA LEU G 427 -12.49 24.37 -31.81
C LEU G 427 -11.23 24.53 -32.62
N ARG G 428 -11.07 23.73 -33.66
CA ARG G 428 -9.91 23.85 -34.52
C ARG G 428 -9.91 25.20 -35.24
N SER G 429 -11.09 25.73 -35.60
CA SER G 429 -11.14 27.07 -36.17
C SER G 429 -10.66 28.11 -35.16
N ILE G 430 -11.08 27.97 -33.91
CA ILE G 430 -10.66 28.92 -32.87
C ILE G 430 -9.15 28.86 -32.67
N LEU G 431 -8.59 27.65 -32.62
CA LEU G 431 -7.14 27.51 -32.46
C LEU G 431 -6.39 28.23 -33.57
N ASN G 432 -6.83 28.05 -34.82
CA ASN G 432 -6.19 28.74 -35.94
C ASN G 432 -6.33 30.24 -35.78
N GLN G 433 -7.53 30.71 -35.42
CA GLN G 433 -7.75 32.13 -35.28
C GLN G 433 -6.82 32.74 -34.23
N TYR G 434 -6.65 32.07 -33.10
CA TYR G 434 -5.81 32.59 -32.02
C TYR G 434 -4.34 32.55 -32.39
N ILE G 435 -3.86 31.46 -33.01
CA ILE G 435 -2.46 31.39 -33.41
C ILE G 435 -2.13 32.57 -34.32
N ILE G 436 -3.08 32.96 -35.16
CA ILE G 436 -2.85 34.06 -36.08
C ILE G 436 -3.07 35.41 -35.40
N ASN G 437 -4.13 35.54 -34.60
CA ASN G 437 -4.64 36.83 -34.18
C ASN G 437 -4.16 37.32 -32.83
N VAL G 438 -3.59 36.44 -32.01
CA VAL G 438 -2.92 36.73 -30.73
C VAL G 438 -3.83 36.32 -29.57
N TYR H 3 -24.72 -24.60 -42.33
CA TYR H 3 -24.52 -23.15 -42.50
C TYR H 3 -23.15 -22.85 -43.13
N PHE H 4 -22.24 -23.82 -43.10
CA PHE H 4 -20.84 -23.58 -43.44
C PHE H 4 -20.32 -24.46 -44.58
N ASP H 5 -21.21 -25.06 -45.37
CA ASP H 5 -20.83 -25.90 -46.52
C ASP H 5 -20.10 -27.17 -46.08
N HIS H 6 -20.16 -27.55 -44.81
CA HIS H 6 -19.27 -28.59 -44.30
C HIS H 6 -19.97 -29.40 -43.22
N VAL H 7 -20.43 -30.58 -43.57
CA VAL H 7 -20.87 -31.53 -42.56
C VAL H 7 -19.65 -32.27 -42.04
N GLY H 8 -19.70 -32.65 -40.76
CA GLY H 8 -18.63 -33.41 -40.16
C GLY H 8 -17.63 -32.54 -39.41
N THR H 9 -16.78 -33.21 -38.63
CA THR H 9 -15.79 -32.55 -37.80
C THR H 9 -14.45 -32.53 -38.51
N VAL H 10 -13.74 -31.39 -38.40
CA VAL H 10 -12.37 -31.32 -38.86
C VAL H 10 -11.51 -32.18 -37.94
N LYS H 11 -10.69 -33.05 -38.51
CA LYS H 11 -9.87 -33.94 -37.73
C LYS H 11 -8.40 -33.78 -38.10
N PHE H 12 -7.52 -34.22 -37.19
CA PHE H 12 -6.08 -34.14 -37.40
C PHE H 12 -5.63 -35.19 -38.41
N GLU H 13 -4.85 -34.77 -39.40
CA GLU H 13 -4.36 -35.68 -40.43
C GLU H 13 -2.85 -35.64 -40.62
N GLY H 14 -2.12 -34.88 -39.80
CA GLY H 14 -0.68 -34.84 -39.91
C GLY H 14 -0.19 -33.80 -40.90
N LYS H 15 1.12 -33.53 -40.81
CA LYS H 15 1.65 -32.37 -41.50
C LYS H 15 1.78 -32.58 -43.01
N SER H 16 1.71 -33.80 -43.51
CA SER H 16 1.82 -34.06 -44.93
C SER H 16 0.49 -34.23 -45.63
N SER H 17 -0.62 -34.02 -44.92
CA SER H 17 -1.92 -34.19 -45.56
C SER H 17 -2.16 -33.08 -46.58
N THR H 18 -2.81 -33.45 -47.68
CA THR H 18 -3.26 -32.50 -48.69
C THR H 18 -4.72 -32.13 -48.54
N ASN H 19 -5.34 -32.53 -47.44
CA ASN H 19 -6.76 -32.26 -47.17
C ASN H 19 -6.90 -30.83 -46.66
N PRO H 20 -7.50 -29.92 -47.43
CA PRO H 20 -7.70 -28.56 -46.92
C PRO H 20 -8.64 -28.51 -45.72
N LEU H 21 -9.47 -29.53 -45.51
CA LEU H 21 -10.34 -29.51 -44.34
C LEU H 21 -9.86 -30.49 -43.28
N ALA H 22 -8.56 -30.46 -42.99
CA ALA H 22 -7.97 -31.25 -41.90
C ALA H 22 -6.92 -30.40 -41.19
N PHE H 23 -6.74 -30.64 -39.90
CA PHE H 23 -5.65 -30.02 -39.16
C PHE H 23 -4.33 -30.67 -39.54
N LYS H 24 -3.34 -29.86 -39.89
CA LYS H 24 -1.99 -30.35 -40.14
C LYS H 24 -1.12 -30.41 -38.89
N PHE H 25 -1.46 -29.64 -37.85
CA PHE H 25 -0.60 -29.55 -36.68
C PHE H 25 -1.39 -29.64 -35.38
N TYR H 26 -2.63 -29.14 -35.37
CA TYR H 26 -3.47 -29.25 -34.19
C TYR H 26 -3.95 -30.68 -34.07
N ASN H 27 -3.26 -31.45 -33.26
CA ASN H 27 -3.69 -32.78 -32.83
C ASN H 27 -4.16 -32.60 -31.40
N PRO H 28 -5.48 -32.51 -31.16
CA PRO H 28 -5.96 -32.18 -29.82
C PRO H 28 -5.46 -33.10 -28.74
N ASP H 29 -5.23 -34.37 -29.06
CA ASP H 29 -4.84 -35.36 -28.07
C ASP H 29 -3.33 -35.45 -27.86
N GLU H 30 -2.52 -34.81 -28.70
CA GLU H 30 -1.08 -34.89 -28.55
C GLU H 30 -0.64 -34.33 -27.20
N ILE H 31 0.17 -35.10 -26.46
CA ILE H 31 0.62 -34.71 -25.13
C ILE H 31 1.93 -33.94 -25.24
N ILE H 32 1.99 -32.78 -24.59
CA ILE H 32 3.17 -31.93 -24.63
C ILE H 32 3.45 -31.48 -23.21
N LEU H 33 4.66 -31.78 -22.73
CA LEU H 33 5.03 -31.47 -21.35
C LEU H 33 3.91 -31.83 -20.37
N GLY H 34 3.29 -32.98 -20.60
CA GLY H 34 2.32 -33.49 -19.66
C GLY H 34 0.91 -32.96 -19.79
N LYS H 35 0.60 -32.18 -20.83
CA LYS H 35 -0.77 -31.73 -21.09
C LYS H 35 -1.07 -31.88 -22.57
N THR H 36 -2.31 -32.24 -22.90
CA THR H 36 -2.72 -32.34 -24.29
C THR H 36 -2.72 -30.95 -24.95
N MET H 37 -2.55 -30.93 -26.26
CA MET H 37 -2.67 -29.66 -26.98
C MET H 37 -4.01 -28.99 -26.67
N ARG H 38 -5.09 -29.77 -26.61
CA ARG H 38 -6.42 -29.22 -26.33
C ARG H 38 -6.42 -28.42 -25.04
N GLU H 39 -5.83 -28.96 -23.96
CA GLU H 39 -5.86 -28.25 -22.69
C GLU H 39 -4.85 -27.11 -22.64
N HIS H 40 -3.71 -27.23 -23.34
CA HIS H 40 -2.76 -26.11 -23.43
C HIS H 40 -3.40 -24.90 -24.11
N LEU H 41 -4.11 -25.13 -25.20
CA LEU H 41 -4.53 -24.03 -26.04
C LEU H 41 -5.90 -23.48 -25.66
N ARG H 42 -6.83 -24.33 -25.20
CA ARG H 42 -8.18 -23.88 -24.83
C ARG H 42 -8.77 -22.92 -25.87
N PHE H 43 -8.73 -23.35 -27.12
CA PHE H 43 -9.18 -22.54 -28.24
C PHE H 43 -10.61 -22.04 -28.03
N GLY H 44 -10.85 -20.79 -28.41
CA GLY H 44 -12.17 -20.22 -28.35
C GLY H 44 -12.56 -19.66 -29.71
N VAL H 45 -13.86 -19.72 -30.00
CA VAL H 45 -14.41 -19.21 -31.26
C VAL H 45 -15.38 -18.09 -30.92
N ALA H 46 -15.33 -17.02 -31.70
CA ALA H 46 -16.07 -15.80 -31.40
C ALA H 46 -17.33 -15.76 -32.25
N TYR H 47 -18.48 -15.96 -31.60
CA TYR H 47 -19.82 -15.66 -32.10
C TYR H 47 -19.87 -14.57 -33.19
N LEU H 71 -34.50 -13.31 -43.42
CA LEU H 71 -34.24 -13.64 -42.02
C LEU H 71 -33.71 -12.42 -41.30
N SER H 72 -34.47 -11.90 -40.32
CA SER H 72 -34.05 -10.73 -39.56
C SER H 72 -34.60 -10.80 -38.15
N GLY H 73 -34.16 -9.87 -37.30
CA GLY H 73 -34.71 -9.76 -35.96
C GLY H 73 -34.44 -10.99 -35.12
N MET H 74 -35.42 -11.36 -34.29
CA MET H 74 -35.24 -12.49 -33.39
C MET H 74 -35.08 -13.79 -34.16
N GLU H 75 -35.64 -13.87 -35.38
CA GLU H 75 -35.48 -15.07 -36.19
C GLU H 75 -34.04 -15.22 -36.66
N LEU H 76 -33.42 -14.13 -37.10
CA LEU H 76 -31.99 -14.18 -37.43
C LEU H 76 -31.15 -14.48 -36.19
N ALA H 77 -31.51 -13.90 -35.05
CA ALA H 77 -30.76 -14.18 -33.82
C ALA H 77 -30.75 -15.67 -33.52
N LYS H 78 -31.89 -16.33 -33.64
CA LYS H 78 -31.98 -17.76 -33.30
C LYS H 78 -31.18 -18.62 -34.29
N ALA H 79 -31.17 -18.22 -35.56
CA ALA H 79 -30.36 -18.93 -36.54
C ALA H 79 -28.88 -18.73 -36.26
N ARG H 80 -28.50 -17.56 -35.76
CA ARG H 80 -27.10 -17.34 -35.37
C ARG H 80 -26.70 -18.25 -34.23
N VAL H 81 -27.61 -18.50 -33.28
CA VAL H 81 -27.32 -19.46 -32.20
C VAL H 81 -26.99 -20.83 -32.77
N GLU H 82 -27.85 -21.33 -33.67
CA GLU H 82 -27.61 -22.64 -34.27
C GLU H 82 -26.31 -22.65 -35.05
N ALA H 83 -26.00 -21.56 -35.77
CA ALA H 83 -24.79 -21.53 -36.59
C ALA H 83 -23.54 -21.55 -35.72
N CYS H 84 -23.55 -20.82 -34.60
CA CYS H 84 -22.38 -20.78 -33.73
C CYS H 84 -22.05 -22.17 -33.20
N PHE H 85 -23.05 -22.89 -32.69
CA PHE H 85 -22.78 -24.21 -32.14
C PHE H 85 -22.48 -25.24 -33.23
N GLU H 86 -23.02 -25.06 -34.43
CA GLU H 86 -22.61 -25.91 -35.55
C GLU H 86 -21.13 -25.72 -35.84
N LEU H 87 -20.66 -24.47 -35.84
CA LEU H 87 -19.25 -24.21 -36.09
C LEU H 87 -18.38 -24.76 -34.96
N LEU H 88 -18.82 -24.62 -33.71
CA LEU H 88 -18.06 -25.22 -32.61
C LEU H 88 -17.90 -26.72 -32.80
N ASN H 89 -18.90 -27.38 -33.38
CA ASN H 89 -18.80 -28.82 -33.61
C ASN H 89 -17.91 -29.16 -34.79
N ILE H 90 -17.98 -28.37 -35.86
CA ILE H 90 -17.14 -28.59 -37.02
C ILE H 90 -15.66 -28.49 -36.65
N LEU H 91 -15.32 -27.56 -35.76
CA LEU H 91 -13.93 -27.28 -35.43
C LEU H 91 -13.43 -28.05 -34.23
N ASP H 92 -14.30 -28.77 -33.53
CA ASP H 92 -13.94 -29.49 -32.31
C ASP H 92 -13.41 -28.50 -31.26
N VAL H 93 -14.08 -27.35 -31.14
CA VAL H 93 -13.68 -26.28 -30.24
C VAL H 93 -14.57 -26.32 -29.00
N ASP H 94 -13.97 -26.15 -27.82
CA ASP H 94 -14.69 -26.30 -26.57
C ASP H 94 -15.21 -25.00 -25.98
N TYR H 95 -14.75 -23.85 -26.47
CA TYR H 95 -15.01 -22.57 -25.83
C TYR H 95 -15.55 -21.57 -26.85
N PHE H 96 -16.42 -20.67 -26.38
CA PHE H 96 -16.88 -19.59 -27.24
C PHE H 96 -16.99 -18.29 -26.44
N CYS H 97 -17.15 -17.18 -27.18
CA CYS H 97 -17.32 -15.86 -26.60
C CYS H 97 -18.43 -15.17 -27.34
N PHE H 98 -19.09 -14.21 -26.66
CA PHE H 98 -20.09 -13.39 -27.34
C PHE H 98 -20.17 -12.00 -26.69
N HIS H 99 -20.59 -11.02 -27.50
CA HIS H 99 -21.06 -9.71 -27.05
C HIS H 99 -22.58 -9.74 -27.04
N ASP H 100 -23.19 -9.14 -26.02
CA ASP H 100 -24.65 -9.14 -25.90
C ASP H 100 -25.33 -8.67 -27.19
N ARG H 101 -24.94 -7.51 -27.70
CA ARG H 101 -25.61 -6.91 -28.86
C ARG H 101 -25.32 -7.62 -30.18
N ASP H 102 -24.45 -8.62 -30.19
CA ASP H 102 -24.27 -9.43 -31.37
C ASP H 102 -25.12 -10.68 -31.35
N ILE H 103 -25.71 -11.05 -30.21
CA ILE H 103 -26.57 -12.24 -30.19
C ILE H 103 -28.06 -11.92 -30.22
N ALA H 104 -28.47 -10.65 -30.09
CA ALA H 104 -29.90 -10.39 -30.11
C ALA H 104 -30.16 -8.91 -30.44
N PRO H 105 -31.22 -8.61 -31.19
CA PRO H 105 -31.47 -7.20 -31.55
C PRO H 105 -32.02 -6.41 -30.38
N GLU H 106 -31.73 -5.11 -30.40
CA GLU H 106 -32.33 -4.20 -29.43
C GLU H 106 -33.84 -4.11 -29.66
N GLY H 107 -34.57 -3.79 -28.59
CA GLY H 107 -35.99 -3.54 -28.65
C GLY H 107 -36.31 -2.06 -28.60
N ASP H 108 -37.60 -1.76 -28.47
CA ASP H 108 -38.03 -0.37 -28.44
C ASP H 108 -37.87 0.27 -27.06
N THR H 109 -37.51 -0.52 -26.06
CA THR H 109 -37.13 -0.05 -24.73
C THR H 109 -36.00 -0.92 -24.22
N LEU H 110 -35.34 -0.47 -23.15
CA LEU H 110 -34.34 -1.31 -22.49
C LEU H 110 -34.97 -2.60 -21.99
N GLN H 111 -36.18 -2.54 -21.45
CA GLN H 111 -36.90 -3.75 -21.06
C GLN H 111 -36.99 -4.73 -22.22
N GLU H 112 -37.39 -4.24 -23.40
CA GLU H 112 -37.52 -5.16 -24.54
C GLU H 112 -36.18 -5.66 -25.03
N THR H 113 -35.15 -4.79 -25.05
CA THR H 113 -33.79 -5.26 -25.34
C THR H 113 -33.41 -6.42 -24.43
N ASN H 114 -33.67 -6.28 -23.14
CA ASN H 114 -33.27 -7.31 -22.19
C ASN H 114 -34.13 -8.56 -22.33
N ARG H 115 -35.41 -8.41 -22.69
CA ARG H 115 -36.23 -9.59 -22.94
C ARG H 115 -35.72 -10.36 -24.16
N ASN H 116 -35.37 -9.65 -25.24
CA ASN H 116 -34.80 -10.29 -26.42
C ASN H 116 -33.51 -11.02 -26.06
N LEU H 117 -32.65 -10.37 -25.29
CA LEU H 117 -31.39 -10.97 -24.86
C LEU H 117 -31.64 -12.21 -24.01
N ASP H 118 -32.56 -12.10 -23.05
CA ASP H 118 -32.87 -13.22 -22.16
C ASP H 118 -33.33 -14.43 -22.96
N GLU H 119 -34.15 -14.20 -23.98
CA GLU H 119 -34.66 -15.32 -24.76
C GLU H 119 -33.53 -16.02 -25.52
N ILE H 120 -32.58 -15.25 -26.04
CA ILE H 120 -31.46 -15.88 -26.74
C ILE H 120 -30.49 -16.54 -25.75
N VAL H 121 -30.26 -15.91 -24.59
CA VAL H 121 -29.42 -16.52 -23.57
C VAL H 121 -30.00 -17.86 -23.13
N ALA H 122 -31.31 -17.94 -22.96
CA ALA H 122 -31.95 -19.22 -22.62
C ALA H 122 -31.62 -20.30 -23.65
N LEU H 123 -31.65 -19.96 -24.94
CA LEU H 123 -31.32 -20.96 -25.95
C LEU H 123 -29.85 -21.36 -25.89
N ILE H 124 -28.96 -20.37 -25.69
CA ILE H 124 -27.53 -20.67 -25.61
C ILE H 124 -27.26 -21.58 -24.43
N LYS H 125 -27.94 -21.34 -23.30
CA LYS H 125 -27.74 -22.14 -22.09
C LYS H 125 -28.03 -23.61 -22.36
N GLN H 126 -29.15 -23.90 -23.01
CA GLN H 126 -29.48 -25.30 -23.33
C GLN H 126 -28.48 -25.88 -24.31
N HIS H 127 -28.05 -25.09 -25.30
CA HIS H 127 -27.03 -25.56 -26.23
C HIS H 127 -25.73 -25.89 -25.51
N MET H 128 -25.37 -25.08 -24.50
CA MET H 128 -24.15 -25.36 -23.73
C MET H 128 -24.28 -26.66 -22.96
N HIS H 129 -25.47 -26.95 -22.43
CA HIS H 129 -25.67 -28.17 -21.67
C HIS H 129 -25.61 -29.41 -22.57
N SER H 130 -26.32 -29.38 -23.69
CA SER H 130 -26.36 -30.55 -24.55
C SER H 130 -25.01 -30.79 -25.25
N SER H 131 -24.36 -29.72 -25.69
CA SER H 131 -23.13 -29.86 -26.45
C SER H 131 -21.87 -29.94 -25.60
N GLY H 132 -21.95 -29.62 -24.31
CA GLY H 132 -20.75 -29.54 -23.50
C GLY H 132 -19.85 -28.34 -23.77
N LYS H 133 -20.34 -27.34 -24.51
CA LYS H 133 -19.50 -26.18 -24.81
C LYS H 133 -19.52 -25.19 -23.65
N LYS H 134 -18.40 -24.49 -23.48
CA LYS H 134 -18.23 -23.61 -22.33
C LYS H 134 -18.02 -22.16 -22.78
N LEU H 135 -18.43 -21.23 -21.92
CA LEU H 135 -18.35 -19.79 -22.20
C LEU H 135 -17.04 -19.24 -21.66
N LEU H 136 -16.08 -18.95 -22.56
CA LEU H 136 -14.81 -18.38 -22.12
C LEU H 136 -15.00 -16.98 -21.54
N TRP H 137 -15.67 -16.10 -22.28
CA TRP H 137 -16.11 -14.84 -21.69
C TRP H 137 -17.24 -14.27 -22.52
N ASN H 138 -18.10 -13.51 -21.85
CA ASN H 138 -19.03 -12.61 -22.52
C ASN H 138 -18.63 -11.17 -22.20
N THR H 139 -19.33 -10.22 -22.84
CA THR H 139 -18.98 -8.82 -22.73
C THR H 139 -20.18 -7.99 -23.16
N ALA H 140 -20.10 -6.69 -22.89
CA ALA H 140 -21.09 -5.74 -23.38
C ALA H 140 -20.51 -5.01 -24.58
N ASN H 141 -21.25 -5.00 -25.69
CA ASN H 141 -20.92 -4.15 -26.83
C ASN H 141 -21.45 -2.75 -26.54
N MET H 142 -20.55 -1.83 -26.16
CA MET H 142 -20.93 -0.45 -25.93
C MET H 142 -20.20 0.46 -26.90
N PHE H 143 -20.26 0.08 -28.15
CA PHE H 143 -19.52 0.63 -29.27
C PHE H 143 -20.44 0.91 -30.45
N THR H 144 -21.34 -0.02 -30.76
CA THR H 144 -22.12 0.04 -31.98
C THR H 144 -23.20 1.11 -31.91
N ASN H 145 -24.06 1.07 -30.90
CA ASN H 145 -25.21 1.97 -30.85
C ASN H 145 -24.75 3.43 -30.78
N PRO H 146 -25.45 4.35 -31.46
CA PRO H 146 -24.99 5.76 -31.48
C PRO H 146 -25.00 6.45 -30.12
N ARG H 147 -25.69 5.89 -29.13
CA ARG H 147 -25.67 6.51 -27.81
C ARG H 147 -24.26 6.56 -27.24
N PHE H 148 -23.38 5.65 -27.67
CA PHE H 148 -22.01 5.59 -27.15
C PHE H 148 -21.05 6.40 -27.98
N VAL H 149 -21.55 7.36 -28.77
CA VAL H 149 -20.69 8.12 -29.68
C VAL H 149 -19.53 8.75 -28.92
N HIS H 150 -19.77 9.20 -27.69
CA HIS H 150 -18.74 9.78 -26.85
C HIS H 150 -18.09 8.77 -25.89
N GLY H 151 -18.42 7.49 -26.03
CA GLY H 151 -17.94 6.49 -25.10
C GLY H 151 -19.06 5.96 -24.22
N ALA H 152 -18.65 5.19 -23.20
CA ALA H 152 -19.61 4.58 -22.29
C ALA H 152 -19.36 5.07 -20.87
N ALA H 153 -18.37 4.50 -20.18
CA ALA H 153 -18.00 5.03 -18.88
C ALA H 153 -17.37 6.43 -18.99
N THR H 154 -16.64 6.72 -20.07
CA THR H 154 -16.00 8.00 -20.23
C THR H 154 -16.82 8.98 -21.04
N THR H 155 -18.10 8.68 -21.28
CA THR H 155 -18.99 9.58 -21.98
C THR H 155 -19.10 10.93 -21.28
N SER H 156 -19.48 11.95 -22.04
CA SER H 156 -19.78 13.27 -21.49
C SER H 156 -21.22 13.37 -20.98
N ASN H 157 -22.05 12.37 -21.27
CA ASN H 157 -23.48 12.41 -20.99
C ASN H 157 -23.78 11.38 -19.90
N ALA H 158 -24.09 11.89 -18.70
CA ALA H 158 -24.40 11.01 -17.56
C ALA H 158 -25.55 10.05 -17.84
N ASP H 159 -26.51 10.41 -18.69
CA ASP H 159 -27.55 9.44 -19.06
C ASP H 159 -26.95 8.23 -19.77
N VAL H 160 -25.88 8.44 -20.54
CA VAL H 160 -25.24 7.30 -21.21
C VAL H 160 -24.50 6.44 -20.20
N PHE H 161 -23.82 7.07 -19.24
CA PHE H 161 -23.18 6.33 -18.16
C PHE H 161 -24.19 5.41 -17.48
N ALA H 162 -25.40 5.93 -17.20
CA ALA H 162 -26.42 5.12 -16.55
C ALA H 162 -26.86 3.95 -17.43
N TYR H 163 -27.08 4.20 -18.74
CA TYR H 163 -27.42 3.08 -19.62
C TYR H 163 -26.29 2.06 -19.70
N ALA H 164 -25.04 2.52 -19.76
CA ALA H 164 -23.92 1.58 -19.80
C ALA H 164 -23.90 0.71 -18.56
N ALA H 165 -24.18 1.29 -17.40
CA ALA H 165 -24.22 0.50 -16.17
C ALA H 165 -25.31 -0.56 -16.24
N ALA H 166 -26.50 -0.19 -16.73
CA ALA H 166 -27.59 -1.15 -16.91
C ALA H 166 -27.17 -2.30 -17.83
N GLN H 167 -26.49 -1.98 -18.93
CA GLN H 167 -26.11 -3.01 -19.89
C GLN H 167 -25.08 -3.96 -19.29
N VAL H 168 -24.06 -3.41 -18.63
CA VAL H 168 -23.03 -4.24 -18.02
C VAL H 168 -23.63 -5.03 -16.85
N LYS H 169 -24.51 -4.40 -16.06
CA LYS H 169 -25.25 -5.14 -15.02
C LYS H 169 -25.87 -6.40 -15.60
N LYS H 170 -26.66 -6.24 -16.68
CA LYS H 170 -27.28 -7.39 -17.35
C LYS H 170 -26.23 -8.38 -17.85
N ALA H 171 -25.13 -7.88 -18.43
CA ALA H 171 -24.11 -8.79 -18.95
C ALA H 171 -23.46 -9.59 -17.83
N LEU H 172 -23.25 -8.98 -16.67
CA LEU H 172 -22.73 -9.71 -15.52
C LEU H 172 -23.72 -10.77 -15.05
N ASP H 173 -25.01 -10.46 -15.06
CA ASP H 173 -26.03 -11.46 -14.76
C ASP H 173 -25.94 -12.65 -15.72
N HIS H 174 -25.81 -12.36 -17.02
CA HIS H 174 -25.77 -13.41 -18.01
C HIS H 174 -24.47 -14.19 -17.91
N GLY H 175 -23.37 -13.49 -17.65
CA GLY H 175 -22.11 -14.17 -17.42
C GLY H 175 -22.20 -15.15 -16.27
N LYS H 176 -22.84 -14.73 -15.16
CA LYS H 176 -22.99 -15.63 -14.03
C LYS H 176 -23.92 -16.78 -14.39
N GLU H 177 -25.01 -16.49 -15.11
CA GLU H 177 -25.99 -17.52 -15.42
C GLU H 177 -25.39 -18.60 -16.34
N LEU H 178 -24.56 -18.21 -17.30
CA LEU H 178 -24.00 -19.15 -18.25
C LEU H 178 -22.66 -19.73 -17.79
N GLY H 179 -22.15 -19.32 -16.64
CA GLY H 179 -20.89 -19.85 -16.15
C GLY H 179 -19.68 -19.35 -16.90
N ALA H 180 -19.66 -18.07 -17.28
CA ALA H 180 -18.50 -17.50 -17.95
C ALA H 180 -17.29 -17.61 -17.04
N GLU H 181 -16.16 -18.05 -17.61
CA GLU H 181 -14.92 -18.16 -16.87
C GLU H 181 -14.19 -16.81 -16.76
N ASN H 182 -14.44 -15.91 -17.70
CA ASN H 182 -13.92 -14.54 -17.63
C ASN H 182 -15.01 -13.58 -18.05
N TYR H 183 -14.78 -12.29 -17.77
CA TYR H 183 -15.65 -11.24 -18.27
C TYR H 183 -14.77 -10.10 -18.77
N VAL H 184 -15.03 -9.62 -19.99
CA VAL H 184 -14.12 -8.69 -20.68
C VAL H 184 -14.73 -7.30 -20.73
N PHE H 185 -13.91 -6.30 -20.41
CA PHE H 185 -14.15 -4.90 -20.74
C PHE H 185 -13.18 -4.52 -21.86
N TRP H 186 -13.68 -3.93 -22.95
CA TRP H 186 -12.75 -3.55 -24.02
C TRP H 186 -12.85 -2.05 -24.31
N GLY H 187 -11.88 -1.57 -25.10
CA GLY H 187 -11.66 -0.14 -25.26
C GLY H 187 -12.77 0.59 -25.99
N GLY H 188 -13.50 -0.09 -26.87
CA GLY H 188 -14.50 0.48 -27.75
C GLY H 188 -14.40 1.97 -28.01
N ARG H 189 -15.17 2.74 -27.25
CA ARG H 189 -15.23 4.19 -27.40
C ARG H 189 -14.62 4.96 -26.24
N GLU H 190 -13.85 4.32 -25.35
CA GLU H 190 -13.29 5.02 -24.18
C GLU H 190 -11.92 5.62 -24.52
N GLY H 191 -11.91 6.91 -24.82
CA GLY H 191 -10.70 7.62 -25.20
C GLY H 191 -11.04 9.03 -25.58
N TYR H 192 -10.39 9.58 -26.61
CA TYR H 192 -10.76 10.90 -27.09
C TYR H 192 -10.52 11.02 -28.60
N GLU H 193 -11.30 11.92 -29.22
CA GLU H 193 -11.02 12.38 -30.57
C GLU H 193 -10.04 13.54 -30.59
N SER H 194 -10.09 14.38 -29.58
CA SER H 194 -9.25 15.58 -29.48
C SER H 194 -9.15 15.93 -28.01
N LEU H 195 -7.95 16.32 -27.57
CA LEU H 195 -7.81 16.76 -26.18
C LEU H 195 -8.39 18.15 -25.97
N LEU H 196 -8.65 18.90 -27.05
CA LEU H 196 -9.17 20.25 -26.93
C LEU H 196 -10.49 20.28 -26.17
N ASN H 197 -11.33 19.26 -26.35
CA ASN H 197 -12.63 19.24 -25.69
C ASN H 197 -12.72 18.18 -24.60
N THR H 198 -11.59 17.68 -24.09
CA THR H 198 -11.60 16.54 -23.18
C THR H 198 -11.27 16.99 -21.76
N ASP H 199 -12.12 16.58 -20.82
CA ASP H 199 -11.80 16.63 -19.39
C ASP H 199 -11.21 15.27 -19.04
N LEU H 200 -9.88 15.20 -19.04
CA LEU H 200 -9.22 13.91 -18.92
C LEU H 200 -9.41 13.32 -17.52
N GLY H 201 -9.24 14.15 -16.48
CA GLY H 201 -9.35 13.62 -15.13
C GLY H 201 -10.75 13.09 -14.83
N LEU H 202 -11.78 13.79 -15.30
CA LEU H 202 -13.15 13.34 -15.10
C LEU H 202 -13.40 12.02 -15.84
N GLU H 203 -12.98 11.92 -17.10
CA GLU H 203 -13.19 10.67 -17.84
C GLU H 203 -12.48 9.50 -17.16
N LEU H 204 -11.23 9.71 -16.76
CA LEU H 204 -10.51 8.61 -16.10
C LEU H 204 -11.09 8.32 -14.73
N ASP H 205 -11.44 9.36 -13.97
CA ASP H 205 -12.12 9.12 -12.69
C ASP H 205 -13.39 8.31 -12.91
N ASN H 206 -14.16 8.66 -13.93
CA ASN H 206 -15.44 8.00 -14.18
C ASN H 206 -15.24 6.57 -14.71
N LEU H 207 -14.21 6.36 -15.53
CA LEU H 207 -13.88 4.99 -15.90
C LEU H 207 -13.58 4.15 -14.67
N ALA H 208 -12.82 4.70 -13.72
CA ALA H 208 -12.50 3.94 -12.52
C ALA H 208 -13.74 3.72 -11.65
N ARG H 209 -14.60 4.72 -11.54
CA ARG H 209 -15.88 4.54 -10.84
C ARG H 209 -16.68 3.39 -11.45
N PHE H 210 -16.83 3.40 -12.78
CA PHE H 210 -17.62 2.39 -13.47
C PHE H 210 -17.08 0.99 -13.23
N LEU H 211 -15.76 0.81 -13.38
CA LEU H 211 -15.16 -0.51 -13.19
C LEU H 211 -15.31 -1.00 -11.76
N GLN H 212 -15.22 -0.08 -10.79
CA GLN H 212 -15.41 -0.46 -9.40
C GLN H 212 -16.87 -0.79 -9.10
N LEU H 213 -17.80 -0.06 -9.70
CA LEU H 213 -19.21 -0.40 -9.59
C LEU H 213 -19.48 -1.80 -10.14
N ALA H 214 -18.83 -2.14 -11.25
CA ALA H 214 -19.00 -3.48 -11.80
C ALA H 214 -18.40 -4.52 -10.88
N VAL H 215 -17.25 -4.21 -10.28
CA VAL H 215 -16.68 -5.08 -9.25
C VAL H 215 -17.62 -5.18 -8.06
N ASP H 216 -18.19 -4.05 -7.63
CA ASP H 216 -19.18 -4.09 -6.55
C ASP H 216 -20.34 -5.03 -6.87
N TYR H 217 -20.89 -4.92 -8.10
CA TYR H 217 -22.06 -5.73 -8.44
C TYR H 217 -21.70 -7.19 -8.59
N ALA H 218 -20.54 -7.48 -9.21
CA ALA H 218 -20.15 -8.88 -9.39
C ALA H 218 -19.97 -9.57 -8.05
N LYS H 219 -19.47 -8.84 -7.05
CA LYS H 219 -19.33 -9.43 -5.72
C LYS H 219 -20.71 -9.72 -5.14
N GLU H 220 -21.60 -8.72 -5.23
CA GLU H 220 -22.96 -8.83 -4.69
C GLU H 220 -23.68 -10.07 -5.23
N ILE H 221 -23.60 -10.32 -6.54
CA ILE H 221 -24.33 -11.45 -7.13
C ILE H 221 -23.50 -12.72 -7.17
N GLY H 222 -22.28 -12.72 -6.66
CA GLY H 222 -21.49 -13.94 -6.62
C GLY H 222 -20.94 -14.41 -7.95
N PHE H 223 -20.61 -13.48 -8.85
CA PHE H 223 -20.03 -13.79 -10.15
C PHE H 223 -18.53 -13.95 -9.96
N ASP H 224 -18.00 -15.16 -10.19
CA ASP H 224 -16.61 -15.45 -9.86
C ASP H 224 -15.68 -15.42 -11.08
N ALA H 225 -16.16 -14.95 -12.24
CA ALA H 225 -15.31 -14.94 -13.42
C ALA H 225 -14.14 -14.00 -13.23
N GLN H 226 -13.04 -14.27 -13.92
CA GLN H 226 -11.93 -13.33 -13.92
C GLN H 226 -12.29 -12.09 -14.74
N PHE H 227 -12.28 -10.92 -14.11
CA PHE H 227 -12.44 -9.67 -14.84
C PHE H 227 -11.18 -9.42 -15.68
N LEU H 228 -11.38 -8.97 -16.92
CA LEU H 228 -10.29 -8.76 -17.86
C LEU H 228 -10.52 -7.43 -18.57
N ILE H 229 -9.46 -6.62 -18.69
CA ILE H 229 -9.49 -5.43 -19.52
C ILE H 229 -8.67 -5.72 -20.77
N GLU H 230 -9.21 -5.37 -21.94
CA GLU H 230 -8.49 -5.58 -23.18
C GLU H 230 -7.87 -4.27 -23.64
N PRO H 231 -6.55 -4.13 -23.63
CA PRO H 231 -5.94 -2.91 -24.15
C PRO H 231 -6.17 -2.77 -25.64
N LYS H 232 -6.31 -1.51 -26.08
CA LYS H 232 -6.33 -1.13 -27.49
C LYS H 232 -5.86 0.33 -27.52
N PRO H 233 -4.89 0.67 -28.36
CA PRO H 233 -4.31 2.01 -28.31
C PRO H 233 -5.11 3.07 -29.04
N LYS H 234 -5.82 2.68 -30.10
CA LYS H 234 -6.47 3.62 -30.99
C LYS H 234 -7.34 2.85 -31.97
N GLU H 235 -8.18 3.60 -32.70
CA GLU H 235 -9.10 3.12 -33.73
C GLU H 235 -10.35 2.53 -33.06
N PRO H 236 -11.50 3.16 -33.25
CA PRO H 236 -11.74 4.30 -34.14
C PRO H 236 -11.26 5.65 -33.61
N SER H 237 -11.00 5.72 -32.31
CA SER H 237 -10.62 6.99 -31.69
C SER H 237 -9.14 7.26 -31.85
N LYS H 238 -8.78 8.54 -31.76
CA LYS H 238 -7.39 8.94 -31.88
C LYS H 238 -6.54 8.35 -30.76
N HIS H 239 -7.08 8.31 -29.55
CA HIS H 239 -6.38 7.71 -28.42
C HIS H 239 -7.39 6.98 -27.56
N GLN H 240 -7.08 5.75 -27.18
CA GLN H 240 -7.94 5.00 -26.29
C GLN H 240 -7.17 4.69 -25.02
N TYR H 241 -7.86 4.83 -23.87
CA TYR H 241 -7.15 5.04 -22.61
C TYR H 241 -6.35 3.81 -22.20
N ASP H 242 -6.87 2.62 -22.45
CA ASP H 242 -6.14 1.39 -22.14
C ASP H 242 -5.18 1.07 -23.29
N PHE H 243 -4.15 1.94 -23.41
CA PHE H 243 -3.37 2.02 -24.64
C PHE H 243 -2.59 0.74 -24.90
N ASP H 244 -1.94 0.20 -23.88
CA ASP H 244 -1.25 -1.08 -23.95
C ASP H 244 -1.24 -1.65 -22.52
N ALA H 245 -0.51 -2.75 -22.33
CA ALA H 245 -0.48 -3.40 -21.01
C ALA H 245 0.04 -2.46 -19.92
N ALA H 246 1.20 -1.83 -20.14
CA ALA H 246 1.77 -0.98 -19.08
C ALA H 246 0.85 0.20 -18.78
N THR H 247 0.28 0.81 -19.81
CA THR H 247 -0.60 1.96 -19.61
C THR H 247 -1.83 1.57 -18.79
N THR H 248 -2.40 0.40 -19.10
CA THR H 248 -3.56 -0.07 -18.37
C THR H 248 -3.20 -0.38 -16.93
N LEU H 249 -2.05 -1.03 -16.73
CA LEU H 249 -1.56 -1.32 -15.39
C LEU H 249 -1.33 -0.05 -14.59
N GLN H 250 -0.86 1.03 -15.24
CA GLN H 250 -0.72 2.30 -14.54
C GLN H 250 -2.05 2.79 -13.99
N PHE H 251 -3.11 2.67 -14.80
CA PHE H 251 -4.42 3.13 -14.37
C PHE H 251 -4.97 2.22 -13.28
N LEU H 252 -4.83 0.91 -13.46
CA LEU H 252 -5.30 -0.06 -12.48
C LEU H 252 -4.64 0.14 -11.12
N GLN H 253 -3.34 0.43 -11.11
CA GLN H 253 -2.65 0.67 -9.84
C GLN H 253 -3.07 2.00 -9.21
N LYS H 254 -3.22 3.06 -10.03
CA LYS H 254 -3.59 4.37 -9.49
C LYS H 254 -4.94 4.31 -8.79
N TYR H 255 -5.86 3.50 -9.31
CA TYR H 255 -7.24 3.49 -8.83
C TYR H 255 -7.57 2.24 -8.01
N ASP H 256 -6.56 1.54 -7.51
CA ASP H 256 -6.76 0.41 -6.59
C ASP H 256 -7.61 -0.69 -7.23
N LEU H 257 -7.54 -0.82 -8.55
CA LEU H 257 -8.29 -1.84 -9.28
C LEU H 257 -7.42 -3.02 -9.70
N ALA H 258 -6.10 -2.94 -9.46
CA ALA H 258 -5.21 -3.97 -10.00
C ALA H 258 -5.53 -5.34 -9.43
N LYS H 259 -6.00 -5.40 -8.19
CA LYS H 259 -6.29 -6.70 -7.60
C LYS H 259 -7.51 -7.37 -8.22
N HIS H 260 -8.33 -6.65 -8.99
CA HIS H 260 -9.55 -7.21 -9.56
C HIS H 260 -9.45 -7.56 -11.04
N PHE H 261 -8.43 -7.08 -11.76
CA PHE H 261 -8.40 -7.22 -13.21
C PHE H 261 -7.10 -7.86 -13.69
N LYS H 262 -7.21 -8.75 -14.67
CA LYS H 262 -6.10 -9.13 -15.51
C LYS H 262 -6.35 -8.60 -16.91
N LEU H 263 -5.44 -8.91 -17.84
CA LEU H 263 -5.53 -8.36 -19.20
C LEU H 263 -5.95 -9.44 -20.20
N ASN H 264 -6.84 -9.06 -21.12
CA ASN H 264 -7.06 -9.79 -22.37
C ASN H 264 -6.18 -9.15 -23.44
N LEU H 265 -5.13 -9.86 -23.88
CA LEU H 265 -4.16 -9.28 -24.82
C LEU H 265 -4.48 -9.75 -26.24
N GLU H 266 -4.72 -8.80 -27.14
CA GLU H 266 -5.01 -9.10 -28.53
C GLU H 266 -3.79 -8.76 -29.39
N ALA H 267 -3.39 -9.68 -30.25
CA ALA H 267 -2.12 -9.54 -30.95
C ALA H 267 -2.08 -8.27 -31.80
N ASN H 268 -3.14 -8.02 -32.58
CA ASN H 268 -3.16 -6.82 -33.41
C ASN H 268 -3.03 -5.55 -32.57
N HIS H 269 -3.53 -5.56 -31.34
CA HIS H 269 -3.46 -4.34 -30.56
C HIS H 269 -2.06 -4.09 -30.01
N ALA H 270 -1.30 -5.16 -29.77
CA ALA H 270 0.11 -5.00 -29.41
C ALA H 270 0.87 -4.25 -30.49
N THR H 271 0.77 -4.71 -31.74
CA THR H 271 1.54 -4.08 -32.82
C THR H 271 0.98 -2.70 -33.18
N LEU H 272 -0.32 -2.49 -33.03
CA LEU H 272 -0.88 -1.15 -33.23
C LEU H 272 -0.31 -0.15 -32.22
N ALA H 273 0.05 -0.62 -31.03
CA ALA H 273 0.63 0.23 -30.00
C ALA H 273 2.15 0.38 -30.12
N GLY H 274 2.77 -0.27 -31.12
CA GLY H 274 4.21 -0.20 -31.26
C GLY H 274 5.01 -1.31 -30.60
N HIS H 275 4.36 -2.36 -30.12
CA HIS H 275 5.05 -3.45 -29.41
C HIS H 275 4.86 -4.76 -30.18
N THR H 276 5.77 -5.70 -29.97
CA THR H 276 5.47 -7.05 -30.43
C THR H 276 4.43 -7.68 -29.51
N PHE H 277 3.74 -8.70 -30.03
CA PHE H 277 2.77 -9.42 -29.20
C PHE H 277 3.45 -10.02 -27.96
N GLU H 278 4.62 -10.63 -28.15
CA GLU H 278 5.28 -11.27 -27.03
C GLU H 278 5.73 -10.27 -25.98
N HIS H 279 5.99 -9.03 -26.38
CA HIS H 279 6.31 -7.97 -25.43
C HIS H 279 5.13 -7.72 -24.49
N GLU H 280 3.93 -7.53 -25.06
CA GLU H 280 2.73 -7.33 -24.23
C GLU H 280 2.49 -8.53 -23.32
N LEU H 281 2.63 -9.75 -23.87
CA LEU H 281 2.44 -10.96 -23.08
C LEU H 281 3.44 -11.04 -21.95
N ARG H 282 4.72 -10.74 -22.21
CA ARG H 282 5.70 -10.83 -21.15
C ARG H 282 5.49 -9.75 -20.09
N VAL H 283 5.19 -8.52 -20.52
CA VAL H 283 4.89 -7.45 -19.57
C VAL H 283 3.72 -7.87 -18.67
N ALA H 284 2.65 -8.39 -19.28
CA ALA H 284 1.51 -8.84 -18.49
C ALA H 284 1.91 -9.92 -17.52
N ARG H 285 2.68 -10.90 -18.00
CA ARG H 285 3.06 -12.06 -17.21
C ARG H 285 3.84 -11.64 -15.96
N ILE H 286 4.84 -10.78 -16.11
CA ILE H 286 5.65 -10.46 -14.93
C ILE H 286 4.95 -9.46 -14.01
N ASN H 287 3.76 -8.99 -14.37
CA ASN H 287 2.91 -8.21 -13.47
C ASN H 287 1.67 -8.98 -13.04
N GLY H 288 1.67 -10.30 -13.23
CA GLY H 288 0.57 -11.13 -12.78
C GLY H 288 -0.74 -10.86 -13.48
N ALA H 289 -0.70 -10.39 -14.73
CA ALA H 289 -1.89 -9.89 -15.40
C ALA H 289 -2.10 -10.49 -16.78
N LEU H 290 -1.47 -11.64 -17.10
CA LEU H 290 -1.73 -12.29 -18.37
C LEU H 290 -2.97 -13.17 -18.17
N GLY H 291 -4.14 -12.65 -18.55
CA GLY H 291 -5.39 -13.34 -18.24
C GLY H 291 -5.88 -14.28 -19.32
N SER H 292 -5.87 -13.79 -20.56
CA SER H 292 -6.37 -14.48 -21.73
C SER H 292 -5.82 -13.74 -22.94
N ILE H 293 -5.91 -14.36 -24.12
CA ILE H 293 -5.48 -13.71 -25.35
C ILE H 293 -6.54 -13.82 -26.43
N ASP H 294 -6.55 -12.82 -27.31
CA ASP H 294 -7.27 -12.86 -28.58
C ASP H 294 -6.23 -13.06 -29.66
N ALA H 295 -6.28 -14.21 -30.33
CA ALA H 295 -5.26 -14.60 -31.28
C ALA H 295 -5.69 -14.13 -32.66
N ASN H 296 -4.89 -13.25 -33.25
CA ASN H 296 -5.09 -12.75 -34.60
C ASN H 296 -3.76 -12.15 -35.03
N GLN H 297 -3.74 -11.42 -36.14
CA GLN H 297 -2.55 -10.63 -36.40
C GLN H 297 -2.91 -9.44 -37.27
N GLY H 298 -2.18 -8.35 -37.07
CA GLY H 298 -2.28 -7.20 -37.93
C GLY H 298 -1.35 -7.32 -39.11
N ASP H 299 -1.27 -6.22 -39.86
CA ASP H 299 -0.29 -6.08 -40.92
C ASP H 299 0.54 -4.87 -40.52
N LEU H 300 1.82 -5.10 -40.22
CA LEU H 300 2.61 -4.03 -39.63
C LEU H 300 2.86 -2.90 -40.62
N LEU H 301 2.55 -3.10 -41.90
CA LEU H 301 2.63 -2.02 -42.89
C LEU H 301 1.35 -1.21 -42.98
N LEU H 302 0.28 -1.62 -42.28
CA LEU H 302 -1.00 -0.94 -42.30
C LEU H 302 -1.32 -0.42 -40.90
N GLY H 303 -1.60 0.87 -40.79
CA GLY H 303 -1.80 1.45 -39.47
C GLY H 303 -3.17 1.20 -38.84
N TRP H 304 -3.94 0.26 -39.37
CA TRP H 304 -5.22 -0.01 -38.77
C TRP H 304 -5.33 -1.48 -38.40
N ASP H 305 -6.37 -1.76 -37.65
CA ASP H 305 -6.61 -3.03 -36.97
C ASP H 305 -7.26 -3.98 -37.99
N THR H 306 -6.47 -4.86 -38.63
CA THR H 306 -7.02 -5.76 -39.67
C THR H 306 -7.61 -7.06 -39.11
N ASP H 307 -7.22 -7.49 -37.91
CA ASP H 307 -7.83 -8.64 -37.23
C ASP H 307 -7.82 -9.90 -38.11
N GLU H 308 -6.71 -10.14 -38.78
CA GLU H 308 -6.60 -11.32 -39.63
C GLU H 308 -6.45 -12.56 -38.75
N PHE H 309 -6.86 -13.70 -39.29
CA PHE H 309 -6.59 -14.94 -38.57
C PHE H 309 -5.07 -15.14 -38.46
N PRO H 310 -4.59 -15.61 -37.30
CA PRO H 310 -3.14 -15.65 -37.08
C PRO H 310 -2.50 -16.75 -37.92
N THR H 311 -1.52 -16.37 -38.71
CA THR H 311 -0.80 -17.30 -39.54
C THR H 311 0.70 -17.27 -39.28
N ASP H 312 1.22 -16.17 -38.72
CA ASP H 312 2.65 -15.95 -38.51
C ASP H 312 3.18 -16.91 -37.45
N LEU H 313 4.03 -17.87 -37.88
CA LEU H 313 4.54 -18.87 -36.94
C LEU H 313 5.54 -18.29 -35.95
N TYR H 314 6.18 -17.16 -36.27
CA TYR H 314 7.02 -16.51 -35.26
C TYR H 314 6.16 -15.95 -34.14
N ALA H 315 5.13 -15.19 -34.49
CA ALA H 315 4.27 -14.62 -33.45
C ALA H 315 3.59 -15.72 -32.64
N SER H 316 3.12 -16.79 -33.30
CA SER H 316 2.44 -17.83 -32.55
C SER H 316 3.42 -18.61 -31.66
N THR H 317 4.62 -18.91 -32.18
CA THR H 317 5.63 -19.57 -31.33
C THR H 317 5.97 -18.70 -30.13
N LEU H 318 6.26 -17.41 -30.38
CA LEU H 318 6.73 -16.57 -29.30
C LEU H 318 5.61 -16.23 -28.32
N ALA H 319 4.36 -16.24 -28.78
CA ALA H 319 3.25 -16.00 -27.85
C ALA H 319 3.06 -17.21 -26.93
N MET H 320 3.07 -18.41 -27.48
CA MET H 320 2.96 -19.60 -26.64
C MET H 320 4.16 -19.75 -25.72
N TYR H 321 5.34 -19.30 -26.17
CA TYR H 321 6.51 -19.32 -25.31
C TYR H 321 6.26 -18.51 -24.03
N GLU H 322 5.65 -17.34 -24.17
CA GLU H 322 5.30 -16.55 -22.99
C GLU H 322 4.18 -17.20 -22.20
N ILE H 323 3.18 -17.76 -22.89
CA ILE H 323 2.03 -18.34 -22.20
C ILE H 323 2.45 -19.57 -21.39
N LEU H 324 3.30 -20.43 -21.97
CA LEU H 324 3.78 -21.61 -21.25
C LEU H 324 4.53 -21.25 -19.97
N GLN H 325 5.14 -20.07 -19.92
CA GLN H 325 5.82 -19.66 -18.70
C GLN H 325 4.90 -19.00 -17.69
N ASN H 326 3.70 -18.60 -18.09
CA ASN H 326 2.72 -18.02 -17.19
C ASN H 326 2.29 -19.06 -16.15
N GLU H 327 1.95 -18.59 -14.96
CA GLU H 327 1.49 -19.50 -13.91
C GLU H 327 0.20 -20.18 -14.33
N GLY H 328 0.25 -21.50 -14.45
CA GLY H 328 -0.91 -22.21 -14.94
C GLY H 328 -1.13 -22.08 -16.43
N GLY H 329 -0.11 -21.64 -17.18
CA GLY H 329 -0.28 -21.49 -18.62
C GLY H 329 -1.28 -20.40 -18.91
N ILE H 330 -2.22 -20.67 -19.83
CA ILE H 330 -3.28 -19.69 -20.08
C ILE H 330 -4.29 -19.61 -18.93
N GLY H 331 -4.24 -20.56 -17.99
CA GLY H 331 -5.06 -20.44 -16.80
C GLY H 331 -6.54 -20.49 -17.15
N ARG H 332 -7.30 -19.55 -16.59
CA ARG H 332 -8.73 -19.47 -16.86
C ARG H 332 -9.05 -18.82 -18.20
N GLY H 333 -8.06 -18.22 -18.86
CA GLY H 333 -8.24 -17.69 -20.19
C GLY H 333 -8.14 -18.77 -21.24
N GLY H 334 -8.13 -18.33 -22.50
CA GLY H 334 -7.94 -19.24 -23.61
C GLY H 334 -7.32 -18.53 -24.80
N VAL H 335 -7.10 -19.28 -25.86
CA VAL H 335 -6.59 -18.73 -27.11
C VAL H 335 -7.81 -18.49 -27.99
N ASN H 336 -8.32 -17.27 -27.95
CA ASN H 336 -9.60 -16.91 -28.55
C ASN H 336 -9.41 -16.27 -29.92
N PHE H 337 -10.12 -16.79 -30.92
CA PHE H 337 -9.94 -16.30 -32.28
C PHE H 337 -10.86 -15.12 -32.52
N ASP H 338 -10.48 -13.98 -31.95
CA ASP H 338 -11.16 -12.72 -32.26
C ASP H 338 -10.57 -12.20 -33.56
N ALA H 339 -11.02 -12.80 -34.66
CA ALA H 339 -10.46 -12.55 -35.96
C ALA H 339 -11.57 -12.61 -36.99
N LYS H 340 -11.35 -11.91 -38.10
CA LYS H 340 -12.33 -11.85 -39.16
C LYS H 340 -11.71 -12.42 -40.44
N VAL H 341 -12.51 -13.16 -41.19
CA VAL H 341 -12.08 -13.61 -42.50
C VAL H 341 -11.84 -12.37 -43.36
N ARG H 342 -10.98 -12.51 -44.36
CA ARG H 342 -10.74 -11.40 -45.27
C ARG H 342 -12.05 -11.02 -45.97
N ARG H 343 -12.14 -9.74 -46.35
CA ARG H 343 -13.31 -9.28 -47.10
C ARG H 343 -13.50 -10.07 -48.38
N THR H 344 -12.40 -10.50 -49.00
CA THR H 344 -12.45 -11.29 -50.21
C THR H 344 -12.66 -12.78 -49.94
N SER H 345 -12.68 -13.19 -48.68
CA SER H 345 -12.94 -14.57 -48.29
C SER H 345 -14.39 -14.72 -47.82
N PHE H 346 -15.33 -14.50 -48.72
CA PHE H 346 -16.73 -14.29 -48.34
C PHE H 346 -17.57 -15.56 -48.39
N GLU H 347 -16.98 -16.76 -48.70
CA GLU H 347 -17.83 -17.94 -48.73
C GLU H 347 -17.92 -18.58 -47.35
N PRO H 348 -19.04 -19.25 -47.02
CA PRO H 348 -19.15 -19.86 -45.68
C PRO H 348 -17.99 -20.78 -45.32
N ILE H 349 -17.45 -21.52 -46.30
CA ILE H 349 -16.37 -22.46 -46.03
C ILE H 349 -15.09 -21.73 -45.64
N ASP H 350 -14.95 -20.46 -46.01
CA ASP H 350 -13.76 -19.72 -45.62
C ASP H 350 -13.68 -19.56 -44.12
N VAL H 351 -14.82 -19.53 -43.44
CA VAL H 351 -14.78 -19.46 -41.98
C VAL H 351 -14.03 -20.67 -41.44
N VAL H 352 -14.23 -21.83 -42.07
CA VAL H 352 -13.56 -23.04 -41.63
C VAL H 352 -12.09 -23.01 -42.01
N TYR H 353 -11.79 -22.68 -43.27
CA TYR H 353 -10.40 -22.54 -43.70
C TYR H 353 -9.64 -21.56 -42.81
N ALA H 354 -10.29 -20.46 -42.42
CA ALA H 354 -9.59 -19.45 -41.63
C ALA H 354 -9.29 -19.96 -40.22
N HIS H 355 -10.25 -20.65 -39.60
CA HIS H 355 -9.96 -21.21 -38.28
C HIS H 355 -8.91 -22.32 -38.35
N ILE H 356 -8.91 -23.11 -39.41
CA ILE H 356 -7.87 -24.13 -39.57
C ILE H 356 -6.50 -23.46 -39.65
N ASN H 357 -6.40 -22.40 -40.45
CA ASN H 357 -5.17 -21.62 -40.57
C ASN H 357 -4.68 -21.16 -39.19
N GLY H 358 -5.58 -20.59 -38.39
CA GLY H 358 -5.17 -20.07 -37.09
C GLY H 358 -4.90 -21.15 -36.06
N MET H 359 -5.75 -22.18 -36.03
CA MET H 359 -5.56 -23.25 -35.06
C MET H 359 -4.28 -24.01 -35.34
N ASP H 360 -3.98 -24.24 -36.62
CA ASP H 360 -2.72 -24.90 -36.98
C ASP H 360 -1.51 -24.03 -36.71
N ALA H 361 -1.64 -22.70 -36.86
CA ALA H 361 -0.50 -21.83 -36.58
C ALA H 361 -0.15 -21.87 -35.10
N PHE H 362 -1.17 -21.81 -34.24
CA PHE H 362 -0.89 -21.77 -32.81
C PHE H 362 -0.55 -23.15 -32.26
N ALA H 363 -1.10 -24.21 -32.86
CA ALA H 363 -0.68 -25.56 -32.45
C ALA H 363 0.78 -25.79 -32.77
N ARG H 364 1.21 -25.39 -33.98
CA ARG H 364 2.65 -25.44 -34.28
C ARG H 364 3.43 -24.57 -33.30
N GLY H 365 2.95 -23.35 -33.06
CA GLY H 365 3.63 -22.48 -32.13
C GLY H 365 3.79 -23.11 -30.75
N LEU H 366 2.74 -23.80 -30.28
CA LEU H 366 2.85 -24.52 -29.01
C LEU H 366 3.93 -25.59 -29.07
N GLN H 367 3.94 -26.39 -30.15
CA GLN H 367 4.93 -27.45 -30.29
C GLN H 367 6.34 -26.88 -30.22
N VAL H 368 6.59 -25.84 -31.01
CA VAL H 368 7.93 -25.25 -31.07
C VAL H 368 8.29 -24.61 -29.74
N ALA H 369 7.38 -23.81 -29.18
CA ALA H 369 7.67 -23.13 -27.92
C ALA H 369 7.97 -24.14 -26.81
N ALA H 370 7.22 -25.23 -26.74
CA ALA H 370 7.42 -26.17 -25.66
C ALA H 370 8.78 -26.85 -25.76
N LYS H 371 9.22 -27.13 -26.99
CA LYS H 371 10.53 -27.75 -27.17
C LYS H 371 11.65 -26.76 -26.88
N LEU H 372 11.49 -25.51 -27.31
CA LEU H 372 12.40 -24.44 -26.89
C LEU H 372 12.53 -24.39 -25.37
N ILE H 373 11.41 -24.48 -24.67
CA ILE H 373 11.43 -24.41 -23.22
C ILE H 373 12.07 -25.67 -22.63
N GLU H 374 11.63 -26.83 -23.09
CA GLU H 374 12.17 -28.09 -22.56
C GLU H 374 13.68 -28.16 -22.76
N ASP H 375 14.16 -27.72 -23.92
CA ASP H 375 15.59 -27.73 -24.22
C ASP H 375 16.34 -26.57 -23.58
N ARG H 376 15.63 -25.65 -22.91
CA ARG H 376 16.24 -24.43 -22.38
C ARG H 376 17.10 -23.71 -23.43
N ALA H 377 16.60 -23.71 -24.68
CA ALA H 377 17.38 -23.16 -25.78
C ALA H 377 17.68 -21.69 -25.59
N PHE H 378 16.69 -20.91 -25.15
CA PHE H 378 16.99 -19.53 -24.81
C PHE H 378 17.40 -19.37 -23.35
N ASP H 379 16.83 -20.19 -22.45
CA ASP H 379 17.05 -20.02 -21.02
C ASP H 379 18.50 -20.25 -20.63
N ASN H 380 19.19 -21.17 -21.30
CA ASN H 380 20.60 -21.38 -20.98
C ASN H 380 21.44 -20.20 -21.41
N VAL H 381 21.10 -19.59 -22.55
CA VAL H 381 21.82 -18.40 -22.99
C VAL H 381 21.59 -17.26 -21.99
N ILE H 382 20.35 -17.07 -21.55
CA ILE H 382 20.06 -16.00 -20.60
C ILE H 382 20.80 -16.25 -19.29
N GLU H 383 20.72 -17.48 -18.78
CA GLU H 383 21.42 -17.85 -17.56
C GLU H 383 22.88 -17.38 -17.59
N GLU H 384 23.58 -17.70 -18.67
CA GLU H 384 24.98 -17.30 -18.82
C GLU H 384 25.12 -15.79 -19.00
N ARG H 385 24.22 -15.20 -19.81
CA ARG H 385 24.28 -13.75 -20.08
C ARG H 385 24.35 -12.94 -18.81
N TYR H 386 23.49 -13.27 -17.85
CA TYR H 386 23.35 -12.51 -16.62
C TYR H 386 23.99 -13.19 -15.42
N ALA H 387 24.96 -14.09 -15.65
CA ALA H 387 25.55 -14.84 -14.55
C ALA H 387 26.29 -13.93 -13.57
N SER H 388 26.86 -12.82 -14.05
CA SER H 388 27.58 -11.92 -13.16
C SER H 388 26.71 -11.42 -12.01
N PHE H 389 25.38 -11.47 -12.13
CA PHE H 389 24.54 -10.99 -11.04
C PHE H 389 24.21 -12.07 -10.03
N THR H 390 24.81 -13.25 -10.14
CA THR H 390 24.63 -14.29 -9.14
C THR H 390 25.86 -14.49 -8.26
N LYS H 391 26.88 -13.63 -8.41
CA LYS H 391 28.13 -13.81 -7.67
C LYS H 391 28.83 -12.47 -7.56
N GLY H 392 29.78 -12.40 -6.63
CA GLY H 392 30.64 -11.24 -6.53
C GLY H 392 29.86 -9.96 -6.34
N ILE H 393 30.32 -8.90 -7.01
CA ILE H 393 29.68 -7.59 -6.87
C ILE H 393 28.24 -7.63 -7.38
N GLY H 394 27.96 -8.48 -8.37
CA GLY H 394 26.60 -8.57 -8.90
C GLY H 394 25.62 -9.12 -7.88
N ALA H 395 26.05 -10.09 -7.08
CA ALA H 395 25.18 -10.59 -6.01
C ALA H 395 24.92 -9.51 -4.97
N ASP H 396 25.93 -8.69 -4.66
CA ASP H 396 25.72 -7.63 -3.69
C ASP H 396 24.80 -6.54 -4.22
N ILE H 397 24.81 -6.30 -5.53
CA ILE H 397 23.85 -5.38 -6.11
C ILE H 397 22.44 -5.90 -5.92
N VAL H 398 22.23 -7.18 -6.24
CA VAL H 398 20.87 -7.75 -6.22
C VAL H 398 20.35 -7.85 -4.79
N SER H 399 21.23 -8.11 -3.82
CA SER H 399 20.79 -8.26 -2.45
C SER H 399 20.51 -6.93 -1.77
N GLY H 400 20.86 -5.81 -2.39
CA GLY H 400 20.82 -4.54 -1.73
C GLY H 400 22.01 -4.24 -0.84
N LYS H 401 23.00 -5.13 -0.78
CA LYS H 401 24.19 -4.86 0.01
C LYS H 401 25.00 -3.70 -0.59
N ALA H 402 25.21 -3.71 -1.90
CA ALA H 402 26.00 -2.67 -2.53
C ALA H 402 25.23 -1.35 -2.57
N ASN H 403 25.96 -0.25 -2.37
CA ASN H 403 25.45 1.12 -2.50
C ASN H 403 26.42 1.92 -3.35
N PHE H 404 26.15 3.21 -3.52
CA PHE H 404 26.99 4.01 -4.41
C PHE H 404 28.43 4.08 -3.91
N HIS H 405 28.64 4.06 -2.58
CA HIS H 405 29.99 4.12 -2.05
C HIS H 405 30.78 2.86 -2.40
N THR H 406 30.20 1.69 -2.13
CA THR H 406 30.93 0.45 -2.38
C THR H 406 31.06 0.16 -3.87
N LEU H 407 30.06 0.52 -4.66
CA LEU H 407 30.17 0.35 -6.11
C LEU H 407 31.25 1.24 -6.70
N GLU H 408 31.34 2.49 -6.24
CA GLU H 408 32.41 3.36 -6.73
C GLU H 408 33.77 2.80 -6.33
N ALA H 409 33.91 2.31 -5.10
CA ALA H 409 35.17 1.70 -4.68
C ALA H 409 35.56 0.55 -5.61
N TYR H 410 34.59 -0.30 -5.95
CA TYR H 410 34.85 -1.41 -6.87
C TYR H 410 35.29 -0.90 -8.24
N ALA H 411 34.55 0.07 -8.79
CA ALA H 411 34.85 0.57 -10.13
C ALA H 411 36.21 1.25 -10.16
N LEU H 412 36.57 1.95 -9.08
CA LEU H 412 37.86 2.61 -8.99
C LEU H 412 39.04 1.63 -8.95
N GLN H 413 38.78 0.33 -8.83
CA GLN H 413 39.87 -0.62 -9.03
C GLN H 413 40.31 -0.67 -10.48
N ASN H 414 39.48 -0.20 -11.41
CA ASN H 414 39.81 -0.17 -12.84
C ASN H 414 40.08 -1.57 -13.39
N ASN H 415 39.39 -2.57 -12.87
CA ASN H 415 39.51 -3.88 -13.48
C ASN H 415 38.87 -3.83 -14.88
N PRO H 416 39.48 -4.47 -15.87
CA PRO H 416 38.97 -4.36 -17.24
C PRO H 416 37.55 -4.86 -17.34
N ILE H 417 36.73 -4.12 -18.06
CA ILE H 417 35.35 -4.52 -18.32
C ILE H 417 35.33 -5.28 -19.64
N THR H 418 34.86 -6.53 -19.62
CA THR H 418 34.70 -7.32 -20.83
C THR H 418 33.24 -7.72 -20.96
N ASN H 419 32.53 -7.11 -21.90
CA ASN H 419 31.17 -7.54 -22.16
C ASN H 419 31.15 -8.77 -23.07
N LYS H 420 30.04 -9.49 -23.03
CA LYS H 420 29.84 -10.68 -23.84
C LYS H 420 28.77 -10.41 -24.89
N SER H 421 28.95 -10.99 -26.06
CA SER H 421 27.97 -10.85 -27.13
C SER H 421 26.57 -11.23 -26.66
N GLY H 422 25.57 -10.56 -27.24
CA GLY H 422 24.21 -10.96 -26.99
C GLY H 422 23.73 -12.12 -27.82
N ARG H 423 24.47 -12.46 -28.88
CA ARG H 423 24.20 -13.65 -29.71
C ARG H 423 22.85 -13.61 -30.40
N VAL H 424 22.34 -12.40 -30.70
CA VAL H 424 20.97 -12.31 -31.21
C VAL H 424 20.82 -13.12 -32.50
N GLU H 425 21.80 -13.01 -33.40
CA GLU H 425 21.71 -13.75 -34.65
C GLU H 425 21.81 -15.25 -34.42
N LEU H 426 22.67 -15.67 -33.48
CA LEU H 426 22.74 -17.08 -33.16
C LEU H 426 21.38 -17.61 -32.70
N LEU H 427 20.71 -16.86 -31.83
CA LEU H 427 19.40 -17.29 -31.32
C LEU H 427 18.33 -17.26 -32.41
N ARG H 428 18.43 -16.34 -33.37
CA ARG H 428 17.46 -16.34 -34.46
C ARG H 428 17.60 -17.59 -35.32
N SER H 429 18.85 -18.05 -35.52
CA SER H 429 19.05 -19.31 -36.23
C SER H 429 18.38 -20.47 -35.50
N ILE H 430 18.56 -20.51 -34.18
CA ILE H 430 17.93 -21.56 -33.35
C ILE H 430 16.41 -21.51 -33.51
N LEU H 431 15.84 -20.31 -33.42
CA LEU H 431 14.39 -20.17 -33.60
C LEU H 431 13.95 -20.74 -34.94
N ASN H 432 14.66 -20.39 -36.03
CA ASN H 432 14.29 -20.91 -37.35
C ASN H 432 14.41 -22.43 -37.40
N GLN H 433 15.51 -22.96 -36.85
CA GLN H 433 15.72 -24.41 -36.84
C GLN H 433 14.58 -25.13 -36.12
N TYR H 434 14.20 -24.65 -34.93
CA TYR H 434 13.11 -25.28 -34.20
C TYR H 434 11.78 -25.16 -34.91
N ILE H 435 11.47 -23.99 -35.47
CA ILE H 435 10.20 -23.84 -36.17
C ILE H 435 10.07 -24.89 -37.27
N ILE H 436 11.17 -25.22 -37.95
CA ILE H 436 11.11 -26.17 -39.04
C ILE H 436 11.16 -27.61 -38.52
N ASN H 437 12.03 -27.88 -37.54
CA ASN H 437 12.42 -29.25 -37.22
C ASN H 437 11.65 -29.90 -36.09
N VAL H 438 11.02 -29.15 -35.20
CA VAL H 438 10.44 -29.74 -33.98
C VAL H 438 9.38 -30.80 -34.33
CA CA I . 10.22 10.26 26.05
CA CA J . 13.66 -9.60 27.53
CA CA K . 11.30 -8.14 31.97
CA CA L . -18.15 1.76 29.78
CA CA M . -19.53 4.15 25.44
CA CA N . -15.42 -14.94 20.41
CA CA O . 7.74 6.04 54.17
CA CA P . 7.10 4.17 49.36
CA CA Q . 10.19 -13.97 55.49
CA CA R . -17.61 -14.14 44.60
CA CA S . -19.20 -17.10 48.65
CA CA T . -22.38 2.27 53.72
CA CA U . 22.38 -1.79 -50.08
CA CA V . 19.95 -0.13 -45.69
CA CA W . 18.93 18.03 -52.07
CA CA X . -10.77 11.86 -52.79
CA CA Y . -9.47 9.61 -48.45
CA CA Z . -6.55 -7.45 -57.12
CA CA AA . 16.34 14.85 -23.88
CA CA BA . 15.71 12.76 -28.68
CA CA CA . 18.76 -5.10 -21.93
CA CA DA . -10.60 -8.53 -28.89
CA CA EA . -8.95 -5.72 -33.05
CA CA FA . -13.79 10.97 -24.39
#